data_6AD4
#
_entry.id   6AD4
#
_cell.length_a   98.718
_cell.length_b   138.334
_cell.length_c   222.513
_cell.angle_alpha   90.00
_cell.angle_beta   90.00
_cell.angle_gamma   90.00
#
_symmetry.space_group_name_H-M   'P 21 21 21'
#
loop_
_entity.id
_entity.type
_entity.pdbx_description
1 polymer 'Xanthine dehydrogenase/oxidase'
2 non-polymer 'URIC ACID'
3 non-polymer 'BICARBONATE ION'
4 non-polymer 'FE2/S2 (INORGANIC) CLUSTER'
5 non-polymer 'FLAVIN-ADENINE DINUCLEOTIDE'
6 non-polymer '1,4-DIHYDRONICOTINAMIDE ADENINE DINUCLEOTIDE'
7 water water
#
_entity_poly.entity_id   1
_entity_poly.type   'polypeptide(L)'
_entity_poly.pdbx_seq_one_letter_code
;MTADELVFFVNGKKVVEKNADPETTLLVYLRRKLGLCGTKLGCGEGGCGACTVMISKYDRLQNKIVHFSVNACLAPICSL
HHVAVTTVEGIGNTQKLHPVQERIARSHGSQCGFCTPGIVMSMYTLLRNQPEPTVEEIENAFQGNLCRCTGYRPILQGFR
TFAKDGGCCGGSGNNPNCCMNQTKDQTVSLSPSLFNPEDFKPLDPTQEPIFPPELLRLKDTPQKKLRFEGERVTWIQAST
MEELLDLKAQHPDAKLVVGNTEIGIEMKFKNMLFPLIVCPAWIPELNSVVHGPEGISFGASCPLSLVESVLAEEIAKLPE
QKTEVFRGVMEQLRWFAGKQVKSVASIGGNIITASPISDLNPVFMASGAKLTLVSRGTRRTVRMDHTFFPGYRKTLLRPE
EILLSIEIPYSKEGEFFSAFKQASRREADIAKVTSGMRVLFKPGTIEVQELSLCFGGMADRTISALKTTPKQLSKSWNEE
LLQSVCAGLAEELQLAPDAPGGMVEFRRTLTLSFFFKFYLTVLQKLGRADLEDMCGKLDPTFASATLLFQKDPPANVQLF
QEVPKDQSEEDMVGRPLPHLAANMQASGEAVYCDDIPRYENELSLRLVTSTRAHAKITSIDTSEAKKVPGFVCFLTAEDV
PNSNATGLFNDETVFAKDEVTCVGHIIGAVVADTPEHAQRAARGVKITYEDLPAIITIQDAINNNSFYGSEIKIEKGDLK
KGFSEADNVVSGELYIGGQEHFYLETNCTIAVPKGEAGEMELFVSTQNTMKTQSFVAKMLGVPDNRIVVRVKRMGGGFGG
KETRSTVVSTALALAAHKTGRPVRCMLDRDEDMLITGGRHPFLAKYKVGFMKTGTVVALEVAHFSNGGNTEDLSRSIMER
ALFHMDNAYKIPNIRGTGRICKTNLPSNTAFRGFGGPQGMLIAEYWMSEVAITCGLPAEEVRRKNMYKEGDLTHFNQKLE
GFTLPRCWDECIASSQYLARKREVEKFNRENCWKKRGLCIIPTKFGISFTLPFLNQGGALVHVYTDGSVLLTHGGTEMGQ
GLHTKMVQVASRALKIPTSKIHISETSTNTVPNTSPTAASASADLNGQGVYEACQTILKRLEPFKKKKPTGPWEAWVMDA
YTSAVSLSATGFYKTPNLGYSFETNSGNPFHYFSYGVACSEVEIDCLTGDHKNLRTDIVMDVGSSLNPAIDIGQVEGAFV
QGLGLFTMEELHYSPEGSLHTRGPSTYKIPAFGSIPIEFRVSLLRDCPNKRAIYASKAVGEPPLFLASSIFFAIKDAIRA
ARAQHGDNAKQLFQLDSPATPEKIRNACVDQFTTLCVTGVPENCKSWSVRI
;
_entity_poly.pdbx_strand_id   A,B
#
loop_
_chem_comp.id
_chem_comp.type
_chem_comp.name
_chem_comp.formula
BCT non-polymer 'BICARBONATE ION' 'C H O3 -1'
FAD non-polymer 'FLAVIN-ADENINE DINUCLEOTIDE' 'C27 H33 N9 O15 P2'
FES non-polymer 'FE2/S2 (INORGANIC) CLUSTER' 'Fe2 S2'
NAI non-polymer '1,4-DIHYDRONICOTINAMIDE ADENINE DINUCLEOTIDE' 'C21 H29 N7 O14 P2'
URC non-polymer 'URIC ACID' 'C5 H4 N4 O3'
#
# COMPACT_ATOMS: atom_id res chain seq x y z
N ALA A 3 4.04 -37.50 17.81
CA ALA A 3 4.90 -36.45 17.14
C ALA A 3 4.58 -35.06 17.69
N ASP A 4 4.38 -34.14 16.72
CA ASP A 4 4.87 -32.77 16.71
C ASP A 4 4.50 -32.01 15.40
N GLU A 5 4.14 -32.61 14.26
CA GLU A 5 3.42 -31.81 13.21
C GLU A 5 1.93 -31.67 13.57
N LEU A 6 1.38 -30.45 13.39
CA LEU A 6 -0.04 -30.17 13.59
C LEU A 6 -0.66 -30.17 12.19
N VAL A 7 -1.68 -30.99 11.98
CA VAL A 7 -2.24 -31.17 10.63
C VAL A 7 -3.76 -30.99 10.74
N PHE A 8 -4.31 -30.02 10.00
CA PHE A 8 -5.75 -29.80 9.94
C PHE A 8 -6.05 -29.24 8.54
N PHE A 9 -7.33 -29.01 8.28
CA PHE A 9 -7.80 -28.52 7.05
C PHE A 9 -8.56 -27.21 7.22
N VAL A 10 -8.38 -26.31 6.26
CA VAL A 10 -9.12 -25.02 6.23
C VAL A 10 -9.72 -24.85 4.81
N ASN A 11 -11.05 -24.80 4.77
CA ASN A 11 -11.80 -24.68 3.50
C ASN A 11 -11.30 -25.72 2.50
N GLY A 12 -11.09 -26.93 2.99
CA GLY A 12 -10.74 -28.09 2.15
C GLY A 12 -9.26 -28.23 1.85
N LYS A 13 -8.42 -27.28 2.25
CA LYS A 13 -7.00 -27.27 1.94
C LYS A 13 -6.22 -27.72 3.19
N LYS A 14 -5.29 -28.65 3.00
CA LYS A 14 -4.51 -29.23 4.10
C LYS A 14 -3.52 -28.19 4.63
N VAL A 15 -3.47 -28.03 5.95
CA VAL A 15 -2.50 -27.23 6.61
C VAL A 15 -1.58 -28.18 7.40
N VAL A 16 -0.27 -28.03 7.17
CA VAL A 16 0.72 -28.76 7.91
C VAL A 16 1.60 -27.74 8.64
N GLU A 17 1.45 -27.61 9.95
CA GLU A 17 2.15 -26.63 10.73
C GLU A 17 3.24 -27.36 11.50
N LYS A 18 4.51 -27.17 11.10
CA LYS A 18 5.62 -27.95 11.65
C LYS A 18 6.05 -27.41 13.02
N ASN A 19 5.68 -26.16 13.35
CA ASN A 19 6.12 -25.54 14.62
C ASN A 19 4.98 -24.80 15.30
N ALA A 20 3.91 -25.50 15.65
CA ALA A 20 2.76 -24.83 16.19
C ALA A 20 3.10 -24.34 17.60
N ASP A 21 2.78 -23.07 17.85
CA ASP A 21 2.87 -22.49 19.15
C ASP A 21 1.53 -22.69 19.88
N PRO A 22 1.50 -23.27 21.09
CA PRO A 22 0.25 -23.39 21.85
C PRO A 22 -0.50 -22.08 22.11
N GLU A 23 0.20 -20.93 22.09
CA GLU A 23 -0.42 -19.64 22.34
C GLU A 23 -1.17 -19.12 21.10
N THR A 24 -1.05 -19.79 19.95
CA THR A 24 -1.67 -19.28 18.70
C THR A 24 -3.12 -19.74 18.62
N THR A 25 -4.01 -18.77 18.45
CA THR A 25 -5.43 -19.04 18.27
C THR A 25 -5.71 -19.28 16.78
N LEU A 26 -6.84 -19.94 16.51
CA LEU A 26 -7.27 -20.18 15.16
C LEU A 26 -7.52 -18.82 14.49
N LEU A 27 -8.09 -17.85 15.20
CA LEU A 27 -8.37 -16.54 14.58
C LEU A 27 -7.06 -15.94 14.01
N VAL A 28 -6.02 -15.92 14.83
CA VAL A 28 -4.73 -15.34 14.41
C VAL A 28 -4.11 -16.20 13.29
N TYR A 29 -4.26 -17.52 13.33
CA TYR A 29 -3.72 -18.34 12.29
C TYR A 29 -4.40 -18.09 10.94
N LEU A 30 -5.74 -18.03 10.96
CA LEU A 30 -6.53 -17.76 9.75
C LEU A 30 -6.13 -16.41 9.14
N ARG A 31 -6.06 -15.37 9.98
CA ARG A 31 -5.90 -14.02 9.48
C ARG A 31 -4.46 -13.77 9.05
N ARG A 32 -3.53 -14.11 9.94
CA ARG A 32 -2.13 -13.69 9.77
C ARG A 32 -1.33 -14.74 9.02
N LYS A 33 -1.54 -16.05 9.27
CA LYS A 33 -0.78 -17.08 8.57
C LYS A 33 -1.40 -17.39 7.20
N LEU A 34 -2.74 -17.50 7.13
CA LEU A 34 -3.36 -17.91 5.89
C LEU A 34 -3.95 -16.75 5.08
N GLY A 35 -4.03 -15.55 5.66
CA GLY A 35 -4.53 -14.40 4.91
C GLY A 35 -6.04 -14.39 4.78
N LEU A 36 -6.77 -15.28 5.52
CA LEU A 36 -8.23 -15.31 5.33
C LEU A 36 -8.87 -14.37 6.34
N CYS A 37 -9.16 -13.12 5.93
CA CYS A 37 -9.54 -12.09 6.85
C CYS A 37 -11.06 -11.91 6.95
N GLY A 38 -11.87 -12.83 6.39
CA GLY A 38 -13.31 -12.75 6.57
C GLY A 38 -13.73 -12.92 8.03
N THR A 39 -13.02 -13.80 8.74
CA THR A 39 -13.24 -14.04 10.17
C THR A 39 -12.65 -12.85 10.92
N LYS A 40 -13.42 -12.24 11.82
CA LYS A 40 -13.04 -10.94 12.42
C LYS A 40 -12.78 -11.10 13.91
N LEU A 41 -11.92 -10.20 14.42
CA LEU A 41 -11.80 -9.90 15.84
C LEU A 41 -12.74 -8.77 16.24
N GLY A 42 -13.67 -9.09 17.13
CA GLY A 42 -14.58 -8.14 17.75
C GLY A 42 -14.33 -7.98 19.25
N CYS A 43 -13.78 -9.00 19.92
CA CYS A 43 -13.72 -8.90 21.44
C CYS A 43 -12.63 -9.80 22.05
N GLY A 44 -12.32 -10.95 21.43
CA GLY A 44 -11.33 -11.88 21.96
C GLY A 44 -11.77 -12.61 23.23
N GLU A 45 -13.06 -12.56 23.58
CA GLU A 45 -13.51 -13.21 24.84
C GLU A 45 -14.82 -13.99 24.70
N GLY A 46 -15.21 -14.36 23.48
CA GLY A 46 -16.30 -15.27 23.25
C GLY A 46 -17.68 -14.65 23.25
N GLY A 47 -17.78 -13.35 23.44
CA GLY A 47 -19.10 -12.71 23.63
C GLY A 47 -19.77 -12.26 22.33
N CYS A 48 -19.00 -11.97 21.28
CA CYS A 48 -19.57 -11.19 20.14
C CYS A 48 -19.84 -12.05 18.90
N GLY A 49 -19.17 -13.20 18.77
CA GLY A 49 -19.35 -14.12 17.67
C GLY A 49 -18.79 -13.66 16.33
N ALA A 50 -18.04 -12.54 16.28
CA ALA A 50 -17.52 -12.04 15.01
C ALA A 50 -16.50 -13.00 14.39
N CYS A 51 -15.87 -13.81 15.22
CA CYS A 51 -14.87 -14.78 14.85
C CYS A 51 -15.45 -16.19 14.64
N THR A 52 -16.78 -16.32 14.52
CA THR A 52 -17.39 -17.66 14.42
C THR A 52 -16.95 -18.39 13.14
N VAL A 53 -16.56 -19.66 13.30
CA VAL A 53 -16.25 -20.53 12.18
C VAL A 53 -16.87 -21.91 12.48
N MET A 54 -16.93 -22.76 11.47
CA MET A 54 -17.42 -24.12 11.64
C MET A 54 -16.24 -25.09 11.67
N ILE A 55 -16.37 -26.08 12.53
CA ILE A 55 -15.49 -27.22 12.60
C ILE A 55 -16.26 -28.49 12.18
N SER A 56 -15.61 -29.33 11.40
CA SER A 56 -16.09 -30.68 11.07
C SER A 56 -15.04 -31.69 11.52
N LYS A 57 -15.52 -32.82 12.05
CA LYS A 57 -14.59 -33.87 12.32
C LYS A 57 -15.33 -35.20 12.23
N TYR A 58 -14.54 -36.26 12.16
CA TYR A 58 -15.08 -37.60 12.34
C TYR A 58 -15.06 -37.96 13.82
N ASP A 59 -16.24 -38.09 14.42
CA ASP A 59 -16.35 -38.36 15.83
C ASP A 59 -16.22 -39.88 16.02
N ARG A 60 -15.09 -40.34 16.57
CA ARG A 60 -14.80 -41.79 16.75
C ARG A 60 -15.78 -42.41 17.75
N LEU A 61 -16.17 -41.62 18.76
CA LEU A 61 -17.08 -42.09 19.81
C LEU A 61 -18.50 -42.30 19.23
N GLN A 62 -19.04 -41.36 18.43
CA GLN A 62 -20.37 -41.54 17.77
C GLN A 62 -20.24 -42.24 16.40
N ASN A 63 -19.03 -42.45 15.92
CA ASN A 63 -18.75 -42.95 14.51
C ASN A 63 -19.60 -42.27 13.43
N LYS A 64 -19.38 -40.95 13.21
CA LYS A 64 -19.93 -40.21 12.02
C LYS A 64 -19.25 -38.83 11.90
N ILE A 65 -19.46 -38.18 10.76
CA ILE A 65 -18.97 -36.78 10.54
C ILE A 65 -19.91 -35.84 11.30
N VAL A 66 -19.34 -34.95 12.12
CA VAL A 66 -20.10 -33.99 12.83
C VAL A 66 -19.58 -32.58 12.46
N HIS A 67 -20.45 -31.62 12.71
CA HIS A 67 -20.26 -30.17 12.42
C HIS A 67 -20.71 -29.35 13.62
N PHE A 68 -19.88 -28.39 14.05
CA PHE A 68 -20.27 -27.48 15.13
C PHE A 68 -19.54 -26.13 14.96
N SER A 69 -20.07 -25.09 15.58
CA SER A 69 -19.46 -23.73 15.45
C SER A 69 -18.56 -23.52 16.67
N VAL A 70 -17.49 -22.72 16.48
CA VAL A 70 -16.67 -22.31 17.60
C VAL A 70 -16.29 -20.83 17.42
N ASN A 71 -15.90 -20.20 18.51
CA ASN A 71 -15.15 -18.93 18.46
C ASN A 71 -13.68 -19.14 18.07
N ALA A 72 -13.33 -18.71 16.85
CA ALA A 72 -11.93 -18.83 16.44
C ALA A 72 -11.02 -18.03 17.41
N CYS A 73 -11.53 -17.01 18.09
CA CYS A 73 -10.66 -16.15 18.99
C CYS A 73 -10.19 -16.94 20.23
N LEU A 74 -10.86 -18.05 20.56
CA LEU A 74 -10.53 -18.77 21.78
C LEU A 74 -10.12 -20.21 21.48
N ALA A 75 -10.05 -20.63 20.20
CA ALA A 75 -9.70 -21.97 19.86
C ALA A 75 -8.20 -22.06 19.66
N PRO A 76 -7.44 -22.78 20.52
CA PRO A 76 -6.02 -22.95 20.24
C PRO A 76 -5.89 -23.84 19.01
N ILE A 77 -5.00 -23.47 18.10
CA ILE A 77 -4.77 -24.35 16.95
C ILE A 77 -4.31 -25.73 17.40
N CYS A 78 -3.61 -25.80 18.55
CA CYS A 78 -3.09 -27.05 19.00
C CYS A 78 -4.19 -28.04 19.44
N SER A 79 -5.44 -27.58 19.61
CA SER A 79 -6.58 -28.43 19.96
C SER A 79 -7.26 -28.98 18.70
N LEU A 80 -6.79 -28.55 17.52
CA LEU A 80 -7.50 -28.78 16.27
C LEU A 80 -6.84 -29.81 15.37
N HIS A 81 -5.96 -30.68 15.90
CA HIS A 81 -5.36 -31.69 15.01
C HIS A 81 -6.45 -32.58 14.41
N HIS A 82 -6.38 -32.82 13.08
CA HIS A 82 -7.26 -33.69 12.33
C HIS A 82 -8.72 -33.21 12.40
N VAL A 83 -8.96 -31.90 12.38
CA VAL A 83 -10.31 -31.39 12.09
C VAL A 83 -10.27 -30.58 10.78
N ALA A 84 -11.47 -30.19 10.30
CA ALA A 84 -11.68 -29.43 9.12
C ALA A 84 -12.40 -28.14 9.47
N VAL A 85 -11.71 -27.00 9.23
CA VAL A 85 -12.29 -25.70 9.48
C VAL A 85 -12.98 -25.19 8.22
N THR A 86 -14.19 -24.62 8.41
CA THR A 86 -14.87 -23.85 7.35
C THR A 86 -15.04 -22.40 7.81
N THR A 87 -14.51 -21.46 7.02
CA THR A 87 -14.74 -20.03 7.29
C THR A 87 -15.75 -19.48 6.30
N VAL A 88 -16.06 -18.20 6.42
CA VAL A 88 -17.01 -17.55 5.48
C VAL A 88 -16.53 -17.72 4.03
N GLU A 89 -15.21 -17.63 3.78
CA GLU A 89 -14.66 -17.80 2.45
C GLU A 89 -14.91 -19.20 1.90
N GLY A 90 -15.12 -20.18 2.78
CA GLY A 90 -15.28 -21.60 2.37
C GLY A 90 -16.68 -21.92 1.85
N ILE A 91 -17.67 -21.07 2.09
CA ILE A 91 -19.06 -21.42 1.76
C ILE A 91 -19.53 -20.73 0.47
N GLY A 92 -18.86 -19.65 0.07
CA GLY A 92 -19.30 -18.86 -1.06
C GLY A 92 -18.50 -17.56 -1.15
N ASN A 93 -18.70 -16.87 -2.27
CA ASN A 93 -18.07 -15.59 -2.55
C ASN A 93 -19.00 -14.83 -3.48
N THR A 94 -18.67 -13.58 -3.84
CA THR A 94 -19.61 -12.79 -4.64
C THR A 94 -19.87 -13.43 -6.03
N GLN A 95 -18.97 -14.30 -6.52
CA GLN A 95 -19.16 -14.98 -7.83
C GLN A 95 -20.18 -16.11 -7.69
N LYS A 96 -20.33 -16.66 -6.49
CA LYS A 96 -21.31 -17.69 -6.23
C LYS A 96 -21.63 -17.68 -4.74
N LEU A 97 -22.61 -16.88 -4.36
CA LEU A 97 -22.92 -16.69 -2.93
C LEU A 97 -23.66 -17.93 -2.43
N HIS A 98 -23.37 -18.34 -1.22
CA HIS A 98 -24.16 -19.32 -0.55
C HIS A 98 -25.50 -18.69 -0.22
N PRO A 99 -26.59 -19.49 -0.25
CA PRO A 99 -27.87 -18.98 0.18
C PRO A 99 -27.90 -18.19 1.49
N VAL A 100 -27.12 -18.58 2.49
CA VAL A 100 -27.11 -17.83 3.72
C VAL A 100 -26.59 -16.39 3.45
N GLN A 101 -25.51 -16.33 2.68
CA GLN A 101 -24.88 -15.00 2.30
C GLN A 101 -25.83 -14.15 1.48
N GLU A 102 -26.48 -14.76 0.49
CA GLU A 102 -27.46 -14.07 -0.33
C GLU A 102 -28.58 -13.47 0.52
N ARG A 103 -29.17 -14.26 1.40
CA ARG A 103 -30.36 -13.85 2.09
C ARG A 103 -30.04 -12.73 3.09
N ILE A 104 -28.91 -12.81 3.80
CA ILE A 104 -28.65 -11.76 4.78
C ILE A 104 -28.38 -10.43 4.03
N ALA A 105 -27.68 -10.50 2.91
CA ALA A 105 -27.39 -9.27 2.10
C ALA A 105 -28.69 -8.67 1.56
N ARG A 106 -29.51 -9.50 0.92
CA ARG A 106 -30.65 -8.96 0.19
C ARG A 106 -31.76 -8.52 1.14
N SER A 107 -31.80 -9.04 2.36
CA SER A 107 -32.81 -8.67 3.35
C SER A 107 -32.44 -7.43 4.18
N HIS A 108 -31.32 -6.79 3.87
CA HIS A 108 -30.83 -5.59 4.57
C HIS A 108 -30.37 -5.96 5.97
N GLY A 109 -29.77 -7.14 6.08
CA GLY A 109 -29.29 -7.70 7.35
C GLY A 109 -27.82 -7.36 7.61
N SER A 110 -27.21 -6.59 6.70
CA SER A 110 -25.82 -6.19 6.83
C SER A 110 -25.72 -4.66 6.65
N GLN A 111 -25.25 -3.96 7.67
CA GLN A 111 -25.07 -2.50 7.59
C GLN A 111 -23.55 -2.25 7.55
N CYS A 112 -22.91 -2.10 8.71
CA CYS A 112 -21.44 -1.94 8.73
C CYS A 112 -20.74 -3.20 8.19
N GLY A 113 -21.36 -4.38 8.35
CA GLY A 113 -20.87 -5.62 7.79
C GLY A 113 -19.85 -6.38 8.63
N PHE A 114 -19.43 -5.80 9.75
CA PHE A 114 -18.37 -6.48 10.56
C PHE A 114 -18.85 -7.76 11.25
N CYS A 115 -20.13 -7.84 11.68
CA CYS A 115 -20.69 -8.97 12.36
C CYS A 115 -21.17 -9.99 11.34
N THR A 116 -21.25 -9.60 10.06
CA THR A 116 -21.97 -10.43 9.08
C THR A 116 -21.32 -11.79 8.91
N PRO A 117 -19.99 -11.92 8.66
CA PRO A 117 -19.40 -13.23 8.52
C PRO A 117 -19.72 -14.18 9.67
N GLY A 118 -19.66 -13.67 10.91
CA GLY A 118 -19.88 -14.56 12.06
C GLY A 118 -21.33 -15.03 12.17
N ILE A 119 -22.25 -14.16 11.78
CA ILE A 119 -23.70 -14.48 11.81
C ILE A 119 -23.95 -15.46 10.66
N VAL A 120 -23.34 -15.20 9.50
CA VAL A 120 -23.40 -16.13 8.40
C VAL A 120 -22.95 -17.52 8.86
N MET A 121 -21.82 -17.61 9.56
CA MET A 121 -21.33 -18.92 9.95
C MET A 121 -22.24 -19.59 11.02
N SER A 122 -22.83 -18.82 11.94
CA SER A 122 -23.80 -19.40 12.90
C SER A 122 -24.99 -20.01 12.17
N MET A 123 -25.51 -19.28 11.16
CA MET A 123 -26.68 -19.75 10.37
C MET A 123 -26.27 -20.94 9.50
N TYR A 124 -25.07 -20.89 8.88
CA TYR A 124 -24.57 -21.94 8.04
C TYR A 124 -24.43 -23.23 8.84
N THR A 125 -23.84 -23.12 10.05
CA THR A 125 -23.65 -24.34 10.88
C THR A 125 -25.01 -24.96 11.23
N LEU A 126 -25.98 -24.15 11.61
CA LEU A 126 -27.31 -24.67 11.94
C LEU A 126 -27.82 -25.51 10.74
N LEU A 127 -27.71 -24.95 9.54
CA LEU A 127 -28.28 -25.63 8.37
C LEU A 127 -27.53 -26.93 8.08
N ARG A 128 -26.24 -26.98 8.40
CA ARG A 128 -25.49 -28.17 8.16
C ARG A 128 -25.95 -29.29 9.11
N ASN A 129 -26.49 -28.91 10.27
CA ASN A 129 -26.98 -29.82 11.28
C ASN A 129 -28.48 -30.11 11.12
N GLN A 130 -29.25 -29.12 10.64
CA GLN A 130 -30.72 -29.15 10.60
C GLN A 130 -31.15 -28.36 9.37
N PRO A 131 -31.29 -29.01 8.19
CA PRO A 131 -31.66 -28.29 6.98
C PRO A 131 -33.08 -27.70 6.99
N GLU A 132 -33.93 -28.09 7.95
CA GLU A 132 -35.26 -27.51 8.11
C GLU A 132 -35.47 -27.07 9.55
N PRO A 133 -34.78 -25.98 9.98
CA PRO A 133 -34.90 -25.53 11.35
C PRO A 133 -36.25 -24.86 11.62
N THR A 134 -36.63 -24.75 12.89
CA THR A 134 -37.72 -23.91 13.33
C THR A 134 -37.26 -22.46 13.49
N VAL A 135 -38.22 -21.55 13.54
CA VAL A 135 -37.96 -20.15 13.87
C VAL A 135 -37.20 -20.08 15.18
N GLU A 136 -37.63 -20.90 16.17
CA GLU A 136 -37.02 -20.87 17.47
C GLU A 136 -35.54 -21.29 17.36
N GLU A 137 -35.26 -22.35 16.60
CA GLU A 137 -33.89 -22.85 16.43
C GLU A 137 -33.02 -21.77 15.77
N ILE A 138 -33.61 -21.04 14.83
CA ILE A 138 -32.90 -19.93 14.13
C ILE A 138 -32.48 -18.86 15.15
N GLU A 139 -33.39 -18.40 16.02
CA GLU A 139 -33.02 -17.40 16.99
C GLU A 139 -31.88 -17.89 17.92
N ASN A 140 -31.97 -19.16 18.32
CA ASN A 140 -31.03 -19.76 19.29
C ASN A 140 -29.64 -19.88 18.68
N ALA A 141 -29.58 -19.92 17.34
CA ALA A 141 -28.34 -20.05 16.68
C ALA A 141 -27.50 -18.80 16.94
N PHE A 142 -28.13 -17.69 17.37
CA PHE A 142 -27.37 -16.43 17.45
C PHE A 142 -27.18 -15.90 18.86
N GLN A 143 -27.34 -16.74 19.88
CA GLN A 143 -27.17 -16.24 21.25
C GLN A 143 -25.73 -15.71 21.42
N GLY A 144 -24.80 -16.26 20.63
CA GLY A 144 -23.40 -15.91 20.70
C GLY A 144 -22.97 -14.87 19.67
N ASN A 145 -23.93 -14.16 19.03
CA ASN A 145 -23.57 -13.20 17.98
C ASN A 145 -24.20 -11.85 18.31
N LEU A 146 -23.36 -10.81 18.27
CA LEU A 146 -23.84 -9.47 18.49
C LEU A 146 -23.78 -8.62 17.23
N CYS A 147 -24.76 -7.72 17.07
CA CYS A 147 -24.78 -6.73 15.99
C CYS A 147 -25.16 -5.40 16.61
N ARG A 148 -24.37 -4.39 16.33
CA ARG A 148 -24.60 -3.04 16.90
C ARG A 148 -25.42 -2.15 15.97
N CYS A 149 -25.52 -2.50 14.68
CA CYS A 149 -26.12 -1.62 13.68
C CYS A 149 -27.58 -1.90 13.33
N THR A 150 -27.94 -3.18 13.15
CA THR A 150 -29.14 -3.52 12.39
C THR A 150 -30.39 -3.55 13.29
N GLY A 151 -30.24 -3.70 14.61
CA GLY A 151 -31.43 -3.93 15.43
C GLY A 151 -32.02 -5.34 15.27
N TYR A 152 -31.29 -6.21 14.58
CA TYR A 152 -31.49 -7.67 14.45
C TYR A 152 -32.68 -8.08 13.58
N ARG A 153 -33.77 -7.32 13.65
CA ARG A 153 -34.99 -7.63 12.90
C ARG A 153 -34.75 -8.15 11.49
N PRO A 154 -34.03 -7.46 10.59
CA PRO A 154 -33.86 -7.93 9.21
C PRO A 154 -33.12 -9.26 9.09
N ILE A 155 -32.17 -9.49 10.02
CA ILE A 155 -31.40 -10.72 9.97
C ILE A 155 -32.33 -11.91 10.21
N LEU A 156 -33.14 -11.79 11.26
CA LEU A 156 -34.09 -12.89 11.59
C LEU A 156 -35.15 -13.02 10.49
N GLN A 157 -35.60 -11.88 9.94
CA GLN A 157 -36.63 -11.92 8.90
C GLN A 157 -36.13 -12.57 7.61
N GLY A 158 -34.91 -12.23 7.16
CA GLY A 158 -34.25 -12.87 6.04
C GLY A 158 -34.12 -14.38 6.25
N PHE A 159 -33.66 -14.79 7.43
CA PHE A 159 -33.34 -16.17 7.68
C PHE A 159 -34.61 -16.98 8.00
N ARG A 160 -35.70 -16.32 8.38
CA ARG A 160 -37.02 -17.03 8.62
C ARG A 160 -37.44 -17.82 7.37
N THR A 161 -36.99 -17.39 6.18
CA THR A 161 -37.24 -18.08 4.90
C THR A 161 -36.66 -19.51 4.89
N PHE A 162 -35.67 -19.81 5.76
CA PHE A 162 -35.16 -21.19 5.84
C PHE A 162 -36.04 -22.07 6.76
N ALA A 163 -36.95 -21.48 7.53
CA ALA A 163 -37.62 -22.16 8.66
C ALA A 163 -38.74 -23.07 8.15
N LYS A 164 -38.93 -24.25 8.77
CA LYS A 164 -40.04 -25.10 8.33
C LYS A 164 -41.38 -24.45 8.73
N ASP A 165 -41.39 -23.65 9.81
CA ASP A 165 -42.63 -23.02 10.39
C ASP A 165 -42.67 -21.49 10.19
N GLY A 166 -42.00 -20.95 9.15
CA GLY A 166 -41.89 -19.50 8.95
C GLY A 166 -43.19 -18.87 8.47
N PRO A 192 -45.80 -2.38 -0.81
CA PRO A 192 -44.40 -2.51 -1.29
C PRO A 192 -43.51 -3.17 -0.21
N SER A 193 -42.56 -4.02 -0.63
CA SER A 193 -41.74 -4.77 0.36
C SER A 193 -40.26 -4.41 0.20
N LEU A 194 -39.51 -4.72 1.27
CA LEU A 194 -38.12 -4.28 1.34
C LEU A 194 -37.21 -5.26 0.58
N PHE A 195 -37.66 -6.50 0.46
CA PHE A 195 -36.94 -7.48 -0.34
C PHE A 195 -37.92 -8.57 -0.82
N ASN A 196 -37.49 -9.38 -1.77
CA ASN A 196 -38.40 -10.37 -2.35
C ASN A 196 -37.87 -11.79 -2.13
N PRO A 197 -38.35 -12.52 -1.11
CA PRO A 197 -37.86 -13.87 -0.82
C PRO A 197 -38.09 -14.89 -1.94
N GLU A 198 -39.04 -14.58 -2.83
CA GLU A 198 -39.33 -15.48 -3.96
C GLU A 198 -38.14 -15.52 -4.92
N ASP A 199 -37.22 -14.53 -4.89
CA ASP A 199 -36.09 -14.48 -5.82
C ASP A 199 -34.83 -15.11 -5.20
N PHE A 200 -34.94 -15.62 -3.98
CA PHE A 200 -33.79 -16.25 -3.32
C PHE A 200 -33.54 -17.63 -3.94
N LYS A 201 -32.28 -18.00 -4.16
CA LYS A 201 -32.03 -19.27 -4.77
C LYS A 201 -32.11 -20.38 -3.72
N PRO A 202 -32.60 -21.60 -4.09
CA PRO A 202 -32.81 -22.64 -3.12
C PRO A 202 -31.46 -23.24 -2.71
N LEU A 203 -31.48 -23.87 -1.55
CA LEU A 203 -30.34 -24.56 -0.99
C LEU A 203 -30.26 -25.95 -1.63
N ASP A 204 -29.08 -26.37 -2.08
CA ASP A 204 -28.81 -27.77 -2.51
C ASP A 204 -27.71 -28.29 -1.60
N PRO A 205 -28.05 -29.02 -0.50
CA PRO A 205 -27.07 -29.55 0.45
C PRO A 205 -26.00 -30.46 -0.15
N THR A 206 -26.22 -31.02 -1.36
CA THR A 206 -25.19 -31.86 -1.98
C THR A 206 -24.03 -31.02 -2.52
N GLN A 207 -24.25 -29.72 -2.60
CA GLN A 207 -23.23 -28.81 -3.14
C GLN A 207 -22.34 -28.24 -2.03
N GLU A 208 -22.54 -28.66 -0.79
CA GLU A 208 -21.60 -28.20 0.31
C GLU A 208 -20.24 -28.86 0.13
N PRO A 209 -19.16 -28.28 0.73
CA PRO A 209 -17.83 -28.90 0.67
C PRO A 209 -17.75 -30.31 1.24
N ILE A 210 -17.05 -31.16 0.50
CA ILE A 210 -16.77 -32.51 0.91
C ILE A 210 -16.05 -32.49 2.27
N PHE A 211 -16.30 -33.50 3.09
CA PHE A 211 -15.48 -33.74 4.23
C PHE A 211 -14.13 -34.29 3.76
N PRO A 212 -12.96 -33.66 4.08
CA PRO A 212 -11.67 -34.09 3.51
C PRO A 212 -11.41 -35.59 3.58
N PRO A 213 -11.32 -36.27 2.43
CA PRO A 213 -11.17 -37.73 2.41
C PRO A 213 -9.99 -38.23 3.26
N GLU A 214 -8.94 -37.41 3.35
CA GLU A 214 -7.80 -37.82 4.16
C GLU A 214 -8.21 -38.03 5.62
N LEU A 215 -9.13 -37.22 6.15
CA LEU A 215 -9.48 -37.34 7.53
C LEU A 215 -10.27 -38.63 7.75
N LEU A 216 -11.04 -39.08 6.75
CA LEU A 216 -11.73 -40.38 6.86
C LEU A 216 -10.73 -41.52 6.88
N ARG A 217 -9.64 -41.40 6.10
CA ARG A 217 -8.61 -42.44 6.06
C ARG A 217 -7.89 -42.49 7.42
N LEU A 218 -7.57 -41.30 7.97
CA LEU A 218 -6.85 -41.13 9.27
C LEU A 218 -7.70 -41.59 10.47
N LYS A 219 -9.02 -41.67 10.30
CA LYS A 219 -9.95 -42.11 11.35
C LYS A 219 -9.60 -43.54 11.82
N ASP A 220 -8.93 -44.33 10.95
CA ASP A 220 -8.60 -45.74 11.23
C ASP A 220 -7.32 -45.86 12.06
N THR A 221 -6.35 -44.97 11.81
CA THR A 221 -5.12 -44.84 12.62
C THR A 221 -5.47 -44.56 14.08
N PRO A 222 -4.84 -45.23 15.08
CA PRO A 222 -5.01 -44.84 16.49
C PRO A 222 -4.47 -43.44 16.75
N GLN A 223 -5.11 -42.70 17.65
CA GLN A 223 -4.63 -41.41 18.11
C GLN A 223 -3.38 -41.61 18.95
N LYS A 224 -2.33 -40.87 18.64
CA LYS A 224 -1.14 -40.89 19.46
C LYS A 224 -0.92 -39.51 20.08
N LYS A 225 -0.24 -39.53 21.22
CA LYS A 225 0.02 -38.35 22.02
C LYS A 225 0.86 -37.39 21.18
N LEU A 226 0.51 -36.09 21.25
CA LEU A 226 1.30 -35.06 20.57
C LEU A 226 1.84 -34.04 21.57
N ARG A 227 2.95 -33.45 21.17
CA ARG A 227 3.64 -32.42 21.90
C ARG A 227 3.96 -31.27 20.96
N PHE A 228 3.55 -30.06 21.32
CA PHE A 228 3.86 -28.83 20.64
C PHE A 228 4.59 -27.90 21.60
N GLU A 229 5.66 -27.24 21.10
CA GLU A 229 6.48 -26.29 21.85
C GLU A 229 6.52 -24.91 21.20
N GLY A 230 6.10 -23.92 21.97
CA GLY A 230 6.11 -22.52 21.54
C GLY A 230 7.21 -21.71 22.21
N GLU A 231 7.13 -20.37 22.08
CA GLU A 231 8.10 -19.44 22.68
C GLU A 231 8.10 -19.64 24.20
N ARG A 232 6.93 -19.91 24.82
CA ARG A 232 6.77 -19.91 26.27
C ARG A 232 6.02 -21.13 26.77
N VAL A 233 5.26 -21.83 25.90
CA VAL A 233 4.29 -22.79 26.37
C VAL A 233 4.50 -24.13 25.64
N THR A 234 4.40 -25.22 26.41
CA THR A 234 4.40 -26.59 25.90
C THR A 234 2.97 -27.16 26.03
N TRP A 235 2.46 -27.72 24.93
CA TRP A 235 1.12 -28.35 24.89
C TRP A 235 1.24 -29.84 24.63
N ILE A 236 0.65 -30.64 25.55
CA ILE A 236 0.53 -32.10 25.34
C ILE A 236 -0.93 -32.46 25.07
N GLN A 237 -1.16 -33.05 23.89
CA GLN A 237 -2.46 -33.64 23.53
C GLN A 237 -2.39 -35.10 23.93
N ALA A 238 -2.96 -35.40 25.09
CA ALA A 238 -2.96 -36.75 25.66
C ALA A 238 -3.95 -37.63 24.90
N SER A 239 -3.54 -38.84 24.54
CA SER A 239 -4.36 -39.83 23.85
C SER A 239 -5.08 -40.78 24.81
N THR A 240 -4.50 -41.07 25.98
CA THR A 240 -5.12 -42.04 26.92
C THR A 240 -5.15 -41.49 28.34
N MET A 241 -6.04 -42.05 29.16
CA MET A 241 -6.12 -41.76 30.60
C MET A 241 -4.78 -42.06 31.29
N GLU A 242 -4.13 -43.17 30.96
CA GLU A 242 -2.82 -43.48 31.58
C GLU A 242 -1.81 -42.34 31.33
N GLU A 243 -1.77 -41.80 30.10
CA GLU A 243 -0.82 -40.71 29.77
C GLU A 243 -1.14 -39.44 30.59
N LEU A 244 -2.43 -39.10 30.74
CA LEU A 244 -2.86 -37.92 31.48
C LEU A 244 -2.48 -38.05 32.97
N LEU A 245 -2.84 -39.21 33.55
CA LEU A 245 -2.59 -39.47 34.98
C LEU A 245 -1.07 -39.52 35.27
N ASP A 246 -0.29 -40.18 34.40
CA ASP A 246 1.18 -40.22 34.56
C ASP A 246 1.75 -38.80 34.55
N LEU A 247 1.32 -38.01 33.56
CA LEU A 247 1.78 -36.64 33.43
C LEU A 247 1.42 -35.82 34.67
N LYS A 248 0.20 -35.99 35.18
CA LYS A 248 -0.25 -35.22 36.28
C LYS A 248 0.43 -35.66 37.59
N ALA A 249 0.82 -36.92 37.71
CA ALA A 249 1.63 -37.37 38.87
C ALA A 249 3.04 -36.76 38.79
N GLN A 250 3.71 -36.90 37.63
CA GLN A 250 5.09 -36.37 37.45
C GLN A 250 5.10 -34.84 37.47
N HIS A 251 4.09 -34.19 36.87
CA HIS A 251 4.11 -32.72 36.73
C HIS A 251 2.73 -32.17 37.09
N PRO A 252 2.40 -32.05 38.40
CA PRO A 252 1.06 -31.62 38.79
C PRO A 252 0.71 -30.20 38.34
N ASP A 253 1.73 -29.41 38.00
CA ASP A 253 1.57 -28.07 37.51
C ASP A 253 1.00 -28.08 36.08
N ALA A 254 0.96 -29.24 35.42
CA ALA A 254 0.46 -29.32 34.06
C ALA A 254 -0.99 -28.83 34.09
N LYS A 255 -1.32 -27.82 33.27
CA LYS A 255 -2.65 -27.18 33.33
C LYS A 255 -3.57 -27.86 32.32
N LEU A 256 -4.70 -28.42 32.80
CA LEU A 256 -5.65 -29.01 31.85
C LEU A 256 -6.31 -27.90 31.05
N VAL A 257 -6.48 -28.14 29.74
CA VAL A 257 -7.27 -27.29 28.86
C VAL A 257 -8.19 -28.20 28.05
N VAL A 258 -9.50 -27.92 28.08
CA VAL A 258 -10.41 -28.66 27.25
C VAL A 258 -10.95 -27.66 26.22
N GLY A 259 -11.94 -26.86 26.61
CA GLY A 259 -12.57 -25.94 25.70
C GLY A 259 -11.80 -24.63 25.53
N ASN A 260 -10.96 -24.29 26.52
CA ASN A 260 -10.15 -23.08 26.58
C ASN A 260 -11.01 -21.84 26.81
N THR A 261 -12.30 -21.99 27.15
CA THR A 261 -13.17 -20.83 27.26
C THR A 261 -12.98 -20.08 28.58
N GLU A 262 -12.27 -20.68 29.54
CA GLU A 262 -11.81 -20.01 30.73
C GLU A 262 -10.30 -19.67 30.59
N ILE A 263 -9.50 -20.68 30.26
CA ILE A 263 -8.02 -20.50 30.22
C ILE A 263 -7.61 -19.47 29.17
N GLY A 264 -8.32 -19.42 28.01
CA GLY A 264 -7.98 -18.44 26.98
C GLY A 264 -8.14 -17.01 27.47
N ILE A 265 -9.08 -16.81 28.40
CA ILE A 265 -9.39 -15.51 29.02
C ILE A 265 -8.33 -15.16 30.06
N GLU A 266 -8.02 -16.13 30.90
CA GLU A 266 -6.97 -16.04 31.92
C GLU A 266 -5.66 -15.61 31.23
N MET A 267 -5.32 -16.24 30.10
CA MET A 267 -4.07 -15.95 29.39
C MET A 267 -4.13 -14.58 28.69
N LYS A 268 -5.23 -14.25 27.99
CA LYS A 268 -5.27 -13.06 27.13
C LYS A 268 -5.41 -11.80 27.98
N PHE A 269 -6.30 -11.87 28.98
CA PHE A 269 -6.77 -10.70 29.74
C PHE A 269 -6.26 -10.62 31.18
N LYS A 270 -5.89 -11.74 31.81
CA LYS A 270 -5.38 -11.68 33.20
C LYS A 270 -3.87 -11.99 33.22
N ASN A 271 -3.26 -11.98 32.03
CA ASN A 271 -1.81 -12.20 31.76
C ASN A 271 -1.26 -13.37 32.60
N MET A 272 -2.01 -14.46 32.70
CA MET A 272 -1.52 -15.67 33.35
C MET A 272 -0.83 -16.55 32.29
N LEU A 273 0.29 -17.15 32.68
CA LEU A 273 1.08 -17.95 31.80
C LEU A 273 1.21 -19.32 32.43
N PHE A 274 0.64 -20.32 31.78
CA PHE A 274 0.79 -21.69 32.15
C PHE A 274 1.79 -22.33 31.18
N PRO A 275 3.07 -22.50 31.55
CA PRO A 275 4.08 -23.02 30.61
C PRO A 275 3.93 -24.49 30.17
N LEU A 276 3.18 -25.30 30.92
CA LEU A 276 2.84 -26.63 30.52
C LEU A 276 1.33 -26.84 30.56
N ILE A 277 0.75 -27.15 29.40
CA ILE A 277 -0.69 -27.46 29.24
C ILE A 277 -0.83 -28.90 28.78
N VAL A 278 -1.85 -29.58 29.31
CA VAL A 278 -2.27 -30.84 28.77
C VAL A 278 -3.75 -30.74 28.34
N CYS A 279 -4.02 -31.10 27.09
CA CYS A 279 -5.39 -31.18 26.57
C CYS A 279 -5.84 -32.62 26.56
N PRO A 280 -6.81 -33.02 27.42
CA PRO A 280 -7.31 -34.40 27.42
C PRO A 280 -8.58 -34.73 26.63
N ALA A 281 -8.95 -33.84 25.68
CA ALA A 281 -10.27 -33.88 24.99
C ALA A 281 -10.48 -35.17 24.22
N TRP A 282 -9.41 -35.82 23.79
CA TRP A 282 -9.51 -37.03 22.99
C TRP A 282 -9.83 -38.27 23.86
N ILE A 283 -9.67 -38.18 25.17
CA ILE A 283 -9.69 -39.41 25.99
C ILE A 283 -11.14 -39.89 26.14
N PRO A 284 -11.42 -41.15 25.73
CA PRO A 284 -12.78 -41.70 25.73
C PRO A 284 -13.51 -41.64 27.08
N GLU A 285 -12.78 -41.94 28.16
CA GLU A 285 -13.36 -41.98 29.49
C GLU A 285 -13.86 -40.59 29.90
N LEU A 286 -13.26 -39.50 29.38
CA LEU A 286 -13.69 -38.17 29.77
C LEU A 286 -14.88 -37.67 28.92
N ASN A 287 -15.31 -38.48 27.95
CA ASN A 287 -16.29 -38.09 26.94
C ASN A 287 -17.53 -38.99 26.95
N SER A 288 -17.60 -39.96 27.88
CA SER A 288 -18.65 -40.97 27.84
C SER A 288 -19.90 -40.48 28.58
N VAL A 289 -21.02 -41.09 28.21
CA VAL A 289 -22.29 -40.86 28.87
C VAL A 289 -22.81 -42.22 29.30
N VAL A 290 -22.99 -42.40 30.61
CA VAL A 290 -23.48 -43.68 31.15
C VAL A 290 -24.80 -43.43 31.90
N HIS A 291 -25.86 -44.13 31.51
CA HIS A 291 -27.13 -44.14 32.28
C HIS A 291 -27.04 -45.20 33.40
N GLY A 292 -27.12 -44.77 34.66
CA GLY A 292 -27.10 -45.64 35.85
C GLY A 292 -28.46 -45.61 36.58
N PRO A 293 -28.65 -46.39 37.66
CA PRO A 293 -29.89 -46.31 38.44
C PRO A 293 -30.17 -44.99 39.19
N GLU A 294 -29.10 -44.30 39.61
CA GLU A 294 -29.19 -43.04 40.35
C GLU A 294 -29.26 -41.83 39.40
N GLY A 295 -28.88 -41.98 38.13
CA GLY A 295 -28.71 -40.77 37.25
C GLY A 295 -27.81 -41.02 36.05
N ILE A 296 -27.37 -39.92 35.41
CA ILE A 296 -26.59 -39.96 34.20
C ILE A 296 -25.20 -39.39 34.50
N SER A 297 -24.17 -40.17 34.18
CA SER A 297 -22.77 -39.81 34.38
C SER A 297 -22.18 -39.28 33.08
N PHE A 298 -21.68 -38.05 33.13
CA PHE A 298 -21.03 -37.38 32.03
C PHE A 298 -19.53 -37.35 32.32
N GLY A 299 -18.74 -37.83 31.37
CA GLY A 299 -17.34 -37.54 31.35
C GLY A 299 -17.11 -36.05 31.53
N ALA A 300 -16.04 -35.69 32.22
CA ALA A 300 -15.84 -34.31 32.59
C ALA A 300 -15.51 -33.45 31.36
N SER A 301 -15.11 -34.08 30.25
CA SER A 301 -14.73 -33.30 29.06
C SER A 301 -15.91 -33.19 28.09
N CYS A 302 -17.07 -33.74 28.46
CA CYS A 302 -18.24 -33.68 27.61
C CYS A 302 -18.57 -32.21 27.40
N PRO A 303 -18.79 -31.75 26.16
CA PRO A 303 -19.24 -30.37 25.97
C PRO A 303 -20.66 -30.16 26.49
N LEU A 304 -20.96 -28.92 26.86
CA LEU A 304 -22.28 -28.57 27.35
C LEU A 304 -23.38 -28.80 26.29
N SER A 305 -23.05 -28.67 24.99
CA SER A 305 -23.96 -29.03 23.88
C SER A 305 -24.38 -30.50 23.97
N LEU A 306 -23.48 -31.39 24.39
CA LEU A 306 -23.80 -32.82 24.50
C LEU A 306 -24.64 -33.03 25.77
N VAL A 307 -24.26 -32.38 26.87
CA VAL A 307 -25.11 -32.43 28.08
C VAL A 307 -26.55 -32.00 27.72
N GLU A 308 -26.69 -30.84 27.04
CA GLU A 308 -27.99 -30.35 26.59
C GLU A 308 -28.74 -31.40 25.75
N SER A 309 -28.11 -32.00 24.75
CA SER A 309 -28.83 -32.92 23.83
C SER A 309 -29.26 -34.17 24.61
N VAL A 310 -28.38 -34.66 25.48
CA VAL A 310 -28.70 -35.87 26.25
C VAL A 310 -29.84 -35.60 27.23
N LEU A 311 -29.75 -34.50 28.01
CA LEU A 311 -30.78 -34.24 29.01
C LEU A 311 -32.10 -33.92 28.32
N ALA A 312 -32.06 -33.21 27.17
CA ALA A 312 -33.32 -32.93 26.46
C ALA A 312 -34.00 -34.25 26.07
N GLU A 313 -33.23 -35.22 25.56
CA GLU A 313 -33.85 -36.47 25.13
C GLU A 313 -34.49 -37.19 26.34
N GLU A 314 -33.79 -37.18 27.48
CA GLU A 314 -34.23 -37.86 28.67
C GLU A 314 -35.46 -37.19 29.24
N ILE A 315 -35.50 -35.85 29.22
CA ILE A 315 -36.66 -35.07 29.73
C ILE A 315 -37.89 -35.40 28.86
N ALA A 316 -37.68 -35.64 27.58
CA ALA A 316 -38.79 -35.88 26.65
C ALA A 316 -39.42 -37.26 26.90
N LYS A 317 -38.62 -38.28 27.25
CA LYS A 317 -39.14 -39.67 27.27
C LYS A 317 -39.41 -40.20 28.70
N LEU A 318 -38.78 -39.62 29.74
CA LEU A 318 -38.95 -40.07 31.13
C LEU A 318 -40.10 -39.33 31.80
N PRO A 319 -40.69 -39.92 32.85
CA PRO A 319 -41.74 -39.25 33.62
C PRO A 319 -41.20 -37.97 34.27
N GLU A 320 -42.06 -36.97 34.35
CA GLU A 320 -41.78 -35.70 35.01
C GLU A 320 -41.13 -35.92 36.39
N GLN A 321 -41.67 -36.87 37.16
CA GLN A 321 -41.23 -37.14 38.54
C GLN A 321 -39.69 -37.30 38.62
N LYS A 322 -39.07 -37.88 37.58
CA LYS A 322 -37.63 -38.24 37.57
C LYS A 322 -36.71 -37.13 37.00
N THR A 323 -37.25 -36.08 36.37
CA THR A 323 -36.39 -35.16 35.62
C THR A 323 -36.31 -33.73 36.19
N GLU A 324 -36.62 -33.56 37.49
CA GLU A 324 -36.64 -32.24 38.08
C GLU A 324 -35.25 -31.61 38.03
N VAL A 325 -34.20 -32.39 38.35
CA VAL A 325 -32.85 -31.87 38.36
C VAL A 325 -32.40 -31.65 36.90
N PHE A 326 -32.72 -32.57 36.01
CA PHE A 326 -32.35 -32.38 34.61
C PHE A 326 -32.90 -31.06 34.08
N ARG A 327 -34.18 -30.76 34.40
CA ARG A 327 -34.83 -29.58 33.90
C ARG A 327 -34.19 -28.32 34.51
N GLY A 328 -33.72 -28.40 35.77
CA GLY A 328 -32.97 -27.30 36.37
C GLY A 328 -31.68 -27.01 35.61
N VAL A 329 -30.93 -28.06 35.29
CA VAL A 329 -29.68 -27.90 34.52
C VAL A 329 -30.01 -27.26 33.18
N MET A 330 -31.04 -27.78 32.51
CA MET A 330 -31.44 -27.28 31.19
C MET A 330 -31.83 -25.80 31.27
N GLU A 331 -32.48 -25.38 32.37
CA GLU A 331 -32.92 -23.99 32.50
C GLU A 331 -31.70 -23.07 32.56
N GLN A 332 -30.64 -23.51 33.25
CA GLN A 332 -29.41 -22.70 33.32
C GLN A 332 -28.72 -22.70 31.96
N LEU A 333 -28.69 -23.84 31.26
CA LEU A 333 -28.02 -23.94 29.95
C LEU A 333 -28.71 -23.10 28.88
N ARG A 334 -30.00 -22.89 29.04
CA ARG A 334 -30.74 -22.02 28.16
C ARG A 334 -30.12 -20.60 28.02
N TRP A 335 -29.55 -20.06 29.09
CA TRP A 335 -29.07 -18.70 29.12
C TRP A 335 -27.54 -18.68 29.32
N PHE A 336 -26.90 -19.76 28.86
CA PHE A 336 -25.52 -19.98 29.11
C PHE A 336 -24.84 -19.70 27.78
N ALA A 337 -24.25 -18.53 27.64
CA ALA A 337 -23.46 -18.31 26.31
C ALA A 337 -24.34 -18.68 25.11
N GLY A 338 -23.70 -19.01 23.97
CA GLY A 338 -24.27 -19.35 22.67
C GLY A 338 -23.73 -20.67 22.15
N LYS A 339 -24.06 -21.00 20.90
CA LYS A 339 -23.75 -22.32 20.37
C LYS A 339 -22.23 -22.54 20.30
N GLN A 340 -21.51 -21.46 20.00
CA GLN A 340 -20.08 -21.51 19.77
C GLN A 340 -19.32 -21.86 21.04
N VAL A 341 -19.72 -21.29 22.18
CA VAL A 341 -19.14 -21.62 23.46
C VAL A 341 -19.56 -23.03 23.90
N LYS A 342 -20.84 -23.35 23.79
CA LYS A 342 -21.34 -24.62 24.33
C LYS A 342 -20.78 -25.83 23.60
N SER A 343 -20.36 -25.68 22.34
CA SER A 343 -19.88 -26.75 21.57
C SER A 343 -18.51 -27.23 22.09
N VAL A 344 -17.77 -26.35 22.78
CA VAL A 344 -16.42 -26.74 23.29
C VAL A 344 -16.30 -26.61 24.81
N ALA A 345 -17.06 -25.72 25.46
CA ALA A 345 -17.07 -25.59 26.93
C ALA A 345 -17.50 -26.92 27.58
N SER A 346 -16.69 -27.42 28.51
CA SER A 346 -16.92 -28.73 29.11
C SER A 346 -17.64 -28.55 30.46
N ILE A 347 -18.39 -29.58 30.84
CA ILE A 347 -19.07 -29.61 32.09
C ILE A 347 -18.02 -29.58 33.22
N GLY A 348 -16.92 -30.34 33.10
CA GLY A 348 -15.87 -30.32 34.17
C GLY A 348 -15.18 -28.98 34.24
N GLY A 349 -14.98 -28.32 33.09
CA GLY A 349 -14.36 -27.01 33.06
C GLY A 349 -15.10 -26.00 33.90
N ASN A 350 -16.44 -25.98 33.79
CA ASN A 350 -17.26 -25.06 34.61
C ASN A 350 -17.08 -25.39 36.11
N ILE A 351 -17.13 -26.69 36.41
CA ILE A 351 -17.09 -27.12 37.82
C ILE A 351 -15.75 -26.68 38.45
N ILE A 352 -14.64 -26.99 37.77
CA ILE A 352 -13.30 -26.79 38.34
C ILE A 352 -12.92 -25.33 38.33
N THR A 353 -13.39 -24.55 37.35
CA THR A 353 -13.13 -23.12 37.34
C THR A 353 -13.59 -22.53 38.69
N ALA A 354 -14.72 -23.02 39.18
CA ALA A 354 -15.25 -22.64 40.53
C ALA A 354 -15.38 -21.12 40.70
N SER A 355 -15.88 -20.46 39.67
CA SER A 355 -16.26 -19.13 39.76
C SER A 355 -17.39 -19.01 40.79
N PRO A 356 -17.38 -17.94 41.60
CA PRO A 356 -18.52 -17.64 42.46
C PRO A 356 -19.86 -17.53 41.72
N ILE A 357 -19.82 -17.19 40.44
CA ILE A 357 -21.07 -17.01 39.70
C ILE A 357 -21.27 -18.15 38.68
N SER A 358 -20.61 -19.33 38.80
CA SER A 358 -21.03 -20.52 38.10
C SER A 358 -22.57 -20.66 38.19
N ASP A 359 -23.24 -20.88 37.05
CA ASP A 359 -24.62 -21.21 37.01
C ASP A 359 -24.84 -22.70 37.25
N LEU A 360 -23.80 -23.53 37.06
CA LEU A 360 -24.00 -24.96 37.20
C LEU A 360 -23.73 -25.47 38.62
N ASN A 361 -22.67 -24.96 39.24
CA ASN A 361 -22.25 -25.47 40.54
C ASN A 361 -23.37 -25.35 41.56
N PRO A 362 -24.18 -24.26 41.63
CA PRO A 362 -25.28 -24.20 42.59
C PRO A 362 -26.29 -25.33 42.36
N VAL A 363 -26.48 -25.74 41.11
CA VAL A 363 -27.42 -26.77 40.78
C VAL A 363 -26.84 -28.13 41.18
N PHE A 364 -25.55 -28.32 40.96
CA PHE A 364 -24.90 -29.58 41.27
C PHE A 364 -24.82 -29.74 42.80
N MET A 365 -24.63 -28.63 43.50
CA MET A 365 -24.52 -28.62 44.98
C MET A 365 -25.88 -28.93 45.60
N ALA A 366 -26.92 -28.25 45.13
CA ALA A 366 -28.27 -28.44 45.61
C ALA A 366 -28.79 -29.86 45.36
N SER A 367 -28.37 -30.51 44.27
CA SER A 367 -28.84 -31.83 43.90
C SER A 367 -27.92 -32.95 44.40
N GLY A 368 -26.82 -32.60 45.06
CA GLY A 368 -25.84 -33.56 45.61
C GLY A 368 -25.19 -34.42 44.53
N ALA A 369 -24.91 -33.81 43.38
CA ALA A 369 -24.31 -34.49 42.22
C ALA A 369 -23.02 -35.18 42.67
N LYS A 370 -22.82 -36.40 42.16
CA LYS A 370 -21.67 -37.25 42.53
C LYS A 370 -20.51 -37.02 41.55
N LEU A 371 -19.37 -36.57 42.09
CA LEU A 371 -18.15 -36.36 41.31
C LEU A 371 -17.15 -37.50 41.54
N THR A 372 -16.63 -38.11 40.46
CA THR A 372 -15.52 -39.07 40.56
C THR A 372 -14.19 -38.36 40.25
N LEU A 373 -13.26 -38.39 41.22
CA LEU A 373 -11.90 -37.85 41.09
C LEU A 373 -10.88 -39.00 40.98
N VAL A 374 -9.91 -38.84 40.08
CA VAL A 374 -8.84 -39.83 39.87
C VAL A 374 -7.46 -39.15 39.82
N SER A 375 -6.43 -39.91 40.26
CA SER A 375 -5.02 -39.62 40.04
C SER A 375 -4.31 -40.94 39.71
N ARG A 376 -3.04 -40.92 39.29
CA ARG A 376 -2.36 -42.19 39.04
C ARG A 376 -2.45 -42.98 40.35
N GLY A 377 -3.09 -44.15 40.28
CA GLY A 377 -3.25 -45.05 41.40
C GLY A 377 -4.31 -44.64 42.43
N THR A 378 -5.09 -43.56 42.24
CA THR A 378 -6.17 -43.21 43.24
C THR A 378 -7.50 -42.90 42.54
N ARG A 379 -8.59 -43.06 43.32
CA ARG A 379 -9.96 -42.89 42.83
C ARG A 379 -10.87 -42.65 44.05
N ARG A 380 -11.57 -41.51 44.07
CA ARG A 380 -12.54 -41.21 45.14
C ARG A 380 -13.81 -40.61 44.51
N THR A 381 -14.96 -40.83 45.16
CA THR A 381 -16.18 -40.14 44.75
C THR A 381 -16.61 -39.25 45.91
N VAL A 382 -17.11 -38.05 45.60
CA VAL A 382 -17.60 -37.10 46.60
C VAL A 382 -18.93 -36.53 46.10
N ARG A 383 -19.82 -36.21 47.02
CA ARG A 383 -21.01 -35.42 46.74
C ARG A 383 -20.54 -33.98 46.83
N MET A 384 -20.86 -33.20 45.79
CA MET A 384 -20.67 -31.79 45.91
C MET A 384 -21.56 -31.30 47.06
N ASP A 385 -20.89 -30.61 47.98
CA ASP A 385 -21.45 -29.96 49.09
C ASP A 385 -20.51 -28.79 49.37
N HIS A 386 -20.81 -28.02 50.42
CA HIS A 386 -20.11 -26.78 50.76
C HIS A 386 -18.58 -26.99 50.77
N THR A 387 -18.15 -28.16 51.23
CA THR A 387 -16.71 -28.51 51.47
C THR A 387 -15.91 -28.66 50.14
N PHE A 388 -16.61 -28.83 49.03
CA PHE A 388 -15.97 -29.01 47.74
C PHE A 388 -15.25 -27.73 47.28
N PHE A 389 -15.71 -26.58 47.77
CA PHE A 389 -15.25 -25.28 47.39
C PHE A 389 -14.71 -24.56 48.63
N PRO A 390 -13.43 -24.74 49.02
CA PRO A 390 -12.92 -24.12 50.25
C PRO A 390 -12.83 -22.59 50.19
N GLY A 391 -12.12 -22.08 49.18
CA GLY A 391 -11.88 -20.66 48.98
C GLY A 391 -12.07 -20.27 47.52
N TYR A 392 -11.83 -19.01 47.23
CA TYR A 392 -12.04 -18.39 45.94
C TYR A 392 -11.32 -19.19 44.85
N ARG A 393 -12.11 -19.69 43.90
CA ARG A 393 -11.70 -20.45 42.70
C ARG A 393 -10.86 -21.69 43.09
N LYS A 394 -11.07 -22.23 44.30
CA LYS A 394 -10.43 -23.47 44.69
C LYS A 394 -11.50 -24.57 44.77
N THR A 395 -11.03 -25.80 44.60
CA THR A 395 -11.75 -27.00 44.89
C THR A 395 -10.91 -27.90 45.80
N LEU A 396 -11.49 -29.00 46.25
CA LEU A 396 -10.78 -29.95 47.09
C LEU A 396 -10.09 -31.04 46.26
N LEU A 397 -9.85 -30.78 44.95
CA LEU A 397 -8.97 -31.67 44.17
C LEU A 397 -7.53 -31.48 44.65
N ARG A 398 -6.77 -32.58 44.70
CA ARG A 398 -5.34 -32.51 44.92
C ARG A 398 -4.69 -32.10 43.61
N PRO A 399 -3.49 -31.48 43.64
CA PRO A 399 -2.86 -30.95 42.43
C PRO A 399 -2.64 -32.01 41.36
N GLU A 400 -2.53 -33.29 41.76
CA GLU A 400 -2.28 -34.39 40.81
C GLU A 400 -3.60 -35.07 40.36
N GLU A 401 -4.73 -34.61 40.89
CA GLU A 401 -6.03 -35.21 40.59
C GLU A 401 -6.69 -34.50 39.38
N ILE A 402 -7.49 -35.25 38.64
CA ILE A 402 -8.41 -34.66 37.63
C ILE A 402 -9.83 -35.14 37.92
N LEU A 403 -10.81 -34.41 37.41
CA LEU A 403 -12.20 -34.81 37.52
C LEU A 403 -12.52 -35.74 36.34
N LEU A 404 -13.00 -36.94 36.66
CA LEU A 404 -13.32 -37.92 35.67
C LEU A 404 -14.74 -37.73 35.14
N SER A 405 -15.71 -37.57 36.06
CA SER A 405 -17.12 -37.63 35.69
C SER A 405 -17.98 -36.98 36.77
N ILE A 406 -19.19 -36.58 36.35
CA ILE A 406 -20.21 -36.06 37.25
C ILE A 406 -21.51 -36.81 36.94
N GLU A 407 -22.18 -37.31 37.97
CA GLU A 407 -23.47 -37.96 37.80
C GLU A 407 -24.56 -37.00 38.22
N ILE A 408 -25.38 -36.60 37.26
CA ILE A 408 -26.49 -35.75 37.51
C ILE A 408 -27.66 -36.67 37.86
N PRO A 409 -28.26 -36.51 39.06
CA PRO A 409 -29.24 -37.50 39.52
C PRO A 409 -30.67 -37.33 39.00
N TYR A 410 -31.35 -38.48 38.87
CA TYR A 410 -32.79 -38.52 38.82
C TYR A 410 -33.35 -37.90 40.10
N SER A 411 -34.51 -37.25 39.98
CA SER A 411 -35.25 -36.80 41.11
C SER A 411 -36.14 -37.96 41.61
N LYS A 412 -36.43 -37.95 42.90
CA LYS A 412 -37.29 -38.96 43.52
C LYS A 412 -38.73 -38.45 43.69
N GLU A 413 -39.61 -39.39 44.03
CA GLU A 413 -41.00 -39.11 44.36
C GLU A 413 -41.00 -38.12 45.52
N GLY A 414 -41.75 -37.03 45.37
CA GLY A 414 -41.83 -36.05 46.41
C GLY A 414 -40.62 -35.15 46.45
N GLU A 415 -39.79 -35.16 45.39
CA GLU A 415 -38.58 -34.30 45.33
C GLU A 415 -38.75 -33.29 44.17
N PHE A 416 -38.63 -32.01 44.49
CA PHE A 416 -38.81 -30.98 43.50
C PHE A 416 -37.59 -30.05 43.44
N PHE A 417 -37.36 -29.51 42.23
CA PHE A 417 -36.16 -28.73 41.96
C PHE A 417 -36.53 -27.50 41.11
N SER A 418 -35.93 -26.35 41.43
CA SER A 418 -35.92 -25.14 40.58
C SER A 418 -34.49 -24.58 40.50
N ALA A 419 -34.15 -24.03 39.33
CA ALA A 419 -32.95 -23.25 39.12
C ALA A 419 -33.36 -21.86 38.67
N PHE A 420 -32.61 -20.87 39.13
CA PHE A 420 -32.86 -19.46 38.90
C PHE A 420 -31.55 -18.76 38.54
N LYS A 421 -31.66 -17.76 37.65
CA LYS A 421 -30.56 -16.85 37.32
C LYS A 421 -31.15 -15.49 37.00
N GLN A 422 -30.52 -14.43 37.53
CA GLN A 422 -30.79 -13.10 37.14
C GLN A 422 -29.45 -12.40 36.92
N ALA A 423 -29.37 -11.79 35.73
CA ALA A 423 -28.16 -11.13 35.27
C ALA A 423 -28.53 -9.69 34.87
N SER A 424 -27.71 -9.02 34.05
CA SER A 424 -28.07 -7.70 33.50
C SER A 424 -28.88 -7.90 32.21
N ARG A 425 -28.55 -8.91 31.42
CA ARG A 425 -29.25 -9.28 30.19
C ARG A 425 -29.56 -10.77 30.28
N ARG A 426 -30.69 -11.24 29.76
CA ARG A 426 -31.01 -12.71 29.87
C ARG A 426 -29.96 -13.60 29.21
N GLU A 427 -29.58 -13.26 27.97
CA GLU A 427 -28.77 -14.08 27.10
C GLU A 427 -27.29 -13.78 27.36
N ALA A 428 -26.49 -14.83 27.44
CA ALA A 428 -25.05 -14.80 27.49
C ALA A 428 -24.57 -13.72 28.44
N ASP A 429 -24.82 -13.88 29.76
CA ASP A 429 -24.44 -12.88 30.72
C ASP A 429 -24.04 -13.55 32.03
N ILE A 430 -23.25 -12.81 32.83
CA ILE A 430 -22.76 -13.23 34.14
C ILE A 430 -23.88 -13.03 35.17
N ALA A 431 -24.20 -14.08 35.92
CA ALA A 431 -25.21 -13.97 36.97
C ALA A 431 -24.85 -12.89 37.99
N LYS A 432 -25.84 -12.10 38.40
CA LYS A 432 -25.74 -11.34 39.64
C LYS A 432 -26.02 -12.29 40.82
N VAL A 433 -27.11 -13.04 40.73
CA VAL A 433 -27.36 -14.17 41.61
C VAL A 433 -27.87 -15.34 40.77
N THR A 434 -27.45 -16.54 41.14
CA THR A 434 -27.81 -17.77 40.48
C THR A 434 -28.03 -18.82 41.56
N SER A 435 -28.90 -19.80 41.32
CA SER A 435 -29.35 -20.66 42.44
C SER A 435 -29.89 -21.98 41.95
N GLY A 436 -29.69 -23.02 42.77
CA GLY A 436 -30.36 -24.29 42.63
C GLY A 436 -31.10 -24.53 43.94
N MET A 437 -32.36 -24.99 43.88
CA MET A 437 -33.15 -25.24 45.10
C MET A 437 -33.86 -26.58 45.00
N ARG A 438 -33.74 -27.39 46.08
CA ARG A 438 -34.24 -28.75 46.13
C ARG A 438 -35.02 -28.94 47.45
N VAL A 439 -36.19 -29.56 47.35
CA VAL A 439 -36.95 -29.98 48.56
C VAL A 439 -37.35 -31.42 48.34
N LEU A 440 -37.27 -32.23 49.42
CA LEU A 440 -37.77 -33.60 49.42
C LEU A 440 -38.80 -33.70 50.56
N PHE A 441 -40.01 -34.15 50.24
CA PHE A 441 -41.05 -34.31 51.26
C PHE A 441 -41.10 -35.77 51.74
N LYS A 442 -41.44 -35.91 53.03
CA LYS A 442 -41.78 -37.22 53.64
C LYS A 442 -42.95 -37.79 52.86
N PRO A 443 -42.91 -39.08 52.46
CA PRO A 443 -43.88 -39.59 51.49
C PRO A 443 -45.31 -39.35 52.00
N GLY A 444 -46.17 -38.93 51.06
CA GLY A 444 -47.56 -38.65 51.32
C GLY A 444 -47.79 -37.46 52.23
N THR A 445 -46.75 -36.70 52.61
CA THR A 445 -46.95 -35.47 53.40
C THR A 445 -46.56 -34.24 52.58
N ILE A 446 -46.75 -33.06 53.20
CA ILE A 446 -46.13 -31.78 52.82
C ILE A 446 -45.09 -31.39 53.88
N GLU A 447 -44.52 -32.39 54.56
CA GLU A 447 -43.48 -32.15 55.56
C GLU A 447 -42.11 -32.33 54.92
N VAL A 448 -41.24 -31.37 55.22
CA VAL A 448 -39.92 -31.30 54.63
C VAL A 448 -39.06 -32.39 55.27
N GLN A 449 -38.50 -33.31 54.47
CA GLN A 449 -37.44 -34.24 54.84
C GLN A 449 -36.06 -33.65 54.56
N GLU A 450 -35.89 -33.02 53.38
CA GLU A 450 -34.61 -32.42 52.97
C GLU A 450 -34.91 -31.08 52.28
N LEU A 451 -34.12 -30.06 52.57
CA LEU A 451 -34.19 -28.74 51.90
C LEU A 451 -32.77 -28.24 51.65
N SER A 452 -32.46 -27.84 50.40
CA SER A 452 -31.11 -27.36 50.01
C SER A 452 -31.28 -26.12 49.14
N LEU A 453 -30.78 -24.98 49.60
CA LEU A 453 -30.82 -23.71 48.86
C LEU A 453 -29.38 -23.27 48.63
N CYS A 454 -28.93 -23.30 47.36
CA CYS A 454 -27.52 -23.00 47.03
C CYS A 454 -27.46 -21.83 46.04
N PHE A 455 -26.46 -20.96 46.23
CA PHE A 455 -26.38 -19.67 45.55
C PHE A 455 -24.98 -19.40 45.00
N GLY A 456 -24.94 -18.84 43.79
CA GLY A 456 -23.79 -18.11 43.32
C GLY A 456 -24.08 -16.63 43.36
N GLY A 457 -23.02 -15.85 43.42
CA GLY A 457 -23.11 -14.45 43.40
C GLY A 457 -23.34 -13.85 44.76
N MET A 458 -23.20 -14.65 45.83
CA MET A 458 -23.44 -14.12 47.18
C MET A 458 -22.22 -14.25 48.11
N ALA A 459 -21.08 -14.65 47.55
CA ALA A 459 -19.88 -14.93 48.37
C ALA A 459 -18.74 -15.11 47.38
N ASP A 460 -17.56 -15.42 47.89
CA ASP A 460 -16.43 -15.67 47.07
C ASP A 460 -16.44 -17.13 46.57
N ARG A 461 -17.57 -17.83 46.70
CA ARG A 461 -17.70 -19.22 46.26
C ARG A 461 -19.18 -19.61 46.16
N THR A 462 -19.49 -20.75 45.54
CA THR A 462 -20.86 -21.31 45.59
C THR A 462 -21.13 -21.69 47.04
N ILE A 463 -22.21 -21.18 47.63
CA ILE A 463 -22.53 -21.45 49.05
C ILE A 463 -23.90 -22.14 49.15
N SER A 464 -24.05 -22.93 50.22
CA SER A 464 -25.37 -23.50 50.66
C SER A 464 -25.90 -22.71 51.86
N ALA A 465 -27.22 -22.53 51.97
CA ALA A 465 -27.77 -21.74 53.08
C ALA A 465 -27.93 -22.67 54.30
N LEU A 466 -26.78 -23.10 54.82
CA LEU A 466 -26.66 -24.24 55.73
C LEU A 466 -27.18 -23.89 57.12
N LYS A 467 -27.18 -22.61 57.52
CA LYS A 467 -27.79 -22.23 58.82
C LYS A 467 -29.33 -22.16 58.74
N THR A 468 -29.87 -21.84 57.54
CA THR A 468 -31.28 -21.58 57.37
C THR A 468 -32.07 -22.89 57.14
N THR A 469 -31.57 -23.80 56.31
CA THR A 469 -32.42 -24.92 55.88
C THR A 469 -32.62 -25.97 56.97
N PRO A 470 -31.62 -26.33 57.81
CA PRO A 470 -31.86 -27.28 58.90
C PRO A 470 -33.11 -26.94 59.72
N LYS A 471 -33.33 -25.65 59.98
CA LYS A 471 -34.43 -25.17 60.80
C LYS A 471 -35.81 -25.57 60.22
N GLN A 472 -35.91 -25.97 58.94
CA GLN A 472 -37.20 -26.15 58.30
C GLN A 472 -37.53 -27.63 58.20
N LEU A 473 -36.60 -28.50 58.61
CA LEU A 473 -36.83 -29.93 58.53
C LEU A 473 -38.02 -30.29 59.45
N SER A 474 -38.92 -31.11 58.92
CA SER A 474 -40.21 -31.51 59.52
C SER A 474 -41.27 -30.40 59.52
N LYS A 475 -40.98 -29.15 59.10
CA LYS A 475 -42.06 -28.19 58.94
C LYS A 475 -42.91 -28.55 57.72
N SER A 476 -44.18 -28.13 57.77
CA SER A 476 -45.10 -28.23 56.61
C SER A 476 -44.83 -27.08 55.62
N TRP A 477 -45.08 -27.32 54.34
CA TRP A 477 -44.85 -26.30 53.30
C TRP A 477 -45.94 -25.23 53.38
N ASN A 478 -45.69 -24.14 54.13
CA ASN A 478 -46.75 -23.13 54.40
C ASN A 478 -46.17 -21.74 54.65
N GLU A 479 -47.06 -20.77 54.85
CA GLU A 479 -46.69 -19.37 54.98
C GLU A 479 -45.64 -19.17 56.09
N GLU A 480 -45.72 -19.93 57.19
CA GLU A 480 -44.74 -19.79 58.26
C GLU A 480 -43.34 -20.20 57.75
N LEU A 481 -43.25 -21.29 57.00
CA LEU A 481 -41.99 -21.76 56.40
C LEU A 481 -41.45 -20.67 55.44
N LEU A 482 -42.33 -20.11 54.60
CA LEU A 482 -41.88 -19.04 53.70
C LEU A 482 -41.27 -17.89 54.51
N GLN A 483 -41.95 -17.43 55.57
CA GLN A 483 -41.46 -16.27 56.31
C GLN A 483 -40.16 -16.58 57.05
N SER A 484 -40.07 -17.81 57.58
CA SER A 484 -38.91 -18.30 58.34
C SER A 484 -37.68 -18.36 57.41
N VAL A 485 -37.89 -18.95 56.23
CA VAL A 485 -36.79 -19.07 55.30
C VAL A 485 -36.34 -17.69 54.83
N CYS A 486 -37.29 -16.81 54.48
CA CYS A 486 -36.90 -15.45 54.07
C CYS A 486 -36.15 -14.74 55.20
N ALA A 487 -36.59 -14.85 56.47
CA ALA A 487 -35.84 -14.10 57.51
C ALA A 487 -34.44 -14.70 57.68
N GLY A 488 -34.36 -16.03 57.56
CA GLY A 488 -33.13 -16.79 57.64
C GLY A 488 -32.16 -16.36 56.56
N LEU A 489 -32.66 -16.28 55.32
CA LEU A 489 -31.82 -15.90 54.18
C LEU A 489 -31.31 -14.47 54.35
N ALA A 490 -32.17 -13.56 54.82
CA ALA A 490 -31.79 -12.14 54.96
C ALA A 490 -30.61 -12.00 55.94
N GLU A 491 -30.57 -12.87 56.96
CA GLU A 491 -29.56 -12.81 58.03
C GLU A 491 -28.31 -13.59 57.62
N GLU A 492 -28.50 -14.80 57.08
CA GLU A 492 -27.43 -15.66 56.66
C GLU A 492 -26.66 -15.10 55.45
N LEU A 493 -27.32 -14.48 54.46
CA LEU A 493 -26.64 -14.14 53.18
C LEU A 493 -26.31 -12.64 53.13
N GLN A 494 -25.57 -12.19 54.15
CA GLN A 494 -25.18 -10.80 54.30
C GLN A 494 -24.06 -10.51 53.29
N LEU A 495 -23.98 -9.25 52.87
CA LEU A 495 -22.97 -8.78 51.98
C LEU A 495 -22.43 -7.47 52.56
N ALA A 496 -21.11 -7.36 52.58
CA ALA A 496 -20.44 -6.16 52.92
C ALA A 496 -20.76 -5.09 51.86
N PRO A 497 -20.95 -3.83 52.29
CA PRO A 497 -21.09 -2.70 51.37
C PRO A 497 -20.06 -2.69 50.23
N ASP A 498 -18.88 -3.30 50.44
CA ASP A 498 -17.82 -3.25 49.45
C ASP A 498 -17.75 -4.56 48.66
N ALA A 499 -18.78 -5.39 48.72
CA ALA A 499 -18.75 -6.68 48.04
C ALA A 499 -18.43 -6.46 46.56
N PRO A 500 -17.51 -7.25 46.00
CA PRO A 500 -17.27 -7.22 44.56
C PRO A 500 -18.59 -7.32 43.77
N GLY A 501 -18.73 -6.48 42.73
CA GLY A 501 -19.88 -6.46 41.83
C GLY A 501 -21.02 -5.57 42.31
N GLY A 502 -20.91 -5.00 43.52
CA GLY A 502 -21.91 -4.08 44.03
C GLY A 502 -23.31 -4.68 44.03
N MET A 503 -24.30 -3.78 43.93
CA MET A 503 -25.72 -4.14 43.82
C MET A 503 -26.12 -5.05 44.99
N VAL A 504 -25.67 -4.67 46.21
CA VAL A 504 -25.86 -5.49 47.38
C VAL A 504 -27.36 -5.63 47.72
N GLU A 505 -28.09 -4.52 47.69
CA GLU A 505 -29.55 -4.57 48.00
C GLU A 505 -30.30 -5.49 47.02
N PHE A 506 -30.00 -5.32 45.73
CA PHE A 506 -30.55 -6.14 44.62
C PHE A 506 -30.25 -7.63 44.80
N ARG A 507 -28.99 -8.00 45.07
CA ARG A 507 -28.58 -9.40 45.15
C ARG A 507 -29.31 -10.07 46.31
N ARG A 508 -29.37 -9.36 47.43
CA ARG A 508 -30.02 -9.91 48.64
C ARG A 508 -31.52 -10.11 48.37
N THR A 509 -32.13 -9.11 47.74
CA THR A 509 -33.54 -9.15 47.36
C THR A 509 -33.80 -10.34 46.44
N LEU A 510 -32.88 -10.62 45.52
CA LEU A 510 -33.06 -11.75 44.60
C LEU A 510 -33.03 -13.10 45.35
N THR A 511 -32.22 -13.25 46.42
CA THR A 511 -32.17 -14.57 47.09
C THR A 511 -33.56 -14.87 47.64
N LEU A 512 -34.19 -13.86 48.24
CA LEU A 512 -35.51 -14.01 48.85
C LEU A 512 -36.58 -14.19 47.75
N SER A 513 -36.42 -13.46 46.64
CA SER A 513 -37.37 -13.49 45.55
C SER A 513 -37.32 -14.84 44.85
N PHE A 514 -36.11 -15.38 44.60
CA PHE A 514 -36.01 -16.69 44.03
C PHE A 514 -36.65 -17.72 44.98
N PHE A 515 -36.36 -17.59 46.29
CA PHE A 515 -36.96 -18.57 47.20
C PHE A 515 -38.50 -18.49 47.14
N PHE A 516 -39.05 -17.28 47.07
CA PHE A 516 -40.53 -17.09 46.94
C PHE A 516 -41.03 -17.82 45.68
N LYS A 517 -40.33 -17.66 44.55
CA LYS A 517 -40.78 -18.32 43.38
C LYS A 517 -40.79 -19.85 43.59
N PHE A 518 -39.75 -20.36 44.27
CA PHE A 518 -39.62 -21.77 44.48
C PHE A 518 -40.77 -22.28 45.36
N TYR A 519 -41.05 -21.48 46.38
CA TYR A 519 -42.12 -21.74 47.40
C TYR A 519 -43.48 -21.89 46.68
N LEU A 520 -43.78 -20.94 45.79
CA LEU A 520 -45.04 -20.95 45.05
C LEU A 520 -45.06 -22.13 44.06
N THR A 521 -43.92 -22.40 43.41
CA THR A 521 -43.82 -23.45 42.45
C THR A 521 -44.06 -24.81 43.13
N VAL A 522 -43.47 -24.98 44.33
CA VAL A 522 -43.61 -26.23 45.04
C VAL A 522 -45.09 -26.39 45.49
N LEU A 523 -45.73 -25.31 45.91
CA LEU A 523 -47.20 -25.38 46.17
C LEU A 523 -47.90 -25.95 44.95
N GLN A 524 -47.55 -25.44 43.76
CA GLN A 524 -48.20 -25.93 42.54
C GLN A 524 -47.89 -27.40 42.29
N LYS A 525 -46.62 -27.80 42.52
CA LYS A 525 -46.18 -29.13 42.27
C LYS A 525 -46.87 -30.10 43.24
N LEU A 526 -46.97 -29.71 44.50
CA LEU A 526 -47.72 -30.49 45.51
C LEU A 526 -49.19 -30.66 45.07
N GLY A 527 -49.75 -29.59 44.49
CA GLY A 527 -51.10 -29.60 43.98
C GLY A 527 -51.26 -30.65 42.89
N ARG A 528 -50.26 -30.76 42.02
CA ARG A 528 -50.35 -31.68 40.90
C ARG A 528 -50.17 -33.13 41.37
N ALA A 529 -49.61 -33.32 42.57
CA ALA A 529 -49.45 -34.63 43.21
C ALA A 529 -50.64 -34.94 44.15
N ASP A 530 -51.69 -34.10 44.14
CA ASP A 530 -52.99 -34.28 44.82
C ASP A 530 -52.92 -33.96 46.31
N LEU A 531 -52.05 -33.02 46.73
CA LEU A 531 -51.95 -32.60 48.15
C LEU A 531 -52.46 -31.17 48.29
N GLU A 532 -53.27 -30.76 47.31
CA GLU A 532 -53.79 -29.41 47.23
C GLU A 532 -54.57 -29.12 48.52
N ASP A 533 -55.28 -30.12 49.02
CA ASP A 533 -56.09 -29.96 50.24
C ASP A 533 -55.18 -29.72 51.46
N MET A 534 -53.96 -30.25 51.44
CA MET A 534 -53.05 -30.05 52.60
C MET A 534 -52.36 -28.68 52.56
N CYS A 535 -51.82 -28.29 51.39
CA CYS A 535 -50.96 -27.08 51.27
C CYS A 535 -51.74 -25.86 50.77
N GLY A 536 -52.96 -26.07 50.22
CA GLY A 536 -53.79 -24.99 49.67
C GLY A 536 -53.49 -24.78 48.20
N LYS A 537 -54.44 -24.19 47.47
CA LYS A 537 -54.23 -23.85 46.03
C LYS A 537 -53.59 -22.45 45.96
N LEU A 538 -52.95 -22.19 44.82
CA LEU A 538 -52.33 -20.91 44.57
C LEU A 538 -53.42 -19.89 44.16
N ASP A 539 -53.45 -18.74 44.84
CA ASP A 539 -54.25 -17.60 44.39
C ASP A 539 -53.96 -17.36 42.91
N PRO A 540 -54.96 -17.35 41.99
CA PRO A 540 -54.65 -17.30 40.57
C PRO A 540 -53.92 -16.01 40.12
N THR A 541 -53.92 -14.97 40.95
CA THR A 541 -53.20 -13.70 40.66
C THR A 541 -51.70 -13.91 40.96
N PHE A 542 -51.34 -15.06 41.56
CA PHE A 542 -49.95 -15.37 41.88
C PHE A 542 -49.34 -16.31 40.83
N ALA A 543 -50.18 -16.94 39.99
CA ALA A 543 -49.69 -18.01 39.11
C ALA A 543 -48.57 -17.49 38.19
N SER A 544 -48.71 -16.25 37.70
CA SER A 544 -47.75 -15.82 36.65
C SER A 544 -46.33 -15.75 37.24
N ALA A 545 -46.20 -15.63 38.58
CA ALA A 545 -44.86 -15.60 39.29
C ALA A 545 -44.01 -16.84 39.02
N THR A 546 -44.60 -18.00 38.72
CA THR A 546 -43.85 -19.24 38.66
C THR A 546 -43.59 -19.68 37.21
N LEU A 547 -44.08 -18.93 36.22
CA LEU A 547 -43.94 -19.34 34.84
C LEU A 547 -42.46 -19.23 34.43
N LEU A 548 -41.95 -20.25 33.73
CA LEU A 548 -40.64 -20.20 33.08
C LEU A 548 -40.71 -19.24 31.89
N PHE A 549 -39.60 -18.55 31.64
CA PHE A 549 -39.61 -17.51 30.67
C PHE A 549 -39.98 -18.09 29.29
N GLN A 550 -40.87 -17.39 28.58
CA GLN A 550 -41.20 -17.74 27.17
C GLN A 550 -41.62 -16.45 26.45
N LYS A 551 -41.30 -16.37 25.16
CA LYS A 551 -41.66 -15.21 24.30
C LYS A 551 -42.54 -15.71 23.16
N ASP A 552 -43.60 -14.94 22.85
CA ASP A 552 -44.39 -15.21 21.65
C ASP A 552 -43.45 -15.17 20.46
N PRO A 553 -43.77 -15.81 19.32
CA PRO A 553 -42.92 -15.70 18.16
C PRO A 553 -43.00 -14.24 17.65
N PRO A 554 -41.96 -13.71 16.97
CA PRO A 554 -41.90 -12.30 16.59
C PRO A 554 -42.89 -12.00 15.47
N ALA A 555 -43.35 -10.75 15.38
CA ALA A 555 -44.17 -10.29 14.27
C ALA A 555 -43.71 -8.87 13.94
N ASN A 556 -43.40 -8.61 12.68
CA ASN A 556 -42.81 -7.34 12.31
C ASN A 556 -43.58 -6.76 11.14
N VAL A 557 -43.58 -5.42 11.04
CA VAL A 557 -44.19 -4.71 9.94
C VAL A 557 -43.23 -3.59 9.53
N GLN A 558 -42.97 -3.46 8.23
CA GLN A 558 -42.28 -2.27 7.70
C GLN A 558 -43.15 -1.64 6.62
N LEU A 559 -43.54 -0.38 6.84
CA LEU A 559 -44.38 0.35 5.90
C LEU A 559 -43.60 1.58 5.38
N PHE A 560 -43.63 1.78 4.07
CA PHE A 560 -42.93 2.88 3.46
C PHE A 560 -43.71 3.24 2.19
N GLN A 561 -43.27 4.27 1.48
CA GLN A 561 -44.01 4.78 0.34
C GLN A 561 -43.35 4.33 -0.95
N GLU A 562 -44.18 3.80 -1.88
CA GLU A 562 -43.80 3.50 -3.24
C GLU A 562 -43.39 4.80 -3.96
N VAL A 563 -42.44 4.72 -4.91
CA VAL A 563 -42.11 5.90 -5.73
C VAL A 563 -43.21 6.09 -6.77
N PRO A 564 -43.33 7.28 -7.39
CA PRO A 564 -44.31 7.48 -8.47
C PRO A 564 -44.24 6.41 -9.57
N LYS A 565 -45.41 6.10 -10.14
CA LYS A 565 -45.53 5.15 -11.23
C LYS A 565 -44.66 5.54 -12.44
N ASP A 566 -44.54 6.85 -12.69
CA ASP A 566 -43.84 7.34 -13.88
C ASP A 566 -42.32 7.34 -13.67
N GLN A 567 -41.82 7.14 -12.44
CA GLN A 567 -40.37 7.15 -12.19
C GLN A 567 -39.69 6.05 -13.00
N SER A 568 -38.60 6.41 -13.68
CA SER A 568 -37.78 5.44 -14.43
C SER A 568 -37.39 4.28 -13.53
N GLU A 569 -37.22 3.08 -14.12
CA GLU A 569 -36.73 1.93 -13.38
C GLU A 569 -35.25 2.13 -13.04
N GLU A 570 -34.55 2.96 -13.81
CA GLU A 570 -33.11 3.24 -13.54
C GLU A 570 -32.94 4.37 -12.52
N ASP A 571 -34.01 5.11 -12.22
CA ASP A 571 -33.96 6.08 -11.12
C ASP A 571 -34.21 5.34 -9.79
N MET A 572 -33.16 5.17 -9.00
CA MET A 572 -33.27 4.38 -7.80
C MET A 572 -33.55 5.24 -6.56
N VAL A 573 -33.63 6.56 -6.69
CA VAL A 573 -33.87 7.44 -5.55
C VAL A 573 -35.29 7.13 -5.02
N GLY A 574 -35.39 6.80 -3.74
CA GLY A 574 -36.66 6.43 -3.16
C GLY A 574 -36.94 4.96 -3.19
N ARG A 575 -36.10 4.17 -3.85
CA ARG A 575 -36.25 2.72 -3.93
C ARG A 575 -35.36 2.01 -2.90
N PRO A 576 -35.78 0.80 -2.47
CA PRO A 576 -35.06 0.04 -1.44
C PRO A 576 -33.85 -0.77 -1.91
N LEU A 577 -32.87 -0.05 -2.43
CA LEU A 577 -31.71 -0.67 -3.01
C LEU A 577 -30.85 -1.20 -1.85
N PRO A 578 -30.40 -2.47 -1.86
CA PRO A 578 -29.51 -2.93 -0.80
C PRO A 578 -28.20 -2.14 -0.74
N HIS A 579 -27.64 -2.05 0.46
CA HIS A 579 -26.30 -1.49 0.64
C HIS A 579 -25.37 -2.04 -0.44
N LEU A 580 -24.60 -1.16 -1.08
CA LEU A 580 -23.78 -1.61 -2.19
C LEU A 580 -22.73 -2.65 -1.80
N ALA A 581 -22.31 -2.69 -0.53
CA ALA A 581 -21.30 -3.65 -0.11
C ALA A 581 -21.89 -4.89 0.58
N ALA A 582 -23.20 -5.03 0.62
CA ALA A 582 -23.80 -6.13 1.37
C ALA A 582 -23.32 -7.51 0.93
N ASN A 583 -23.26 -7.77 -0.40
CA ASN A 583 -22.82 -9.09 -0.82
C ASN A 583 -21.39 -9.37 -0.37
N MET A 584 -20.49 -8.37 -0.48
CA MET A 584 -19.09 -8.55 -0.08
C MET A 584 -18.95 -8.66 1.43
N GLN A 585 -19.83 -8.00 2.18
CA GLN A 585 -19.78 -8.10 3.64
C GLN A 585 -20.19 -9.52 4.09
N ALA A 586 -21.24 -10.03 3.46
CA ALA A 586 -21.74 -11.40 3.68
C ALA A 586 -20.70 -12.46 3.32
N SER A 587 -19.82 -12.18 2.33
CA SER A 587 -18.85 -13.14 1.87
C SER A 587 -17.49 -12.98 2.54
N GLY A 588 -17.32 -11.95 3.36
CA GLY A 588 -16.04 -11.73 4.01
C GLY A 588 -15.00 -11.13 3.08
N GLU A 589 -15.42 -10.69 1.90
CA GLU A 589 -14.49 -10.09 0.93
C GLU A 589 -14.33 -8.58 1.17
N ALA A 590 -15.27 -7.91 1.82
CA ALA A 590 -15.15 -6.50 2.15
C ALA A 590 -13.94 -6.30 3.07
N VAL A 591 -13.11 -5.30 2.73
CA VAL A 591 -11.86 -5.08 3.46
C VAL A 591 -12.05 -3.95 4.46
N TYR A 592 -11.79 -4.27 5.73
CA TYR A 592 -11.64 -3.33 6.85
C TYR A 592 -10.14 -3.16 7.08
N CYS A 593 -9.82 -2.10 7.78
CA CYS A 593 -8.38 -1.70 7.98
C CYS A 593 -7.43 -2.88 8.28
N ASP A 594 -7.70 -3.71 9.32
CA ASP A 594 -6.79 -4.74 9.74
C ASP A 594 -6.77 -5.94 8.77
N ASP A 595 -7.71 -6.01 7.83
CA ASP A 595 -7.72 -7.02 6.76
C ASP A 595 -6.73 -6.71 5.63
N ILE A 596 -6.28 -5.46 5.52
CA ILE A 596 -5.26 -5.11 4.55
C ILE A 596 -4.00 -5.89 4.87
N PRO A 597 -3.34 -6.53 3.86
CA PRO A 597 -2.13 -7.30 4.09
C PRO A 597 -1.05 -6.40 4.67
N ARG A 598 -0.23 -6.98 5.55
CA ARG A 598 0.93 -6.27 6.09
C ARG A 598 2.05 -6.20 5.04
N TYR A 599 2.79 -5.08 5.05
CA TYR A 599 4.07 -5.07 4.37
C TYR A 599 5.06 -6.01 5.06
N GLU A 600 6.01 -6.53 4.29
CA GLU A 600 6.97 -7.45 4.80
C GLU A 600 7.76 -6.79 5.95
N ASN A 601 7.93 -5.46 5.90
CA ASN A 601 8.73 -4.71 6.90
C ASN A 601 7.82 -4.00 7.92
N GLU A 602 6.53 -4.38 7.99
CA GLU A 602 5.59 -3.69 8.88
C GLU A 602 5.83 -4.04 10.35
N LEU A 603 5.69 -3.02 11.21
CA LEU A 603 5.81 -3.21 12.65
C LEU A 603 4.46 -3.04 13.32
N SER A 604 4.39 -3.47 14.61
CA SER A 604 3.18 -3.41 15.38
C SER A 604 3.38 -2.42 16.54
N LEU A 605 2.30 -1.73 16.90
CA LEU A 605 2.36 -0.79 18.01
C LEU A 605 1.34 -1.16 19.09
N ARG A 606 1.73 -0.94 20.33
CA ARG A 606 0.80 -1.11 21.47
C ARG A 606 0.92 0.09 22.40
N LEU A 607 -0.21 0.67 22.77
CA LEU A 607 -0.25 1.81 23.65
C LEU A 607 0.00 1.36 25.09
N VAL A 608 0.65 2.24 25.84
CA VAL A 608 0.87 2.02 27.29
C VAL A 608 0.14 3.13 28.00
N THR A 609 -0.76 2.75 28.91
CA THR A 609 -1.67 3.65 29.47
C THR A 609 -1.50 3.70 31.01
N SER A 610 -1.92 4.84 31.55
CA SER A 610 -1.93 5.15 33.00
C SER A 610 -2.87 4.19 33.76
N THR A 611 -2.40 3.69 34.92
CA THR A 611 -3.20 2.94 35.84
C THR A 611 -3.63 3.81 37.04
N ARG A 612 -3.45 5.12 36.97
CA ARG A 612 -3.90 6.08 37.99
C ARG A 612 -4.70 7.24 37.40
N ALA A 613 -5.72 7.66 38.15
CA ALA A 613 -6.60 8.72 37.72
C ALA A 613 -5.90 10.08 37.70
N HIS A 614 -5.00 10.33 38.65
CA HIS A 614 -4.33 11.64 38.67
C HIS A 614 -3.03 11.47 39.49
N ALA A 615 -1.90 11.66 38.82
CA ALA A 615 -0.60 11.34 39.46
C ALA A 615 0.51 11.96 38.64
N LYS A 616 1.63 12.22 39.32
CA LYS A 616 2.85 12.50 38.68
C LYS A 616 3.44 11.18 38.19
N ILE A 617 4.10 11.25 37.02
CA ILE A 617 4.94 10.19 36.60
C ILE A 617 6.33 10.48 37.18
N THR A 618 6.78 9.63 38.10
CA THR A 618 8.04 9.87 38.77
C THR A 618 9.16 9.26 37.90
N SER A 619 8.89 8.13 37.24
CA SER A 619 9.91 7.49 36.42
C SER A 619 9.30 6.40 35.54
N ILE A 620 10.02 6.06 34.46
CA ILE A 620 9.61 4.94 33.58
C ILE A 620 10.79 3.99 33.42
N ASP A 621 10.55 2.70 33.64
CA ASP A 621 11.59 1.69 33.52
C ASP A 621 11.21 0.77 32.36
N THR A 622 12.01 0.78 31.30
CA THR A 622 11.74 -0.07 30.12
C THR A 622 12.65 -1.29 30.07
N SER A 623 13.36 -1.63 31.18
CA SER A 623 14.34 -2.71 31.15
C SER A 623 13.71 -4.05 30.76
N GLU A 624 12.55 -4.40 31.30
CA GLU A 624 11.93 -5.70 30.96
C GLU A 624 11.41 -5.66 29.51
N ALA A 625 10.85 -4.53 29.09
CA ALA A 625 10.35 -4.40 27.71
C ALA A 625 11.44 -4.71 26.70
N LYS A 626 12.63 -4.10 26.91
CA LYS A 626 13.80 -4.26 26.00
C LYS A 626 14.22 -5.73 25.82
N LYS A 627 13.88 -6.63 26.76
CA LYS A 627 14.28 -8.03 26.67
C LYS A 627 13.34 -8.84 25.79
N VAL A 628 12.15 -8.29 25.50
CA VAL A 628 11.17 -9.05 24.73
C VAL A 628 11.69 -9.17 23.29
N PRO A 629 11.72 -10.38 22.70
CA PRO A 629 12.16 -10.53 21.31
C PRO A 629 11.31 -9.60 20.40
N GLY A 630 11.96 -8.98 19.42
CA GLY A 630 11.35 -8.18 18.39
C GLY A 630 11.07 -6.76 18.82
N PHE A 631 11.36 -6.44 20.09
CA PHE A 631 11.18 -5.08 20.60
C PHE A 631 11.99 -4.09 19.76
N VAL A 632 11.37 -2.96 19.41
CA VAL A 632 12.05 -1.91 18.65
C VAL A 632 12.29 -0.67 19.50
N CYS A 633 11.24 -0.05 20.04
CA CYS A 633 11.41 1.15 20.83
C CYS A 633 10.15 1.41 21.67
N PHE A 634 10.31 2.28 22.67
CA PHE A 634 9.21 2.82 23.43
C PHE A 634 9.11 4.33 23.22
N LEU A 635 8.02 4.79 22.59
CA LEU A 635 7.84 6.18 22.30
C LEU A 635 7.14 6.86 23.49
N THR A 636 7.61 8.07 23.79
CA THR A 636 7.14 8.95 24.85
C THR A 636 7.09 10.38 24.30
N ALA A 637 6.68 11.32 25.15
CA ALA A 637 6.52 12.69 24.72
C ALA A 637 7.83 13.21 24.10
N GLU A 638 8.97 12.77 24.64
CA GLU A 638 10.29 13.28 24.20
C GLU A 638 10.51 12.98 22.71
N ASP A 639 9.81 11.96 22.19
CA ASP A 639 9.99 11.51 20.78
C ASP A 639 9.13 12.31 19.80
N VAL A 640 8.20 13.15 20.27
CA VAL A 640 7.32 13.92 19.39
C VAL A 640 8.18 14.96 18.68
N PRO A 641 8.24 15.00 17.33
CA PRO A 641 9.11 15.95 16.63
C PRO A 641 8.75 17.43 16.83
N ASN A 642 7.45 17.74 16.80
CA ASN A 642 6.98 19.10 16.81
C ASN A 642 6.14 19.33 18.08
N SER A 643 4.84 19.06 18.05
CA SER A 643 3.95 19.54 19.13
C SER A 643 3.31 18.33 19.81
N ASN A 644 3.34 18.33 21.15
CA ASN A 644 2.66 17.32 21.98
C ASN A 644 1.24 17.76 22.33
N ALA A 645 0.80 18.90 21.79
CA ALA A 645 -0.50 19.40 22.11
C ALA A 645 -1.45 19.01 20.96
N THR A 646 -2.53 18.31 21.30
CA THR A 646 -3.43 17.73 20.31
C THR A 646 -4.87 17.84 20.82
N GLY A 647 -5.81 17.24 20.08
CA GLY A 647 -7.20 17.27 20.51
C GLY A 647 -7.91 18.46 19.93
N LEU A 648 -9.25 18.40 19.88
CA LEU A 648 -10.04 19.37 19.18
C LEU A 648 -9.75 20.78 19.74
N PHE A 649 -9.55 20.90 21.05
CA PHE A 649 -9.36 22.23 21.70
C PHE A 649 -7.93 22.35 22.24
N ASN A 650 -7.04 21.47 21.74
CA ASN A 650 -5.61 21.62 21.91
C ASN A 650 -5.20 21.49 23.39
N ASP A 651 -5.95 20.72 24.20
CA ASP A 651 -5.74 20.58 25.65
C ASP A 651 -5.38 19.14 26.03
N GLU A 652 -5.00 18.32 25.03
CA GLU A 652 -4.67 16.96 25.21
C GLU A 652 -3.19 16.77 24.81
N THR A 653 -2.55 15.79 25.45
CA THR A 653 -1.22 15.36 25.09
C THR A 653 -1.32 14.27 24.01
N VAL A 654 -0.34 14.23 23.12
CA VAL A 654 -0.14 13.03 22.33
C VAL A 654 0.26 11.88 23.26
N PHE A 655 1.27 12.16 24.11
CA PHE A 655 1.76 11.26 25.11
C PHE A 655 1.91 12.04 26.43
N ALA A 656 1.51 11.41 27.54
CA ALA A 656 1.54 12.12 28.84
C ALA A 656 2.95 12.67 29.11
N LYS A 657 2.97 13.87 29.70
CA LYS A 657 4.17 14.64 30.00
C LYS A 657 4.06 15.03 31.49
N ASP A 658 4.86 14.37 32.33
CA ASP A 658 5.02 14.69 33.75
C ASP A 658 3.86 14.20 34.61
N GLU A 659 2.60 14.26 34.13
CA GLU A 659 1.47 13.79 34.93
C GLU A 659 0.46 13.05 34.04
N VAL A 660 -0.30 12.16 34.66
CA VAL A 660 -1.41 11.44 34.05
C VAL A 660 -2.70 11.98 34.68
N THR A 661 -3.77 12.05 33.88
CA THR A 661 -4.99 12.71 34.30
C THR A 661 -6.24 11.81 34.14
N CYS A 662 -6.07 10.53 33.82
CA CYS A 662 -7.12 9.51 33.93
C CYS A 662 -6.48 8.14 33.90
N VAL A 663 -7.20 7.13 34.42
CA VAL A 663 -6.89 5.76 34.15
C VAL A 663 -7.24 5.55 32.67
N GLY A 664 -6.25 5.18 31.86
CA GLY A 664 -6.40 5.14 30.40
C GLY A 664 -5.63 6.23 29.66
N HIS A 665 -5.04 7.18 30.38
CA HIS A 665 -4.23 8.23 29.72
C HIS A 665 -3.00 7.62 29.05
N ILE A 666 -2.79 7.88 27.75
CA ILE A 666 -1.72 7.25 27.00
C ILE A 666 -0.39 7.91 27.42
N ILE A 667 0.51 7.09 27.93
CA ILE A 667 1.84 7.56 28.35
C ILE A 667 2.84 7.39 27.21
N GLY A 668 2.70 6.30 26.47
CA GLY A 668 3.67 5.98 25.43
C GLY A 668 3.16 4.90 24.50
N ALA A 669 4.04 4.42 23.64
CA ALA A 669 3.70 3.32 22.78
C ALA A 669 4.93 2.46 22.54
N VAL A 670 4.79 1.14 22.72
CA VAL A 670 5.77 0.15 22.32
C VAL A 670 5.61 -0.17 20.84
N VAL A 671 6.75 -0.27 20.16
CA VAL A 671 6.85 -0.75 18.76
C VAL A 671 7.68 -2.02 18.77
N ALA A 672 7.11 -3.08 18.18
CA ALA A 672 7.76 -4.39 18.07
C ALA A 672 7.42 -4.98 16.70
N ASP A 673 7.98 -6.16 16.40
CA ASP A 673 7.71 -6.84 15.10
C ASP A 673 6.25 -7.32 15.06
N THR A 674 5.75 -7.99 16.12
CA THR A 674 4.41 -8.57 16.14
C THR A 674 3.52 -7.97 17.22
N PRO A 675 2.18 -8.09 17.09
CA PRO A 675 1.28 -7.63 18.14
C PRO A 675 1.55 -8.35 19.48
N GLU A 676 1.87 -9.65 19.39
CA GLU A 676 2.12 -10.48 20.60
C GLU A 676 3.37 -9.94 21.31
N HIS A 677 4.43 -9.65 20.55
CA HIS A 677 5.62 -9.09 21.16
C HIS A 677 5.37 -7.69 21.69
N ALA A 678 4.56 -6.90 20.97
CA ALA A 678 4.29 -5.55 21.46
C ALA A 678 3.50 -5.61 22.77
N GLN A 679 2.55 -6.55 22.90
CA GLN A 679 1.78 -6.74 24.10
C GLN A 679 2.74 -7.08 25.25
N ARG A 680 3.63 -8.05 25.02
CA ARG A 680 4.51 -8.53 26.11
C ARG A 680 5.43 -7.40 26.53
N ALA A 681 5.95 -6.65 25.55
CA ALA A 681 6.85 -5.52 25.86
C ALA A 681 6.11 -4.40 26.62
N ALA A 682 4.85 -4.09 26.26
CA ALA A 682 4.12 -3.10 26.99
C ALA A 682 3.97 -3.50 28.47
N ARG A 683 3.84 -4.79 28.74
CA ARG A 683 3.72 -5.24 30.14
C ARG A 683 5.03 -5.01 30.90
N GLY A 684 6.15 -4.95 30.19
CA GLY A 684 7.48 -4.73 30.79
C GLY A 684 7.86 -3.25 30.88
N VAL A 685 6.92 -2.34 30.58
CA VAL A 685 7.08 -0.94 30.84
C VAL A 685 6.50 -0.62 32.23
N LYS A 686 7.37 -0.35 33.19
CA LYS A 686 7.01 -0.17 34.60
C LYS A 686 7.00 1.32 34.91
N ILE A 687 5.87 1.83 35.37
CA ILE A 687 5.68 3.23 35.64
C ILE A 687 5.56 3.42 37.16
N THR A 688 6.25 4.43 37.67
CA THR A 688 6.15 4.76 39.10
C THR A 688 5.49 6.13 39.19
N TYR A 689 4.48 6.18 40.04
CA TYR A 689 3.63 7.31 40.17
C TYR A 689 3.69 7.92 41.58
N GLU A 690 3.32 9.19 41.65
CA GLU A 690 2.94 9.86 42.90
C GLU A 690 1.55 10.48 42.75
N ASP A 691 0.59 9.98 43.53
CA ASP A 691 -0.80 10.40 43.38
C ASP A 691 -1.01 11.88 43.69
N LEU A 692 -1.94 12.48 42.96
CA LEU A 692 -2.38 13.84 43.09
C LEU A 692 -3.88 13.79 43.30
N PRO A 693 -4.47 14.85 43.91
CA PRO A 693 -5.89 14.88 44.23
C PRO A 693 -6.68 14.64 42.93
N ALA A 694 -7.59 13.65 42.96
CA ALA A 694 -8.37 13.25 41.79
C ALA A 694 -9.79 13.83 41.91
N ILE A 695 -10.35 14.28 40.79
CA ILE A 695 -11.73 14.67 40.65
C ILE A 695 -12.40 13.69 39.68
N ILE A 696 -13.31 12.86 40.20
CA ILE A 696 -13.91 11.73 39.45
C ILE A 696 -15.36 12.08 39.03
N THR A 697 -16.17 12.43 40.03
CA THR A 697 -17.62 12.51 39.88
C THR A 697 -18.03 13.94 39.51
N ILE A 698 -19.24 14.05 38.97
CA ILE A 698 -19.85 15.31 38.75
C ILE A 698 -19.84 16.11 40.07
N GLN A 699 -20.23 15.49 41.19
CA GLN A 699 -20.24 16.20 42.50
C GLN A 699 -18.83 16.69 42.85
N ASP A 700 -17.80 15.87 42.60
CA ASP A 700 -16.41 16.24 42.89
C ASP A 700 -16.07 17.49 42.09
N ALA A 701 -16.52 17.56 40.83
CA ALA A 701 -16.23 18.67 39.94
C ALA A 701 -16.94 19.94 40.45
N ILE A 702 -18.22 19.80 40.83
CA ILE A 702 -19.00 20.92 41.35
C ILE A 702 -18.30 21.48 42.60
N ASN A 703 -17.85 20.60 43.49
CA ASN A 703 -17.16 20.95 44.74
C ASN A 703 -15.84 21.68 44.46
N ASN A 704 -15.18 21.34 43.35
CA ASN A 704 -13.84 21.86 43.07
C ASN A 704 -13.90 22.96 42.00
N ASN A 705 -15.10 23.33 41.56
CA ASN A 705 -15.27 24.31 40.50
C ASN A 705 -14.41 23.92 39.28
N SER A 706 -14.54 22.65 38.87
CA SER A 706 -13.73 22.06 37.79
C SER A 706 -14.63 21.80 36.57
N PHE A 707 -14.65 22.78 35.65
CA PHE A 707 -15.52 22.79 34.50
C PHE A 707 -14.74 23.16 33.24
N TYR A 708 -15.31 22.83 32.09
CA TYR A 708 -14.84 23.29 30.79
C TYR A 708 -15.62 24.55 30.45
N GLY A 709 -14.98 25.71 30.66
CA GLY A 709 -15.58 26.95 30.32
C GLY A 709 -16.76 27.33 31.23
N SER A 710 -17.51 28.31 30.72
CA SER A 710 -18.61 28.99 31.38
C SER A 710 -19.90 28.16 31.31
N GLU A 711 -20.84 28.55 32.16
CA GLU A 711 -22.22 28.07 32.06
C GLU A 711 -22.81 28.48 30.72
N ILE A 712 -23.52 27.53 30.10
CA ILE A 712 -24.28 27.75 28.92
C ILE A 712 -25.76 27.87 29.31
N LYS A 713 -26.48 28.80 28.71
CA LYS A 713 -27.87 29.12 29.13
C LYS A 713 -28.78 29.49 27.95
N ILE A 714 -30.02 29.00 27.99
CA ILE A 714 -31.07 29.46 27.15
C ILE A 714 -32.23 29.81 28.10
N GLU A 715 -32.75 31.03 27.95
CA GLU A 715 -33.94 31.40 28.73
C GLU A 715 -34.87 32.22 27.85
N LYS A 716 -36.18 32.09 28.11
CA LYS A 716 -37.20 32.80 27.41
C LYS A 716 -38.38 33.01 28.37
N GLY A 717 -39.00 34.17 28.25
CA GLY A 717 -40.18 34.50 29.06
C GLY A 717 -39.82 34.93 30.45
N ASP A 718 -40.81 34.81 31.34
CA ASP A 718 -40.65 35.28 32.72
C ASP A 718 -40.84 34.14 33.73
N LEU A 719 -39.72 33.66 34.29
CA LEU A 719 -39.75 32.48 35.12
C LEU A 719 -40.52 32.72 36.42
N LYS A 720 -40.20 33.82 37.12
CA LYS A 720 -40.77 34.07 38.47
C LYS A 720 -42.29 34.16 38.34
N LYS A 721 -42.73 34.83 37.29
CA LYS A 721 -44.14 34.98 36.96
C LYS A 721 -44.79 33.60 36.69
N GLY A 722 -44.17 32.78 35.83
CA GLY A 722 -44.74 31.49 35.47
C GLY A 722 -44.93 30.58 36.67
N PHE A 723 -43.92 30.52 37.54
CA PHE A 723 -44.01 29.72 38.76
C PHE A 723 -45.11 30.29 39.68
N SER A 724 -45.25 31.62 39.75
CA SER A 724 -46.26 32.22 40.62
C SER A 724 -47.68 31.84 40.14
N GLU A 725 -47.90 31.74 38.81
CA GLU A 725 -49.21 31.44 38.22
C GLU A 725 -49.55 29.94 38.23
N ALA A 726 -48.56 29.08 38.52
CA ALA A 726 -48.72 27.64 38.36
C ALA A 726 -49.61 27.09 39.46
N ASP A 727 -50.54 26.19 39.13
CA ASP A 727 -51.31 25.52 40.17
C ASP A 727 -50.40 24.61 40.97
N ASN A 728 -49.40 23.97 40.30
CA ASN A 728 -48.59 22.96 40.88
C ASN A 728 -47.11 23.17 40.47
N VAL A 729 -46.21 22.75 41.36
CA VAL A 729 -44.75 22.82 41.16
C VAL A 729 -44.11 21.54 41.70
N VAL A 730 -43.32 20.89 40.81
CA VAL A 730 -42.62 19.66 41.13
C VAL A 730 -41.14 19.89 40.79
N SER A 731 -40.30 19.46 41.74
CA SER A 731 -38.85 19.53 41.68
C SER A 731 -38.34 18.11 41.76
N GLY A 732 -37.19 17.88 41.11
CA GLY A 732 -36.50 16.63 41.33
C GLY A 732 -35.17 16.62 40.59
N GLU A 733 -34.54 15.44 40.60
CA GLU A 733 -33.28 15.24 39.87
C GLU A 733 -33.42 13.97 39.04
N LEU A 734 -32.58 13.89 38.00
CA LEU A 734 -32.43 12.65 37.24
C LEU A 734 -30.96 12.48 36.87
N TYR A 735 -30.51 11.24 36.96
CA TYR A 735 -29.16 10.84 36.54
C TYR A 735 -29.28 9.91 35.33
N ILE A 736 -28.46 10.15 34.29
CA ILE A 736 -28.43 9.33 33.12
C ILE A 736 -26.98 8.80 32.92
N GLY A 737 -26.82 7.47 32.92
CA GLY A 737 -25.53 6.82 32.71
C GLY A 737 -25.08 7.04 31.28
N GLY A 738 -23.76 6.95 31.05
CA GLY A 738 -23.16 7.11 29.73
C GLY A 738 -23.37 5.87 28.88
N GLN A 739 -22.49 5.67 27.89
CA GLN A 739 -22.70 4.57 26.94
C GLN A 739 -21.41 4.37 26.17
N GLU A 740 -21.02 3.11 26.02
CA GLU A 740 -19.89 2.71 25.14
C GLU A 740 -20.46 2.44 23.72
N HIS A 741 -19.78 2.98 22.71
CA HIS A 741 -20.21 2.79 21.32
C HIS A 741 -20.33 1.32 20.92
N PHE A 742 -19.32 0.53 21.29
CA PHE A 742 -19.25 -0.88 20.96
C PHE A 742 -19.48 -1.04 19.45
N TYR A 743 -18.82 -0.18 18.65
CA TYR A 743 -18.61 -0.47 17.22
C TYR A 743 -17.95 -1.84 17.17
N LEU A 744 -18.42 -2.72 16.28
CA LEU A 744 -17.87 -4.07 16.33
C LEU A 744 -16.40 -4.10 15.90
N GLU A 745 -16.01 -3.19 14.99
CA GLU A 745 -14.60 -2.97 14.64
C GLU A 745 -14.03 -1.86 15.52
N THR A 746 -13.05 -2.18 16.37
CA THR A 746 -12.44 -1.18 17.20
C THR A 746 -11.60 -0.22 16.35
N ASN A 747 -10.99 0.75 17.03
CA ASN A 747 -10.11 1.72 16.41
C ASN A 747 -8.87 1.02 15.84
N CYS A 748 -8.50 1.45 14.61
CA CYS A 748 -7.42 0.87 13.86
C CYS A 748 -6.78 1.95 12.99
N THR A 749 -5.44 1.94 12.91
CA THR A 749 -4.70 2.77 11.92
C THR A 749 -3.49 1.99 11.40
N ILE A 750 -3.26 2.11 10.07
CA ILE A 750 -2.01 1.72 9.44
C ILE A 750 -1.38 3.01 8.91
N ALA A 751 -0.12 3.28 9.26
CA ALA A 751 0.60 4.45 8.76
C ALA A 751 1.77 3.97 7.92
N VAL A 752 1.82 4.48 6.69
CA VAL A 752 2.78 4.07 5.68
C VAL A 752 3.64 5.29 5.36
N PRO A 753 4.89 5.32 5.84
CA PRO A 753 5.78 6.45 5.56
C PRO A 753 6.35 6.27 4.15
N LYS A 754 6.57 7.39 3.45
CA LYS A 754 7.02 7.34 2.06
C LYS A 754 8.47 7.77 1.92
N GLY A 755 9.14 8.20 3.00
CA GLY A 755 10.59 8.41 2.91
C GLY A 755 11.01 9.67 2.19
N GLU A 756 10.06 10.41 1.63
CA GLU A 756 10.28 11.70 0.92
C GLU A 756 9.44 12.78 1.52
N ALA A 757 10.09 13.93 1.80
CA ALA A 757 9.44 15.16 2.06
C ALA A 757 8.38 15.04 3.18
N GLY A 758 8.56 14.08 4.08
CA GLY A 758 7.65 13.88 5.20
C GLY A 758 6.31 13.28 4.79
N GLU A 759 6.22 12.72 3.58
CA GLU A 759 4.95 12.19 3.03
C GLU A 759 4.59 10.93 3.82
N MET A 760 3.31 10.80 4.16
CA MET A 760 2.80 9.63 4.84
C MET A 760 1.36 9.42 4.39
N GLU A 761 0.95 8.13 4.26
CA GLU A 761 -0.42 7.78 3.92
C GLU A 761 -0.93 6.95 5.11
N LEU A 762 -2.15 7.22 5.57
CA LEU A 762 -2.71 6.49 6.69
C LEU A 762 -4.06 5.88 6.25
N PHE A 763 -4.24 4.63 6.63
CA PHE A 763 -5.50 3.88 6.42
C PHE A 763 -6.14 3.74 7.78
N VAL A 764 -7.33 4.34 7.96
CA VAL A 764 -7.83 4.55 9.29
C VAL A 764 -9.31 4.22 9.34
N SER A 765 -9.71 3.61 10.47
CA SER A 765 -11.13 3.49 10.76
C SER A 765 -11.58 4.79 11.46
N THR A 766 -11.90 5.82 10.70
CA THR A 766 -12.28 7.12 11.25
C THR A 766 -13.43 7.77 10.50
N GLN A 767 -14.25 8.52 11.26
CA GLN A 767 -15.28 9.38 10.70
C GLN A 767 -14.71 10.77 10.31
N ASN A 768 -13.43 11.04 10.64
CA ASN A 768 -12.90 12.41 10.54
C ASN A 768 -11.51 12.38 9.92
N THR A 769 -11.48 12.25 8.59
CA THR A 769 -10.23 12.25 7.87
C THR A 769 -9.49 13.59 8.05
N MET A 770 -10.21 14.71 8.05
CA MET A 770 -9.59 16.07 8.14
C MET A 770 -8.81 16.23 9.46
N LYS A 771 -9.43 15.91 10.60
CA LYS A 771 -8.76 16.08 11.88
C LYS A 771 -7.67 15.04 12.07
N THR A 772 -7.87 13.82 11.53
CA THR A 772 -6.80 12.87 11.54
C THR A 772 -5.53 13.45 10.86
N GLN A 773 -5.72 13.98 9.67
CA GLN A 773 -4.61 14.52 8.84
C GLN A 773 -3.95 15.71 9.56
N SER A 774 -4.79 16.65 10.03
CA SER A 774 -4.34 17.88 10.79
C SER A 774 -3.53 17.49 12.01
N PHE A 775 -4.06 16.54 12.78
CA PHE A 775 -3.40 16.19 14.06
C PHE A 775 -2.08 15.47 13.81
N VAL A 776 -2.00 14.60 12.79
CA VAL A 776 -0.76 13.92 12.43
C VAL A 776 0.27 14.96 11.95
N ALA A 777 -0.13 15.86 11.07
CA ALA A 777 0.77 16.84 10.49
C ALA A 777 1.35 17.77 11.57
N LYS A 778 0.49 18.19 12.51
CA LYS A 778 0.91 19.06 13.64
C LYS A 778 1.93 18.34 14.54
N MET A 779 1.68 17.06 14.86
CA MET A 779 2.53 16.31 15.73
C MET A 779 3.90 16.14 15.05
N LEU A 780 3.91 15.89 13.76
CA LEU A 780 5.16 15.67 13.00
C LEU A 780 5.85 17.00 12.69
N GLY A 781 5.10 18.09 12.61
CA GLY A 781 5.59 19.39 12.17
C GLY A 781 5.80 19.46 10.66
N VAL A 782 4.91 18.82 9.90
CA VAL A 782 4.96 18.90 8.44
C VAL A 782 3.64 19.51 7.97
N PRO A 783 3.62 20.13 6.77
CA PRO A 783 2.37 20.68 6.22
C PRO A 783 1.29 19.58 5.96
N ASP A 784 0.02 20.02 5.99
CA ASP A 784 -1.11 19.10 5.72
C ASP A 784 -0.94 18.42 4.34
N ASN A 785 -0.31 19.09 3.38
CA ASN A 785 -0.20 18.60 2.02
C ASN A 785 0.68 17.34 1.92
N ARG A 786 1.40 16.98 2.98
CA ARG A 786 2.26 15.80 3.00
C ARG A 786 1.49 14.55 3.47
N ILE A 787 0.33 14.75 4.09
CA ILE A 787 -0.34 13.68 4.85
C ILE A 787 -1.64 13.33 4.14
N VAL A 788 -1.81 12.04 3.81
CA VAL A 788 -3.05 11.57 3.16
C VAL A 788 -3.70 10.59 4.10
N VAL A 789 -5.02 10.76 4.33
CA VAL A 789 -5.79 9.87 5.19
C VAL A 789 -6.89 9.25 4.33
N ARG A 790 -6.94 7.91 4.34
CA ARG A 790 -7.86 7.14 3.49
C ARG A 790 -8.74 6.26 4.38
N VAL A 791 -10.04 6.27 4.06
CA VAL A 791 -11.02 5.45 4.75
C VAL A 791 -11.85 4.75 3.66
N LYS A 792 -11.77 3.42 3.60
CA LYS A 792 -12.67 2.68 2.72
C LYS A 792 -14.02 2.50 3.44
N ARG A 793 -13.95 1.93 4.63
CA ARG A 793 -15.12 1.76 5.50
C ARG A 793 -14.71 1.58 6.95
N MET A 794 -15.70 1.81 7.85
CA MET A 794 -15.59 1.44 9.26
C MET A 794 -16.60 0.36 9.58
N GLY A 795 -16.23 -0.56 10.47
CA GLY A 795 -17.15 -1.47 11.11
C GLY A 795 -17.85 -0.78 12.28
N GLY A 796 -18.58 0.30 11.96
CA GLY A 796 -19.30 1.09 12.95
C GLY A 796 -18.47 2.26 13.44
N GLY A 797 -19.16 3.34 13.79
CA GLY A 797 -18.50 4.51 14.38
C GLY A 797 -19.35 5.13 15.48
N PHE A 798 -20.56 5.54 15.09
CA PHE A 798 -21.60 5.99 16.05
C PHE A 798 -21.22 7.28 16.80
N GLY A 799 -20.26 8.04 16.29
CA GLY A 799 -19.69 9.22 16.96
C GLY A 799 -18.39 8.92 17.69
N GLY A 800 -18.10 7.65 18.04
CA GLY A 800 -16.90 7.31 18.77
C GLY A 800 -15.64 7.40 17.94
N LYS A 801 -15.77 7.56 16.62
CA LYS A 801 -14.65 7.72 15.75
C LYS A 801 -14.69 9.10 15.08
N GLU A 802 -15.49 10.02 15.63
CA GLU A 802 -15.50 11.42 15.17
C GLU A 802 -14.20 12.12 15.56
N THR A 803 -13.67 11.86 16.76
CA THR A 803 -12.41 12.50 17.19
C THR A 803 -11.46 11.49 17.84
N ARG A 804 -11.98 10.52 18.58
CA ARG A 804 -11.15 9.77 19.52
C ARG A 804 -10.29 8.74 18.78
N SER A 805 -10.54 8.55 17.46
CA SER A 805 -9.70 7.67 16.66
C SER A 805 -8.28 8.24 16.62
N THR A 806 -8.18 9.56 16.73
CA THR A 806 -6.87 10.19 16.44
C THR A 806 -5.80 9.82 17.49
N VAL A 807 -6.21 9.37 18.69
CA VAL A 807 -5.21 9.07 19.73
C VAL A 807 -4.40 7.84 19.30
N VAL A 808 -5.00 6.94 18.49
CA VAL A 808 -4.27 5.83 17.92
C VAL A 808 -3.49 6.32 16.69
N SER A 809 -4.16 7.07 15.81
CA SER A 809 -3.56 7.50 14.54
C SER A 809 -2.23 8.24 14.80
N THR A 810 -2.21 9.14 15.78
CA THR A 810 -1.01 9.98 15.99
C THR A 810 0.17 9.12 16.49
N ALA A 811 -0.08 8.19 17.39
CA ALA A 811 0.89 7.28 17.92
C ALA A 811 1.50 6.42 16.79
N LEU A 812 0.63 5.84 15.97
CA LEU A 812 1.12 5.01 14.87
C LEU A 812 1.93 5.83 13.83
N ALA A 813 1.45 7.04 13.49
CA ALA A 813 2.14 7.94 12.57
C ALA A 813 3.55 8.25 13.10
N LEU A 814 3.68 8.51 14.41
CA LEU A 814 5.01 8.80 14.97
C LEU A 814 5.95 7.60 14.79
N ALA A 815 5.42 6.42 15.07
CA ALA A 815 6.18 5.19 14.97
C ALA A 815 6.67 5.03 13.53
N ALA A 816 5.78 5.23 12.54
CA ALA A 816 6.16 5.08 11.19
C ALA A 816 7.21 6.13 10.80
N HIS A 817 7.04 7.38 11.26
CA HIS A 817 8.04 8.43 10.98
C HIS A 817 9.43 8.08 11.53
N LYS A 818 9.46 7.63 12.77
CA LYS A 818 10.70 7.31 13.46
C LYS A 818 11.42 6.12 12.86
N THR A 819 10.71 5.06 12.48
CA THR A 819 11.32 3.86 11.96
C THR A 819 11.51 3.91 10.46
N GLY A 820 10.72 4.71 9.72
CA GLY A 820 10.70 4.65 8.29
C GLY A 820 10.01 3.40 7.77
N ARG A 821 9.28 2.70 8.64
CA ARG A 821 8.57 1.47 8.28
C ARG A 821 7.06 1.66 8.47
N PRO A 822 6.23 0.97 7.68
CA PRO A 822 4.80 0.91 7.96
C PRO A 822 4.60 0.37 9.39
N VAL A 823 3.59 0.90 10.10
CA VAL A 823 3.27 0.46 11.42
C VAL A 823 1.73 0.39 11.50
N ARG A 824 1.25 -0.60 12.28
CA ARG A 824 -0.16 -0.88 12.46
C ARG A 824 -0.52 -1.00 13.94
N CYS A 825 -1.75 -0.58 14.30
CA CYS A 825 -2.30 -0.84 15.60
C CYS A 825 -3.81 -0.98 15.44
N MET A 826 -4.35 -2.10 15.90
CA MET A 826 -5.78 -2.23 16.10
C MET A 826 -5.98 -2.45 17.59
N LEU A 827 -6.83 -1.66 18.20
CA LEU A 827 -7.07 -1.82 19.67
C LEU A 827 -7.79 -3.14 19.94
N ASP A 828 -7.39 -3.79 21.03
CA ASP A 828 -8.21 -4.82 21.64
C ASP A 828 -9.42 -4.18 22.29
N ARG A 829 -10.48 -4.96 22.50
CA ARG A 829 -11.71 -4.34 22.97
C ARG A 829 -11.47 -3.66 24.33
N ASP A 830 -10.69 -4.32 25.19
CA ASP A 830 -10.51 -3.73 26.57
C ASP A 830 -9.80 -2.37 26.49
N GLU A 831 -8.75 -2.30 25.67
CA GLU A 831 -8.07 -1.05 25.39
C GLU A 831 -9.00 0.03 24.86
N ASP A 832 -9.79 -0.32 23.84
CA ASP A 832 -10.70 0.60 23.19
C ASP A 832 -11.73 1.13 24.19
N MET A 833 -12.35 0.22 24.96
CA MET A 833 -13.36 0.63 25.91
C MET A 833 -12.77 1.57 26.99
N LEU A 834 -11.51 1.33 27.37
CA LEU A 834 -10.84 2.17 28.43
C LEU A 834 -10.48 3.56 27.89
N ILE A 835 -9.77 3.60 26.77
CA ILE A 835 -9.11 4.80 26.28
C ILE A 835 -10.09 5.78 25.64
N THR A 836 -11.06 5.30 24.83
CA THR A 836 -11.73 6.16 23.86
C THR A 836 -13.00 6.87 24.35
N GLY A 837 -13.46 6.60 25.57
CA GLY A 837 -14.57 7.36 26.15
C GLY A 837 -15.91 7.00 25.50
N GLY A 838 -16.96 7.72 25.85
CA GLY A 838 -18.31 7.37 25.49
C GLY A 838 -19.26 8.54 25.53
N ARG A 839 -20.56 8.19 25.55
CA ARG A 839 -21.59 9.15 25.77
C ARG A 839 -21.38 9.76 27.17
N HIS A 840 -21.83 11.01 27.30
CA HIS A 840 -21.68 11.79 28.53
C HIS A 840 -22.76 11.41 29.52
N PRO A 841 -22.40 10.95 30.73
CA PRO A 841 -23.35 10.91 31.84
C PRO A 841 -23.88 12.32 32.09
N PHE A 842 -25.17 12.42 32.42
CA PHE A 842 -25.81 13.69 32.77
C PHE A 842 -26.46 13.57 34.17
N LEU A 843 -26.35 14.64 34.95
CA LEU A 843 -27.16 14.88 36.17
C LEU A 843 -27.96 16.13 35.90
N ALA A 844 -29.27 16.06 36.13
CA ALA A 844 -30.13 17.19 35.93
C ALA A 844 -30.97 17.49 37.17
N LYS A 845 -31.16 18.78 37.43
CA LYS A 845 -31.98 19.28 38.55
C LYS A 845 -33.07 20.15 37.92
N TYR A 846 -34.33 19.72 38.07
CA TYR A 846 -35.45 20.36 37.39
C TYR A 846 -36.51 20.84 38.38
N LYS A 847 -37.24 21.84 37.91
CA LYS A 847 -38.40 22.41 38.58
C LYS A 847 -39.43 22.77 37.52
N VAL A 848 -40.65 22.21 37.61
CA VAL A 848 -41.61 22.44 36.63
C VAL A 848 -42.89 22.94 37.28
N GLY A 849 -43.44 23.99 36.67
CA GLY A 849 -44.74 24.58 37.06
C GLY A 849 -45.78 24.32 36.00
N PHE A 850 -46.97 23.89 36.46
CA PHE A 850 -47.99 23.51 35.59
C PHE A 850 -49.37 23.72 36.22
N MET A 851 -50.37 23.71 35.34
CA MET A 851 -51.80 23.88 35.71
C MET A 851 -52.43 22.50 36.00
N LYS A 852 -53.60 22.50 36.64
CA LYS A 852 -54.29 21.24 36.96
C LYS A 852 -54.68 20.50 35.68
N THR A 853 -54.79 21.24 34.59
CA THR A 853 -55.08 20.71 33.27
C THR A 853 -53.89 19.96 32.65
N GLY A 854 -52.71 20.03 33.26
CA GLY A 854 -51.47 19.42 32.70
C GLY A 854 -50.64 20.39 31.86
N THR A 855 -51.17 21.58 31.59
CA THR A 855 -50.46 22.58 30.79
C THR A 855 -49.26 23.06 31.60
N VAL A 856 -48.07 23.03 30.96
CA VAL A 856 -46.86 23.44 31.58
C VAL A 856 -46.67 24.95 31.33
N VAL A 857 -46.36 25.70 32.40
CA VAL A 857 -46.21 27.14 32.29
C VAL A 857 -44.81 27.61 32.72
N ALA A 858 -44.00 26.78 33.38
CA ALA A 858 -42.66 27.19 33.82
C ALA A 858 -41.76 25.97 33.97
N LEU A 859 -40.50 26.14 33.55
CA LEU A 859 -39.54 25.09 33.66
C LEU A 859 -38.14 25.70 33.84
N GLU A 860 -37.44 25.18 34.82
CA GLU A 860 -36.03 25.49 35.04
C GLU A 860 -35.28 24.16 35.18
N VAL A 861 -34.21 23.96 34.36
CA VAL A 861 -33.44 22.76 34.45
C VAL A 861 -31.94 23.12 34.46
N ALA A 862 -31.21 22.62 35.44
CA ALA A 862 -29.75 22.72 35.47
C ALA A 862 -29.17 21.36 35.10
N HIS A 863 -28.36 21.34 34.03
CA HIS A 863 -27.73 20.15 33.52
C HIS A 863 -26.23 20.18 33.84
N PHE A 864 -25.70 19.05 34.24
CA PHE A 864 -24.30 18.77 34.42
C PHE A 864 -23.92 17.51 33.64
N SER A 865 -22.81 17.58 32.92
CA SER A 865 -22.26 16.39 32.30
C SER A 865 -20.85 16.10 32.83
N ASN A 866 -20.46 14.84 32.71
CA ASN A 866 -19.16 14.42 33.08
C ASN A 866 -18.34 14.33 31.79
N GLY A 867 -17.44 15.30 31.57
CA GLY A 867 -16.71 15.40 30.29
C GLY A 867 -15.42 14.57 30.27
N GLY A 868 -14.89 14.19 31.43
CA GLY A 868 -13.57 13.58 31.48
C GLY A 868 -12.46 14.60 31.23
N ASN A 869 -11.32 14.11 30.75
CA ASN A 869 -10.00 14.81 30.97
C ASN A 869 -9.52 15.66 29.79
N THR A 870 -10.33 15.80 28.72
CA THR A 870 -10.11 16.80 27.68
C THR A 870 -11.46 17.39 27.30
N GLU A 871 -11.47 18.60 26.73
CA GLU A 871 -12.74 19.19 26.32
C GLU A 871 -13.43 18.36 25.23
N ASP A 872 -12.70 18.03 24.16
CA ASP A 872 -13.28 17.34 22.98
C ASP A 872 -14.60 18.04 22.60
N LEU A 873 -15.69 17.30 22.37
CA LEU A 873 -16.93 17.84 21.82
C LEU A 873 -17.93 18.23 22.92
N SER A 874 -17.47 18.17 24.15
CA SER A 874 -18.35 18.26 25.36
C SER A 874 -19.23 19.51 25.36
N ARG A 875 -18.71 20.69 24.96
CA ARG A 875 -19.50 21.92 25.04
C ARG A 875 -20.59 21.95 23.97
N SER A 876 -20.34 21.40 22.79
CA SER A 876 -21.31 21.32 21.73
C SER A 876 -22.42 20.32 22.08
N ILE A 877 -22.04 19.24 22.76
CA ILE A 877 -22.96 18.18 23.22
C ILE A 877 -23.93 18.86 24.21
N MET A 878 -23.37 19.67 25.14
CA MET A 878 -24.28 20.34 26.07
C MET A 878 -25.20 21.35 25.37
N GLU A 879 -24.69 22.11 24.38
CA GLU A 879 -25.51 23.00 23.64
C GLU A 879 -26.69 22.23 23.03
N ARG A 880 -26.41 21.05 22.44
CA ARG A 880 -27.48 20.25 21.79
C ARG A 880 -28.47 19.76 22.85
N ALA A 881 -28.00 19.40 24.04
CA ALA A 881 -28.91 19.00 25.09
C ALA A 881 -29.85 20.17 25.42
N LEU A 882 -29.28 21.36 25.55
CA LEU A 882 -30.10 22.54 25.84
C LEU A 882 -31.05 22.84 24.68
N PHE A 883 -30.64 22.64 23.40
CA PHE A 883 -31.52 22.92 22.30
C PHE A 883 -32.72 21.94 22.29
N HIS A 884 -32.65 20.83 23.05
CA HIS A 884 -33.70 19.83 23.02
C HIS A 884 -34.36 19.62 24.38
N MET A 885 -34.18 20.55 25.31
CA MET A 885 -34.72 20.39 26.67
C MET A 885 -36.25 20.56 26.64
N ASP A 886 -36.77 21.05 25.52
CA ASP A 886 -38.23 21.20 25.24
C ASP A 886 -38.85 19.87 24.81
N ASN A 887 -38.02 18.94 24.31
CA ASN A 887 -38.47 17.86 23.39
C ASN A 887 -39.53 18.40 22.41
N ALA A 888 -40.81 17.98 22.58
CA ALA A 888 -41.89 18.29 21.62
C ALA A 888 -42.81 19.41 22.13
N TYR A 889 -42.43 20.11 23.19
CA TYR A 889 -43.39 20.87 24.05
C TYR A 889 -43.07 22.37 24.03
N LYS A 890 -44.13 23.15 23.87
CA LYS A 890 -44.16 24.62 23.98
C LYS A 890 -44.24 24.97 25.46
N ILE A 891 -43.23 25.71 25.94
CA ILE A 891 -43.11 26.11 27.35
C ILE A 891 -42.81 27.61 27.40
N PRO A 892 -43.78 28.44 27.82
CA PRO A 892 -43.65 29.90 27.66
C PRO A 892 -42.55 30.55 28.50
N ASN A 893 -42.30 30.00 29.68
CA ASN A 893 -41.33 30.51 30.64
C ASN A 893 -40.37 29.37 30.96
N ILE A 894 -39.13 29.53 30.49
CA ILE A 894 -38.18 28.44 30.45
C ILE A 894 -36.76 28.97 30.63
N ARG A 895 -36.03 28.25 31.46
CA ARG A 895 -34.61 28.47 31.74
C ARG A 895 -33.86 27.13 31.83
N GLY A 896 -32.90 26.96 30.92
CA GLY A 896 -32.01 25.86 30.96
C GLY A 896 -30.57 26.32 31.05
N THR A 897 -29.83 25.66 31.94
CA THR A 897 -28.38 25.81 32.06
C THR A 897 -27.68 24.47 31.87
N GLY A 898 -26.43 24.54 31.41
CA GLY A 898 -25.54 23.42 31.38
C GLY A 898 -24.12 23.80 31.78
N ARG A 899 -23.51 22.90 32.53
CA ARG A 899 -22.10 22.98 32.90
C ARG A 899 -21.44 21.63 32.55
N ILE A 900 -20.26 21.70 31.93
CA ILE A 900 -19.49 20.50 31.63
C ILE A 900 -18.39 20.33 32.67
N CYS A 901 -18.43 19.20 33.39
CA CYS A 901 -17.50 18.89 34.39
C CYS A 901 -16.20 18.38 33.80
N LYS A 902 -15.07 18.90 34.31
CA LYS A 902 -13.73 18.45 33.97
C LYS A 902 -13.23 17.50 35.07
N THR A 903 -12.98 16.23 34.71
CA THR A 903 -12.72 15.20 35.64
C THR A 903 -11.54 14.34 35.17
N ASN A 904 -11.02 13.53 36.11
CA ASN A 904 -9.93 12.58 35.88
C ASN A 904 -10.48 11.21 35.43
N LEU A 905 -11.18 11.27 34.28
CA LEU A 905 -11.74 10.13 33.61
C LEU A 905 -11.42 10.24 32.13
N PRO A 906 -11.41 9.14 31.38
CA PRO A 906 -11.28 9.25 29.92
C PRO A 906 -12.27 10.28 29.36
N SER A 907 -11.83 10.99 28.31
CA SER A 907 -12.58 12.05 27.72
C SER A 907 -13.80 11.48 27.01
N ASN A 908 -14.99 11.99 27.34
CA ASN A 908 -16.20 11.60 26.67
C ASN A 908 -16.40 12.44 25.43
N THR A 909 -17.19 11.90 24.48
CA THR A 909 -17.20 12.39 23.16
C THR A 909 -18.57 12.23 22.53
N ALA A 910 -18.61 12.36 21.20
CA ALA A 910 -19.88 12.21 20.45
C ALA A 910 -20.38 10.78 20.60
N PHE A 911 -21.69 10.64 20.77
CA PHE A 911 -22.40 9.35 20.55
C PHE A 911 -23.77 9.71 19.98
N ARG A 912 -24.08 9.08 18.84
CA ARG A 912 -25.31 9.18 18.08
C ARG A 912 -26.40 9.81 18.95
N GLY A 913 -26.78 11.05 18.66
CA GLY A 913 -27.70 11.84 19.51
C GLY A 913 -27.04 13.09 20.06
N PHE A 914 -25.80 12.96 20.52
CA PHE A 914 -24.90 14.10 20.73
C PHE A 914 -25.54 15.03 21.75
N GLY A 915 -25.97 14.48 22.88
CA GLY A 915 -26.63 15.30 23.94
C GLY A 915 -28.15 15.41 23.82
N GLY A 916 -28.70 15.24 22.63
CA GLY A 916 -30.13 15.28 22.43
C GLY A 916 -30.86 14.27 23.31
N PRO A 917 -30.47 12.98 23.29
CA PRO A 917 -31.17 11.97 24.10
C PRO A 917 -31.19 12.30 25.60
N GLN A 918 -30.07 12.83 26.13
CA GLN A 918 -30.00 13.22 27.57
C GLN A 918 -31.00 14.35 27.84
N GLY A 919 -30.94 15.42 27.02
CA GLY A 919 -31.85 16.56 27.16
C GLY A 919 -33.32 16.16 27.10
N MET A 920 -33.66 15.27 26.16
CA MET A 920 -35.04 14.94 25.95
C MET A 920 -35.51 13.95 27.03
N LEU A 921 -34.63 13.09 27.56
CA LEU A 921 -35.05 12.12 28.58
C LEU A 921 -35.46 12.91 29.85
N ILE A 922 -34.66 13.91 30.16
CA ILE A 922 -35.01 14.81 31.30
C ILE A 922 -36.39 15.43 31.06
N ALA A 923 -36.66 16.00 29.86
CA ALA A 923 -37.96 16.58 29.55
C ALA A 923 -39.08 15.54 29.75
N GLU A 924 -38.91 14.33 29.21
CA GLU A 924 -40.00 13.35 29.36
C GLU A 924 -40.14 12.94 30.83
N TYR A 925 -39.07 12.95 31.61
CA TYR A 925 -39.12 12.51 32.94
C TYR A 925 -39.98 13.45 33.79
N TRP A 926 -39.73 14.76 33.74
CA TRP A 926 -40.63 15.67 34.48
C TRP A 926 -42.02 15.67 33.84
N MET A 927 -42.12 15.47 32.51
CA MET A 927 -43.43 15.39 31.87
C MET A 927 -44.26 14.23 32.43
N SER A 928 -43.61 13.08 32.68
CA SER A 928 -44.22 11.90 33.32
C SER A 928 -44.79 12.26 34.70
N GLU A 929 -44.09 13.13 35.44
CA GLU A 929 -44.50 13.51 36.79
C GLU A 929 -45.62 14.55 36.74
N VAL A 930 -45.61 15.38 35.71
CA VAL A 930 -46.72 16.31 35.49
C VAL A 930 -48.01 15.50 35.34
N ALA A 931 -48.00 14.48 34.48
CA ALA A 931 -49.22 13.71 34.23
C ALA A 931 -49.69 12.99 35.51
N ILE A 932 -48.77 12.43 36.25
CA ILE A 932 -49.13 11.69 37.44
C ILE A 932 -49.68 12.67 38.46
N THR A 933 -49.03 13.84 38.60
CA THR A 933 -49.48 14.81 39.61
C THR A 933 -50.91 15.29 39.30
N CYS A 934 -51.22 15.51 38.03
CA CYS A 934 -52.53 15.98 37.59
C CYS A 934 -53.59 14.88 37.61
N GLY A 935 -53.17 13.60 37.63
CA GLY A 935 -54.04 12.43 37.53
C GLY A 935 -54.70 12.34 36.18
N LEU A 936 -53.99 12.79 35.12
CA LEU A 936 -54.57 12.80 33.78
C LEU A 936 -53.80 11.82 32.90
N PRO A 937 -54.42 11.24 31.87
CA PRO A 937 -53.71 10.31 30.98
C PRO A 937 -52.47 11.00 30.38
N ALA A 938 -51.35 10.30 30.43
CA ALA A 938 -50.06 10.90 30.04
C ALA A 938 -50.10 11.32 28.57
N GLU A 939 -50.77 10.56 27.67
CA GLU A 939 -50.83 10.90 26.26
C GLU A 939 -51.62 12.19 26.05
N GLU A 940 -52.59 12.48 26.92
CA GLU A 940 -53.39 13.69 26.75
C GLU A 940 -52.56 14.90 27.19
N VAL A 941 -51.77 14.73 28.25
CA VAL A 941 -50.96 15.76 28.78
C VAL A 941 -49.87 16.12 27.75
N ARG A 942 -49.22 15.09 27.22
CA ARG A 942 -48.18 15.36 26.21
C ARG A 942 -48.81 16.06 24.99
N ARG A 943 -49.93 15.55 24.48
CA ARG A 943 -50.53 16.11 23.30
C ARG A 943 -50.86 17.59 23.49
N LYS A 944 -51.42 17.95 24.64
CA LYS A 944 -51.92 19.31 24.81
C LYS A 944 -50.77 20.29 25.07
N ASN A 945 -49.56 19.79 25.36
CA ASN A 945 -48.37 20.63 25.55
C ASN A 945 -47.53 20.69 24.26
N MET A 946 -47.86 19.85 23.29
CA MET A 946 -47.06 19.80 22.03
C MET A 946 -47.10 21.15 21.33
N TYR A 947 -45.98 21.52 20.69
CA TYR A 947 -45.97 22.64 19.81
C TYR A 947 -47.06 22.48 18.73
N LYS A 948 -47.38 23.59 18.06
CA LYS A 948 -48.08 23.56 16.79
C LYS A 948 -47.25 24.26 15.71
N GLU A 949 -47.63 23.99 14.46
CA GLU A 949 -47.03 24.56 13.25
C GLU A 949 -46.90 26.08 13.44
N GLY A 950 -45.69 26.63 13.26
CA GLY A 950 -45.48 28.08 13.30
C GLY A 950 -44.99 28.56 14.65
N ASP A 951 -45.10 27.73 15.67
CA ASP A 951 -44.56 28.10 16.97
C ASP A 951 -43.05 28.32 16.91
N LEU A 952 -42.55 29.17 17.81
CA LEU A 952 -41.11 29.29 18.05
C LEU A 952 -40.71 28.38 19.22
N THR A 953 -39.51 27.80 19.11
CA THR A 953 -38.89 27.10 20.16
C THR A 953 -38.43 28.09 21.25
N HIS A 954 -37.95 27.53 22.34
CA HIS A 954 -37.32 28.31 23.37
C HIS A 954 -36.08 29.05 22.87
N PHE A 955 -35.48 28.60 21.75
CA PHE A 955 -34.36 29.36 21.14
C PHE A 955 -34.83 30.14 19.93
N ASN A 956 -36.15 30.35 19.81
CA ASN A 956 -36.72 31.29 18.87
C ASN A 956 -36.61 30.83 17.39
N GLN A 957 -36.47 29.52 17.14
CA GLN A 957 -36.54 29.04 15.80
C GLN A 957 -37.97 28.62 15.51
N LYS A 958 -38.47 29.03 14.35
CA LYS A 958 -39.80 28.72 13.93
C LYS A 958 -39.89 27.28 13.42
N LEU A 959 -40.96 26.58 13.84
CA LEU A 959 -41.22 25.21 13.41
C LEU A 959 -42.13 25.19 12.18
N GLU A 960 -41.52 25.07 10.99
CA GLU A 960 -42.22 25.00 9.73
C GLU A 960 -42.23 23.55 9.24
N GLY A 961 -43.24 23.17 8.48
CA GLY A 961 -43.41 21.76 8.02
C GLY A 961 -43.35 20.81 9.21
N PHE A 962 -44.14 21.17 10.24
CA PHE A 962 -44.16 20.49 11.51
C PHE A 962 -45.06 19.24 11.40
N THR A 963 -44.42 18.10 11.17
CA THR A 963 -45.16 16.86 10.90
C THR A 963 -45.43 16.03 12.16
N LEU A 964 -44.99 16.49 13.34
CA LEU A 964 -45.09 15.69 14.52
C LEU A 964 -46.55 15.31 14.85
N PRO A 965 -47.52 16.22 14.75
CA PRO A 965 -48.92 15.85 15.02
C PRO A 965 -49.42 14.72 14.11
N ARG A 966 -49.02 14.70 12.83
CA ARG A 966 -49.35 13.56 11.95
C ARG A 966 -48.72 12.26 12.45
N CYS A 967 -47.41 12.30 12.76
CA CYS A 967 -46.72 11.11 13.27
C CYS A 967 -47.48 10.60 14.51
N TRP A 968 -47.86 11.53 15.41
CA TRP A 968 -48.54 11.22 16.68
C TRP A 968 -49.89 10.51 16.39
N ASP A 969 -50.74 11.17 15.59
CA ASP A 969 -52.07 10.63 15.26
C ASP A 969 -51.96 9.28 14.56
N GLU A 970 -51.01 9.15 13.62
CA GLU A 970 -50.84 7.88 12.89
C GLU A 970 -50.40 6.77 13.83
N CYS A 971 -49.45 7.06 14.71
CA CYS A 971 -48.91 6.08 15.66
C CYS A 971 -49.96 5.68 16.70
N ILE A 972 -50.68 6.66 17.23
CA ILE A 972 -51.62 6.35 18.28
C ILE A 972 -52.78 5.52 17.68
N ALA A 973 -53.13 5.70 16.40
CA ALA A 973 -54.19 4.90 15.77
C ALA A 973 -53.67 3.53 15.32
N SER A 974 -52.52 3.48 14.64
CA SER A 974 -52.07 2.22 14.08
C SER A 974 -51.60 1.27 15.19
N SER A 975 -51.09 1.79 16.30
CA SER A 975 -50.69 0.95 17.42
C SER A 975 -51.88 0.50 18.27
N GLN A 976 -53.07 1.04 18.00
CA GLN A 976 -54.28 0.83 18.83
C GLN A 976 -53.95 1.07 20.31
N TYR A 977 -53.31 2.20 20.60
CA TYR A 977 -52.84 2.55 21.92
C TYR A 977 -53.98 2.53 22.96
N LEU A 978 -55.12 3.16 22.68
CA LEU A 978 -56.22 3.18 23.69
C LEU A 978 -56.75 1.79 24.03
N ALA A 979 -56.98 0.92 23.06
CA ALA A 979 -57.49 -0.42 23.37
C ALA A 979 -56.43 -1.22 24.15
N ARG A 980 -55.16 -0.99 23.83
CA ARG A 980 -54.09 -1.70 24.53
C ARG A 980 -54.01 -1.19 25.96
N LYS A 981 -54.28 0.10 26.21
CA LYS A 981 -54.27 0.64 27.58
C LYS A 981 -55.23 -0.18 28.47
N ARG A 982 -56.38 -0.51 27.90
CA ARG A 982 -57.45 -1.27 28.55
C ARG A 982 -56.89 -2.65 28.93
N GLU A 983 -56.19 -3.29 27.99
CA GLU A 983 -55.63 -4.63 28.22
C GLU A 983 -54.51 -4.57 29.26
N VAL A 984 -53.67 -3.52 29.25
CA VAL A 984 -52.64 -3.39 30.28
C VAL A 984 -53.30 -3.27 31.67
N GLU A 985 -54.30 -2.41 31.81
CA GLU A 985 -54.97 -2.20 33.10
C GLU A 985 -55.55 -3.53 33.61
N LYS A 986 -56.21 -4.30 32.73
CA LYS A 986 -56.76 -5.64 33.05
C LYS A 986 -55.65 -6.61 33.49
N PHE A 987 -54.56 -6.69 32.71
CA PHE A 987 -53.46 -7.56 33.12
C PHE A 987 -52.98 -7.22 34.53
N ASN A 988 -52.82 -5.93 34.83
CA ASN A 988 -52.26 -5.47 36.10
C ASN A 988 -53.23 -5.81 37.25
N ARG A 989 -54.54 -5.80 36.98
CA ARG A 989 -55.50 -6.11 38.06
C ARG A 989 -55.55 -7.63 38.33
N GLU A 990 -55.04 -8.47 37.41
CA GLU A 990 -55.15 -9.90 37.48
C GLU A 990 -53.81 -10.61 37.78
N ASN A 991 -52.72 -9.85 37.91
CA ASN A 991 -51.38 -10.40 38.17
C ASN A 991 -50.73 -9.61 39.28
N CYS A 992 -50.24 -10.28 40.33
CA CYS A 992 -49.63 -9.62 41.50
C CYS A 992 -48.13 -9.37 41.31
N TRP A 993 -47.47 -10.26 40.55
CA TRP A 993 -46.00 -10.35 40.56
C TRP A 993 -45.39 -10.11 39.16
N LYS A 994 -46.24 -9.83 38.18
CA LYS A 994 -45.81 -9.32 36.83
C LYS A 994 -46.71 -8.13 36.54
N LYS A 995 -46.19 -7.10 35.86
CA LYS A 995 -46.99 -5.94 35.51
C LYS A 995 -46.61 -5.48 34.10
N ARG A 996 -47.62 -4.93 33.41
CA ARG A 996 -47.40 -4.35 32.11
C ARG A 996 -47.41 -2.84 32.23
N GLY A 997 -46.71 -2.24 31.27
CA GLY A 997 -46.70 -0.81 31.07
C GLY A 997 -46.71 -0.48 29.59
N LEU A 998 -47.26 0.70 29.27
CA LEU A 998 -47.45 1.16 27.87
C LEU A 998 -47.24 2.68 27.82
N CYS A 999 -46.38 3.17 26.90
CA CYS A 999 -46.17 4.58 26.80
C CYS A 999 -45.96 4.95 25.34
N ILE A 1000 -46.42 6.13 25.00
CA ILE A 1000 -46.19 6.74 23.70
C ILE A 1000 -45.42 8.05 23.86
N ILE A 1001 -44.28 8.17 23.13
CA ILE A 1001 -43.34 9.27 23.30
C ILE A 1001 -43.06 9.90 21.95
N PRO A 1002 -43.09 11.25 21.84
CA PRO A 1002 -42.70 11.95 20.63
C PRO A 1002 -41.26 12.46 20.67
N THR A 1003 -40.78 12.91 19.51
CA THR A 1003 -39.47 13.57 19.47
C THR A 1003 -39.43 14.59 18.32
N LYS A 1004 -38.63 15.65 18.57
CA LYS A 1004 -38.20 16.65 17.62
C LYS A 1004 -36.67 16.72 17.72
N PHE A 1005 -35.98 16.64 16.56
CA PHE A 1005 -34.49 16.59 16.55
C PHE A 1005 -33.97 17.53 15.46
N GLY A 1006 -33.20 18.54 15.86
CA GLY A 1006 -32.72 19.59 14.99
C GLY A 1006 -31.56 19.09 14.17
N ILE A 1007 -31.64 19.29 12.87
CA ILE A 1007 -30.61 18.78 11.92
C ILE A 1007 -29.70 19.93 11.46
N SER A 1008 -28.40 19.74 11.74
CA SER A 1008 -27.23 20.53 11.32
C SER A 1008 -26.23 20.57 12.47
N PHE A 1009 -24.92 20.59 12.16
CA PHE A 1009 -23.94 20.84 13.18
C PHE A 1009 -24.27 22.20 13.87
N THR A 1010 -24.09 22.25 15.19
CA THR A 1010 -24.29 23.43 16.05
C THR A 1010 -23.23 24.50 15.74
N LEU A 1011 -22.10 24.07 15.17
CA LEU A 1011 -21.05 24.97 14.66
C LEU A 1011 -21.31 25.20 13.17
N PRO A 1012 -21.82 26.37 12.74
CA PRO A 1012 -22.38 26.51 11.40
C PRO A 1012 -21.47 26.09 10.25
N PHE A 1013 -20.18 26.51 10.28
CA PHE A 1013 -19.31 26.25 9.12
C PHE A 1013 -19.03 24.75 8.91
N LEU A 1014 -19.29 23.87 9.87
CA LEU A 1014 -19.14 22.44 9.60
C LEU A 1014 -20.22 21.94 8.66
N ASN A 1015 -21.28 22.73 8.45
CA ASN A 1015 -22.33 22.34 7.47
C ASN A 1015 -21.85 22.67 6.04
N GLN A 1016 -20.84 21.91 5.57
CA GLN A 1016 -20.31 22.02 4.24
C GLN A 1016 -19.88 20.63 3.79
N GLY A 1017 -19.86 20.43 2.49
CA GLY A 1017 -19.30 19.16 1.94
C GLY A 1017 -18.87 19.33 0.49
N GLY A 1018 -18.02 18.41 0.05
CA GLY A 1018 -17.49 18.41 -1.25
C GLY A 1018 -17.51 17.03 -1.90
N ALA A 1019 -17.44 17.06 -3.24
CA ALA A 1019 -17.32 15.85 -4.02
C ALA A 1019 -16.36 16.10 -5.19
N LEU A 1020 -15.89 15.02 -5.77
CA LEU A 1020 -15.08 15.02 -6.98
C LEU A 1020 -15.59 13.88 -7.86
N VAL A 1021 -15.93 14.16 -9.12
CA VAL A 1021 -16.40 13.17 -10.02
C VAL A 1021 -15.54 13.17 -11.30
N HIS A 1022 -15.19 11.98 -11.75
CA HIS A 1022 -14.55 11.72 -13.05
C HIS A 1022 -15.45 10.83 -13.90
N VAL A 1023 -15.56 11.17 -15.19
CA VAL A 1023 -16.08 10.25 -16.18
C VAL A 1023 -14.94 9.79 -17.08
N TYR A 1024 -14.63 8.50 -17.07
CA TYR A 1024 -13.61 7.96 -17.94
C TYR A 1024 -14.19 7.74 -19.34
N THR A 1025 -13.30 7.47 -20.29
CA THR A 1025 -13.73 7.46 -21.71
C THR A 1025 -14.56 6.23 -22.10
N ASP A 1026 -14.69 5.24 -21.23
CA ASP A 1026 -15.59 4.09 -21.40
C ASP A 1026 -17.00 4.43 -20.88
N GLY A 1027 -17.17 5.64 -20.39
CA GLY A 1027 -18.45 6.12 -19.80
C GLY A 1027 -18.61 5.81 -18.32
N SER A 1028 -17.72 5.02 -17.71
CA SER A 1028 -17.87 4.69 -16.28
C SER A 1028 -17.46 5.91 -15.44
N VAL A 1029 -18.10 6.02 -14.28
CA VAL A 1029 -18.01 7.19 -13.45
C VAL A 1029 -17.37 6.81 -12.11
N LEU A 1030 -16.29 7.50 -11.71
CA LEU A 1030 -15.67 7.33 -10.38
C LEU A 1030 -16.01 8.57 -9.56
N LEU A 1031 -16.77 8.35 -8.49
CA LEU A 1031 -17.23 9.36 -7.57
C LEU A 1031 -16.58 9.22 -6.19
N THR A 1032 -16.27 10.34 -5.57
CA THR A 1032 -15.88 10.35 -4.22
C THR A 1032 -16.46 11.61 -3.61
N HIS A 1033 -16.62 11.57 -2.28
CA HIS A 1033 -17.12 12.67 -1.52
C HIS A 1033 -16.48 12.59 -0.15
N GLY A 1034 -16.70 13.63 0.66
CA GLY A 1034 -16.13 13.75 2.00
C GLY A 1034 -16.65 12.78 3.05
N GLY A 1035 -17.84 12.23 2.84
CA GLY A 1035 -18.44 11.30 3.75
C GLY A 1035 -17.75 9.96 3.81
N THR A 1036 -17.76 9.34 5.01
CA THR A 1036 -17.21 8.04 5.23
C THR A 1036 -18.34 7.03 5.45
N GLU A 1037 -18.12 5.81 4.97
CA GLU A 1037 -19.07 4.69 5.18
C GLU A 1037 -18.76 3.94 6.47
N MET A 1038 -19.74 3.88 7.38
CA MET A 1038 -19.62 3.20 8.65
C MET A 1038 -20.77 2.22 8.86
N GLY A 1039 -21.50 1.92 7.79
CA GLY A 1039 -22.64 0.99 7.80
C GLY A 1039 -23.98 1.64 7.57
N GLN A 1040 -24.02 2.98 7.48
CA GLN A 1040 -25.24 3.75 7.31
C GLN A 1040 -25.70 3.80 5.86
N GLY A 1041 -24.94 3.22 4.92
CA GLY A 1041 -25.32 3.21 3.54
C GLY A 1041 -25.22 4.57 2.90
N LEU A 1042 -24.24 5.35 3.33
CA LEU A 1042 -24.01 6.66 2.70
C LEU A 1042 -23.56 6.55 1.25
N HIS A 1043 -22.58 5.67 0.96
CA HIS A 1043 -22.14 5.53 -0.41
C HIS A 1043 -23.30 5.06 -1.29
N THR A 1044 -24.08 4.11 -0.80
CA THR A 1044 -25.27 3.67 -1.53
C THR A 1044 -26.16 4.87 -1.92
N LYS A 1045 -26.52 5.69 -0.92
CA LYS A 1045 -27.31 6.86 -1.20
C LYS A 1045 -26.66 7.81 -2.20
N MET A 1046 -25.34 8.04 -2.10
CA MET A 1046 -24.68 8.97 -2.99
C MET A 1046 -24.69 8.47 -4.44
N VAL A 1047 -24.55 7.16 -4.61
CA VAL A 1047 -24.68 6.50 -5.93
C VAL A 1047 -26.13 6.66 -6.43
N GLN A 1048 -27.12 6.46 -5.55
CA GLN A 1048 -28.49 6.68 -5.97
C GLN A 1048 -28.67 8.12 -6.49
N VAL A 1049 -28.19 9.09 -5.75
CA VAL A 1049 -28.30 10.50 -6.06
C VAL A 1049 -27.60 10.78 -7.41
N ALA A 1050 -26.36 10.30 -7.58
CA ALA A 1050 -25.60 10.57 -8.78
C ALA A 1050 -26.29 9.98 -10.02
N SER A 1051 -26.89 8.79 -9.87
CA SER A 1051 -27.52 8.14 -10.99
C SER A 1051 -28.75 8.93 -11.43
N ARG A 1052 -29.51 9.46 -10.46
CA ARG A 1052 -30.65 10.31 -10.82
C ARG A 1052 -30.11 11.57 -11.49
N ALA A 1053 -29.09 12.20 -10.87
CA ALA A 1053 -28.64 13.50 -11.38
C ALA A 1053 -28.12 13.36 -12.82
N LEU A 1054 -27.34 12.32 -13.11
CA LEU A 1054 -26.71 12.13 -14.44
C LEU A 1054 -27.62 11.42 -15.43
N LYS A 1055 -28.72 10.84 -14.93
CA LYS A 1055 -29.63 10.00 -15.73
C LYS A 1055 -28.90 8.83 -16.40
N ILE A 1056 -28.13 8.07 -15.61
CA ILE A 1056 -27.51 6.84 -16.02
C ILE A 1056 -27.77 5.83 -14.91
N PRO A 1057 -27.68 4.51 -15.18
CA PRO A 1057 -27.87 3.51 -14.15
C PRO A 1057 -26.79 3.53 -13.06
N THR A 1058 -27.19 3.17 -11.85
CA THR A 1058 -26.25 3.05 -10.72
C THR A 1058 -25.06 2.16 -11.11
N SER A 1059 -25.27 1.16 -11.99
CA SER A 1059 -24.24 0.21 -12.35
C SER A 1059 -23.04 0.91 -13.00
N LYS A 1060 -23.21 2.14 -13.50
CA LYS A 1060 -22.12 2.81 -14.22
C LYS A 1060 -21.30 3.69 -13.27
N ILE A 1061 -21.71 3.76 -11.99
CA ILE A 1061 -21.12 4.69 -11.02
C ILE A 1061 -20.51 3.88 -9.88
N HIS A 1062 -19.30 4.25 -9.47
CA HIS A 1062 -18.56 3.55 -8.41
C HIS A 1062 -17.97 4.55 -7.44
N ILE A 1063 -18.07 4.22 -6.14
CA ILE A 1063 -17.34 4.89 -5.10
C ILE A 1063 -16.41 3.86 -4.46
N SER A 1064 -15.09 4.15 -4.45
CA SER A 1064 -14.11 3.26 -3.89
C SER A 1064 -13.75 3.61 -2.44
N GLU A 1065 -13.60 4.88 -2.12
CA GLU A 1065 -13.11 5.26 -0.80
C GLU A 1065 -13.29 6.77 -0.57
N THR A 1066 -12.90 7.21 0.63
CA THR A 1066 -12.86 8.57 1.03
C THR A 1066 -11.38 8.92 1.24
N SER A 1067 -10.93 10.06 0.72
CA SER A 1067 -9.54 10.41 0.85
C SER A 1067 -9.35 11.95 0.97
N THR A 1068 -8.45 12.38 1.86
CA THR A 1068 -8.12 13.82 1.98
C THR A 1068 -7.49 14.41 0.72
N ASN A 1069 -6.93 13.55 -0.17
CA ASN A 1069 -6.28 14.03 -1.39
C ASN A 1069 -7.20 14.01 -2.60
N THR A 1070 -8.48 13.67 -2.42
CA THR A 1070 -9.46 13.86 -3.44
C THR A 1070 -10.50 14.93 -3.04
N VAL A 1071 -10.95 14.96 -1.78
CA VAL A 1071 -11.79 16.03 -1.26
C VAL A 1071 -11.18 16.54 0.03
N PRO A 1072 -10.75 17.82 0.07
CA PRO A 1072 -10.08 18.36 1.25
C PRO A 1072 -11.04 18.99 2.26
N ASN A 1073 -10.60 19.20 3.50
CA ASN A 1073 -11.27 20.13 4.42
C ASN A 1073 -12.71 19.66 4.74
N THR A 1074 -12.89 18.32 4.84
CA THR A 1074 -14.19 17.76 5.07
C THR A 1074 -14.55 17.76 6.57
N SER A 1075 -15.84 17.98 6.80
CA SER A 1075 -16.38 17.84 8.09
C SER A 1075 -16.41 16.36 8.46
N PRO A 1076 -16.49 16.01 9.73
CA PRO A 1076 -16.68 14.60 10.10
C PRO A 1076 -18.03 14.12 9.57
N THR A 1077 -18.10 12.80 9.37
CA THR A 1077 -19.34 12.13 9.07
C THR A 1077 -20.08 12.03 10.41
N ALA A 1078 -20.99 12.97 10.62
CA ALA A 1078 -21.58 13.23 11.93
C ALA A 1078 -22.79 14.12 11.74
N ALA A 1079 -23.53 14.32 12.84
CA ALA A 1079 -24.68 15.21 12.92
C ALA A 1079 -25.80 14.73 11.99
N SER A 1080 -25.79 13.43 11.64
CA SER A 1080 -26.86 12.85 10.76
C SER A 1080 -26.89 13.51 9.37
N ALA A 1081 -25.98 14.46 9.12
CA ALA A 1081 -26.13 15.40 8.02
C ALA A 1081 -25.37 14.97 6.76
N SER A 1082 -24.64 13.85 6.79
CA SER A 1082 -23.65 13.62 5.73
C SER A 1082 -24.30 13.34 4.36
N ALA A 1083 -25.45 12.67 4.35
CA ALA A 1083 -26.14 12.47 3.06
C ALA A 1083 -26.62 13.84 2.54
N ASP A 1084 -27.15 14.68 3.43
CA ASP A 1084 -27.64 15.98 3.01
C ASP A 1084 -26.48 16.79 2.37
N LEU A 1085 -25.34 16.83 3.06
CA LEU A 1085 -24.25 17.71 2.61
C LEU A 1085 -23.57 17.13 1.37
N ASN A 1086 -23.14 15.86 1.47
CA ASN A 1086 -22.46 15.23 0.36
C ASN A 1086 -23.41 15.00 -0.80
N GLY A 1087 -24.71 14.76 -0.56
CA GLY A 1087 -25.63 14.58 -1.68
C GLY A 1087 -25.77 15.83 -2.53
N GLN A 1088 -25.79 16.99 -1.89
CA GLN A 1088 -25.80 18.22 -2.61
C GLN A 1088 -24.48 18.41 -3.40
N GLY A 1089 -23.33 18.13 -2.77
CA GLY A 1089 -22.02 18.28 -3.47
C GLY A 1089 -21.95 17.37 -4.70
N VAL A 1090 -22.36 16.11 -4.53
CA VAL A 1090 -22.45 15.14 -5.63
C VAL A 1090 -23.35 15.67 -6.74
N TYR A 1091 -24.55 16.14 -6.36
CA TYR A 1091 -25.51 16.66 -7.31
C TYR A 1091 -24.86 17.78 -8.15
N GLU A 1092 -24.13 18.67 -7.49
CA GLU A 1092 -23.58 19.85 -8.20
C GLU A 1092 -22.45 19.41 -9.14
N ALA A 1093 -21.61 18.48 -8.68
CA ALA A 1093 -20.55 17.97 -9.54
C ALA A 1093 -21.19 17.37 -10.78
N CYS A 1094 -22.25 16.57 -10.58
CA CYS A 1094 -22.99 15.94 -11.68
C CYS A 1094 -23.59 16.98 -12.64
N GLN A 1095 -24.17 18.04 -12.11
CA GLN A 1095 -24.76 19.10 -12.97
C GLN A 1095 -23.64 19.75 -13.83
N THR A 1096 -22.44 19.92 -13.26
CA THR A 1096 -21.32 20.47 -14.02
C THR A 1096 -20.98 19.57 -15.20
N ILE A 1097 -20.84 18.25 -14.97
CA ILE A 1097 -20.60 17.31 -16.07
C ILE A 1097 -21.74 17.42 -17.12
N LEU A 1098 -23.00 17.46 -16.65
CA LEU A 1098 -24.11 17.43 -17.64
C LEU A 1098 -24.08 18.68 -18.52
N LYS A 1099 -23.73 19.83 -17.93
CA LYS A 1099 -23.64 21.10 -18.66
C LYS A 1099 -22.59 20.98 -19.77
N ARG A 1100 -21.49 20.30 -19.48
CA ARG A 1100 -20.44 20.15 -20.47
C ARG A 1100 -20.83 19.16 -21.58
N LEU A 1101 -21.67 18.16 -21.28
CA LEU A 1101 -22.08 17.18 -22.26
C LEU A 1101 -23.26 17.70 -23.09
N GLU A 1102 -23.94 18.77 -22.66
CA GLU A 1102 -25.20 19.28 -23.33
C GLU A 1102 -25.04 19.38 -24.87
N PRO A 1103 -23.99 20.04 -25.43
CA PRO A 1103 -23.88 20.20 -26.89
C PRO A 1103 -23.81 18.86 -27.60
N PHE A 1104 -23.26 17.82 -26.93
CA PHE A 1104 -23.10 16.51 -27.52
C PHE A 1104 -24.43 15.74 -27.44
N LYS A 1105 -25.18 15.97 -26.36
CA LYS A 1105 -26.53 15.41 -26.17
C LYS A 1105 -27.46 15.99 -27.24
N LYS A 1106 -27.32 17.30 -27.50
CA LYS A 1106 -28.15 18.01 -28.50
C LYS A 1106 -27.91 17.48 -29.92
N LYS A 1107 -26.69 17.06 -30.25
CA LYS A 1107 -26.34 16.57 -31.60
C LYS A 1107 -26.73 15.09 -31.76
N LYS A 1108 -26.64 14.31 -30.69
CA LYS A 1108 -27.08 12.91 -30.72
C LYS A 1108 -28.07 12.68 -29.58
N PRO A 1109 -29.33 13.16 -29.68
CA PRO A 1109 -30.24 13.07 -28.54
C PRO A 1109 -30.59 11.62 -28.15
N THR A 1110 -30.43 10.67 -29.09
CA THR A 1110 -30.70 9.23 -28.91
C THR A 1110 -29.40 8.50 -28.49
N GLY A 1111 -28.31 8.65 -29.29
CA GLY A 1111 -27.00 7.89 -29.19
C GLY A 1111 -26.63 7.80 -27.73
N PRO A 1112 -26.00 6.70 -27.25
CA PRO A 1112 -25.98 6.45 -25.81
C PRO A 1112 -25.01 7.41 -25.09
N TRP A 1113 -25.08 7.32 -23.77
CA TRP A 1113 -24.20 8.04 -22.85
C TRP A 1113 -22.74 7.93 -23.28
N GLU A 1114 -22.31 6.74 -23.66
CA GLU A 1114 -20.89 6.42 -24.00
C GLU A 1114 -20.45 7.22 -25.24
N ALA A 1115 -21.37 7.40 -26.20
CA ALA A 1115 -21.06 8.19 -27.36
C ALA A 1115 -20.85 9.65 -26.98
N TRP A 1116 -21.72 10.23 -26.13
CA TRP A 1116 -21.57 11.60 -25.69
C TRP A 1116 -20.21 11.80 -24.97
N VAL A 1117 -19.86 10.85 -24.12
CA VAL A 1117 -18.62 10.91 -23.35
C VAL A 1117 -17.40 10.90 -24.29
N MET A 1118 -17.34 9.95 -25.23
CA MET A 1118 -16.22 9.82 -26.17
C MET A 1118 -16.16 11.07 -27.08
N ASP A 1119 -17.33 11.60 -27.49
CA ASP A 1119 -17.38 12.84 -28.27
C ASP A 1119 -16.79 14.01 -27.48
N ALA A 1120 -17.15 14.15 -26.18
CA ALA A 1120 -16.63 15.19 -25.32
C ALA A 1120 -15.10 15.07 -25.21
N TYR A 1121 -14.65 13.84 -24.98
CA TYR A 1121 -13.22 13.58 -24.82
C TYR A 1121 -12.46 13.99 -26.09
N THR A 1122 -12.91 13.53 -27.25
CA THR A 1122 -12.17 13.78 -28.50
C THR A 1122 -12.37 15.23 -28.95
N SER A 1123 -13.26 15.99 -28.31
CA SER A 1123 -13.40 17.43 -28.48
C SER A 1123 -12.60 18.20 -27.44
N ALA A 1124 -11.84 17.50 -26.60
CA ALA A 1124 -11.07 18.12 -25.51
C ALA A 1124 -11.93 18.97 -24.59
N VAL A 1125 -12.97 18.33 -24.02
CA VAL A 1125 -13.80 18.87 -23.01
C VAL A 1125 -13.47 18.10 -21.71
N SER A 1126 -13.32 18.84 -20.62
CA SER A 1126 -12.97 18.20 -19.31
C SER A 1126 -14.10 17.29 -18.82
N LEU A 1127 -13.74 16.10 -18.37
CA LEU A 1127 -14.73 15.17 -17.78
C LEU A 1127 -14.46 14.96 -16.29
N SER A 1128 -13.92 15.99 -15.62
CA SER A 1128 -13.71 15.95 -14.18
C SER A 1128 -14.31 17.21 -13.57
N ALA A 1129 -14.96 17.08 -12.45
CA ALA A 1129 -15.52 18.29 -11.77
C ALA A 1129 -15.55 18.07 -10.26
N THR A 1130 -15.39 19.17 -9.55
CA THR A 1130 -15.69 19.26 -8.16
C THR A 1130 -17.13 19.68 -8.03
N GLY A 1131 -17.66 19.36 -6.86
CA GLY A 1131 -18.95 19.89 -6.39
C GLY A 1131 -18.84 20.26 -4.94
N PHE A 1132 -19.67 21.21 -4.50
CA PHE A 1132 -19.59 21.73 -3.14
C PHE A 1132 -20.96 22.27 -2.72
N TYR A 1133 -21.24 22.19 -1.41
CA TYR A 1133 -22.44 22.70 -0.85
C TYR A 1133 -22.17 23.23 0.54
N LYS A 1134 -22.85 24.33 0.89
CA LYS A 1134 -22.93 24.79 2.31
C LYS A 1134 -24.40 25.02 2.68
N THR A 1135 -24.77 24.59 3.87
CA THR A 1135 -26.13 24.80 4.32
C THR A 1135 -26.29 26.30 4.58
N PRO A 1136 -27.30 26.93 3.95
CA PRO A 1136 -27.48 28.38 4.08
C PRO A 1136 -28.24 28.80 5.35
N ASN A 1137 -28.02 30.06 5.73
CA ASN A 1137 -28.83 30.77 6.68
C ASN A 1137 -28.73 30.21 8.09
N LEU A 1138 -27.60 29.61 8.48
CA LEU A 1138 -27.45 29.11 9.84
C LEU A 1138 -26.58 30.05 10.67
N GLY A 1139 -26.86 30.08 11.97
CA GLY A 1139 -25.97 30.76 12.93
C GLY A 1139 -26.74 31.28 14.12
N TYR A 1140 -26.74 30.50 15.19
CA TYR A 1140 -27.40 30.89 16.44
C TYR A 1140 -26.44 31.64 17.38
N SER A 1141 -26.98 32.64 18.08
CA SER A 1141 -26.29 33.37 19.10
C SER A 1141 -26.93 33.07 20.46
N PHE A 1142 -26.12 32.59 21.40
CA PHE A 1142 -26.53 32.42 22.77
C PHE A 1142 -26.77 33.77 23.47
N GLU A 1143 -26.10 34.82 23.02
CA GLU A 1143 -26.20 36.17 23.62
C GLU A 1143 -27.54 36.83 23.28
N THR A 1144 -27.99 36.68 22.04
CA THR A 1144 -29.22 37.31 21.63
C THR A 1144 -30.37 36.31 21.51
N ASN A 1145 -30.13 35.01 21.71
CA ASN A 1145 -31.20 33.97 21.55
C ASN A 1145 -31.91 34.17 20.20
N SER A 1146 -31.11 34.22 19.12
CA SER A 1146 -31.64 34.46 17.80
C SER A 1146 -30.73 33.82 16.76
N GLY A 1147 -31.26 33.72 15.55
CA GLY A 1147 -30.63 33.00 14.46
C GLY A 1147 -30.94 31.50 14.60
N ASN A 1148 -30.90 30.81 13.47
CA ASN A 1148 -31.34 29.43 13.40
C ASN A 1148 -30.14 28.50 13.52
N PRO A 1149 -30.08 27.63 14.56
CA PRO A 1149 -29.03 26.61 14.59
C PRO A 1149 -29.29 25.50 13.55
N PHE A 1150 -30.55 25.24 13.19
CA PHE A 1150 -30.90 24.05 12.42
C PHE A 1150 -31.53 24.42 11.09
N HIS A 1151 -31.30 23.54 10.10
CA HIS A 1151 -31.79 23.71 8.78
C HIS A 1151 -33.26 23.27 8.73
N TYR A 1152 -33.55 22.20 9.48
CA TYR A 1152 -34.90 21.64 9.60
C TYR A 1152 -34.87 20.69 10.78
N PHE A 1153 -36.04 20.12 11.14
CA PHE A 1153 -36.11 19.19 12.21
C PHE A 1153 -36.63 17.83 11.73
N SER A 1154 -36.14 16.77 12.38
CA SER A 1154 -36.72 15.44 12.23
C SER A 1154 -37.81 15.29 13.30
N TYR A 1155 -38.81 14.44 12.98
CA TYR A 1155 -39.93 14.15 13.88
C TYR A 1155 -40.24 12.66 13.87
N GLY A 1156 -40.71 12.15 15.00
CA GLY A 1156 -41.20 10.78 15.05
C GLY A 1156 -41.84 10.49 16.38
N VAL A 1157 -42.57 9.37 16.43
CA VAL A 1157 -43.29 8.93 17.59
C VAL A 1157 -43.12 7.42 17.72
N ALA A 1158 -42.94 6.92 18.96
CA ALA A 1158 -42.92 5.48 19.25
C ALA A 1158 -43.84 5.19 20.45
N CYS A 1159 -44.60 4.13 20.31
CA CYS A 1159 -45.43 3.54 21.35
C CYS A 1159 -44.81 2.19 21.70
N SER A 1160 -44.45 2.00 22.99
CA SER A 1160 -43.89 0.72 23.43
C SER A 1160 -44.63 0.17 24.64
N GLU A 1161 -44.67 -1.17 24.68
CA GLU A 1161 -45.33 -1.98 25.73
C GLU A 1161 -44.28 -2.94 26.30
N VAL A 1162 -44.28 -3.10 27.63
CA VAL A 1162 -43.40 -4.01 28.33
C VAL A 1162 -44.19 -4.85 29.34
N GLU A 1163 -43.59 -5.96 29.73
CA GLU A 1163 -44.04 -6.76 30.85
C GLU A 1163 -42.85 -6.98 31.78
N ILE A 1164 -42.96 -6.43 33.00
CA ILE A 1164 -41.86 -6.61 33.98
C ILE A 1164 -42.16 -7.83 34.87
N ASP A 1165 -41.08 -8.46 35.31
CA ASP A 1165 -41.06 -9.44 36.40
C ASP A 1165 -40.74 -8.66 37.68
N CYS A 1166 -41.76 -8.45 38.52
CA CYS A 1166 -41.57 -7.68 39.74
C CYS A 1166 -40.65 -8.36 40.76
N LEU A 1167 -40.40 -9.66 40.63
CA LEU A 1167 -39.59 -10.40 41.61
C LEU A 1167 -38.11 -10.44 41.19
N THR A 1168 -37.80 -10.18 39.91
CA THR A 1168 -36.38 -10.31 39.44
C THR A 1168 -35.85 -9.00 38.85
N GLY A 1169 -36.75 -8.16 38.31
CA GLY A 1169 -36.41 -6.98 37.53
C GLY A 1169 -36.16 -7.24 36.06
N ASP A 1170 -36.27 -8.49 35.60
CA ASP A 1170 -36.25 -8.81 34.15
C ASP A 1170 -37.51 -8.19 33.51
N HIS A 1171 -37.48 -8.00 32.18
CA HIS A 1171 -38.69 -7.58 31.51
C HIS A 1171 -38.64 -8.03 30.05
N LYS A 1172 -39.81 -8.13 29.45
CA LYS A 1172 -39.93 -8.36 28.04
C LYS A 1172 -40.35 -7.06 27.37
N ASN A 1173 -39.76 -6.82 26.19
CA ASN A 1173 -40.20 -5.76 25.31
C ASN A 1173 -41.26 -6.34 24.38
N LEU A 1174 -42.56 -6.18 24.74
CA LEU A 1174 -43.60 -6.89 24.03
C LEU A 1174 -43.84 -6.37 22.62
N ARG A 1175 -43.88 -5.04 22.47
CA ARG A 1175 -44.25 -4.46 21.22
C ARG A 1175 -43.84 -3.01 21.16
N THR A 1176 -43.37 -2.59 19.96
CA THR A 1176 -43.00 -1.23 19.69
C THR A 1176 -43.51 -0.89 18.28
N ASP A 1177 -44.13 0.28 18.16
CA ASP A 1177 -44.63 0.84 16.91
C ASP A 1177 -44.05 2.24 16.76
N ILE A 1178 -43.34 2.47 15.64
CA ILE A 1178 -42.71 3.76 15.31
C ILE A 1178 -43.31 4.31 14.03
N VAL A 1179 -43.59 5.61 14.04
CA VAL A 1179 -43.85 6.39 12.83
C VAL A 1179 -42.76 7.49 12.77
N MET A 1180 -41.99 7.52 11.68
CA MET A 1180 -40.85 8.39 11.57
C MET A 1180 -40.95 9.20 10.27
N ASP A 1181 -40.70 10.50 10.41
CA ASP A 1181 -40.62 11.45 9.29
C ASP A 1181 -39.20 11.46 8.77
N VAL A 1182 -38.95 10.77 7.66
CA VAL A 1182 -37.65 10.85 6.99
C VAL A 1182 -37.80 11.61 5.67
N GLY A 1183 -38.77 12.53 5.60
CA GLY A 1183 -39.03 13.21 4.34
C GLY A 1183 -39.37 12.22 3.24
N SER A 1184 -39.02 12.57 1.99
CA SER A 1184 -39.09 11.61 0.91
C SER A 1184 -37.82 10.78 0.97
N SER A 1185 -37.92 9.58 1.55
CA SER A 1185 -36.69 8.80 1.83
C SER A 1185 -35.85 8.62 0.55
N LEU A 1186 -34.52 8.80 0.64
CA LEU A 1186 -33.65 8.43 -0.50
C LEU A 1186 -33.63 6.92 -0.69
N ASN A 1187 -33.80 6.19 0.41
CA ASN A 1187 -33.71 4.75 0.34
C ASN A 1187 -34.42 4.16 1.56
N PRO A 1188 -35.67 3.70 1.37
CA PRO A 1188 -36.45 3.25 2.53
C PRO A 1188 -35.93 2.00 3.23
N ALA A 1189 -35.20 1.14 2.53
CA ALA A 1189 -34.59 0.01 3.20
C ALA A 1189 -33.53 0.48 4.20
N ILE A 1190 -32.62 1.37 3.72
CA ILE A 1190 -31.54 1.88 4.56
C ILE A 1190 -32.17 2.72 5.68
N ASP A 1191 -33.19 3.51 5.36
CA ASP A 1191 -33.77 4.40 6.38
C ASP A 1191 -34.47 3.63 7.50
N ILE A 1192 -35.27 2.63 7.13
CA ILE A 1192 -35.89 1.73 8.14
C ILE A 1192 -34.82 1.04 8.97
N GLY A 1193 -33.72 0.62 8.33
CA GLY A 1193 -32.60 0.04 9.03
C GLY A 1193 -31.96 0.99 10.03
N GLN A 1194 -31.86 2.26 9.65
CA GLN A 1194 -31.36 3.34 10.56
C GLN A 1194 -32.33 3.54 11.72
N VAL A 1195 -33.63 3.51 11.43
CA VAL A 1195 -34.61 3.70 12.52
C VAL A 1195 -34.47 2.55 13.52
N GLU A 1196 -34.42 1.31 13.03
CA GLU A 1196 -34.39 0.16 13.89
C GLU A 1196 -33.08 0.13 14.68
N GLY A 1197 -31.96 0.38 13.98
CA GLY A 1197 -30.65 0.32 14.61
C GLY A 1197 -30.48 1.42 15.65
N ALA A 1198 -30.93 2.63 15.34
CA ALA A 1198 -30.84 3.73 16.28
C ALA A 1198 -31.73 3.43 17.50
N PHE A 1199 -32.95 2.97 17.22
CA PHE A 1199 -33.89 2.65 18.32
C PHE A 1199 -33.29 1.62 19.29
N VAL A 1200 -32.65 0.57 18.75
CA VAL A 1200 -32.10 -0.48 19.57
C VAL A 1200 -30.88 0.02 20.36
N GLN A 1201 -30.09 0.95 19.81
CA GLN A 1201 -29.00 1.52 20.61
C GLN A 1201 -29.59 2.33 21.77
N GLY A 1202 -30.73 2.99 21.52
CA GLY A 1202 -31.42 3.72 22.57
C GLY A 1202 -32.04 2.80 23.62
N LEU A 1203 -32.59 1.66 23.16
CA LEU A 1203 -33.03 0.61 24.06
C LEU A 1203 -31.89 0.20 25.01
N GLY A 1204 -30.66 0.05 24.46
CA GLY A 1204 -29.52 -0.27 25.27
C GLY A 1204 -29.23 0.83 26.29
N LEU A 1205 -29.18 2.06 25.80
CA LEU A 1205 -28.84 3.26 26.59
C LEU A 1205 -29.77 3.37 27.80
N PHE A 1206 -31.06 3.12 27.58
CA PHE A 1206 -32.05 3.42 28.63
C PHE A 1206 -32.40 2.20 29.51
N THR A 1207 -31.99 0.98 29.14
CA THR A 1207 -32.45 -0.23 29.86
C THR A 1207 -31.38 -1.28 30.17
N MET A 1208 -30.24 -1.34 29.45
CA MET A 1208 -29.37 -2.47 29.63
C MET A 1208 -27.90 -2.11 29.84
N GLU A 1209 -27.43 -1.07 29.18
CA GLU A 1209 -26.00 -0.75 29.09
C GLU A 1209 -25.56 0.13 30.27
N GLU A 1210 -24.54 -0.34 30.98
CA GLU A 1210 -24.12 0.38 32.18
C GLU A 1210 -22.61 0.18 32.36
N LEU A 1211 -21.87 1.28 32.58
CA LEU A 1211 -20.44 1.24 32.86
C LEU A 1211 -20.22 1.46 34.36
N HIS A 1212 -19.35 0.67 34.96
CA HIS A 1212 -19.09 0.82 36.42
C HIS A 1212 -17.63 1.22 36.58
N TYR A 1213 -17.32 2.06 37.58
CA TYR A 1213 -16.01 2.60 37.80
C TYR A 1213 -15.65 2.46 39.26
N SER A 1214 -14.41 2.06 39.52
CA SER A 1214 -13.95 2.02 40.93
C SER A 1214 -14.02 3.41 41.53
N PRO A 1215 -13.97 3.58 42.89
CA PRO A 1215 -13.92 4.93 43.47
C PRO A 1215 -12.67 5.72 43.07
N GLU A 1216 -11.63 5.01 42.63
CA GLU A 1216 -10.37 5.63 42.16
C GLU A 1216 -10.41 5.91 40.64
N GLY A 1217 -11.56 5.74 39.99
CA GLY A 1217 -11.78 6.21 38.61
C GLY A 1217 -11.31 5.20 37.55
N SER A 1218 -11.17 3.94 37.93
CA SER A 1218 -10.78 2.84 37.01
C SER A 1218 -12.05 2.19 36.46
N LEU A 1219 -12.21 2.21 35.14
CA LEU A 1219 -13.32 1.53 34.47
C LEU A 1219 -13.22 0.04 34.76
N HIS A 1220 -14.30 -0.53 35.31
CA HIS A 1220 -14.41 -1.94 35.56
C HIS A 1220 -14.85 -2.66 34.28
N THR A 1221 -15.70 -1.97 33.51
CA THR A 1221 -16.52 -2.61 32.45
C THR A 1221 -15.79 -2.51 31.09
N ARG A 1222 -15.10 -3.58 30.67
CA ARG A 1222 -14.15 -3.43 29.56
C ARG A 1222 -14.35 -4.46 28.44
N GLY A 1223 -15.47 -5.20 28.44
CA GLY A 1223 -15.72 -6.16 27.38
C GLY A 1223 -17.17 -6.61 27.40
N PRO A 1224 -17.60 -7.38 26.39
CA PRO A 1224 -19.00 -7.83 26.34
C PRO A 1224 -19.41 -8.74 27.50
N SER A 1225 -18.47 -9.37 28.25
CA SER A 1225 -18.86 -10.14 29.42
C SER A 1225 -19.60 -9.24 30.42
N THR A 1226 -19.18 -7.97 30.54
CA THR A 1226 -19.69 -7.08 31.56
C THR A 1226 -20.55 -5.95 30.98
N TYR A 1227 -20.26 -5.55 29.74
CA TYR A 1227 -20.99 -4.52 29.07
C TYR A 1227 -22.01 -5.17 28.12
N LYS A 1228 -23.29 -5.01 28.45
CA LYS A 1228 -24.32 -5.80 27.83
C LYS A 1228 -25.12 -4.96 26.85
N ILE A 1229 -24.77 -5.08 25.56
CA ILE A 1229 -25.52 -4.41 24.50
C ILE A 1229 -26.69 -5.31 24.12
N PRO A 1230 -27.70 -4.76 23.43
CA PRO A 1230 -28.83 -5.59 23.03
C PRO A 1230 -28.39 -6.78 22.20
N ALA A 1231 -29.05 -7.91 22.48
CA ALA A 1231 -28.87 -9.16 21.83
C ALA A 1231 -30.05 -9.43 20.88
N PHE A 1232 -29.92 -10.46 20.03
CA PHE A 1232 -31.07 -10.87 19.16
C PHE A 1232 -32.37 -10.94 20.00
N GLY A 1233 -32.27 -11.48 21.23
CA GLY A 1233 -33.44 -11.70 22.10
C GLY A 1233 -33.95 -10.48 22.84
N SER A 1234 -33.31 -9.30 22.68
CA SER A 1234 -33.63 -8.12 23.44
C SER A 1234 -34.69 -7.28 22.72
N ILE A 1235 -34.92 -7.48 21.42
CA ILE A 1235 -35.71 -6.51 20.66
C ILE A 1235 -37.21 -6.71 20.90
N PRO A 1236 -38.02 -5.67 20.61
CA PRO A 1236 -39.46 -5.79 20.73
C PRO A 1236 -39.97 -7.00 19.93
N ILE A 1237 -40.85 -7.79 20.54
CA ILE A 1237 -41.27 -9.03 19.96
C ILE A 1237 -42.09 -8.73 18.69
N GLU A 1238 -42.97 -7.74 18.82
CA GLU A 1238 -43.67 -7.19 17.71
C GLU A 1238 -43.07 -5.81 17.44
N PHE A 1239 -42.54 -5.62 16.24
CA PHE A 1239 -41.66 -4.44 15.94
C PHE A 1239 -42.13 -3.88 14.60
N ARG A 1240 -42.83 -2.74 14.67
CA ARG A 1240 -43.43 -2.11 13.53
C ARG A 1240 -42.80 -0.72 13.33
N VAL A 1241 -42.42 -0.46 12.09
CA VAL A 1241 -41.83 0.79 11.66
C VAL A 1241 -42.57 1.26 10.41
N SER A 1242 -43.05 2.48 10.44
CA SER A 1242 -43.67 3.17 9.27
C SER A 1242 -42.92 4.46 8.98
N LEU A 1243 -42.57 4.68 7.72
CA LEU A 1243 -42.09 5.98 7.29
C LEU A 1243 -43.28 6.82 6.84
N LEU A 1244 -43.31 8.05 7.36
CA LEU A 1244 -44.41 8.98 7.10
C LEU A 1244 -44.54 9.19 5.59
N ARG A 1245 -45.78 9.10 5.09
CA ARG A 1245 -46.06 9.30 3.66
C ARG A 1245 -46.26 10.80 3.37
N ASP A 1246 -45.98 11.21 2.13
CA ASP A 1246 -46.40 12.51 1.60
C ASP A 1246 -45.89 13.64 2.48
N CYS A 1247 -44.56 13.74 2.64
CA CYS A 1247 -43.93 14.72 3.53
C CYS A 1247 -42.56 15.14 2.93
N PRO A 1248 -42.51 15.58 1.65
CA PRO A 1248 -41.24 16.01 1.04
C PRO A 1248 -40.67 17.20 1.83
N ASN A 1249 -39.34 17.19 2.00
CA ASN A 1249 -38.60 18.21 2.68
C ASN A 1249 -37.73 18.93 1.63
N LYS A 1250 -38.23 19.96 0.94
CA LYS A 1250 -37.53 20.25 -0.38
C LYS A 1250 -36.17 20.95 -0.17
N ARG A 1251 -35.91 21.47 1.02
CA ARG A 1251 -34.63 22.09 1.29
C ARG A 1251 -33.47 21.10 1.47
N ALA A 1252 -33.71 19.78 1.55
CA ALA A 1252 -32.56 18.80 1.53
C ALA A 1252 -32.64 17.97 0.24
N ILE A 1253 -31.57 17.23 -0.02
CA ILE A 1253 -31.36 16.57 -1.30
C ILE A 1253 -32.54 15.66 -1.63
N TYR A 1254 -33.14 15.92 -2.79
CA TYR A 1254 -34.28 15.20 -3.36
C TYR A 1254 -35.40 15.01 -2.32
N ALA A 1255 -35.58 16.00 -1.47
CA ALA A 1255 -36.73 16.17 -0.57
C ALA A 1255 -36.67 15.17 0.58
N SER A 1256 -35.49 14.59 0.82
CA SER A 1256 -35.25 13.66 1.94
C SER A 1256 -35.03 14.42 3.26
N LYS A 1257 -35.00 13.65 4.35
CA LYS A 1257 -34.48 14.11 5.63
C LYS A 1257 -33.42 13.12 6.13
N ALA A 1258 -32.52 13.67 6.93
CA ALA A 1258 -31.55 12.93 7.71
C ALA A 1258 -32.28 11.96 8.65
N VAL A 1259 -31.64 10.82 8.96
CA VAL A 1259 -32.30 9.76 9.74
C VAL A 1259 -31.44 9.17 10.87
N GLY A 1260 -30.11 9.39 10.92
CA GLY A 1260 -29.24 8.48 11.73
C GLY A 1260 -29.51 8.57 13.24
N GLU A 1261 -29.63 9.81 13.74
CA GLU A 1261 -29.70 10.06 15.17
C GLU A 1261 -31.14 10.22 15.66
N PRO A 1262 -32.05 10.92 14.95
CA PRO A 1262 -33.36 11.21 15.56
C PRO A 1262 -34.15 10.06 16.17
N PRO A 1263 -34.11 8.82 15.62
CA PRO A 1263 -34.95 7.74 16.20
C PRO A 1263 -34.49 7.22 17.57
N LEU A 1264 -33.20 7.42 17.92
CA LEU A 1264 -32.62 6.80 19.07
C LEU A 1264 -33.41 7.13 20.34
N PHE A 1265 -33.73 8.40 20.52
CA PHE A 1265 -34.47 8.82 21.72
C PHE A 1265 -35.83 8.14 21.85
N LEU A 1266 -36.42 7.68 20.75
CA LEU A 1266 -37.76 7.07 20.80
C LEU A 1266 -37.78 5.78 21.62
N ALA A 1267 -36.61 5.16 21.87
CA ALA A 1267 -36.52 4.03 22.79
C ALA A 1267 -36.84 4.42 24.24
N SER A 1268 -36.87 5.71 24.54
CA SER A 1268 -37.41 6.19 25.86
C SER A 1268 -38.84 5.69 26.09
N SER A 1269 -39.57 5.37 25.02
CA SER A 1269 -40.91 4.80 25.20
C SER A 1269 -40.86 3.52 26.04
N ILE A 1270 -39.80 2.71 25.88
CA ILE A 1270 -39.61 1.50 26.67
C ILE A 1270 -39.28 1.88 28.13
N PHE A 1271 -38.39 2.84 28.31
CA PHE A 1271 -38.09 3.38 29.67
C PHE A 1271 -39.36 3.85 30.42
N PHE A 1272 -40.23 4.61 29.74
CA PHE A 1272 -41.41 5.12 30.39
C PHE A 1272 -42.49 4.04 30.51
N ALA A 1273 -42.48 3.02 29.64
CA ALA A 1273 -43.41 1.87 29.81
C ALA A 1273 -43.01 1.10 31.07
N ILE A 1274 -41.70 0.96 31.25
CA ILE A 1274 -41.14 0.33 32.46
C ILE A 1274 -41.58 1.14 33.67
N LYS A 1275 -41.49 2.46 33.58
CA LYS A 1275 -41.80 3.31 34.71
C LYS A 1275 -43.28 3.13 35.08
N ASP A 1276 -44.16 3.07 34.07
CA ASP A 1276 -45.60 2.79 34.32
C ASP A 1276 -45.81 1.45 35.03
N ALA A 1277 -45.09 0.40 34.59
CA ALA A 1277 -45.23 -0.93 35.17
C ALA A 1277 -44.73 -0.96 36.62
N ILE A 1278 -43.62 -0.25 36.91
CA ILE A 1278 -43.17 -0.15 38.29
C ILE A 1278 -44.26 0.57 39.12
N ARG A 1279 -44.84 1.63 38.59
CA ARG A 1279 -45.87 2.36 39.33
C ARG A 1279 -46.99 1.39 39.75
N ALA A 1280 -47.41 0.54 38.83
CA ALA A 1280 -48.46 -0.48 39.07
C ALA A 1280 -47.98 -1.49 40.13
N ALA A 1281 -46.71 -1.89 40.05
CA ALA A 1281 -46.14 -2.78 41.07
C ALA A 1281 -46.18 -2.14 42.46
N ARG A 1282 -45.85 -0.85 42.53
CA ARG A 1282 -45.74 -0.13 43.82
C ARG A 1282 -47.15 0.06 44.38
N ALA A 1283 -48.13 0.23 43.50
CA ALA A 1283 -49.52 0.28 43.98
C ALA A 1283 -49.92 -1.09 44.57
N GLN A 1284 -49.45 -2.18 43.99
CA GLN A 1284 -49.80 -3.53 44.40
C GLN A 1284 -49.28 -3.84 45.82
N HIS A 1285 -47.98 -3.61 46.07
CA HIS A 1285 -47.28 -4.01 47.32
C HIS A 1285 -46.65 -2.76 47.97
N GLY A 1286 -46.05 -2.87 49.15
CA GLY A 1286 -45.57 -1.57 49.80
C GLY A 1286 -46.73 -0.70 50.31
N ASP A 1287 -46.65 -0.33 51.59
CA ASP A 1287 -47.86 0.09 52.36
C ASP A 1287 -47.72 1.58 52.75
N ASN A 1288 -47.48 2.41 51.75
CA ASN A 1288 -46.54 3.47 51.92
C ASN A 1288 -46.46 4.27 50.62
N ALA A 1289 -46.36 3.53 49.50
CA ALA A 1289 -46.14 4.03 48.15
C ALA A 1289 -45.04 5.08 48.20
N LYS A 1290 -45.37 6.34 47.91
CA LYS A 1290 -44.35 7.40 47.55
C LYS A 1290 -44.46 7.58 46.03
N GLN A 1291 -45.24 8.58 45.68
CA GLN A 1291 -45.58 8.90 44.35
C GLN A 1291 -44.33 9.60 43.79
N LEU A 1292 -44.18 9.71 42.50
CA LEU A 1292 -42.96 10.38 42.00
C LEU A 1292 -41.70 9.67 42.55
N PHE A 1293 -41.71 8.33 42.50
CA PHE A 1293 -40.52 7.53 42.85
C PHE A 1293 -39.42 7.79 41.80
N GLN A 1294 -38.19 7.53 42.18
CA GLN A 1294 -37.03 7.82 41.34
C GLN A 1294 -36.78 6.64 40.40
N LEU A 1295 -36.64 6.91 39.11
CA LEU A 1295 -36.09 5.88 38.21
C LEU A 1295 -34.99 6.54 37.39
N ASP A 1296 -33.73 6.32 37.76
CA ASP A 1296 -32.61 6.79 36.96
C ASP A 1296 -32.43 5.91 35.71
N SER A 1297 -31.64 6.41 34.76
CA SER A 1297 -31.31 5.66 33.53
C SER A 1297 -29.87 5.16 33.63
N PRO A 1298 -29.60 3.92 33.23
CA PRO A 1298 -30.52 3.01 32.60
C PRO A 1298 -31.38 2.31 33.65
N ALA A 1299 -32.65 2.03 33.29
CA ALA A 1299 -33.56 1.22 34.08
C ALA A 1299 -33.26 -0.26 33.86
N THR A 1300 -32.19 -0.73 34.52
CA THR A 1300 -31.68 -2.05 34.52
C THR A 1300 -32.50 -2.95 35.43
N PRO A 1301 -32.28 -4.28 35.41
CA PRO A 1301 -32.97 -5.14 36.37
C PRO A 1301 -32.77 -4.72 37.83
N GLU A 1302 -31.57 -4.22 38.15
CA GLU A 1302 -31.31 -3.74 39.54
C GLU A 1302 -32.29 -2.62 39.91
N LYS A 1303 -32.35 -1.61 39.05
CA LYS A 1303 -33.15 -0.43 39.35
C LYS A 1303 -34.64 -0.77 39.34
N ILE A 1304 -35.07 -1.63 38.41
CA ILE A 1304 -36.48 -2.01 38.35
C ILE A 1304 -36.86 -2.80 39.61
N ARG A 1305 -36.05 -3.82 39.93
CA ARG A 1305 -36.34 -4.71 41.07
C ARG A 1305 -36.36 -3.87 42.34
N ASN A 1306 -35.39 -2.96 42.50
CA ASN A 1306 -35.28 -2.20 43.78
C ASN A 1306 -36.47 -1.25 43.98
N ALA A 1307 -37.01 -0.68 42.89
CA ALA A 1307 -38.18 0.17 42.90
C ALA A 1307 -39.48 -0.60 43.21
N CYS A 1308 -39.55 -1.91 42.94
CA CYS A 1308 -40.76 -2.77 43.20
C CYS A 1308 -40.76 -3.18 44.69
N VAL A 1309 -40.98 -2.19 45.55
CA VAL A 1309 -40.91 -2.40 47.02
C VAL A 1309 -42.03 -3.37 47.44
N ASP A 1310 -41.66 -4.26 48.37
CA ASP A 1310 -42.55 -5.38 48.75
C ASP A 1310 -42.04 -5.92 50.07
N GLN A 1311 -42.54 -7.10 50.47
CA GLN A 1311 -42.17 -7.70 51.76
C GLN A 1311 -40.71 -8.18 51.73
N PHE A 1312 -40.18 -8.44 50.52
CA PHE A 1312 -38.82 -8.95 50.36
C PHE A 1312 -37.79 -7.81 50.38
N THR A 1313 -38.05 -6.74 49.65
CA THR A 1313 -37.14 -5.62 49.67
C THR A 1313 -37.07 -5.01 51.09
N THR A 1314 -38.19 -5.00 51.80
CA THR A 1314 -38.29 -4.50 53.19
C THR A 1314 -37.29 -5.24 54.10
N LEU A 1315 -37.23 -6.57 54.00
CA LEU A 1315 -36.32 -7.38 54.85
C LEU A 1315 -34.84 -7.25 54.47
N CYS A 1316 -34.50 -6.58 53.34
CA CYS A 1316 -33.12 -6.62 52.81
C CYS A 1316 -32.44 -5.27 53.03
N VAL A 1317 -33.23 -4.20 53.01
CA VAL A 1317 -32.77 -2.85 53.32
C VAL A 1317 -31.99 -2.89 54.64
N GLU A 1322 -23.51 3.86 55.83
CA GLU A 1322 -22.46 4.84 55.48
C GLU A 1322 -21.21 4.52 56.28
N ASN A 1323 -20.02 5.12 55.98
CA ASN A 1323 -19.66 5.79 54.71
C ASN A 1323 -18.13 5.94 54.60
N CYS A 1324 -17.35 4.98 54.07
CA CYS A 1324 -17.67 3.62 53.65
C CYS A 1324 -17.20 3.38 52.20
N LYS A 1325 -16.23 2.45 52.04
CA LYS A 1325 -15.66 2.07 50.69
C LYS A 1325 -16.63 1.16 49.94
N SER A 1326 -16.77 1.38 48.63
CA SER A 1326 -17.63 0.50 47.85
C SER A 1326 -16.91 0.08 46.56
N TRP A 1327 -17.41 -0.98 45.89
CA TRP A 1327 -16.82 -1.53 44.65
C TRP A 1327 -16.82 -0.48 43.52
N SER A 1328 -17.94 0.23 43.37
CA SER A 1328 -18.08 1.30 42.35
C SER A 1328 -18.68 2.56 42.97
N VAL A 1329 -18.52 3.67 42.25
CA VAL A 1329 -19.03 5.00 42.59
C VAL A 1329 -19.81 5.52 41.36
N ARG A 1330 -20.91 6.25 41.62
CA ARG A 1330 -21.69 6.92 40.56
C ARG A 1330 -20.88 8.12 40.04
N ILE A 1331 -20.52 8.13 38.76
CA ILE A 1331 -19.67 9.24 38.27
C ILE A 1331 -20.50 10.46 37.84
N ALA B 3 33.61 -22.64 9.83
CA ALA B 3 32.13 -22.23 9.93
C ALA B 3 31.46 -22.17 8.55
N ASP B 4 30.56 -21.16 8.48
CA ASP B 4 29.11 -21.35 8.28
C ASP B 4 28.30 -20.08 8.61
N GLU B 5 28.57 -19.23 9.63
CA GLU B 5 27.95 -17.86 9.68
C GLU B 5 28.73 -16.91 8.75
N LEU B 6 28.00 -16.05 8.00
CA LEU B 6 28.59 -14.98 7.21
C LEU B 6 28.42 -13.68 8.00
N VAL B 7 29.52 -12.96 8.26
CA VAL B 7 29.49 -11.79 9.07
C VAL B 7 30.15 -10.62 8.34
N PHE B 8 29.40 -9.52 8.14
CA PHE B 8 29.96 -8.32 7.53
C PHE B 8 29.23 -7.11 8.08
N PHE B 9 29.64 -5.91 7.68
CA PHE B 9 29.01 -4.70 8.19
C PHE B 9 28.39 -3.95 7.01
N VAL B 10 27.28 -3.28 7.26
CA VAL B 10 26.65 -2.42 6.29
C VAL B 10 26.35 -1.09 6.98
N ASN B 11 26.92 0.00 6.44
CA ASN B 11 26.79 1.36 7.00
C ASN B 11 27.05 1.33 8.51
N GLY B 12 28.07 0.61 8.91
CA GLY B 12 28.56 0.61 10.32
C GLY B 12 27.86 -0.40 11.24
N LYS B 13 26.83 -1.09 10.74
CA LYS B 13 26.04 -2.02 11.50
C LYS B 13 26.42 -3.47 11.13
N LYS B 14 26.64 -4.31 12.14
CA LYS B 14 26.99 -5.69 11.92
C LYS B 14 25.81 -6.48 11.37
N VAL B 15 26.07 -7.29 10.35
CA VAL B 15 25.16 -8.20 9.73
C VAL B 15 25.66 -9.62 9.99
N VAL B 16 24.79 -10.47 10.56
CA VAL B 16 25.06 -11.88 10.80
C VAL B 16 24.03 -12.67 10.00
N GLU B 17 24.49 -13.30 8.93
CA GLU B 17 23.68 -14.09 8.07
C GLU B 17 24.00 -15.58 8.33
N LYS B 18 23.06 -16.30 8.95
CA LYS B 18 23.32 -17.67 9.38
C LYS B 18 23.14 -18.70 8.26
N ASN B 19 22.50 -18.35 7.15
CA ASN B 19 22.23 -19.28 6.05
C ASN B 19 22.44 -18.61 4.71
N ALA B 20 23.66 -18.11 4.48
CA ALA B 20 23.97 -17.41 3.24
C ALA B 20 23.84 -18.37 2.07
N ASP B 21 23.18 -17.91 1.00
CA ASP B 21 23.10 -18.66 -0.23
C ASP B 21 24.16 -18.13 -1.16
N PRO B 22 25.04 -18.99 -1.74
CA PRO B 22 26.05 -18.51 -2.68
C PRO B 22 25.51 -17.76 -3.90
N GLU B 23 24.23 -17.96 -4.23
CA GLU B 23 23.67 -17.30 -5.36
C GLU B 23 23.23 -15.87 -5.04
N THR B 24 23.23 -15.46 -3.77
CA THR B 24 22.74 -14.13 -3.40
C THR B 24 23.82 -13.06 -3.66
N THR B 25 23.45 -12.08 -4.48
CA THR B 25 24.27 -10.89 -4.67
C THR B 25 24.11 -9.91 -3.53
N LEU B 26 25.13 -9.04 -3.39
CA LEU B 26 25.05 -7.96 -2.44
C LEU B 26 23.86 -7.07 -2.77
N LEU B 27 23.61 -6.81 -4.06
CA LEU B 27 22.53 -5.88 -4.41
C LEU B 27 21.18 -6.43 -3.89
N VAL B 28 20.93 -7.71 -4.14
CA VAL B 28 19.68 -8.36 -3.64
C VAL B 28 19.62 -8.35 -2.12
N TYR B 29 20.75 -8.62 -1.46
CA TYR B 29 20.76 -8.63 -0.04
C TYR B 29 20.41 -7.24 0.50
N LEU B 30 21.06 -6.21 -0.05
CA LEU B 30 20.84 -4.85 0.49
C LEU B 30 19.34 -4.48 0.33
N ARG B 31 18.83 -4.73 -0.87
CA ARG B 31 17.49 -4.24 -1.20
C ARG B 31 16.44 -5.08 -0.48
N ARG B 32 16.53 -6.39 -0.64
CA ARG B 32 15.43 -7.31 -0.27
C ARG B 32 15.57 -7.73 1.20
N LYS B 33 16.77 -8.00 1.69
CA LYS B 33 16.91 -8.41 3.06
C LYS B 33 17.07 -7.21 4.02
N LEU B 34 17.82 -6.18 3.66
CA LEU B 34 18.04 -5.05 4.57
C LEU B 34 17.13 -3.84 4.30
N GLY B 35 16.45 -3.83 3.17
CA GLY B 35 15.48 -2.78 2.86
C GLY B 35 16.14 -1.49 2.35
N LEU B 36 17.44 -1.52 2.07
CA LEU B 36 18.19 -0.31 1.67
C LEU B 36 18.14 -0.20 0.15
N CYS B 37 17.18 0.58 -0.36
CA CYS B 37 16.88 0.55 -1.78
C CYS B 37 17.51 1.75 -2.50
N GLY B 38 18.41 2.50 -1.84
CA GLY B 38 19.14 3.51 -2.57
C GLY B 38 20.02 2.95 -3.68
N THR B 39 20.62 1.79 -3.42
CA THR B 39 21.42 1.08 -4.40
C THR B 39 20.48 0.45 -5.44
N LYS B 40 20.68 0.70 -6.73
CA LYS B 40 19.72 0.34 -7.78
C LYS B 40 20.23 -0.79 -8.66
N LEU B 41 19.25 -1.48 -9.28
CA LEU B 41 19.49 -2.37 -10.41
C LEU B 41 19.26 -1.62 -11.72
N GLY B 42 20.29 -1.53 -12.55
CA GLY B 42 20.16 -0.95 -13.86
C GLY B 42 20.48 -1.89 -15.03
N CYS B 43 21.22 -2.99 -14.77
CA CYS B 43 21.67 -3.90 -15.84
C CYS B 43 22.02 -5.32 -15.38
N GLY B 44 22.50 -5.47 -14.13
CA GLY B 44 22.93 -6.77 -13.58
C GLY B 44 24.19 -7.33 -14.25
N GLU B 45 24.91 -6.53 -15.05
CA GLU B 45 26.05 -7.07 -15.80
C GLU B 45 27.33 -6.21 -15.72
N GLY B 46 27.34 -5.23 -14.83
CA GLY B 46 28.56 -4.48 -14.50
C GLY B 46 28.83 -3.21 -15.29
N GLY B 47 28.00 -2.92 -16.25
CA GLY B 47 28.30 -1.79 -17.20
C GLY B 47 27.76 -0.43 -16.79
N CYS B 48 26.73 -0.36 -15.93
CA CYS B 48 25.98 0.85 -15.73
C CYS B 48 26.34 1.55 -14.42
N GLY B 49 26.82 0.79 -13.43
CA GLY B 49 27.24 1.44 -12.15
C GLY B 49 26.11 1.89 -11.23
N ALA B 50 24.84 1.62 -11.57
CA ALA B 50 23.74 2.10 -10.74
C ALA B 50 23.78 1.44 -9.33
N CYS B 51 24.43 0.26 -9.25
CA CYS B 51 24.50 -0.56 -8.05
C CYS B 51 25.82 -0.32 -7.30
N THR B 52 26.56 0.74 -7.62
CA THR B 52 27.86 0.91 -7.02
C THR B 52 27.75 1.17 -5.52
N VAL B 53 28.60 0.45 -4.78
CA VAL B 53 28.78 0.63 -3.34
C VAL B 53 30.29 0.64 -3.05
N MET B 54 30.62 1.04 -1.80
CA MET B 54 32.00 0.99 -1.35
C MET B 54 32.21 -0.14 -0.34
N ILE B 55 33.36 -0.78 -0.45
CA ILE B 55 33.84 -1.83 0.43
C ILE B 55 35.06 -1.26 1.14
N SER B 56 35.12 -1.47 2.44
CA SER B 56 36.31 -1.18 3.25
C SER B 56 36.75 -2.51 3.87
N LYS B 57 38.07 -2.72 3.99
CA LYS B 57 38.52 -3.90 4.70
C LYS B 57 39.94 -3.65 5.19
N TYR B 58 40.34 -4.47 6.15
CA TYR B 58 41.71 -4.46 6.62
C TYR B 58 42.52 -5.38 5.73
N ASP B 59 43.52 -4.81 5.05
CA ASP B 59 44.46 -5.56 4.18
C ASP B 59 45.61 -6.05 5.06
N ARG B 60 45.63 -7.37 5.26
CA ARG B 60 46.52 -8.07 6.21
C ARG B 60 47.97 -7.96 5.72
N LEU B 61 48.12 -7.93 4.39
CA LEU B 61 49.41 -7.85 3.72
C LEU B 61 50.06 -6.47 3.95
N GLN B 62 49.28 -5.43 4.33
CA GLN B 62 49.83 -4.08 4.38
C GLN B 62 49.54 -3.39 5.72
N ASN B 63 48.89 -4.06 6.67
CA ASN B 63 48.51 -3.40 7.95
C ASN B 63 47.87 -2.04 7.64
N LYS B 64 46.91 -2.01 6.69
CA LYS B 64 46.16 -0.80 6.51
C LYS B 64 44.72 -1.08 6.07
N ILE B 65 43.91 -0.07 6.31
CA ILE B 65 42.50 -0.07 5.87
C ILE B 65 42.46 0.41 4.43
N VAL B 66 41.71 -0.29 3.56
CA VAL B 66 41.61 0.07 2.17
C VAL B 66 40.13 0.25 1.86
N HIS B 67 39.87 1.05 0.82
CA HIS B 67 38.51 1.38 0.39
C HIS B 67 38.43 1.24 -1.11
N PHE B 68 37.38 0.60 -1.61
CA PHE B 68 37.27 0.48 -3.04
C PHE B 68 35.79 0.34 -3.41
N SER B 69 35.48 0.68 -4.65
CA SER B 69 34.07 0.57 -5.10
C SER B 69 33.87 -0.81 -5.75
N VAL B 70 32.62 -1.34 -5.76
CA VAL B 70 32.28 -2.59 -6.48
C VAL B 70 30.87 -2.42 -7.05
N ASN B 71 30.57 -3.26 -8.04
CA ASN B 71 29.19 -3.43 -8.49
C ASN B 71 28.47 -4.42 -7.56
N ALA B 72 27.51 -3.94 -6.80
CA ALA B 72 26.73 -4.81 -5.91
C ALA B 72 26.00 -5.91 -6.69
N CYS B 73 25.70 -5.68 -7.99
CA CYS B 73 24.95 -6.64 -8.77
C CYS B 73 25.77 -7.90 -9.08
N LEU B 74 27.10 -7.80 -8.99
CA LEU B 74 27.95 -8.94 -9.30
C LEU B 74 28.73 -9.43 -8.08
N ALA B 75 28.54 -8.82 -6.90
CA ALA B 75 29.34 -9.20 -5.71
C ALA B 75 28.58 -10.29 -4.95
N PRO B 76 29.05 -11.55 -4.90
CA PRO B 76 28.36 -12.53 -4.08
C PRO B 76 28.54 -12.16 -2.60
N ILE B 77 27.47 -12.24 -1.82
CA ILE B 77 27.66 -11.94 -0.40
C ILE B 77 28.66 -12.91 0.24
N CYS B 78 28.80 -14.13 -0.30
CA CYS B 78 29.65 -15.13 0.33
C CYS B 78 31.14 -14.79 0.15
N SER B 79 31.43 -13.77 -0.67
CA SER B 79 32.81 -13.27 -0.86
C SER B 79 33.12 -12.12 0.13
N LEU B 80 32.16 -11.69 0.95
CA LEU B 80 32.23 -10.43 1.68
C LEU B 80 32.42 -10.64 3.20
N HIS B 81 32.74 -11.85 3.64
CA HIS B 81 33.00 -12.07 5.07
C HIS B 81 34.07 -11.08 5.58
N HIS B 82 33.75 -10.39 6.67
CA HIS B 82 34.66 -9.50 7.38
C HIS B 82 35.09 -8.30 6.51
N VAL B 83 34.19 -7.80 5.66
CA VAL B 83 34.34 -6.48 5.10
C VAL B 83 33.23 -5.56 5.62
N ALA B 84 33.37 -4.26 5.29
CA ALA B 84 32.38 -3.24 5.64
C ALA B 84 31.92 -2.56 4.37
N VAL B 85 30.61 -2.64 4.15
CA VAL B 85 29.92 -2.05 3.00
C VAL B 85 29.42 -0.64 3.40
N THR B 86 29.57 0.32 2.49
CA THR B 86 28.96 1.60 2.59
C THR B 86 28.10 1.83 1.33
N THR B 87 26.81 2.06 1.57
CA THR B 87 25.87 2.48 0.48
C THR B 87 25.61 3.99 0.53
N VAL B 88 24.76 4.48 -0.39
CA VAL B 88 24.41 5.89 -0.40
C VAL B 88 23.81 6.32 0.95
N GLU B 89 23.01 5.45 1.59
CA GLU B 89 22.38 5.75 2.87
C GLU B 89 23.44 5.96 3.96
N GLY B 90 24.61 5.37 3.77
CA GLY B 90 25.64 5.36 4.72
C GLY B 90 26.44 6.66 4.80
N ILE B 91 26.34 7.52 3.79
CA ILE B 91 27.20 8.73 3.72
C ILE B 91 26.44 9.99 4.12
N GLY B 92 25.09 9.99 4.04
CA GLY B 92 24.31 11.16 4.27
C GLY B 92 22.87 10.92 3.91
N ASN B 93 22.03 11.88 4.24
CA ASN B 93 20.62 11.85 3.92
C ASN B 93 20.16 13.30 3.82
N THR B 94 18.87 13.52 3.55
CA THR B 94 18.41 14.92 3.29
C THR B 94 18.53 15.78 4.56
N GLN B 95 18.60 15.15 5.73
CA GLN B 95 18.77 15.89 7.01
C GLN B 95 20.24 16.32 7.18
N LYS B 96 21.14 15.56 6.57
CA LYS B 96 22.54 15.96 6.55
C LYS B 96 23.25 15.36 5.34
N LEU B 97 23.30 16.10 4.22
CA LEU B 97 23.84 15.54 2.99
C LEU B 97 25.36 15.56 3.05
N HIS B 98 25.98 14.52 2.54
CA HIS B 98 27.41 14.52 2.36
C HIS B 98 27.71 15.54 1.29
N PRO B 99 28.86 16.24 1.30
CA PRO B 99 29.24 17.10 0.18
C PRO B 99 29.04 16.51 -1.22
N VAL B 100 29.32 15.21 -1.42
CA VAL B 100 29.15 14.64 -2.73
C VAL B 100 27.67 14.72 -3.15
N GLN B 101 26.79 14.41 -2.22
CA GLN B 101 25.36 14.47 -2.45
C GLN B 101 24.86 15.91 -2.69
N GLU B 102 25.31 16.83 -1.85
CA GLU B 102 24.91 18.19 -2.05
C GLU B 102 25.34 18.74 -3.40
N ARG B 103 26.58 18.49 -3.83
CA ARG B 103 27.12 19.11 -5.01
C ARG B 103 26.44 18.55 -6.25
N ILE B 104 26.21 17.23 -6.31
CA ILE B 104 25.55 16.69 -7.52
C ILE B 104 24.09 17.23 -7.62
N ALA B 105 23.40 17.39 -6.50
CA ALA B 105 22.02 17.85 -6.53
C ALA B 105 21.97 19.35 -6.91
N ARG B 106 22.82 20.16 -6.30
CA ARG B 106 22.76 21.62 -6.51
C ARG B 106 23.32 22.04 -7.85
N SER B 107 24.19 21.21 -8.45
CA SER B 107 24.75 21.48 -9.77
C SER B 107 23.86 21.02 -10.91
N HIS B 108 22.68 20.46 -10.62
CA HIS B 108 21.71 19.97 -11.65
C HIS B 108 22.28 18.72 -12.34
N GLY B 109 23.01 17.91 -11.56
CA GLY B 109 23.61 16.64 -11.99
C GLY B 109 22.69 15.44 -11.80
N SER B 110 21.46 15.69 -11.30
CA SER B 110 20.44 14.64 -11.09
C SER B 110 19.15 15.10 -11.79
N GLN B 111 18.73 14.33 -12.78
CA GLN B 111 17.47 14.51 -13.51
C GLN B 111 16.54 13.38 -13.05
N CYS B 112 16.53 12.24 -13.76
CA CYS B 112 15.60 11.14 -13.34
C CYS B 112 16.02 10.58 -11.97
N GLY B 113 17.33 10.68 -11.67
CA GLY B 113 17.85 10.36 -10.36
C GLY B 113 18.24 8.91 -10.17
N PHE B 114 17.99 8.06 -11.18
CA PHE B 114 18.18 6.62 -10.97
C PHE B 114 19.68 6.26 -10.90
N CYS B 115 20.53 6.96 -11.66
CA CYS B 115 21.97 6.77 -11.66
C CYS B 115 22.66 7.48 -10.50
N THR B 116 21.94 8.35 -9.76
CA THR B 116 22.60 9.30 -8.88
C THR B 116 23.31 8.60 -7.73
N PRO B 117 22.69 7.64 -7.03
CA PRO B 117 23.39 6.94 -5.95
C PRO B 117 24.68 6.27 -6.39
N GLY B 118 24.68 5.62 -7.57
CA GLY B 118 25.87 4.97 -8.03
C GLY B 118 27.00 5.93 -8.37
N ILE B 119 26.63 7.08 -8.96
CA ILE B 119 27.64 8.09 -9.30
C ILE B 119 28.16 8.72 -8.00
N VAL B 120 27.26 9.03 -7.07
CA VAL B 120 27.61 9.48 -5.73
C VAL B 120 28.65 8.55 -5.10
N MET B 121 28.43 7.24 -5.16
CA MET B 121 29.30 6.34 -4.49
C MET B 121 30.65 6.23 -5.20
N SER B 122 30.70 6.33 -6.53
CA SER B 122 31.95 6.34 -7.27
C SER B 122 32.79 7.56 -6.83
N MET B 123 32.14 8.72 -6.75
CA MET B 123 32.82 9.99 -6.34
C MET B 123 33.24 9.94 -4.87
N TYR B 124 32.36 9.44 -4.03
CA TYR B 124 32.63 9.27 -2.64
C TYR B 124 33.86 8.38 -2.45
N THR B 125 33.90 7.23 -3.18
CA THR B 125 34.99 6.28 -3.04
C THR B 125 36.33 6.93 -3.46
N LEU B 126 36.30 7.69 -4.55
CA LEU B 126 37.52 8.43 -4.99
C LEU B 126 38.01 9.31 -3.84
N LEU B 127 37.11 10.05 -3.21
CA LEU B 127 37.53 11.03 -2.18
C LEU B 127 38.06 10.30 -0.94
N ARG B 128 37.58 9.08 -0.66
CA ARG B 128 38.15 8.30 0.46
C ARG B 128 39.58 7.84 0.17
N ASN B 129 39.93 7.70 -1.10
CA ASN B 129 41.28 7.30 -1.55
C ASN B 129 42.13 8.54 -1.90
N GLN B 130 41.54 9.61 -2.35
CA GLN B 130 42.33 10.80 -2.77
C GLN B 130 41.51 12.05 -2.46
N PRO B 131 41.72 12.69 -1.28
CA PRO B 131 40.89 13.82 -0.85
C PRO B 131 41.00 15.07 -1.73
N GLU B 132 42.05 15.18 -2.52
CA GLU B 132 42.24 16.24 -3.48
C GLU B 132 42.59 15.67 -4.86
N PRO B 133 41.62 15.06 -5.56
CA PRO B 133 41.86 14.45 -6.85
C PRO B 133 42.09 15.47 -7.96
N THR B 134 42.71 15.02 -9.05
CA THR B 134 42.80 15.82 -10.27
C THR B 134 41.48 15.71 -11.04
N VAL B 135 41.29 16.62 -11.99
CA VAL B 135 40.18 16.59 -12.89
C VAL B 135 40.18 15.27 -13.65
N GLU B 136 41.38 14.79 -14.04
CA GLU B 136 41.52 13.52 -14.74
C GLU B 136 41.05 12.35 -13.87
N GLU B 137 41.44 12.34 -12.59
CA GLU B 137 41.05 11.26 -11.70
C GLU B 137 39.52 11.27 -11.51
N ILE B 138 38.95 12.48 -11.44
CA ILE B 138 37.45 12.59 -11.32
C ILE B 138 36.74 11.95 -12.52
N GLU B 139 37.14 12.29 -13.74
CA GLU B 139 36.50 11.67 -14.90
C GLU B 139 36.64 10.13 -14.85
N ASN B 140 37.83 9.67 -14.48
CA ASN B 140 38.18 8.25 -14.52
C ASN B 140 37.39 7.46 -13.48
N ALA B 141 36.94 8.16 -12.43
CA ALA B 141 36.13 7.55 -11.38
C ALA B 141 34.81 7.01 -11.94
N PHE B 142 34.40 7.51 -13.12
CA PHE B 142 33.05 7.21 -13.67
C PHE B 142 33.07 6.39 -14.94
N GLN B 143 34.19 5.76 -15.30
CA GLN B 143 34.17 4.93 -16.54
C GLN B 143 33.14 3.79 -16.40
N GLY B 144 32.86 3.38 -15.18
CA GLY B 144 31.85 2.38 -14.91
C GLY B 144 30.45 2.88 -14.52
N ASN B 145 30.10 4.14 -14.79
CA ASN B 145 28.79 4.66 -14.48
C ASN B 145 28.18 5.31 -15.74
N LEU B 146 26.91 5.01 -15.97
CA LEU B 146 26.20 5.54 -17.12
C LEU B 146 25.04 6.39 -16.63
N CYS B 147 24.78 7.47 -17.38
CA CYS B 147 23.67 8.39 -17.14
C CYS B 147 23.01 8.64 -18.51
N ARG B 148 21.70 8.45 -18.60
CA ARG B 148 20.99 8.61 -19.84
C ARG B 148 20.39 10.02 -19.96
N CYS B 149 20.25 10.75 -18.84
CA CYS B 149 19.49 11.99 -18.86
C CYS B 149 20.34 13.26 -18.99
N THR B 150 21.46 13.33 -18.26
CA THR B 150 22.05 14.65 -17.96
C THR B 150 22.98 15.14 -19.06
N GLY B 151 23.52 14.24 -19.88
CA GLY B 151 24.62 14.56 -20.76
C GLY B 151 25.92 14.80 -20.03
N TYR B 152 25.98 14.47 -18.73
CA TYR B 152 27.19 14.27 -17.90
C TYR B 152 27.86 15.59 -17.47
N ARG B 153 27.86 16.58 -18.36
CA ARG B 153 28.45 17.91 -18.09
C ARG B 153 28.23 18.41 -16.66
N PRO B 154 26.97 18.55 -16.16
CA PRO B 154 26.77 19.13 -14.83
C PRO B 154 27.42 18.27 -13.74
N ILE B 155 27.43 16.94 -13.91
CA ILE B 155 27.99 16.10 -12.87
C ILE B 155 29.47 16.43 -12.71
N LEU B 156 30.19 16.45 -13.83
CA LEU B 156 31.65 16.70 -13.84
C LEU B 156 31.92 18.14 -13.39
N GLN B 157 31.05 19.06 -13.79
CA GLN B 157 31.28 20.49 -13.49
C GLN B 157 31.07 20.74 -12.00
N GLY B 158 30.02 20.15 -11.42
CA GLY B 158 29.81 20.20 -9.98
C GLY B 158 30.92 19.54 -9.16
N PHE B 159 31.45 18.41 -9.65
CA PHE B 159 32.43 17.68 -8.94
C PHE B 159 33.85 18.26 -9.12
N ARG B 160 34.03 19.08 -10.15
CA ARG B 160 35.32 19.77 -10.42
C ARG B 160 35.72 20.58 -9.19
N THR B 161 34.72 20.98 -8.38
CA THR B 161 34.96 21.76 -7.16
C THR B 161 35.82 21.01 -6.14
N PHE B 162 35.88 19.67 -6.19
CA PHE B 162 36.73 18.89 -5.30
C PHE B 162 38.18 18.85 -5.78
N ALA B 163 38.46 19.22 -7.02
CA ALA B 163 39.82 18.99 -7.61
C ALA B 163 40.83 20.01 -7.06
N LYS B 164 42.12 19.61 -7.05
CA LYS B 164 43.27 20.55 -7.07
C LYS B 164 43.14 21.60 -5.97
N PRO B 192 24.82 35.46 -15.39
CA PRO B 192 24.00 34.73 -14.30
C PRO B 192 24.38 33.25 -14.27
N SER B 193 24.48 32.60 -13.10
CA SER B 193 25.09 31.23 -13.05
C SER B 193 24.08 30.17 -12.60
N LEU B 194 24.34 28.90 -12.97
CA LEU B 194 23.29 27.85 -12.72
C LEU B 194 23.36 27.35 -11.29
N PHE B 195 24.53 27.49 -10.66
CA PHE B 195 24.69 27.16 -9.28
C PHE B 195 25.84 27.98 -8.67
N ASN B 196 25.90 28.02 -7.34
CA ASN B 196 26.94 28.78 -6.65
C ASN B 196 27.85 27.89 -5.80
N PRO B 197 29.02 27.47 -6.33
CA PRO B 197 29.93 26.57 -5.62
C PRO B 197 30.48 27.19 -4.32
N GLU B 198 30.43 28.52 -4.19
CA GLU B 198 30.85 29.20 -2.95
C GLU B 198 29.94 28.83 -1.79
N ASP B 199 28.70 28.42 -2.07
CA ASP B 199 27.73 28.07 -1.05
C ASP B 199 27.79 26.59 -0.67
N PHE B 200 28.66 25.81 -1.31
CA PHE B 200 28.76 24.37 -0.99
C PHE B 200 29.44 24.19 0.37
N LYS B 201 28.95 23.24 1.14
CA LYS B 201 29.62 22.97 2.41
C LYS B 201 30.97 22.28 2.16
N PRO B 202 32.01 22.69 2.93
CA PRO B 202 33.32 22.10 2.83
C PRO B 202 33.37 20.66 3.32
N LEU B 203 34.30 19.89 2.77
CA LEU B 203 34.53 18.51 3.10
C LEU B 203 35.52 18.45 4.26
N ASP B 204 35.14 17.79 5.35
CA ASP B 204 36.04 17.45 6.44
C ASP B 204 36.22 15.95 6.47
N PRO B 205 37.33 15.43 5.91
CA PRO B 205 37.53 13.98 5.82
C PRO B 205 37.55 13.20 7.12
N THR B 206 37.76 13.90 8.27
CA THR B 206 37.82 13.24 9.55
C THR B 206 36.40 12.84 10.01
N GLN B 207 35.36 13.37 9.34
CA GLN B 207 34.00 13.09 9.75
C GLN B 207 33.38 11.93 8.96
N GLU B 208 34.18 11.15 8.25
CA GLU B 208 33.62 9.95 7.58
C GLU B 208 33.39 8.85 8.61
N PRO B 209 32.55 7.83 8.32
CA PRO B 209 32.33 6.72 9.23
C PRO B 209 33.61 5.98 9.64
N ILE B 210 33.71 5.60 10.93
CA ILE B 210 34.86 4.86 11.41
C ILE B 210 34.90 3.47 10.75
N PHE B 211 36.09 2.92 10.56
CA PHE B 211 36.23 1.53 10.16
C PHE B 211 35.77 0.70 11.36
N PRO B 212 34.77 -0.19 11.22
CA PRO B 212 34.23 -0.90 12.39
C PRO B 212 35.32 -1.53 13.28
N PRO B 213 35.44 -1.08 14.56
CA PRO B 213 36.50 -1.60 15.44
C PRO B 213 36.56 -3.12 15.62
N GLU B 214 35.40 -3.78 15.53
CA GLU B 214 35.26 -5.28 15.47
C GLU B 214 36.17 -5.91 14.39
N LEU B 215 36.29 -5.32 13.17
CA LEU B 215 37.09 -5.92 12.09
C LEU B 215 38.59 -5.69 12.32
N LEU B 216 38.93 -4.63 13.03
CA LEU B 216 40.30 -4.56 13.48
C LEU B 216 40.54 -5.64 14.53
N ARG B 217 39.60 -5.81 15.48
CA ARG B 217 39.80 -6.82 16.51
C ARG B 217 39.84 -8.19 15.82
N LEU B 218 38.83 -8.44 14.96
CA LEU B 218 38.65 -9.75 14.26
C LEU B 218 39.84 -10.06 13.36
N LYS B 219 40.67 -9.07 13.02
CA LYS B 219 41.81 -9.29 12.12
C LYS B 219 42.93 -10.02 12.85
N ASP B 220 42.84 -10.07 14.19
CA ASP B 220 43.82 -10.79 14.99
C ASP B 220 43.61 -12.30 14.80
N THR B 221 42.35 -12.75 14.79
CA THR B 221 41.99 -14.19 14.59
C THR B 221 42.44 -14.66 13.20
N PRO B 222 43.24 -15.74 13.05
CA PRO B 222 43.59 -16.25 11.71
C PRO B 222 42.30 -16.72 11.00
N GLN B 223 42.27 -16.54 9.68
CA GLN B 223 41.07 -16.87 8.94
C GLN B 223 41.05 -18.40 8.76
N LYS B 224 39.84 -18.94 8.88
CA LYS B 224 39.54 -20.33 8.75
C LYS B 224 38.65 -20.50 7.51
N LYS B 225 38.73 -21.65 6.85
CA LYS B 225 37.90 -21.99 5.71
C LYS B 225 36.41 -21.91 6.09
N LEU B 226 35.57 -21.41 5.19
CA LEU B 226 34.11 -21.30 5.43
C LEU B 226 33.37 -22.06 4.32
N ARG B 227 32.19 -22.59 4.67
CA ARG B 227 31.35 -23.33 3.76
C ARG B 227 29.94 -22.75 3.86
N PHE B 228 29.40 -22.33 2.71
CA PHE B 228 28.00 -21.86 2.63
C PHE B 228 27.23 -22.76 1.68
N GLU B 229 25.99 -23.12 2.07
CA GLU B 229 25.11 -24.02 1.33
C GLU B 229 23.78 -23.31 1.01
N GLY B 230 23.50 -23.16 -0.28
CA GLY B 230 22.28 -22.57 -0.79
C GLY B 230 21.31 -23.62 -1.34
N GLU B 231 20.24 -23.19 -2.01
CA GLU B 231 19.28 -24.09 -2.68
C GLU B 231 19.98 -24.97 -3.73
N ARG B 232 20.94 -24.44 -4.49
CA ARG B 232 21.58 -25.21 -5.53
C ARG B 232 23.11 -25.24 -5.46
N VAL B 233 23.73 -24.29 -4.78
CA VAL B 233 25.20 -24.07 -4.90
C VAL B 233 25.84 -24.14 -3.52
N THR B 234 27.01 -24.78 -3.45
CA THR B 234 27.87 -24.76 -2.29
C THR B 234 29.09 -23.88 -2.61
N TRP B 235 29.48 -23.07 -1.65
CA TRP B 235 30.63 -22.12 -1.78
C TRP B 235 31.59 -22.40 -0.62
N ILE B 236 32.85 -22.67 -0.96
CA ILE B 236 33.94 -22.85 -0.02
C ILE B 236 34.87 -21.64 -0.14
N GLN B 237 35.04 -20.90 0.96
CA GLN B 237 35.97 -19.82 1.04
C GLN B 237 37.29 -20.40 1.58
N ALA B 238 38.23 -20.68 0.68
CA ALA B 238 39.46 -21.38 1.04
C ALA B 238 40.40 -20.43 1.79
N SER B 239 41.02 -20.90 2.89
CA SER B 239 41.93 -20.06 3.64
C SER B 239 43.39 -20.33 3.25
N THR B 240 43.73 -21.52 2.75
CA THR B 240 45.16 -21.79 2.45
C THR B 240 45.28 -22.45 1.08
N MET B 241 46.49 -22.41 0.48
CA MET B 241 46.76 -23.07 -0.75
C MET B 241 46.46 -24.57 -0.62
N GLU B 242 46.85 -25.18 0.52
CA GLU B 242 46.62 -26.63 0.68
C GLU B 242 45.13 -26.96 0.55
N GLU B 243 44.28 -26.14 1.19
CA GLU B 243 42.86 -26.36 1.15
C GLU B 243 42.36 -26.29 -0.29
N LEU B 244 42.79 -25.25 -1.01
CA LEU B 244 42.39 -25.09 -2.41
C LEU B 244 42.82 -26.28 -3.26
N LEU B 245 44.09 -26.68 -3.17
CA LEU B 245 44.66 -27.67 -4.05
C LEU B 245 44.09 -29.06 -3.71
N ASP B 246 43.83 -29.31 -2.42
CA ASP B 246 43.14 -30.57 -1.99
C ASP B 246 41.75 -30.63 -2.60
N LEU B 247 41.02 -29.51 -2.58
CA LEU B 247 39.68 -29.50 -3.06
C LEU B 247 39.67 -29.75 -4.56
N LYS B 248 40.59 -29.12 -5.30
CA LYS B 248 40.65 -29.28 -6.74
C LYS B 248 41.15 -30.68 -7.15
N ALA B 249 41.92 -31.34 -6.29
CA ALA B 249 42.39 -32.74 -6.59
C ALA B 249 41.24 -33.74 -6.38
N GLN B 250 40.47 -33.55 -5.31
CA GLN B 250 39.31 -34.40 -4.94
C GLN B 250 38.12 -34.08 -5.84
N HIS B 251 37.93 -32.78 -6.15
CA HIS B 251 36.73 -32.32 -6.90
C HIS B 251 37.17 -31.35 -7.99
N PRO B 252 37.79 -31.84 -9.08
CA PRO B 252 38.35 -30.95 -10.10
C PRO B 252 37.28 -30.06 -10.73
N ASP B 253 36.00 -30.43 -10.58
CA ASP B 253 34.87 -29.64 -11.09
C ASP B 253 34.60 -28.41 -10.21
N ALA B 254 35.17 -28.34 -9.00
CA ALA B 254 34.98 -27.15 -8.16
C ALA B 254 35.38 -25.90 -8.98
N LYS B 255 34.46 -24.91 -9.07
CA LYS B 255 34.67 -23.77 -9.90
C LYS B 255 35.32 -22.65 -9.09
N LEU B 256 36.49 -22.14 -9.55
CA LEU B 256 37.10 -21.03 -8.87
C LEU B 256 36.30 -19.77 -9.21
N VAL B 257 36.05 -18.93 -8.20
CA VAL B 257 35.46 -17.61 -8.33
C VAL B 257 36.35 -16.65 -7.55
N VAL B 258 36.75 -15.53 -8.18
CA VAL B 258 37.52 -14.54 -7.49
C VAL B 258 36.68 -13.26 -7.51
N GLY B 259 36.69 -12.52 -8.61
CA GLY B 259 35.93 -11.30 -8.67
C GLY B 259 34.51 -11.52 -9.16
N ASN B 260 34.23 -12.70 -9.73
CA ASN B 260 32.86 -13.08 -10.15
C ASN B 260 32.41 -12.31 -11.40
N THR B 261 33.32 -11.55 -12.06
CA THR B 261 32.91 -10.67 -13.18
C THR B 261 32.70 -11.46 -14.48
N GLU B 262 33.14 -12.72 -14.54
CA GLU B 262 32.78 -13.62 -15.63
C GLU B 262 31.71 -14.62 -15.14
N ILE B 263 31.96 -15.24 -13.99
CA ILE B 263 31.06 -16.30 -13.52
C ILE B 263 29.66 -15.76 -13.18
N GLY B 264 29.56 -14.54 -12.66
CA GLY B 264 28.30 -13.93 -12.37
C GLY B 264 27.45 -13.76 -13.64
N ILE B 265 28.12 -13.45 -14.72
CA ILE B 265 27.49 -13.31 -16.08
C ILE B 265 27.09 -14.69 -16.60
N GLU B 266 27.96 -15.68 -16.41
CA GLU B 266 27.69 -17.03 -16.91
C GLU B 266 26.43 -17.55 -16.22
N MET B 267 26.30 -17.28 -14.92
CA MET B 267 25.19 -17.79 -14.11
C MET B 267 23.90 -17.02 -14.42
N LYS B 268 23.99 -15.69 -14.46
CA LYS B 268 22.76 -14.89 -14.55
C LYS B 268 22.28 -14.93 -16.00
N PHE B 269 23.18 -14.87 -16.99
CA PHE B 269 22.71 -14.68 -18.38
C PHE B 269 22.90 -15.92 -19.26
N LYS B 270 23.84 -16.82 -18.97
CA LYS B 270 24.08 -17.95 -19.82
C LYS B 270 23.47 -19.20 -19.17
N ASN B 271 22.72 -19.00 -18.07
CA ASN B 271 21.99 -20.03 -17.34
C ASN B 271 22.93 -21.21 -17.01
N MET B 272 24.18 -20.87 -16.63
CA MET B 272 25.16 -21.85 -16.22
C MET B 272 24.97 -22.09 -14.72
N LEU B 273 25.07 -23.35 -14.28
CA LEU B 273 24.99 -23.62 -12.84
C LEU B 273 26.22 -24.44 -12.44
N PHE B 274 27.00 -23.87 -11.53
CA PHE B 274 28.16 -24.49 -10.98
C PHE B 274 27.83 -24.89 -9.55
N PRO B 275 27.53 -26.18 -9.25
CA PRO B 275 27.05 -26.55 -7.93
C PRO B 275 28.10 -26.44 -6.82
N LEU B 276 29.39 -26.41 -7.19
CA LEU B 276 30.42 -26.25 -6.20
C LEU B 276 31.38 -25.15 -6.66
N ILE B 277 31.45 -24.08 -5.85
CA ILE B 277 32.36 -22.92 -6.06
C ILE B 277 33.42 -22.92 -4.96
N VAL B 278 34.67 -22.60 -5.36
CA VAL B 278 35.69 -22.31 -4.36
C VAL B 278 36.23 -20.92 -4.65
N CYS B 279 36.19 -20.07 -3.64
CA CYS B 279 36.77 -18.72 -3.75
C CYS B 279 38.11 -18.73 -3.04
N PRO B 280 39.23 -18.49 -3.75
CA PRO B 280 40.56 -18.47 -3.14
C PRO B 280 41.14 -17.09 -2.83
N ALA B 281 40.27 -16.08 -2.84
CA ALA B 281 40.71 -14.69 -2.75
C ALA B 281 41.50 -14.42 -1.47
N TRP B 282 41.26 -15.17 -0.38
CA TRP B 282 42.01 -14.93 0.84
C TRP B 282 43.44 -15.46 0.82
N ILE B 283 43.80 -16.33 -0.10
CA ILE B 283 45.06 -17.09 0.03
C ILE B 283 46.25 -16.16 -0.27
N PRO B 284 47.22 -16.00 0.65
CA PRO B 284 48.33 -15.06 0.43
C PRO B 284 49.13 -15.26 -0.88
N GLU B 285 49.43 -16.50 -1.24
CA GLU B 285 50.30 -16.79 -2.35
C GLU B 285 49.62 -16.32 -3.67
N LEU B 286 48.29 -16.31 -3.69
CA LEU B 286 47.53 -15.86 -4.88
C LEU B 286 47.37 -14.32 -4.92
N ASN B 287 47.93 -13.59 -3.93
CA ASN B 287 47.77 -12.13 -3.79
C ASN B 287 49.12 -11.43 -3.72
N SER B 288 50.20 -12.18 -3.92
CA SER B 288 51.54 -11.62 -3.65
C SER B 288 52.07 -10.89 -4.90
N VAL B 289 53.01 -10.00 -4.67
CA VAL B 289 53.68 -9.20 -5.69
C VAL B 289 55.18 -9.33 -5.45
N VAL B 290 55.88 -10.02 -6.35
CA VAL B 290 57.29 -10.34 -6.15
C VAL B 290 58.11 -9.74 -7.28
N HIS B 291 59.09 -8.88 -6.94
CA HIS B 291 60.07 -8.35 -7.90
C HIS B 291 61.19 -9.37 -8.10
N GLY B 292 61.51 -9.65 -9.36
CA GLY B 292 62.55 -10.59 -9.71
C GLY B 292 63.43 -9.98 -10.79
N PRO B 293 64.51 -10.68 -11.20
CA PRO B 293 65.40 -10.17 -12.22
C PRO B 293 64.71 -10.01 -13.57
N GLU B 294 63.68 -10.82 -13.89
CA GLU B 294 63.11 -10.81 -15.26
C GLU B 294 61.83 -9.94 -15.29
N GLY B 295 61.28 -9.55 -14.14
CA GLY B 295 59.97 -8.85 -14.11
C GLY B 295 59.22 -9.02 -12.81
N ILE B 296 57.93 -8.68 -12.82
CA ILE B 296 57.18 -8.59 -11.59
C ILE B 296 56.11 -9.69 -11.65
N SER B 297 56.14 -10.56 -10.64
CA SER B 297 55.20 -11.65 -10.53
C SER B 297 54.00 -11.21 -9.68
N PHE B 298 52.80 -11.37 -10.23
CA PHE B 298 51.59 -11.12 -9.54
C PHE B 298 50.87 -12.45 -9.31
N GLY B 299 50.45 -12.66 -8.07
CA GLY B 299 49.57 -13.78 -7.79
C GLY B 299 48.29 -13.65 -8.61
N ALA B 300 47.74 -14.81 -8.95
CA ALA B 300 46.71 -14.84 -9.97
C ALA B 300 45.38 -14.25 -9.46
N SER B 301 45.22 -14.01 -8.15
CA SER B 301 43.99 -13.43 -7.61
C SER B 301 44.13 -11.92 -7.40
N CYS B 302 45.31 -11.38 -7.72
CA CYS B 302 45.55 -9.95 -7.62
C CYS B 302 44.51 -9.22 -8.46
N PRO B 303 43.75 -8.26 -7.89
CA PRO B 303 42.84 -7.44 -8.68
C PRO B 303 43.58 -6.57 -9.70
N LEU B 304 42.92 -6.26 -10.82
CA LEU B 304 43.56 -5.41 -11.82
C LEU B 304 43.90 -4.02 -11.28
N SER B 305 43.14 -3.52 -10.31
CA SER B 305 43.48 -2.21 -9.69
C SER B 305 44.87 -2.26 -9.06
N LEU B 306 45.23 -3.42 -8.48
CA LEU B 306 46.55 -3.59 -7.83
C LEU B 306 47.66 -3.75 -8.87
N VAL B 307 47.38 -4.50 -9.94
CA VAL B 307 48.29 -4.55 -11.08
C VAL B 307 48.56 -3.11 -11.55
N GLU B 308 47.50 -2.35 -11.76
CA GLU B 308 47.59 -0.95 -12.17
C GLU B 308 48.45 -0.12 -11.19
N SER B 309 48.15 -0.17 -9.88
CA SER B 309 48.90 0.67 -8.91
C SER B 309 50.39 0.30 -8.87
N VAL B 310 50.70 -1.00 -8.89
CA VAL B 310 52.08 -1.49 -8.82
C VAL B 310 52.81 -1.04 -10.10
N LEU B 311 52.22 -1.31 -11.28
CA LEU B 311 52.94 -1.01 -12.53
C LEU B 311 53.11 0.50 -12.66
N ALA B 312 52.14 1.28 -12.21
CA ALA B 312 52.25 2.74 -12.31
C ALA B 312 53.50 3.22 -11.55
N GLU B 313 53.68 2.67 -10.35
CA GLU B 313 54.82 3.04 -9.48
C GLU B 313 56.13 2.68 -10.17
N GLU B 314 56.16 1.48 -10.78
CA GLU B 314 57.35 1.00 -11.47
C GLU B 314 57.64 1.88 -12.70
N ILE B 315 56.59 2.25 -13.44
CA ILE B 315 56.75 3.09 -14.61
C ILE B 315 57.29 4.47 -14.21
N ALA B 316 56.89 4.96 -13.03
CA ALA B 316 57.33 6.28 -12.60
C ALA B 316 58.81 6.24 -12.18
N LYS B 317 59.29 5.11 -11.66
CA LYS B 317 60.59 5.08 -10.99
C LYS B 317 61.67 4.45 -11.90
N LEU B 318 61.32 3.55 -12.82
CA LEU B 318 62.34 2.83 -13.60
C LEU B 318 62.62 3.59 -14.87
N PRO B 319 63.76 3.31 -15.52
CA PRO B 319 64.03 3.90 -16.84
C PRO B 319 62.98 3.38 -17.85
N GLU B 320 62.63 4.26 -18.79
CA GLU B 320 61.68 4.01 -19.87
C GLU B 320 62.07 2.69 -20.58
N GLN B 321 63.38 2.43 -20.74
CA GLN B 321 63.83 1.29 -21.50
C GLN B 321 63.34 -0.05 -20.91
N LYS B 322 63.08 -0.08 -19.61
CA LYS B 322 62.72 -1.32 -18.87
C LYS B 322 61.19 -1.50 -18.76
N THR B 323 60.42 -0.48 -19.14
CA THR B 323 58.99 -0.52 -18.81
C THR B 323 58.07 -0.56 -20.02
N GLU B 324 58.57 -1.03 -21.18
CA GLU B 324 57.74 -1.04 -22.44
C GLU B 324 56.54 -1.96 -22.27
N VAL B 325 56.76 -3.12 -21.68
CA VAL B 325 55.64 -4.08 -21.53
C VAL B 325 54.68 -3.55 -20.48
N PHE B 326 55.21 -3.08 -19.35
CA PHE B 326 54.38 -2.51 -18.31
C PHE B 326 53.43 -1.45 -18.88
N ARG B 327 53.98 -0.59 -19.75
CA ARG B 327 53.16 0.48 -20.31
C ARG B 327 52.07 -0.03 -21.26
N GLY B 328 52.33 -1.11 -21.97
CA GLY B 328 51.33 -1.76 -22.80
C GLY B 328 50.19 -2.32 -21.94
N VAL B 329 50.55 -2.99 -20.84
CA VAL B 329 49.50 -3.46 -19.89
C VAL B 329 48.66 -2.27 -19.42
N MET B 330 49.32 -1.20 -18.96
CA MET B 330 48.61 -0.04 -18.46
C MET B 330 47.68 0.55 -19.54
N GLU B 331 48.20 0.65 -20.77
CA GLU B 331 47.35 1.19 -21.88
C GLU B 331 46.07 0.36 -22.06
N GLN B 332 46.15 -0.98 -21.96
CA GLN B 332 44.94 -1.83 -22.06
C GLN B 332 44.04 -1.61 -20.85
N LEU B 333 44.63 -1.45 -19.66
CA LEU B 333 43.82 -1.30 -18.47
C LEU B 333 43.12 0.05 -18.44
N ARG B 334 43.65 1.06 -19.13
CA ARG B 334 43.00 2.36 -19.17
C ARG B 334 41.51 2.24 -19.58
N TRP B 335 41.25 1.37 -20.55
CA TRP B 335 39.94 1.22 -21.21
C TRP B 335 39.26 -0.09 -20.79
N PHE B 336 39.72 -0.66 -19.68
CA PHE B 336 39.21 -1.95 -19.24
C PHE B 336 38.12 -1.65 -18.20
N ALA B 337 36.87 -1.65 -18.62
CA ALA B 337 35.82 -1.45 -17.64
C ALA B 337 36.12 -0.18 -16.84
N GLY B 338 35.59 -0.05 -15.63
CA GLY B 338 35.78 1.07 -14.74
C GLY B 338 36.37 0.61 -13.41
N LYS B 339 36.31 1.49 -12.42
CA LYS B 339 36.93 1.23 -11.15
C LYS B 339 36.27 0.05 -10.45
N GLN B 340 34.95 -0.02 -10.55
CA GLN B 340 34.18 -1.09 -9.87
C GLN B 340 34.62 -2.48 -10.31
N VAL B 341 34.77 -2.74 -11.61
CA VAL B 341 35.20 -4.01 -12.11
C VAL B 341 36.66 -4.24 -11.76
N LYS B 342 37.52 -3.23 -11.94
CA LYS B 342 38.95 -3.45 -11.76
C LYS B 342 39.34 -3.71 -10.30
N SER B 343 38.54 -3.28 -9.33
CA SER B 343 38.76 -3.49 -7.95
C SER B 343 38.62 -4.97 -7.55
N VAL B 344 37.84 -5.73 -8.31
CA VAL B 344 37.58 -7.18 -7.95
C VAL B 344 38.04 -8.13 -9.05
N ALA B 345 38.03 -7.71 -10.33
CA ALA B 345 38.52 -8.55 -11.40
C ALA B 345 39.98 -8.92 -11.18
N SER B 346 40.26 -10.22 -11.24
CA SER B 346 41.59 -10.74 -11.10
C SER B 346 42.31 -10.84 -12.43
N ILE B 347 43.65 -10.72 -12.37
CA ILE B 347 44.48 -10.90 -13.51
C ILE B 347 44.36 -12.34 -14.02
N GLY B 348 44.31 -13.28 -13.07
CA GLY B 348 44.16 -14.67 -13.43
C GLY B 348 42.82 -15.02 -14.07
N GLY B 349 41.75 -14.39 -13.57
CA GLY B 349 40.43 -14.53 -14.14
C GLY B 349 40.41 -14.22 -15.62
N ASN B 350 41.07 -13.11 -15.96
CA ASN B 350 41.08 -12.73 -17.39
C ASN B 350 41.80 -13.77 -18.24
N ILE B 351 42.95 -14.28 -17.77
CA ILE B 351 43.79 -15.19 -18.52
C ILE B 351 43.02 -16.49 -18.74
N ILE B 352 42.44 -17.03 -17.65
CA ILE B 352 41.86 -18.35 -17.70
C ILE B 352 40.48 -18.32 -18.41
N THR B 353 39.75 -17.22 -18.31
CA THR B 353 38.49 -17.13 -19.08
C THR B 353 38.78 -17.43 -20.56
N ALA B 354 39.90 -16.91 -21.03
CA ALA B 354 40.42 -17.12 -22.37
C ALA B 354 39.39 -16.70 -23.42
N SER B 355 38.73 -15.56 -23.23
CA SER B 355 37.86 -15.01 -24.30
C SER B 355 38.73 -14.67 -25.51
N PRO B 356 38.28 -14.90 -26.75
CA PRO B 356 39.05 -14.42 -27.89
C PRO B 356 39.30 -12.91 -27.89
N ILE B 357 38.49 -12.15 -27.15
CA ILE B 357 38.64 -10.66 -27.14
C ILE B 357 39.16 -10.18 -25.78
N SER B 358 39.80 -11.07 -25.00
CA SER B 358 40.59 -10.61 -23.87
C SER B 358 41.56 -9.51 -24.33
N ASP B 359 41.64 -8.40 -23.59
CA ASP B 359 42.56 -7.35 -23.91
C ASP B 359 43.95 -7.61 -23.33
N LEU B 360 44.04 -8.53 -22.36
CA LEU B 360 45.33 -8.75 -21.70
C LEU B 360 46.10 -9.92 -22.32
N ASN B 361 45.39 -11.00 -22.72
CA ASN B 361 46.04 -12.20 -23.27
C ASN B 361 46.90 -11.84 -24.48
N PRO B 362 46.54 -10.95 -25.41
CA PRO B 362 47.45 -10.60 -26.47
C PRO B 362 48.75 -9.95 -25.99
N VAL B 363 48.69 -9.20 -24.90
CA VAL B 363 49.86 -8.51 -24.35
C VAL B 363 50.76 -9.55 -23.67
N PHE B 364 50.13 -10.47 -22.92
CA PHE B 364 50.90 -11.51 -22.25
C PHE B 364 51.53 -12.42 -23.29
N MET B 365 50.81 -12.71 -24.38
CA MET B 365 51.33 -13.60 -25.38
C MET B 365 52.51 -12.90 -26.07
N ALA B 366 52.34 -11.64 -26.50
CA ALA B 366 53.37 -10.98 -27.28
C ALA B 366 54.63 -10.75 -26.42
N SER B 367 54.52 -10.65 -25.09
CA SER B 367 55.65 -10.49 -24.20
C SER B 367 56.17 -11.83 -23.63
N GLY B 368 55.53 -12.94 -23.98
CA GLY B 368 55.87 -14.27 -23.45
C GLY B 368 55.89 -14.36 -21.92
N ALA B 369 54.86 -13.80 -21.27
CA ALA B 369 54.77 -13.73 -19.84
C ALA B 369 54.80 -15.16 -19.27
N LYS B 370 55.57 -15.36 -18.20
CA LYS B 370 55.69 -16.69 -17.59
C LYS B 370 54.56 -16.93 -16.61
N LEU B 371 53.83 -18.03 -16.83
CA LEU B 371 52.71 -18.45 -15.99
C LEU B 371 53.20 -19.63 -15.14
N THR B 372 52.87 -19.59 -13.84
CA THR B 372 53.16 -20.73 -12.96
C THR B 372 51.84 -21.45 -12.63
N LEU B 373 51.81 -22.75 -12.91
CA LEU B 373 50.66 -23.65 -12.76
C LEU B 373 50.95 -24.68 -11.65
N VAL B 374 49.99 -24.86 -10.74
CA VAL B 374 50.23 -25.77 -9.59
C VAL B 374 48.99 -26.64 -9.45
N SER B 375 49.22 -27.89 -9.01
CA SER B 375 48.19 -28.76 -8.43
C SER B 375 48.72 -29.28 -7.10
N ARG B 376 47.90 -30.06 -6.39
CA ARG B 376 48.45 -30.81 -5.29
C ARG B 376 49.48 -31.75 -5.93
N GLY B 377 50.72 -31.57 -5.55
CA GLY B 377 51.73 -32.49 -6.07
C GLY B 377 52.51 -32.01 -7.28
N THR B 378 52.05 -30.99 -8.06
CA THR B 378 52.84 -30.56 -9.25
C THR B 378 53.01 -29.04 -9.30
N ARG B 379 54.09 -28.63 -9.97
CA ARG B 379 54.38 -27.22 -10.24
C ARG B 379 55.12 -27.13 -11.57
N ARG B 380 54.61 -26.31 -12.47
CA ARG B 380 55.26 -26.16 -13.77
C ARG B 380 55.10 -24.70 -14.21
N THR B 381 55.99 -24.26 -15.10
CA THR B 381 55.88 -22.95 -15.73
C THR B 381 55.75 -23.10 -17.24
N VAL B 382 54.99 -22.18 -17.85
CA VAL B 382 54.96 -22.07 -19.30
C VAL B 382 55.07 -20.59 -19.63
N ARG B 383 55.77 -20.27 -20.72
CA ARG B 383 55.78 -18.89 -21.27
C ARG B 383 54.55 -18.87 -22.17
N MET B 384 53.65 -17.89 -21.99
CA MET B 384 52.44 -17.88 -22.78
C MET B 384 52.82 -17.75 -24.26
N ASP B 385 52.25 -18.62 -25.08
CA ASP B 385 52.43 -18.54 -26.48
C ASP B 385 51.18 -19.15 -27.11
N HIS B 386 51.20 -19.35 -28.44
CA HIS B 386 49.96 -19.76 -29.16
C HIS B 386 49.39 -21.06 -28.57
N THR B 387 50.26 -21.98 -28.11
CA THR B 387 49.86 -23.34 -27.59
C THR B 387 49.11 -23.29 -26.24
N PHE B 388 49.21 -22.19 -25.51
CA PHE B 388 48.52 -22.03 -24.26
C PHE B 388 47.00 -22.08 -24.45
N PHE B 389 46.51 -21.64 -25.63
CA PHE B 389 45.07 -21.52 -25.92
C PHE B 389 44.68 -22.51 -27.03
N PRO B 390 44.37 -23.79 -26.72
CA PRO B 390 44.22 -24.82 -27.76
C PRO B 390 42.86 -24.90 -28.44
N GLY B 391 41.90 -24.11 -27.96
CA GLY B 391 40.54 -24.13 -28.46
C GLY B 391 39.74 -23.03 -27.83
N TYR B 392 38.53 -22.83 -28.32
CA TYR B 392 37.68 -21.77 -27.84
C TYR B 392 37.47 -21.88 -26.31
N ARG B 393 37.84 -20.80 -25.61
CA ARG B 393 37.76 -20.64 -24.16
C ARG B 393 38.47 -21.79 -23.45
N LYS B 394 39.50 -22.38 -24.06
CA LYS B 394 40.31 -23.39 -23.34
C LYS B 394 41.71 -22.86 -23.07
N THR B 395 42.36 -23.45 -22.06
CA THR B 395 43.78 -23.29 -21.82
C THR B 395 44.40 -24.67 -21.70
N LEU B 396 45.72 -24.73 -21.55
CA LEU B 396 46.39 -26.02 -21.34
C LEU B 396 46.42 -26.42 -19.87
N LEU B 397 45.71 -25.72 -18.97
CA LEU B 397 45.59 -26.19 -17.60
C LEU B 397 44.84 -27.53 -17.57
N ARG B 398 45.36 -28.44 -16.77
CA ARG B 398 44.67 -29.69 -16.41
C ARG B 398 43.58 -29.34 -15.42
N PRO B 399 42.51 -30.18 -15.32
CA PRO B 399 41.35 -29.88 -14.47
C PRO B 399 41.64 -29.61 -12.98
N GLU B 400 42.67 -30.25 -12.43
CA GLU B 400 43.08 -30.13 -11.01
C GLU B 400 44.10 -29.01 -10.79
N GLU B 401 44.60 -28.37 -11.87
CA GLU B 401 45.59 -27.29 -11.73
C GLU B 401 44.89 -25.94 -11.58
N ILE B 402 45.58 -25.02 -10.91
CA ILE B 402 45.17 -23.62 -10.87
C ILE B 402 46.35 -22.78 -11.38
N LEU B 403 46.05 -21.55 -11.81
CA LEU B 403 47.09 -20.59 -12.11
C LEU B 403 47.51 -19.91 -10.83
N LEU B 404 48.81 -19.98 -10.49
CA LEU B 404 49.36 -19.39 -9.26
C LEU B 404 49.74 -17.93 -9.48
N SER B 405 50.46 -17.67 -10.57
CA SER B 405 51.10 -16.33 -10.76
C SER B 405 51.41 -16.11 -12.24
N ILE B 406 51.54 -14.83 -12.60
CA ILE B 406 52.02 -14.42 -13.88
C ILE B 406 53.13 -13.40 -13.65
N GLU B 407 54.22 -13.59 -14.39
CA GLU B 407 55.38 -12.68 -14.36
C GLU B 407 55.31 -11.76 -15.58
N ILE B 408 55.03 -10.49 -15.35
CA ILE B 408 55.05 -9.52 -16.42
C ILE B 408 56.49 -9.02 -16.58
N PRO B 409 57.08 -9.16 -17.78
CA PRO B 409 58.52 -8.91 -17.91
C PRO B 409 58.94 -7.44 -18.04
N TYR B 410 60.12 -7.14 -17.53
CA TYR B 410 60.85 -5.96 -17.96
C TYR B 410 61.22 -6.10 -19.41
N SER B 411 61.27 -4.96 -20.10
CA SER B 411 61.76 -4.91 -21.44
C SER B 411 63.28 -4.72 -21.39
N LYS B 412 63.92 -5.25 -22.42
CA LYS B 412 65.38 -5.19 -22.61
C LYS B 412 65.74 -3.94 -23.38
N GLU B 413 67.04 -3.62 -23.37
CA GLU B 413 67.57 -2.60 -24.30
C GLU B 413 67.24 -3.03 -25.73
N GLY B 414 66.72 -2.07 -26.50
CA GLY B 414 66.36 -2.29 -27.88
C GLY B 414 65.08 -3.13 -28.07
N GLU B 415 64.27 -3.21 -27.02
CA GLU B 415 63.02 -3.96 -27.06
C GLU B 415 61.86 -2.97 -26.85
N PHE B 416 60.94 -2.99 -27.82
CA PHE B 416 59.90 -1.96 -27.76
C PHE B 416 58.56 -2.64 -27.77
N PHE B 417 57.51 -1.98 -27.13
CA PHE B 417 56.23 -2.67 -27.07
C PHE B 417 55.09 -1.66 -27.27
N SER B 418 54.06 -2.10 -27.98
CA SER B 418 52.78 -1.33 -28.07
C SER B 418 51.59 -2.26 -27.84
N ALA B 419 50.53 -1.69 -27.26
CA ALA B 419 49.23 -2.40 -27.10
C ALA B 419 48.16 -1.53 -27.77
N PHE B 420 47.20 -2.17 -28.42
CA PHE B 420 46.10 -1.49 -29.11
C PHE B 420 44.77 -2.15 -28.75
N LYS B 421 43.72 -1.31 -28.75
CA LYS B 421 42.36 -1.80 -28.67
C LYS B 421 41.46 -0.84 -29.46
N GLN B 422 40.59 -1.40 -30.26
CA GLN B 422 39.52 -0.63 -30.89
C GLN B 422 38.24 -1.42 -30.71
N ALA B 423 37.24 -0.74 -30.15
CA ALA B 423 35.95 -1.32 -29.85
C ALA B 423 34.87 -0.51 -30.59
N SER B 424 33.66 -0.48 -30.04
CA SER B 424 32.59 0.35 -30.58
C SER B 424 32.55 1.70 -29.84
N ARG B 425 32.99 1.73 -28.58
CA ARG B 425 33.09 2.90 -27.74
C ARG B 425 34.44 2.80 -27.05
N ARG B 426 35.15 3.92 -26.90
CA ARG B 426 36.47 3.91 -26.25
C ARG B 426 36.45 3.31 -24.86
N GLU B 427 35.55 3.85 -24.02
CA GLU B 427 35.43 3.55 -22.62
C GLU B 427 34.59 2.26 -22.47
N ALA B 428 35.05 1.33 -21.61
CA ALA B 428 34.25 0.17 -21.07
C ALA B 428 33.53 -0.57 -22.19
N ASP B 429 34.30 -1.21 -23.06
CA ASP B 429 33.68 -1.91 -24.21
C ASP B 429 34.47 -3.17 -24.54
N ILE B 430 33.80 -4.03 -25.30
CA ILE B 430 34.35 -5.27 -25.86
C ILE B 430 35.19 -4.91 -27.09
N ALA B 431 36.41 -5.41 -27.15
CA ALA B 431 37.25 -5.13 -28.33
C ALA B 431 36.65 -5.72 -29.60
N LYS B 432 36.80 -4.98 -30.72
CA LYS B 432 36.61 -5.62 -32.02
C LYS B 432 37.92 -6.28 -32.41
N VAL B 433 39.01 -5.52 -32.28
CA VAL B 433 40.34 -6.08 -32.39
C VAL B 433 41.16 -5.50 -31.25
N THR B 434 42.00 -6.33 -30.65
CA THR B 434 42.89 -5.92 -29.59
C THR B 434 44.24 -6.63 -29.77
N SER B 435 45.34 -5.96 -29.40
CA SER B 435 46.66 -6.49 -29.83
C SER B 435 47.78 -6.10 -28.87
N GLY B 436 48.77 -7.00 -28.84
CA GLY B 436 50.06 -6.69 -28.27
C GLY B 436 51.11 -6.92 -29.32
N MET B 437 52.04 -5.99 -29.41
CA MET B 437 53.12 -6.09 -30.40
C MET B 437 54.47 -5.76 -29.74
N ARG B 438 55.46 -6.61 -30.07
CA ARG B 438 56.82 -6.55 -29.49
C ARG B 438 57.85 -6.78 -30.60
N VAL B 439 58.88 -5.96 -30.55
CA VAL B 439 60.08 -6.12 -31.35
C VAL B 439 61.29 -6.06 -30.45
N LEU B 440 62.24 -6.97 -30.72
CA LEU B 440 63.59 -6.95 -30.09
C LEU B 440 64.63 -6.85 -31.22
N PHE B 441 65.45 -5.81 -31.13
CA PHE B 441 66.47 -5.51 -32.12
C PHE B 441 67.80 -6.15 -31.66
N LYS B 442 68.55 -6.66 -32.62
CA LYS B 442 69.99 -7.02 -32.31
C LYS B 442 70.70 -5.80 -31.73
N PRO B 443 71.55 -5.98 -30.69
CA PRO B 443 72.05 -4.85 -29.93
C PRO B 443 72.75 -3.84 -30.85
N GLY B 444 72.49 -2.56 -30.59
CA GLY B 444 73.00 -1.40 -31.34
C GLY B 444 72.55 -1.31 -32.80
N THR B 445 71.56 -2.10 -33.25
CA THR B 445 71.18 -2.14 -34.67
C THR B 445 69.69 -1.73 -34.79
N ILE B 446 69.20 -1.71 -36.04
CA ILE B 446 67.77 -1.64 -36.40
C ILE B 446 67.34 -2.95 -37.03
N GLU B 447 68.09 -4.06 -36.77
CA GLU B 447 67.82 -5.32 -37.37
C GLU B 447 67.02 -6.19 -36.40
N VAL B 448 65.97 -6.83 -36.90
CA VAL B 448 65.05 -7.57 -36.05
C VAL B 448 65.73 -8.84 -35.54
N GLN B 449 65.66 -9.06 -34.22
CA GLN B 449 66.02 -10.33 -33.57
C GLN B 449 64.74 -11.15 -33.26
N GLU B 450 63.73 -10.49 -32.68
CA GLU B 450 62.44 -11.11 -32.43
C GLU B 450 61.32 -10.13 -32.83
N LEU B 451 60.23 -10.68 -33.30
CA LEU B 451 59.01 -9.94 -33.63
C LEU B 451 57.81 -10.79 -33.26
N SER B 452 56.89 -10.22 -32.45
CA SER B 452 55.71 -10.88 -31.97
C SER B 452 54.48 -9.96 -32.14
N LEU B 453 53.54 -10.42 -32.95
CA LEU B 453 52.29 -9.69 -33.24
C LEU B 453 51.13 -10.61 -32.88
N CYS B 454 50.46 -10.26 -31.77
CA CYS B 454 49.39 -11.08 -31.24
C CYS B 454 48.07 -10.31 -31.23
N PHE B 455 46.97 -11.04 -31.48
CA PHE B 455 45.67 -10.41 -31.70
C PHE B 455 44.53 -11.16 -31.00
N GLY B 456 43.63 -10.36 -30.42
CA GLY B 456 42.30 -10.77 -30.00
C GLY B 456 41.29 -10.28 -31.02
N GLY B 457 40.20 -11.01 -31.19
CA GLY B 457 39.17 -10.53 -32.06
C GLY B 457 39.33 -10.98 -33.50
N MET B 458 40.24 -11.93 -33.76
CA MET B 458 40.55 -12.31 -35.12
C MET B 458 40.43 -13.81 -35.32
N ALA B 459 39.93 -14.53 -34.32
CA ALA B 459 39.83 -16.00 -34.32
C ALA B 459 39.04 -16.39 -33.06
N ASP B 460 38.85 -17.70 -32.86
CA ASP B 460 38.13 -18.23 -31.71
C ASP B 460 39.07 -18.28 -30.48
N ARG B 461 40.21 -17.59 -30.55
CA ARG B 461 41.15 -17.54 -29.48
C ARG B 461 42.12 -16.40 -29.75
N THR B 462 42.93 -16.06 -28.74
CA THR B 462 44.04 -15.15 -28.93
C THR B 462 45.05 -15.84 -29.88
N ILE B 463 45.54 -15.13 -30.91
CA ILE B 463 46.48 -15.74 -31.84
C ILE B 463 47.70 -14.86 -32.03
N SER B 464 48.77 -15.52 -32.50
CA SER B 464 50.01 -14.86 -32.95
C SER B 464 50.10 -14.97 -34.47
N ALA B 465 50.67 -13.95 -35.12
CA ALA B 465 50.79 -13.90 -36.56
C ALA B 465 52.09 -14.66 -36.96
N LEU B 466 52.06 -15.96 -36.67
CA LEU B 466 53.24 -16.85 -36.74
C LEU B 466 53.67 -17.16 -38.19
N LYS B 467 52.81 -16.95 -39.18
CA LYS B 467 53.23 -17.07 -40.60
C LYS B 467 54.03 -15.83 -41.03
N THR B 468 53.62 -14.65 -40.55
CA THR B 468 54.18 -13.37 -41.01
C THR B 468 55.49 -13.02 -40.32
N THR B 469 55.57 -13.19 -38.98
CA THR B 469 56.65 -12.59 -38.22
C THR B 469 58.02 -13.25 -38.45
N PRO B 470 58.11 -14.58 -38.60
CA PRO B 470 59.45 -15.20 -38.75
C PRO B 470 60.19 -14.72 -40.02
N LYS B 471 59.43 -14.41 -41.06
CA LYS B 471 59.99 -13.90 -42.32
C LYS B 471 60.76 -12.58 -42.10
N GLN B 472 60.50 -11.85 -41.01
CA GLN B 472 61.05 -10.54 -40.83
C GLN B 472 62.35 -10.61 -40.03
N LEU B 473 62.72 -11.79 -39.52
CA LEU B 473 63.92 -11.80 -38.64
C LEU B 473 65.14 -11.46 -39.50
N SER B 474 66.02 -10.64 -38.96
CA SER B 474 67.26 -10.10 -39.55
C SER B 474 67.03 -8.87 -40.44
N LYS B 475 65.79 -8.57 -40.86
CA LYS B 475 65.54 -7.33 -41.64
C LYS B 475 65.68 -6.06 -40.80
N SER B 476 66.00 -4.96 -41.50
CA SER B 476 66.04 -3.68 -40.92
C SER B 476 64.60 -3.16 -40.81
N TRP B 477 64.38 -2.34 -39.78
CA TRP B 477 63.09 -1.64 -39.56
C TRP B 477 62.96 -0.45 -40.52
N ASN B 478 62.39 -0.75 -41.68
CA ASN B 478 62.24 0.14 -42.82
C ASN B 478 60.96 -0.14 -43.61
N GLU B 479 60.77 0.65 -44.68
CA GLU B 479 59.53 0.58 -45.48
C GLU B 479 59.28 -0.81 -46.09
N GLU B 480 60.34 -1.56 -46.48
CA GLU B 480 60.14 -2.87 -47.03
C GLU B 480 59.59 -3.84 -45.96
N LEU B 481 60.02 -3.69 -44.72
CA LEU B 481 59.47 -4.48 -43.59
C LEU B 481 57.98 -4.12 -43.38
N LEU B 482 57.65 -2.84 -43.44
CA LEU B 482 56.25 -2.44 -43.25
C LEU B 482 55.37 -3.10 -44.30
N GLN B 483 55.83 -3.06 -45.56
CA GLN B 483 55.05 -3.52 -46.67
C GLN B 483 54.93 -5.03 -46.57
N SER B 484 56.03 -5.67 -46.16
CA SER B 484 56.01 -7.13 -46.01
C SER B 484 55.05 -7.61 -44.90
N VAL B 485 55.16 -6.99 -43.73
CA VAL B 485 54.27 -7.32 -42.64
C VAL B 485 52.81 -7.10 -43.04
N CYS B 486 52.50 -5.93 -43.62
CA CYS B 486 51.11 -5.65 -44.05
C CYS B 486 50.58 -6.70 -45.03
N ALA B 487 51.38 -7.05 -46.03
CA ALA B 487 50.99 -8.09 -46.98
C ALA B 487 50.76 -9.42 -46.24
N GLY B 488 51.65 -9.75 -45.32
CA GLY B 488 51.54 -10.99 -44.55
C GLY B 488 50.27 -11.07 -43.70
N LEU B 489 49.98 -9.98 -42.95
CA LEU B 489 48.77 -9.92 -42.13
C LEU B 489 47.51 -10.02 -42.99
N ALA B 490 47.50 -9.32 -44.12
CA ALA B 490 46.30 -9.32 -44.98
C ALA B 490 46.00 -10.74 -45.45
N GLU B 491 47.05 -11.53 -45.66
CA GLU B 491 46.91 -12.91 -46.15
C GLU B 491 46.62 -13.85 -44.97
N GLU B 492 47.36 -13.70 -43.87
CA GLU B 492 47.30 -14.65 -42.75
C GLU B 492 45.98 -14.52 -41.95
N LEU B 493 45.52 -13.28 -41.75
CA LEU B 493 44.42 -13.01 -40.83
C LEU B 493 43.13 -12.89 -41.63
N GLN B 494 42.75 -14.00 -42.25
CA GLN B 494 41.59 -14.11 -43.09
C GLN B 494 40.39 -14.24 -42.18
N LEU B 495 39.27 -13.70 -42.60
CA LEU B 495 38.02 -13.91 -41.92
C LEU B 495 37.01 -14.32 -42.97
N ALA B 496 36.27 -15.39 -42.64
CA ALA B 496 35.12 -15.78 -43.41
C ALA B 496 34.12 -14.62 -43.44
N PRO B 497 33.34 -14.48 -44.53
CA PRO B 497 32.35 -13.42 -44.55
C PRO B 497 31.37 -13.56 -43.38
N ASP B 498 31.10 -14.77 -42.87
CA ASP B 498 30.13 -14.94 -41.73
C ASP B 498 30.85 -15.12 -40.38
N ALA B 499 32.11 -14.70 -40.29
CA ALA B 499 32.87 -14.87 -39.08
C ALA B 499 32.11 -14.30 -37.90
N PRO B 500 32.12 -14.98 -36.74
CA PRO B 500 31.59 -14.36 -35.52
C PRO B 500 32.20 -12.99 -35.28
N GLY B 501 31.32 -12.06 -34.92
CA GLY B 501 31.63 -10.69 -34.62
C GLY B 501 31.31 -9.75 -35.77
N GLY B 502 31.19 -10.26 -37.00
CA GLY B 502 30.88 -9.38 -38.14
C GLY B 502 31.99 -8.38 -38.39
N MET B 503 31.67 -7.29 -39.09
CA MET B 503 32.61 -6.20 -39.35
C MET B 503 33.95 -6.73 -39.83
N VAL B 504 33.94 -7.64 -40.81
CA VAL B 504 35.15 -8.33 -41.17
C VAL B 504 36.14 -7.38 -41.85
N GLU B 505 35.69 -6.47 -42.73
CA GLU B 505 36.61 -5.55 -43.39
C GLU B 505 37.28 -4.63 -42.36
N PHE B 506 36.48 -4.07 -41.44
CA PHE B 506 37.01 -3.21 -40.38
C PHE B 506 38.06 -3.96 -39.56
N ARG B 507 37.73 -5.19 -39.14
CA ARG B 507 38.67 -5.91 -38.24
C ARG B 507 40.00 -6.17 -38.95
N ARG B 508 39.94 -6.59 -40.20
CA ARG B 508 41.18 -6.86 -40.93
C ARG B 508 41.97 -5.55 -41.12
N THR B 509 41.27 -4.48 -41.47
CA THR B 509 41.89 -3.16 -41.63
C THR B 509 42.60 -2.74 -40.32
N LEU B 510 41.95 -2.95 -39.19
CA LEU B 510 42.53 -2.60 -37.91
C LEU B 510 43.86 -3.33 -37.68
N THR B 511 43.96 -4.63 -38.01
CA THR B 511 45.23 -5.34 -37.77
C THR B 511 46.39 -4.62 -38.46
N LEU B 512 46.21 -4.22 -39.73
CA LEU B 512 47.23 -3.52 -40.48
C LEU B 512 47.46 -2.11 -39.92
N SER B 513 46.37 -1.41 -39.57
CA SER B 513 46.43 -0.06 -39.05
C SER B 513 47.20 -0.03 -37.73
N PHE B 514 46.92 -1.00 -36.86
CA PHE B 514 47.65 -1.11 -35.61
C PHE B 514 49.14 -1.36 -35.91
N PHE B 515 49.41 -2.24 -36.83
CA PHE B 515 50.84 -2.57 -37.12
C PHE B 515 51.54 -1.30 -37.64
N PHE B 516 50.86 -0.53 -38.50
CA PHE B 516 51.42 0.74 -38.98
C PHE B 516 51.72 1.67 -37.82
N LYS B 517 50.79 1.81 -36.87
CA LYS B 517 51.07 2.63 -35.74
C LYS B 517 52.32 2.16 -34.98
N PHE B 518 52.40 0.85 -34.78
CA PHE B 518 53.53 0.26 -34.10
C PHE B 518 54.81 0.51 -34.90
N TYR B 519 54.74 0.33 -36.21
CA TYR B 519 55.90 0.57 -37.10
C TYR B 519 56.45 2.00 -36.94
N LEU B 520 55.58 3.01 -36.93
CA LEU B 520 55.95 4.38 -36.82
C LEU B 520 56.51 4.64 -35.41
N THR B 521 55.89 4.01 -34.42
CA THR B 521 56.24 4.38 -32.99
C THR B 521 57.64 3.82 -32.69
N VAL B 522 57.90 2.68 -33.26
CA VAL B 522 59.24 2.05 -33.15
C VAL B 522 60.30 2.93 -33.87
N LEU B 523 59.98 3.49 -35.03
CA LEU B 523 60.92 4.44 -35.63
C LEU B 523 61.21 5.61 -34.68
N GLN B 524 60.19 6.14 -34.00
CA GLN B 524 60.38 7.24 -33.11
C GLN B 524 61.27 6.80 -31.95
N LYS B 525 60.99 5.61 -31.41
CA LYS B 525 61.80 5.14 -30.26
C LYS B 525 63.28 4.93 -30.68
N LEU B 526 63.47 4.35 -31.85
CA LEU B 526 64.81 4.13 -32.45
C LEU B 526 65.53 5.48 -32.62
N GLY B 527 64.79 6.53 -33.02
CA GLY B 527 65.37 7.88 -33.19
C GLY B 527 65.90 8.46 -31.89
N ARG B 528 65.39 8.00 -30.75
CA ARG B 528 65.80 8.50 -29.44
C ARG B 528 67.02 7.74 -28.92
N ALA B 529 67.40 6.66 -29.61
CA ALA B 529 68.42 5.70 -29.20
C ALA B 529 69.82 6.06 -29.73
N ASP B 530 69.97 7.07 -30.58
CA ASP B 530 71.34 7.52 -30.96
C ASP B 530 72.18 6.31 -31.43
N LEU B 531 71.71 5.64 -32.49
CA LEU B 531 72.31 4.44 -33.05
C LEU B 531 73.33 4.84 -34.14
N GLU B 532 74.26 3.94 -34.47
CA GLU B 532 75.26 4.24 -35.52
C GLU B 532 74.62 4.24 -36.92
N ASP B 533 73.60 3.43 -37.14
CA ASP B 533 72.89 3.37 -38.41
C ASP B 533 71.65 4.27 -38.31
N MET B 534 71.46 5.18 -39.28
CA MET B 534 70.28 6.12 -39.29
C MET B 534 69.00 5.34 -39.61
N CYS B 535 67.92 5.55 -38.83
CA CYS B 535 66.74 4.61 -38.88
C CYS B 535 65.77 4.88 -40.05
N GLY B 536 65.40 6.13 -40.26
CA GLY B 536 64.08 6.43 -40.82
C GLY B 536 63.39 7.44 -39.89
N LYS B 537 63.03 8.61 -40.44
CA LYS B 537 62.46 9.72 -39.63
C LYS B 537 61.01 9.95 -40.05
N LEU B 538 60.17 10.29 -39.10
CA LEU B 538 58.79 10.55 -39.47
C LEU B 538 58.71 11.95 -40.08
N ASP B 539 57.93 12.06 -41.14
CA ASP B 539 57.43 13.38 -41.54
C ASP B 539 56.58 13.91 -40.38
N PRO B 540 56.64 15.23 -40.08
CA PRO B 540 55.77 15.84 -39.10
C PRO B 540 54.28 15.56 -39.34
N THR B 541 53.83 15.25 -40.58
CA THR B 541 52.37 14.98 -40.83
C THR B 541 51.92 13.62 -40.32
N PHE B 542 52.88 12.81 -39.89
CA PHE B 542 52.63 11.37 -39.53
C PHE B 542 52.79 11.25 -38.02
N ALA B 543 53.39 12.25 -37.37
CA ALA B 543 53.65 12.21 -35.89
C ALA B 543 52.38 11.94 -35.11
N SER B 544 51.26 12.57 -35.47
CA SER B 544 50.05 12.44 -34.63
C SER B 544 49.52 10.99 -34.69
N ALA B 545 49.95 10.17 -35.66
CA ALA B 545 49.53 8.75 -35.75
C ALA B 545 49.97 7.95 -34.53
N THR B 546 51.07 8.36 -33.86
CA THR B 546 51.62 7.54 -32.79
C THR B 546 51.24 8.03 -31.39
N LEU B 547 50.50 9.13 -31.29
CA LEU B 547 50.18 9.69 -29.97
C LEU B 547 49.21 8.76 -29.23
N LEU B 548 49.49 8.49 -27.96
CA LEU B 548 48.49 7.82 -27.11
C LEU B 548 47.32 8.77 -26.84
N PHE B 549 46.14 8.19 -26.72
CA PHE B 549 44.92 8.98 -26.59
C PHE B 549 45.06 9.93 -25.40
N GLN B 550 44.71 11.20 -25.63
CA GLN B 550 44.78 12.23 -24.60
C GLN B 550 43.74 13.32 -24.96
N LYS B 551 43.06 13.86 -23.94
CA LYS B 551 42.09 14.96 -24.14
C LYS B 551 42.55 16.21 -23.37
N ASP B 552 42.27 17.40 -23.90
CA ASP B 552 42.42 18.63 -23.11
C ASP B 552 41.39 18.58 -21.97
N PRO B 553 41.58 19.34 -20.88
CA PRO B 553 40.55 19.42 -19.83
C PRO B 553 39.30 20.14 -20.36
N PRO B 554 38.11 19.84 -19.82
CA PRO B 554 36.89 20.43 -20.31
C PRO B 554 36.77 21.93 -20.03
N ALA B 555 35.94 22.60 -20.81
CA ALA B 555 35.68 23.99 -20.60
C ALA B 555 34.23 24.22 -21.03
N ASN B 556 33.37 24.56 -20.08
CA ASN B 556 31.93 24.61 -20.35
C ASN B 556 31.43 26.02 -20.08
N VAL B 557 30.46 26.47 -20.89
CA VAL B 557 29.83 27.78 -20.71
C VAL B 557 28.33 27.56 -20.84
N GLN B 558 27.56 28.03 -19.84
CA GLN B 558 26.12 28.08 -19.97
C GLN B 558 25.66 29.52 -19.87
N LEU B 559 24.88 29.95 -20.85
CA LEU B 559 24.38 31.33 -20.89
C LEU B 559 22.86 31.29 -20.92
N PHE B 560 22.23 32.09 -20.05
CA PHE B 560 20.81 32.21 -20.02
C PHE B 560 20.45 33.62 -19.57
N GLN B 561 19.14 33.91 -19.55
CA GLN B 561 18.66 35.25 -19.30
C GLN B 561 18.28 35.38 -17.82
N GLU B 562 18.75 36.47 -17.20
CA GLU B 562 18.29 36.91 -15.88
C GLU B 562 16.81 37.33 -15.95
N VAL B 563 16.06 37.11 -14.87
CA VAL B 563 14.69 37.50 -14.87
C VAL B 563 14.67 39.01 -14.62
N PRO B 564 13.56 39.71 -14.90
CA PRO B 564 13.50 41.16 -14.67
C PRO B 564 13.82 41.55 -13.21
N LYS B 565 14.51 42.68 -13.06
CA LYS B 565 14.95 43.16 -11.75
C LYS B 565 13.77 43.32 -10.79
N ASP B 566 12.58 43.65 -11.29
CA ASP B 566 11.44 43.92 -10.41
C ASP B 566 10.68 42.62 -10.07
N GLN B 567 11.09 41.47 -10.64
CA GLN B 567 10.42 40.20 -10.25
C GLN B 567 10.68 39.93 -8.78
N SER B 568 9.61 39.55 -8.07
CA SER B 568 9.68 39.11 -6.67
C SER B 568 10.67 37.93 -6.51
N GLU B 569 11.37 37.91 -5.38
CA GLU B 569 12.27 36.80 -5.03
C GLU B 569 11.47 35.49 -4.86
N GLU B 570 10.18 35.58 -4.52
CA GLU B 570 9.31 34.40 -4.35
C GLU B 570 8.76 33.90 -5.70
N ASP B 571 8.88 34.70 -6.77
CA ASP B 571 8.43 34.26 -8.07
C ASP B 571 9.60 33.54 -8.73
N MET B 572 9.50 32.21 -8.84
CA MET B 572 10.61 31.39 -9.30
C MET B 572 10.51 31.10 -10.79
N VAL B 573 9.51 31.64 -11.47
CA VAL B 573 9.40 31.36 -12.89
C VAL B 573 10.52 32.10 -13.62
N GLY B 574 11.27 31.34 -14.42
CA GLY B 574 12.45 31.81 -15.12
C GLY B 574 13.74 31.75 -14.33
N ARG B 575 13.68 31.37 -13.05
CA ARG B 575 14.87 31.17 -12.21
C ARG B 575 15.36 29.71 -12.26
N PRO B 576 16.68 29.49 -12.07
CA PRO B 576 17.25 28.14 -12.12
C PRO B 576 17.07 27.30 -10.85
N LEU B 577 15.82 27.03 -10.50
CA LEU B 577 15.53 26.30 -9.28
C LEU B 577 15.92 24.83 -9.49
N PRO B 578 16.75 24.17 -8.64
CA PRO B 578 17.03 22.76 -8.84
C PRO B 578 15.76 21.90 -8.79
N HIS B 579 15.84 20.80 -9.53
CA HIS B 579 14.79 19.75 -9.50
C HIS B 579 14.39 19.48 -8.05
N LEU B 580 13.08 19.50 -7.77
CA LEU B 580 12.61 19.42 -6.40
C LEU B 580 13.04 18.11 -5.74
N ALA B 581 13.27 17.02 -6.49
CA ALA B 581 13.65 15.76 -5.87
C ALA B 581 15.17 15.51 -5.88
N ALA B 582 15.97 16.50 -6.28
CA ALA B 582 17.42 16.23 -6.49
C ALA B 582 18.12 15.78 -5.20
N ASN B 583 17.84 16.44 -4.08
CA ASN B 583 18.46 16.05 -2.81
C ASN B 583 18.11 14.61 -2.42
N MET B 584 16.82 14.24 -2.53
CA MET B 584 16.43 12.86 -2.21
C MET B 584 16.96 11.87 -3.22
N GLN B 585 17.20 12.26 -4.49
CA GLN B 585 17.79 11.30 -5.50
C GLN B 585 19.29 10.93 -5.20
N ALA B 586 19.89 12.10 -4.75
CA ALA B 586 21.33 12.04 -4.38
C ALA B 586 21.52 11.19 -3.13
N SER B 587 20.50 11.13 -2.27
CA SER B 587 20.61 10.46 -0.97
C SER B 587 20.07 9.03 -1.05
N GLY B 588 19.46 8.70 -2.19
CA GLY B 588 18.83 7.35 -2.33
C GLY B 588 17.53 7.21 -1.53
N GLU B 589 16.93 8.32 -1.10
CA GLU B 589 15.65 8.31 -0.40
C GLU B 589 14.46 8.41 -1.36
N ALA B 590 14.69 8.89 -2.57
CA ALA B 590 13.64 8.95 -3.61
C ALA B 590 13.19 7.54 -3.96
N VAL B 591 11.86 7.33 -3.99
CA VAL B 591 11.32 5.94 -4.18
C VAL B 591 10.89 5.81 -5.64
N TYR B 592 11.45 4.79 -6.29
CA TYR B 592 11.05 4.31 -7.58
C TYR B 592 10.26 3.03 -7.34
N CYS B 593 9.52 2.58 -8.33
CA CYS B 593 8.53 1.48 -8.15
C CYS B 593 9.10 0.30 -7.35
N ASP B 594 10.23 -0.28 -7.79
CA ASP B 594 10.74 -1.49 -7.13
C ASP B 594 11.29 -1.23 -5.72
N ASP B 595 11.51 0.03 -5.38
CA ASP B 595 11.90 0.38 -3.99
C ASP B 595 10.75 0.27 -2.99
N ILE B 596 9.51 0.30 -3.45
CA ILE B 596 8.35 0.15 -2.58
C ILE B 596 8.45 -1.20 -1.88
N PRO B 597 8.29 -1.28 -0.54
CA PRO B 597 8.32 -2.56 0.16
C PRO B 597 7.27 -3.52 -0.38
N ARG B 598 7.62 -4.80 -0.42
CA ARG B 598 6.67 -5.85 -0.84
C ARG B 598 5.66 -6.07 0.30
N TYR B 599 4.42 -6.44 -0.07
CA TYR B 599 3.54 -7.00 0.91
C TYR B 599 4.04 -8.39 1.31
N GLU B 600 3.71 -8.83 2.54
CA GLU B 600 4.06 -10.19 3.02
C GLU B 600 3.54 -11.28 2.07
N ASN B 601 2.43 -11.05 1.37
CA ASN B 601 1.79 -12.03 0.51
C ASN B 601 2.06 -11.75 -0.97
N GLU B 602 3.01 -10.86 -1.29
CA GLU B 602 3.24 -10.42 -2.69
C GLU B 602 3.91 -11.53 -3.47
N LEU B 603 3.50 -11.68 -4.74
CA LEU B 603 4.07 -12.63 -5.64
C LEU B 603 4.93 -11.94 -6.71
N SER B 604 5.73 -12.74 -7.41
CA SER B 604 6.64 -12.26 -8.46
C SER B 604 6.21 -12.85 -9.80
N LEU B 605 6.38 -12.06 -10.86
CA LEU B 605 5.99 -12.52 -12.20
C LEU B 605 7.19 -12.41 -13.15
N ARG B 606 7.28 -13.38 -14.06
CA ARG B 606 8.27 -13.33 -15.15
C ARG B 606 7.63 -13.73 -16.49
N LEU B 607 7.81 -12.87 -17.48
CA LEU B 607 7.29 -13.09 -18.83
C LEU B 607 8.07 -14.23 -19.51
N VAL B 608 7.34 -15.02 -20.29
CA VAL B 608 7.91 -16.04 -21.17
C VAL B 608 7.69 -15.56 -22.61
N THR B 609 8.81 -15.44 -23.36
CA THR B 609 8.78 -14.87 -24.68
C THR B 609 9.19 -15.88 -25.76
N SER B 610 8.74 -15.55 -26.97
CA SER B 610 9.02 -16.29 -28.20
C SER B 610 10.52 -16.24 -28.52
N THR B 611 11.09 -17.40 -28.84
CA THR B 611 12.42 -17.47 -29.40
C THR B 611 12.42 -17.60 -30.93
N ARG B 612 11.24 -17.42 -31.55
CA ARG B 612 11.13 -17.45 -33.05
C ARG B 612 10.48 -16.18 -33.56
N ALA B 613 10.96 -15.73 -34.72
CA ALA B 613 10.45 -14.57 -35.39
C ALA B 613 9.01 -14.77 -35.89
N HIS B 614 8.67 -15.95 -36.47
CA HIS B 614 7.32 -16.18 -36.94
C HIS B 614 7.10 -17.70 -36.96
N ALA B 615 6.14 -18.17 -36.17
CA ALA B 615 5.93 -19.60 -35.99
C ALA B 615 4.56 -19.83 -35.39
N LYS B 616 4.03 -21.01 -35.67
CA LYS B 616 2.92 -21.52 -34.90
C LYS B 616 3.46 -22.05 -33.61
N ILE B 617 2.68 -21.88 -32.53
CA ILE B 617 2.92 -22.57 -31.27
C ILE B 617 2.26 -23.95 -31.36
N THR B 618 3.07 -24.99 -31.46
CA THR B 618 2.55 -26.39 -31.59
C THR B 618 2.04 -26.85 -30.22
N SER B 619 2.85 -26.60 -29.18
CA SER B 619 2.49 -27.03 -27.84
C SER B 619 3.34 -26.28 -26.81
N ILE B 620 2.91 -26.39 -25.55
CA ILE B 620 3.63 -25.78 -24.44
C ILE B 620 3.65 -26.83 -23.32
N ASP B 621 4.84 -27.03 -22.75
CA ASP B 621 5.04 -28.03 -21.69
C ASP B 621 5.55 -27.29 -20.45
N THR B 622 4.77 -27.33 -19.37
CA THR B 622 5.13 -26.63 -18.14
C THR B 622 5.53 -27.60 -17.04
N SER B 623 5.81 -28.87 -17.40
CA SER B 623 6.12 -29.91 -16.40
C SER B 623 7.32 -29.50 -15.54
N GLU B 624 8.38 -28.96 -16.16
CA GLU B 624 9.60 -28.61 -15.43
C GLU B 624 9.36 -27.34 -14.59
N ALA B 625 8.61 -26.37 -15.13
CA ALA B 625 8.28 -25.20 -14.36
C ALA B 625 7.59 -25.56 -13.03
N LYS B 626 6.64 -26.51 -13.07
CA LYS B 626 5.79 -26.92 -11.93
C LYS B 626 6.61 -27.51 -10.78
N LYS B 627 7.85 -27.92 -11.07
CA LYS B 627 8.74 -28.53 -10.08
C LYS B 627 9.56 -27.47 -9.36
N VAL B 628 9.51 -26.22 -9.83
CA VAL B 628 10.36 -25.24 -9.16
C VAL B 628 9.71 -24.85 -7.84
N PRO B 629 10.46 -24.79 -6.72
CA PRO B 629 9.86 -24.38 -5.44
C PRO B 629 9.22 -22.99 -5.61
N GLY B 630 8.04 -22.83 -5.03
CA GLY B 630 7.30 -21.57 -4.99
C GLY B 630 6.52 -21.25 -6.26
N PHE B 631 6.55 -22.13 -7.28
CA PHE B 631 5.78 -21.94 -8.48
C PHE B 631 4.28 -21.87 -8.13
N VAL B 632 3.59 -20.88 -8.68
CA VAL B 632 2.16 -20.70 -8.50
C VAL B 632 1.40 -21.10 -9.75
N CYS B 633 1.68 -20.47 -10.90
CA CYS B 633 0.93 -20.75 -12.13
C CYS B 633 1.66 -20.19 -13.36
N PHE B 634 1.23 -20.65 -14.53
CA PHE B 634 1.68 -20.11 -15.79
C PHE B 634 0.46 -19.55 -16.54
N LEU B 635 0.39 -18.23 -16.68
CA LEU B 635 -0.69 -17.56 -17.34
C LEU B 635 -0.44 -17.59 -18.86
N THR B 636 -1.51 -17.86 -19.63
CA THR B 636 -1.53 -17.81 -21.08
C THR B 636 -2.80 -17.11 -21.54
N ALA B 637 -3.01 -17.06 -22.87
CA ALA B 637 -4.17 -16.41 -23.46
C ALA B 637 -5.48 -16.96 -22.87
N GLU B 638 -5.48 -18.25 -22.52
CA GLU B 638 -6.74 -18.88 -22.04
C GLU B 638 -7.16 -18.31 -20.68
N ASP B 639 -6.20 -17.72 -19.92
CA ASP B 639 -6.46 -17.10 -18.61
C ASP B 639 -7.02 -15.67 -18.69
N VAL B 640 -7.04 -15.02 -19.85
CA VAL B 640 -7.51 -13.68 -19.94
C VAL B 640 -9.01 -13.66 -19.70
N PRO B 641 -9.56 -12.91 -18.72
CA PRO B 641 -11.00 -12.96 -18.45
C PRO B 641 -11.86 -12.41 -19.60
N ASN B 642 -11.45 -11.29 -20.18
CA ASN B 642 -12.25 -10.62 -21.18
C ASN B 642 -11.58 -10.68 -22.57
N SER B 643 -10.70 -9.73 -22.90
CA SER B 643 -10.23 -9.56 -24.23
C SER B 643 -8.71 -9.77 -24.28
N ASN B 644 -8.26 -10.55 -25.27
CA ASN B 644 -6.83 -10.76 -25.54
C ASN B 644 -6.29 -9.72 -26.54
N ALA B 645 -7.13 -8.79 -26.97
CA ALA B 645 -6.75 -7.81 -27.96
C ALA B 645 -6.38 -6.52 -27.23
N THR B 646 -5.15 -6.04 -27.47
CA THR B 646 -4.65 -4.87 -26.79
C THR B 646 -3.79 -4.02 -27.75
N GLY B 647 -3.16 -2.98 -27.19
CA GLY B 647 -2.30 -2.06 -27.92
C GLY B 647 -3.08 -0.93 -28.51
N LEU B 648 -2.36 0.13 -28.92
CA LEU B 648 -2.97 1.36 -29.30
C LEU B 648 -4.00 1.14 -30.42
N PHE B 649 -3.70 0.26 -31.38
CA PHE B 649 -4.59 -0.01 -32.53
C PHE B 649 -5.25 -1.40 -32.43
N ASN B 650 -5.20 -2.03 -31.25
CA ASN B 650 -5.98 -3.24 -30.96
C ASN B 650 -5.55 -4.43 -31.81
N ASP B 651 -4.31 -4.42 -32.28
CA ASP B 651 -3.77 -5.47 -33.16
C ASP B 651 -2.69 -6.31 -32.46
N GLU B 652 -2.56 -6.16 -31.14
CA GLU B 652 -1.60 -6.88 -30.35
C GLU B 652 -2.34 -7.88 -29.46
N THR B 653 -1.66 -8.97 -29.11
CA THR B 653 -2.17 -9.91 -28.11
C THR B 653 -1.68 -9.50 -26.72
N VAL B 654 -2.50 -9.76 -25.71
CA VAL B 654 -1.99 -9.76 -24.34
C VAL B 654 -0.97 -10.88 -24.18
N PHE B 655 -1.39 -12.10 -24.54
CA PHE B 655 -0.54 -13.24 -24.64
C PHE B 655 -0.73 -13.90 -26.02
N ALA B 656 0.37 -14.35 -26.63
CA ALA B 656 0.32 -15.01 -27.95
C ALA B 656 -0.72 -16.14 -27.97
N LYS B 657 -1.47 -16.20 -29.07
CA LYS B 657 -2.46 -17.23 -29.28
C LYS B 657 -2.21 -17.85 -30.66
N ASP B 658 -1.82 -19.12 -30.64
CA ASP B 658 -1.63 -19.94 -31.83
C ASP B 658 -0.32 -19.64 -32.57
N GLU B 659 0.08 -18.35 -32.68
CA GLU B 659 1.21 -17.96 -33.48
C GLU B 659 1.99 -16.85 -32.74
N VAL B 660 3.31 -16.90 -32.94
CA VAL B 660 4.19 -15.85 -32.49
C VAL B 660 4.67 -15.07 -33.72
N THR B 661 4.91 -13.76 -33.53
CA THR B 661 5.21 -12.86 -34.65
C THR B 661 6.49 -12.02 -34.43
N CYS B 662 7.24 -12.26 -33.35
CA CYS B 662 8.63 -11.80 -33.24
C CYS B 662 9.36 -12.58 -32.15
N VAL B 663 10.69 -12.59 -32.22
CA VAL B 663 11.50 -12.97 -31.09
C VAL B 663 11.28 -11.89 -30.02
N GLY B 664 10.72 -12.29 -28.88
CA GLY B 664 10.31 -11.40 -27.79
C GLY B 664 8.81 -11.24 -27.66
N HIS B 665 8.02 -11.87 -28.58
CA HIS B 665 6.54 -11.87 -28.42
C HIS B 665 6.15 -12.61 -27.13
N ILE B 666 5.40 -11.94 -26.26
CA ILE B 666 5.04 -12.54 -24.96
C ILE B 666 4.01 -13.66 -25.17
N ILE B 667 4.36 -14.85 -24.72
CA ILE B 667 3.56 -16.04 -24.83
C ILE B 667 2.74 -16.22 -23.55
N GLY B 668 3.38 -15.95 -22.41
CA GLY B 668 2.75 -16.15 -21.11
C GLY B 668 3.54 -15.50 -20.00
N ALA B 669 3.17 -15.80 -18.75
CA ALA B 669 3.83 -15.28 -17.56
C ALA B 669 3.79 -16.33 -16.46
N VAL B 670 4.96 -16.63 -15.91
CA VAL B 670 5.08 -17.40 -14.73
C VAL B 670 4.83 -16.52 -13.50
N VAL B 671 4.05 -17.05 -12.54
CA VAL B 671 3.92 -16.46 -11.21
C VAL B 671 4.54 -17.44 -10.19
N ALA B 672 5.36 -16.89 -9.29
CA ALA B 672 6.05 -17.64 -8.24
C ALA B 672 6.26 -16.73 -7.04
N ASP B 673 6.74 -17.30 -5.93
CA ASP B 673 6.94 -16.48 -4.72
C ASP B 673 8.04 -15.43 -4.95
N THR B 674 9.17 -15.81 -5.51
CA THR B 674 10.31 -14.93 -5.64
C THR B 674 10.68 -14.70 -7.11
N PRO B 675 11.43 -13.63 -7.41
CA PRO B 675 11.93 -13.42 -8.76
C PRO B 675 12.85 -14.54 -9.26
N GLU B 676 13.62 -15.10 -8.34
CA GLU B 676 14.60 -16.18 -8.67
C GLU B 676 13.83 -17.45 -9.06
N HIS B 677 12.80 -17.73 -8.28
CA HIS B 677 11.97 -18.89 -8.56
C HIS B 677 11.17 -18.66 -9.83
N ALA B 678 10.70 -17.42 -10.03
CA ALA B 678 9.99 -17.13 -11.29
C ALA B 678 10.93 -17.35 -12.49
N GLN B 679 12.17 -16.88 -12.40
CA GLN B 679 13.14 -16.98 -13.48
C GLN B 679 13.39 -18.47 -13.78
N ARG B 680 13.66 -19.25 -12.73
CA ARG B 680 13.91 -20.72 -12.88
C ARG B 680 12.70 -21.41 -13.52
N ALA B 681 11.49 -21.04 -13.10
CA ALA B 681 10.28 -21.65 -13.59
C ALA B 681 10.03 -21.29 -15.07
N ALA B 682 10.33 -20.03 -15.44
CA ALA B 682 10.18 -19.60 -16.81
C ALA B 682 11.10 -20.41 -17.73
N ARG B 683 12.30 -20.72 -17.27
CA ARG B 683 13.22 -21.58 -18.05
C ARG B 683 12.64 -23.00 -18.27
N GLY B 684 11.72 -23.42 -17.40
CA GLY B 684 11.09 -24.74 -17.49
C GLY B 684 9.81 -24.74 -18.32
N VAL B 685 9.47 -23.62 -18.97
CA VAL B 685 8.35 -23.60 -19.93
C VAL B 685 8.93 -23.87 -21.31
N LYS B 686 8.60 -25.04 -21.86
CA LYS B 686 9.17 -25.49 -23.10
C LYS B 686 8.11 -25.34 -24.19
N ILE B 687 8.47 -24.54 -25.20
CA ILE B 687 7.61 -24.27 -26.27
C ILE B 687 8.12 -25.05 -27.49
N THR B 688 7.19 -25.66 -28.23
CA THR B 688 7.48 -26.26 -29.57
C THR B 688 6.80 -25.39 -30.62
N TYR B 689 7.52 -25.14 -31.71
CA TYR B 689 7.16 -24.24 -32.72
C TYR B 689 7.19 -24.94 -34.07
N GLU B 690 6.43 -24.39 -34.99
CA GLU B 690 6.55 -24.72 -36.42
C GLU B 690 6.76 -23.41 -37.19
N ASP B 691 7.94 -23.22 -37.77
CA ASP B 691 8.28 -21.92 -38.38
C ASP B 691 7.34 -21.58 -39.51
N LEU B 692 7.12 -20.27 -39.69
CA LEU B 692 6.39 -19.66 -40.77
C LEU B 692 7.29 -18.62 -41.41
N PRO B 693 7.06 -18.31 -42.71
CA PRO B 693 7.89 -17.35 -43.43
C PRO B 693 7.92 -16.04 -42.64
N ALA B 694 9.12 -15.52 -42.39
CA ALA B 694 9.35 -14.31 -41.61
C ALA B 694 9.72 -13.14 -42.54
N ILE B 695 9.30 -11.92 -42.17
CA ILE B 695 9.65 -10.70 -42.83
C ILE B 695 10.39 -9.86 -41.81
N ILE B 696 11.68 -9.63 -42.03
CA ILE B 696 12.59 -9.08 -41.01
C ILE B 696 12.91 -7.62 -41.34
N THR B 697 13.43 -7.41 -42.54
CA THR B 697 13.96 -6.11 -42.94
C THR B 697 12.93 -5.23 -43.68
N ILE B 698 13.27 -3.94 -43.79
CA ILE B 698 12.54 -3.04 -44.67
C ILE B 698 12.46 -3.62 -46.09
N GLN B 699 13.55 -4.17 -46.63
CA GLN B 699 13.47 -4.68 -48.01
C GLN B 699 12.57 -5.92 -48.07
N ASP B 700 12.63 -6.78 -47.05
CA ASP B 700 11.73 -7.90 -47.00
C ASP B 700 10.26 -7.42 -47.07
N ALA B 701 9.93 -6.39 -46.26
CA ALA B 701 8.57 -5.85 -46.19
C ALA B 701 8.15 -5.28 -47.55
N ILE B 702 9.05 -4.49 -48.16
CA ILE B 702 8.79 -3.90 -49.49
C ILE B 702 8.50 -5.04 -50.49
N ASN B 703 9.37 -6.05 -50.49
CA ASN B 703 9.19 -7.14 -51.45
C ASN B 703 7.91 -7.96 -51.17
N ASN B 704 7.39 -7.98 -49.93
CA ASN B 704 6.17 -8.73 -49.65
C ASN B 704 4.94 -7.81 -49.52
N ASN B 705 5.06 -6.52 -49.81
CA ASN B 705 3.92 -5.64 -49.71
C ASN B 705 3.35 -5.70 -48.27
N SER B 706 4.23 -5.72 -47.25
CA SER B 706 3.86 -5.85 -45.82
C SER B 706 3.95 -4.49 -45.12
N PHE B 707 2.84 -3.74 -45.03
CA PHE B 707 2.86 -2.40 -44.53
C PHE B 707 1.73 -2.19 -43.54
N TYR B 708 1.90 -1.19 -42.67
CA TYR B 708 0.82 -0.66 -41.83
C TYR B 708 0.09 0.44 -42.61
N GLY B 709 -1.07 0.07 -43.18
CA GLY B 709 -1.92 0.99 -43.90
C GLY B 709 -1.30 1.51 -45.20
N SER B 710 -1.82 2.64 -45.67
CA SER B 710 -1.49 3.16 -47.02
C SER B 710 -0.30 4.14 -46.93
N GLU B 711 0.25 4.46 -48.10
CA GLU B 711 1.29 5.49 -48.19
C GLU B 711 0.78 6.80 -47.60
N ILE B 712 1.67 7.52 -46.93
CA ILE B 712 1.44 8.89 -46.48
C ILE B 712 2.23 9.80 -47.40
N LYS B 713 1.63 10.96 -47.73
CA LYS B 713 2.26 11.84 -48.71
C LYS B 713 1.99 13.31 -48.39
N ILE B 714 3.02 14.14 -48.59
CA ILE B 714 2.90 15.58 -48.63
C ILE B 714 3.59 16.03 -49.92
N GLU B 715 2.85 16.79 -50.74
CA GLU B 715 3.46 17.35 -51.95
C GLU B 715 2.91 18.76 -52.22
N LYS B 716 3.81 19.60 -52.73
CA LYS B 716 3.59 20.96 -53.05
C LYS B 716 4.41 21.32 -54.30
N GLY B 717 3.81 22.14 -55.15
CA GLY B 717 4.49 22.69 -56.30
C GLY B 717 4.52 21.69 -57.42
N ASP B 718 5.52 21.81 -58.28
CA ASP B 718 5.56 21.07 -59.56
C ASP B 718 6.92 20.39 -59.72
N LEU B 719 6.99 19.11 -59.38
CA LEU B 719 8.28 18.38 -59.29
C LEU B 719 8.92 18.26 -60.67
N LYS B 720 8.09 17.97 -61.67
CA LYS B 720 8.60 17.71 -63.02
C LYS B 720 9.27 18.98 -63.54
N LYS B 721 8.61 20.13 -63.36
CA LYS B 721 9.15 21.43 -63.74
C LYS B 721 10.42 21.72 -62.94
N GLY B 722 10.34 21.56 -61.61
CA GLY B 722 11.48 21.85 -60.76
C GLY B 722 12.76 21.11 -61.18
N PHE B 723 12.63 19.81 -61.44
CA PHE B 723 13.80 18.98 -61.80
C PHE B 723 14.30 19.38 -63.20
N SER B 724 13.34 19.67 -64.08
CA SER B 724 13.64 19.94 -65.50
C SER B 724 14.46 21.23 -65.59
N GLU B 725 14.24 22.19 -64.68
CA GLU B 725 14.93 23.49 -64.72
C GLU B 725 16.05 23.62 -63.66
N ALA B 726 16.36 22.53 -62.95
CA ALA B 726 17.56 22.51 -62.10
C ALA B 726 18.84 22.50 -62.94
N ASP B 727 19.92 23.04 -62.38
CA ASP B 727 21.28 22.94 -62.96
C ASP B 727 21.86 21.55 -62.68
N ASN B 728 21.49 20.95 -61.52
CA ASN B 728 22.11 19.70 -61.07
C ASN B 728 21.06 18.83 -60.39
N VAL B 729 21.23 17.50 -60.49
CA VAL B 729 20.38 16.58 -59.76
C VAL B 729 21.33 15.63 -59.01
N VAL B 730 21.03 15.34 -57.73
CA VAL B 730 21.79 14.32 -56.96
C VAL B 730 20.75 13.35 -56.38
N SER B 731 20.99 12.05 -56.55
CA SER B 731 20.13 11.05 -55.92
C SER B 731 20.99 10.18 -55.03
N GLY B 732 20.31 9.50 -54.10
CA GLY B 732 21.03 8.66 -53.15
C GLY B 732 20.04 7.92 -52.26
N GLU B 733 20.57 7.10 -51.37
CA GLU B 733 19.79 6.38 -50.38
C GLU B 733 20.52 6.58 -49.06
N LEU B 734 19.79 6.52 -47.94
CA LEU B 734 20.36 6.59 -46.64
C LEU B 734 19.65 5.61 -45.73
N TYR B 735 20.44 4.92 -44.90
CA TYR B 735 19.86 4.10 -43.86
C TYR B 735 20.22 4.74 -42.51
N ILE B 736 19.22 4.74 -41.62
CA ILE B 736 19.38 5.28 -40.28
C ILE B 736 18.98 4.19 -39.29
N GLY B 737 19.95 3.70 -38.49
CA GLY B 737 19.63 2.68 -37.54
C GLY B 737 18.72 3.21 -36.42
N GLY B 738 18.09 2.27 -35.71
CA GLY B 738 17.20 2.58 -34.60
C GLY B 738 17.95 2.90 -33.30
N GLN B 739 17.27 2.73 -32.15
CA GLN B 739 17.83 3.18 -30.90
C GLN B 739 17.00 2.59 -29.78
N GLU B 740 17.72 2.08 -28.77
CA GLU B 740 17.10 1.62 -27.54
C GLU B 740 17.14 2.78 -26.56
N HIS B 741 16.00 2.96 -25.85
CA HIS B 741 15.86 4.08 -24.92
C HIS B 741 16.91 4.01 -23.80
N PHE B 742 17.14 2.81 -23.26
CA PHE B 742 18.07 2.61 -22.13
C PHE B 742 17.81 3.62 -21.01
N TYR B 743 16.52 3.85 -20.67
CA TYR B 743 16.12 4.43 -19.40
C TYR B 743 16.83 3.62 -18.31
N LEU B 744 17.40 4.30 -17.32
CA LEU B 744 18.19 3.53 -16.37
C LEU B 744 17.29 2.61 -15.53
N GLU B 745 16.08 3.06 -15.21
CA GLU B 745 15.06 2.19 -14.62
C GLU B 745 14.26 1.50 -15.73
N THR B 746 14.27 0.17 -15.74
CA THR B 746 13.48 -0.58 -16.67
C THR B 746 12.00 -0.51 -16.32
N ASN B 747 11.18 -1.14 -17.19
CA ASN B 747 9.74 -1.25 -16.97
C ASN B 747 9.44 -2.06 -15.70
N CYS B 748 8.43 -1.61 -14.96
CA CYS B 748 8.11 -2.18 -13.66
C CYS B 748 6.64 -1.83 -13.37
N THR B 749 5.90 -2.83 -12.87
CA THR B 749 4.54 -2.67 -12.38
C THR B 749 4.41 -3.48 -11.09
N ILE B 750 3.75 -2.89 -10.09
CA ILE B 750 3.14 -3.58 -8.93
C ILE B 750 1.61 -3.46 -9.05
N ALA B 751 0.89 -4.59 -9.03
CA ALA B 751 -0.56 -4.53 -9.09
C ALA B 751 -1.09 -5.04 -7.77
N VAL B 752 -1.96 -4.26 -7.13
CA VAL B 752 -2.45 -4.57 -5.80
C VAL B 752 -3.96 -4.77 -5.96
N PRO B 753 -4.45 -6.01 -5.91
CA PRO B 753 -5.91 -6.20 -5.97
C PRO B 753 -6.56 -5.85 -4.62
N LYS B 754 -7.79 -5.35 -4.66
CA LYS B 754 -8.47 -4.92 -3.46
C LYS B 754 -9.57 -5.92 -3.06
N GLY B 755 -9.86 -6.93 -3.87
CA GLY B 755 -10.80 -8.03 -3.48
C GLY B 755 -12.29 -7.63 -3.54
N GLU B 756 -12.57 -6.39 -3.88
CA GLU B 756 -13.93 -5.83 -3.98
C GLU B 756 -14.18 -5.23 -5.34
N ALA B 757 -15.29 -5.65 -5.96
CA ALA B 757 -15.82 -5.01 -7.13
C ALA B 757 -14.77 -4.88 -8.24
N GLY B 758 -13.86 -5.83 -8.34
CA GLY B 758 -12.84 -5.74 -9.40
C GLY B 758 -11.80 -4.61 -9.22
N GLU B 759 -11.78 -3.97 -8.05
CA GLU B 759 -10.92 -2.82 -7.81
C GLU B 759 -9.44 -3.26 -7.77
N MET B 760 -8.55 -2.46 -8.36
CA MET B 760 -7.13 -2.76 -8.41
C MET B 760 -6.35 -1.44 -8.50
N GLU B 761 -5.25 -1.35 -7.76
CA GLU B 761 -4.39 -0.15 -7.79
C GLU B 761 -3.07 -0.63 -8.40
N LEU B 762 -2.50 0.13 -9.33
CA LEU B 762 -1.25 -0.26 -9.94
C LEU B 762 -0.24 0.87 -9.76
N PHE B 763 0.98 0.49 -9.35
CA PHE B 763 2.10 1.40 -9.24
C PHE B 763 2.99 1.08 -10.44
N VAL B 764 3.20 2.05 -11.35
CA VAL B 764 3.81 1.76 -12.63
C VAL B 764 4.83 2.83 -12.98
N SER B 765 5.93 2.37 -13.59
CA SER B 765 6.87 3.28 -14.27
C SER B 765 6.34 3.53 -15.69
N THR B 766 5.41 4.47 -15.84
CA THR B 766 4.84 4.75 -17.15
C THR B 766 4.65 6.25 -17.39
N GLN B 767 4.70 6.63 -18.67
CA GLN B 767 4.37 7.94 -19.15
C GLN B 767 2.87 8.05 -19.45
N ASN B 768 2.13 6.91 -19.40
CA ASN B 768 0.74 6.81 -19.91
C ASN B 768 -0.16 6.08 -18.91
N THR B 769 -0.59 6.81 -17.89
CA THR B 769 -1.52 6.28 -16.89
C THR B 769 -2.87 5.91 -17.52
N MET B 770 -3.34 6.69 -18.47
CA MET B 770 -4.67 6.49 -19.06
C MET B 770 -4.70 5.20 -19.84
N LYS B 771 -3.72 4.98 -20.73
CA LYS B 771 -3.78 3.76 -21.54
C LYS B 771 -3.47 2.56 -20.66
N THR B 772 -2.63 2.72 -19.62
CA THR B 772 -2.39 1.63 -18.70
C THR B 772 -3.72 1.18 -18.07
N GLN B 773 -4.44 2.16 -17.55
CA GLN B 773 -5.75 1.91 -16.91
C GLN B 773 -6.67 1.25 -17.93
N SER B 774 -6.80 1.88 -19.11
CA SER B 774 -7.75 1.35 -20.17
C SER B 774 -7.44 -0.09 -20.53
N PHE B 775 -6.14 -0.39 -20.73
CA PHE B 775 -5.73 -1.67 -21.23
C PHE B 775 -5.92 -2.75 -20.16
N VAL B 776 -5.65 -2.40 -18.87
CA VAL B 776 -5.89 -3.33 -17.79
C VAL B 776 -7.39 -3.63 -17.68
N ALA B 777 -8.21 -2.60 -17.66
CA ALA B 777 -9.69 -2.71 -17.49
C ALA B 777 -10.29 -3.60 -18.61
N LYS B 778 -9.85 -3.39 -19.86
CA LYS B 778 -10.37 -4.14 -20.97
C LYS B 778 -9.94 -5.61 -20.91
N MET B 779 -8.70 -5.87 -20.52
CA MET B 779 -8.24 -7.25 -20.40
C MET B 779 -9.08 -7.96 -19.33
N LEU B 780 -9.38 -7.28 -18.23
CA LEU B 780 -10.07 -7.90 -17.11
C LEU B 780 -11.57 -7.90 -17.33
N GLY B 781 -12.08 -7.02 -18.20
CA GLY B 781 -13.51 -6.84 -18.47
C GLY B 781 -14.21 -6.12 -17.33
N VAL B 782 -13.51 -5.12 -16.73
CA VAL B 782 -14.11 -4.32 -15.69
C VAL B 782 -14.13 -2.88 -16.14
N PRO B 783 -15.00 -2.02 -15.58
CA PRO B 783 -14.96 -0.61 -15.96
C PRO B 783 -13.69 0.11 -15.51
N ASP B 784 -13.36 1.16 -16.26
CA ASP B 784 -12.21 1.98 -15.99
C ASP B 784 -12.26 2.51 -14.54
N ASN B 785 -13.48 2.74 -13.99
CA ASN B 785 -13.64 3.32 -12.67
C ASN B 785 -13.15 2.38 -11.55
N ARG B 786 -12.81 1.12 -11.84
CA ARG B 786 -12.30 0.19 -10.83
C ARG B 786 -10.75 0.21 -10.72
N ILE B 787 -10.10 0.76 -11.74
CA ILE B 787 -8.68 0.61 -11.94
C ILE B 787 -8.00 1.96 -11.71
N VAL B 788 -7.05 2.01 -10.76
CA VAL B 788 -6.31 3.21 -10.45
C VAL B 788 -4.85 2.99 -10.80
N VAL B 789 -4.27 3.90 -11.57
CA VAL B 789 -2.85 3.83 -11.92
C VAL B 789 -2.15 5.06 -11.33
N ARG B 790 -1.08 4.80 -10.56
CA ARG B 790 -0.32 5.79 -9.86
C ARG B 790 1.13 5.77 -10.33
N VAL B 791 1.66 6.97 -10.60
CA VAL B 791 3.05 7.15 -10.94
C VAL B 791 3.65 8.22 -10.03
N LYS B 792 4.61 7.84 -9.18
CA LYS B 792 5.34 8.84 -8.47
C LYS B 792 6.43 9.44 -9.36
N ARG B 793 7.26 8.56 -9.93
CA ARG B 793 8.31 8.98 -10.84
C ARG B 793 8.80 7.75 -11.63
N MET B 794 9.41 8.01 -12.76
CA MET B 794 10.16 7.07 -13.56
C MET B 794 11.64 7.43 -13.49
N GLY B 795 12.49 6.40 -13.50
CA GLY B 795 13.91 6.57 -13.80
C GLY B 795 14.19 6.63 -15.29
N GLY B 796 13.61 7.64 -15.96
CA GLY B 796 13.68 7.75 -17.43
C GLY B 796 12.49 7.13 -18.17
N GLY B 797 12.15 7.73 -19.31
CA GLY B 797 11.10 7.22 -20.18
C GLY B 797 11.46 7.34 -21.64
N PHE B 798 11.63 8.60 -22.05
CA PHE B 798 12.16 8.95 -23.40
C PHE B 798 11.24 8.51 -24.54
N GLY B 799 9.96 8.19 -24.24
CA GLY B 799 8.99 7.70 -25.17
C GLY B 799 8.82 6.19 -25.07
N GLY B 800 9.81 5.47 -24.50
CA GLY B 800 9.76 4.04 -24.40
C GLY B 800 8.71 3.53 -23.41
N LYS B 801 8.16 4.43 -22.61
CA LYS B 801 7.12 4.09 -21.63
C LYS B 801 5.81 4.84 -21.97
N GLU B 802 5.74 5.36 -23.20
CA GLU B 802 4.47 5.99 -23.66
C GLU B 802 3.41 4.93 -23.91
N THR B 803 3.80 3.76 -24.46
CA THR B 803 2.86 2.70 -24.67
C THR B 803 3.39 1.34 -24.23
N ARG B 804 4.69 1.07 -24.41
CA ARG B 804 5.17 -0.33 -24.31
C ARG B 804 5.27 -0.80 -22.86
N SER B 805 5.14 0.10 -21.88
CA SER B 805 5.02 -0.28 -20.45
C SER B 805 3.83 -1.22 -20.23
N THR B 806 2.78 -1.08 -21.05
CA THR B 806 1.54 -1.78 -20.77
C THR B 806 1.67 -3.30 -20.92
N VAL B 807 2.67 -3.78 -21.66
CA VAL B 807 2.73 -5.23 -21.86
C VAL B 807 3.15 -5.91 -20.53
N VAL B 808 3.84 -5.17 -19.66
CA VAL B 808 4.16 -5.65 -18.31
C VAL B 808 2.94 -5.45 -17.40
N SER B 809 2.33 -4.27 -17.43
CA SER B 809 1.23 -3.93 -16.56
C SER B 809 0.06 -4.93 -16.70
N THR B 810 -0.30 -5.29 -17.93
CA THR B 810 -1.43 -6.18 -18.15
C THR B 810 -1.15 -7.57 -17.58
N ALA B 811 0.06 -8.11 -17.77
CA ALA B 811 0.39 -9.41 -17.26
C ALA B 811 0.33 -9.39 -15.73
N LEU B 812 0.92 -8.34 -15.14
CA LEU B 812 0.94 -8.32 -13.69
C LEU B 812 -0.48 -8.18 -13.11
N ALA B 813 -1.28 -7.34 -13.76
CA ALA B 813 -2.67 -7.15 -13.32
C ALA B 813 -3.44 -8.47 -13.36
N LEU B 814 -3.26 -9.24 -14.44
CA LEU B 814 -3.97 -10.53 -14.53
C LEU B 814 -3.52 -11.44 -13.38
N ALA B 815 -2.23 -11.47 -13.05
CA ALA B 815 -1.75 -12.28 -11.98
C ALA B 815 -2.35 -11.85 -10.64
N ALA B 816 -2.44 -10.54 -10.39
CA ALA B 816 -3.06 -10.04 -9.20
C ALA B 816 -4.54 -10.44 -9.15
N HIS B 817 -5.26 -10.33 -10.26
CA HIS B 817 -6.66 -10.72 -10.30
C HIS B 817 -6.83 -12.22 -10.00
N LYS B 818 -6.06 -13.08 -10.67
CA LYS B 818 -6.20 -14.53 -10.56
C LYS B 818 -5.91 -14.99 -9.12
N THR B 819 -4.86 -14.44 -8.50
CA THR B 819 -4.38 -14.91 -7.20
C THR B 819 -5.00 -14.18 -6.02
N GLY B 820 -5.49 -12.96 -6.24
CA GLY B 820 -5.98 -12.04 -5.22
C GLY B 820 -4.85 -11.52 -4.36
N ARG B 821 -3.63 -11.72 -4.84
CA ARG B 821 -2.42 -11.25 -4.12
C ARG B 821 -1.78 -10.11 -4.91
N PRO B 822 -1.04 -9.22 -4.22
CA PRO B 822 -0.22 -8.25 -4.92
C PRO B 822 0.82 -9.01 -5.73
N VAL B 823 1.16 -8.49 -6.91
CA VAL B 823 2.16 -9.07 -7.74
C VAL B 823 3.05 -7.95 -8.29
N ARG B 824 4.33 -8.25 -8.49
CA ARG B 824 5.31 -7.29 -9.00
C ARG B 824 6.12 -7.94 -10.12
N CYS B 825 6.49 -7.13 -11.09
CA CYS B 825 7.45 -7.51 -12.11
C CYS B 825 8.29 -6.26 -12.43
N MET B 826 9.63 -6.37 -12.27
CA MET B 826 10.56 -5.38 -12.84
C MET B 826 11.40 -6.11 -13.89
N LEU B 827 11.46 -5.59 -15.09
CA LEU B 827 12.17 -6.29 -16.19
C LEU B 827 13.67 -6.21 -15.96
N ASP B 828 14.34 -7.36 -16.16
CA ASP B 828 15.80 -7.32 -16.33
C ASP B 828 16.12 -6.53 -17.60
N ARG B 829 17.34 -5.99 -17.66
CA ARG B 829 17.74 -5.20 -18.87
C ARG B 829 17.60 -6.00 -20.17
N ASP B 830 18.03 -7.27 -20.18
CA ASP B 830 18.00 -8.04 -21.41
C ASP B 830 16.55 -8.26 -21.87
N GLU B 831 15.66 -8.53 -20.90
CA GLU B 831 14.23 -8.67 -21.20
C GLU B 831 13.64 -7.37 -21.78
N ASP B 832 13.95 -6.27 -21.12
CA ASP B 832 13.44 -4.98 -21.46
C ASP B 832 13.88 -4.62 -22.89
N MET B 833 15.20 -4.74 -23.13
CA MET B 833 15.75 -4.43 -24.43
C MET B 833 15.10 -5.29 -25.53
N LEU B 834 14.84 -6.58 -25.24
CA LEU B 834 14.20 -7.46 -26.24
C LEU B 834 12.75 -7.10 -26.51
N ILE B 835 11.97 -7.00 -25.45
CA ILE B 835 10.50 -6.95 -25.55
C ILE B 835 10.03 -5.59 -26.02
N THR B 836 10.63 -4.47 -25.56
CA THR B 836 9.91 -3.20 -25.57
C THR B 836 10.15 -2.27 -26.78
N GLY B 837 10.98 -2.68 -27.72
CA GLY B 837 11.18 -1.96 -28.97
C GLY B 837 11.91 -0.63 -28.77
N GLY B 838 12.06 0.12 -29.87
CA GLY B 838 12.92 1.27 -29.91
C GLY B 838 12.48 2.30 -30.92
N ARG B 839 13.43 3.19 -31.23
CA ARG B 839 13.28 4.13 -32.31
C ARG B 839 13.16 3.33 -33.62
N HIS B 840 12.38 3.87 -34.55
CA HIS B 840 12.23 3.27 -35.85
C HIS B 840 13.47 3.48 -36.74
N PRO B 841 14.09 2.40 -37.24
CA PRO B 841 15.05 2.50 -38.33
C PRO B 841 14.32 3.08 -39.57
N PHE B 842 15.01 3.92 -40.33
CA PHE B 842 14.46 4.45 -41.59
C PHE B 842 15.40 4.11 -42.74
N LEU B 843 14.77 3.88 -43.90
CA LEU B 843 15.45 3.85 -45.21
C LEU B 843 14.83 4.96 -46.06
N ALA B 844 15.69 5.78 -46.67
CA ALA B 844 15.19 6.84 -47.52
C ALA B 844 15.86 6.78 -48.88
N LYS B 845 15.08 7.08 -49.92
CA LYS B 845 15.59 7.26 -51.27
C LYS B 845 15.26 8.71 -51.67
N TYR B 846 16.29 9.50 -52.00
CA TYR B 846 16.08 10.92 -52.29
C TYR B 846 16.60 11.25 -53.69
N LYS B 847 16.03 12.32 -54.23
CA LYS B 847 16.55 12.99 -55.42
C LYS B 847 16.31 14.48 -55.21
N VAL B 848 17.36 15.27 -55.32
CA VAL B 848 17.31 16.68 -55.08
C VAL B 848 17.84 17.39 -56.34
N GLY B 849 17.07 18.42 -56.75
CA GLY B 849 17.48 19.33 -57.88
C GLY B 849 17.81 20.70 -57.35
N PHE B 850 18.93 21.28 -57.81
CA PHE B 850 19.43 22.50 -57.26
C PHE B 850 20.15 23.27 -58.35
N MET B 851 20.29 24.58 -58.11
CA MET B 851 21.01 25.48 -59.00
C MET B 851 22.49 25.50 -58.62
N LYS B 852 23.33 26.12 -59.47
CA LYS B 852 24.82 26.20 -59.25
C LYS B 852 25.16 27.05 -58.03
N THR B 853 24.21 27.87 -57.60
CA THR B 853 24.30 28.71 -56.44
C THR B 853 24.05 27.92 -55.14
N GLY B 854 23.52 26.72 -55.24
CA GLY B 854 23.20 25.96 -54.03
C GLY B 854 21.72 26.08 -53.68
N THR B 855 20.96 26.90 -54.43
CA THR B 855 19.51 27.01 -54.19
C THR B 855 18.78 25.75 -54.62
N VAL B 856 18.03 25.13 -53.68
CA VAL B 856 17.32 23.94 -53.93
C VAL B 856 15.98 24.28 -54.56
N VAL B 857 15.65 23.57 -55.68
CA VAL B 857 14.43 23.85 -56.44
C VAL B 857 13.48 22.66 -56.52
N ALA B 858 13.94 21.44 -56.22
CA ALA B 858 13.08 20.29 -56.31
C ALA B 858 13.63 19.20 -55.38
N LEU B 859 12.71 18.49 -54.72
CA LEU B 859 13.10 17.45 -53.76
C LEU B 859 12.04 16.38 -53.74
N GLU B 860 12.47 15.13 -53.94
CA GLU B 860 11.60 13.97 -53.86
C GLU B 860 12.25 12.96 -52.91
N VAL B 861 11.52 12.56 -51.87
CA VAL B 861 12.04 11.63 -50.86
C VAL B 861 10.97 10.57 -50.59
N ALA B 862 11.37 9.31 -50.72
CA ALA B 862 10.56 8.15 -50.29
C ALA B 862 11.17 7.60 -48.99
N HIS B 863 10.36 7.57 -47.93
CA HIS B 863 10.78 7.12 -46.60
C HIS B 863 10.11 5.77 -46.33
N PHE B 864 10.85 4.89 -45.65
CA PHE B 864 10.37 3.57 -45.18
C PHE B 864 10.85 3.38 -43.75
N SER B 865 9.93 3.06 -42.85
CA SER B 865 10.32 2.76 -41.47
C SER B 865 10.07 1.29 -41.14
N ASN B 866 10.85 0.72 -40.20
CA ASN B 866 10.63 -0.61 -39.78
C ASN B 866 9.78 -0.56 -38.50
N GLY B 867 8.50 -0.90 -38.59
CA GLY B 867 7.61 -0.75 -37.42
C GLY B 867 7.56 -1.95 -36.51
N GLY B 868 8.04 -3.13 -36.96
CA GLY B 868 7.86 -4.36 -36.18
C GLY B 868 6.42 -4.86 -36.18
N ASN B 869 6.06 -5.62 -35.12
CA ASN B 869 4.96 -6.57 -35.23
C ASN B 869 3.61 -6.06 -34.69
N THR B 870 3.50 -4.79 -34.28
CA THR B 870 2.18 -4.13 -34.01
C THR B 870 2.27 -2.73 -34.56
N GLU B 871 1.12 -2.09 -34.82
CA GLU B 871 1.15 -0.74 -35.34
C GLU B 871 1.73 0.26 -34.31
N ASP B 872 1.20 0.24 -33.08
CA ASP B 872 1.61 1.21 -32.03
C ASP B 872 1.60 2.62 -32.64
N LEU B 873 2.65 3.42 -32.40
CA LEU B 873 2.70 4.84 -32.78
C LEU B 873 3.31 5.06 -34.18
N SER B 874 3.59 4.00 -34.93
CA SER B 874 4.42 4.03 -36.13
C SER B 874 3.90 5.00 -37.20
N ARG B 875 2.57 5.04 -37.41
CA ARG B 875 2.05 5.94 -38.46
C ARG B 875 2.24 7.39 -38.05
N SER B 876 2.03 7.73 -36.76
CA SER B 876 2.18 9.12 -36.33
C SER B 876 3.64 9.56 -36.40
N ILE B 877 4.53 8.61 -36.16
CA ILE B 877 5.97 8.86 -36.25
C ILE B 877 6.38 9.18 -37.69
N MET B 878 5.81 8.41 -38.62
CA MET B 878 6.07 8.68 -40.03
C MET B 878 5.48 10.03 -40.42
N GLU B 879 4.27 10.38 -39.92
CA GLU B 879 3.71 11.72 -40.17
C GLU B 879 4.69 12.81 -39.74
N ARG B 880 5.26 12.70 -38.53
CA ARG B 880 6.18 13.71 -38.00
C ARG B 880 7.48 13.75 -38.85
N ALA B 881 7.94 12.60 -39.30
CA ALA B 881 9.14 12.59 -40.19
C ALA B 881 8.84 13.45 -41.45
N LEU B 882 7.68 13.23 -42.03
CA LEU B 882 7.28 13.94 -43.28
C LEU B 882 7.12 15.41 -42.98
N PHE B 883 6.53 15.73 -41.83
CA PHE B 883 6.38 17.14 -41.45
C PHE B 883 7.73 17.84 -41.25
N HIS B 884 8.83 17.10 -41.09
CA HIS B 884 10.15 17.74 -40.87
C HIS B 884 11.16 17.40 -41.96
N MET B 885 10.71 16.90 -43.10
CA MET B 885 11.59 16.55 -44.22
C MET B 885 12.22 17.80 -44.84
N ASP B 886 11.70 18.98 -44.46
CA ASP B 886 12.21 20.27 -44.89
C ASP B 886 13.38 20.73 -44.02
N ASN B 887 13.52 20.12 -42.83
CA ASN B 887 14.20 20.75 -41.72
C ASN B 887 13.99 22.26 -41.71
N ALA B 888 15.04 23.06 -42.01
CA ALA B 888 15.03 24.51 -41.87
C ALA B 888 14.78 25.22 -43.22
N TYR B 889 14.48 24.48 -44.27
CA TYR B 889 14.66 24.93 -45.69
C TYR B 889 13.35 25.01 -46.45
N LYS B 890 13.23 26.13 -47.19
CA LYS B 890 12.18 26.41 -48.15
C LYS B 890 12.49 25.75 -49.50
N ILE B 891 11.62 24.81 -49.91
CA ILE B 891 11.77 24.06 -51.12
C ILE B 891 10.48 24.21 -51.92
N PRO B 892 10.49 24.92 -53.07
CA PRO B 892 9.23 25.20 -53.74
C PRO B 892 8.49 24.00 -54.35
N ASN B 893 9.23 23.00 -54.84
CA ASN B 893 8.66 21.83 -55.47
C ASN B 893 9.13 20.61 -54.67
N ILE B 894 8.19 19.89 -54.03
CA ILE B 894 8.58 18.93 -52.97
C ILE B 894 7.52 17.84 -52.90
N ARG B 895 8.02 16.61 -52.80
CA ARG B 895 7.20 15.49 -52.61
C ARG B 895 7.92 14.56 -51.62
N GLY B 896 7.27 14.27 -50.49
CA GLY B 896 7.68 13.19 -49.60
C GLY B 896 6.58 12.16 -49.44
N THR B 897 6.98 10.89 -49.48
CA THR B 897 6.16 9.77 -49.19
C THR B 897 6.75 9.01 -47.99
N GLY B 898 5.86 8.32 -47.26
CA GLY B 898 6.25 7.45 -46.20
C GLY B 898 5.45 6.17 -46.23
N ARG B 899 6.14 5.07 -45.97
CA ARG B 899 5.48 3.81 -45.77
C ARG B 899 6.04 3.15 -44.51
N ILE B 900 5.14 2.52 -43.74
CA ILE B 900 5.53 1.88 -42.49
C ILE B 900 5.50 0.37 -42.74
N CYS B 901 6.68 -0.22 -42.62
CA CYS B 901 6.84 -1.63 -42.83
C CYS B 901 6.34 -2.43 -41.63
N LYS B 902 5.57 -3.49 -41.93
CA LYS B 902 5.11 -4.48 -40.98
C LYS B 902 6.03 -5.70 -41.00
N THR B 903 6.70 -6.00 -39.86
CA THR B 903 7.77 -7.00 -39.82
C THR B 903 7.71 -7.86 -38.56
N ASN B 904 8.43 -8.99 -38.58
CA ASN B 904 8.49 -9.97 -37.49
C ASN B 904 9.65 -9.61 -36.55
N LEU B 905 9.57 -8.36 -36.03
CA LEU B 905 10.47 -7.81 -35.04
C LEU B 905 9.64 -7.19 -33.93
N PRO B 906 10.25 -7.00 -32.73
CA PRO B 906 9.56 -6.27 -31.69
C PRO B 906 9.02 -4.94 -32.23
N SER B 907 7.83 -4.53 -31.73
CA SER B 907 7.17 -3.35 -32.16
C SER B 907 7.98 -2.12 -31.79
N ASN B 908 8.32 -1.30 -32.80
CA ASN B 908 9.01 -0.04 -32.50
C ASN B 908 8.01 1.03 -32.10
N THR B 909 8.46 2.12 -31.44
CA THR B 909 7.55 2.97 -30.70
C THR B 909 8.12 4.38 -30.67
N ALA B 910 7.56 5.24 -29.82
CA ALA B 910 8.06 6.60 -29.60
C ALA B 910 9.48 6.55 -29.02
N PHE B 911 10.33 7.47 -29.51
CA PHE B 911 11.62 7.77 -28.91
C PHE B 911 11.81 9.26 -29.17
N ARG B 912 11.88 10.04 -28.08
CA ARG B 912 12.31 11.46 -28.06
C ARG B 912 12.71 11.93 -29.48
N GLY B 913 11.82 12.72 -30.10
CA GLY B 913 11.99 13.17 -31.48
C GLY B 913 10.90 12.64 -32.37
N PHE B 914 10.56 11.35 -32.18
CA PHE B 914 9.32 10.81 -32.72
C PHE B 914 9.26 10.99 -34.23
N GLY B 915 10.29 10.52 -34.96
CA GLY B 915 10.31 10.60 -36.40
C GLY B 915 11.00 11.85 -36.92
N GLY B 916 11.01 12.92 -36.14
CA GLY B 916 11.68 14.17 -36.44
C GLY B 916 13.14 13.99 -36.86
N PRO B 917 13.95 13.37 -35.97
CA PRO B 917 15.38 13.24 -36.21
C PRO B 917 15.67 12.47 -37.49
N GLN B 918 14.88 11.46 -37.79
CA GLN B 918 15.10 10.68 -38.98
C GLN B 918 14.83 11.55 -40.21
N GLY B 919 13.66 12.19 -40.19
CA GLY B 919 13.28 13.02 -41.34
C GLY B 919 14.30 14.12 -41.57
N MET B 920 14.78 14.75 -40.45
CA MET B 920 15.69 15.85 -40.60
C MET B 920 17.12 15.36 -40.97
N LEU B 921 17.55 14.18 -40.54
CA LEU B 921 18.89 13.74 -40.90
C LEU B 921 18.95 13.52 -42.41
N ILE B 922 17.87 13.00 -42.99
CA ILE B 922 17.82 12.79 -44.42
C ILE B 922 17.97 14.17 -45.11
N ALA B 923 17.28 15.18 -44.61
CA ALA B 923 17.34 16.51 -45.23
C ALA B 923 18.77 17.00 -45.24
N GLU B 924 19.41 16.89 -44.07
CA GLU B 924 20.76 17.42 -43.94
C GLU B 924 21.75 16.60 -44.76
N TYR B 925 21.45 15.33 -44.95
CA TYR B 925 22.30 14.47 -45.71
C TYR B 925 22.35 14.89 -47.20
N TRP B 926 21.17 15.07 -47.83
CA TRP B 926 21.20 15.56 -49.26
C TRP B 926 21.68 17.02 -49.27
N MET B 927 21.42 17.81 -48.22
CA MET B 927 21.89 19.18 -48.21
C MET B 927 23.43 19.21 -48.21
N SER B 928 24.07 18.28 -47.47
CA SER B 928 25.50 18.23 -47.46
C SER B 928 26.03 17.94 -48.89
N GLU B 929 25.31 17.14 -49.65
CA GLU B 929 25.75 16.75 -50.99
C GLU B 929 25.50 17.90 -52.00
N VAL B 930 24.46 18.70 -51.74
CA VAL B 930 24.23 19.95 -52.51
C VAL B 930 25.46 20.85 -52.39
N ALA B 931 25.89 21.10 -51.14
CA ALA B 931 26.98 22.03 -50.87
C ALA B 931 28.29 21.54 -51.52
N ILE B 932 28.57 20.23 -51.40
CA ILE B 932 29.81 19.66 -51.94
C ILE B 932 29.75 19.77 -53.47
N THR B 933 28.60 19.44 -54.05
CA THR B 933 28.45 19.40 -55.49
C THR B 933 28.63 20.81 -56.06
N CYS B 934 28.09 21.82 -55.38
CA CYS B 934 28.23 23.22 -55.83
C CYS B 934 29.63 23.79 -55.59
N GLY B 935 30.46 23.18 -54.74
CA GLY B 935 31.74 23.78 -54.38
C GLY B 935 31.65 25.02 -53.54
N LEU B 936 30.57 25.17 -52.75
CA LEU B 936 30.34 26.35 -51.93
C LEU B 936 30.32 25.98 -50.46
N PRO B 937 30.67 26.90 -49.54
CA PRO B 937 30.70 26.59 -48.12
C PRO B 937 29.31 26.12 -47.67
N ALA B 938 29.30 25.07 -46.86
CA ALA B 938 28.03 24.46 -46.46
C ALA B 938 27.16 25.44 -45.65
N GLU B 939 27.77 26.25 -44.80
CA GLU B 939 27.03 27.21 -43.96
C GLU B 939 26.31 28.23 -44.87
N GLU B 940 26.90 28.56 -46.01
CA GLU B 940 26.27 29.49 -46.92
C GLU B 940 25.13 28.85 -47.68
N VAL B 941 25.29 27.59 -48.07
CA VAL B 941 24.30 26.88 -48.77
C VAL B 941 23.09 26.65 -47.85
N ARG B 942 23.34 26.28 -46.59
CA ARG B 942 22.20 26.13 -45.67
C ARG B 942 21.48 27.47 -45.45
N ARG B 943 22.26 28.52 -45.20
CA ARG B 943 21.72 29.83 -44.86
C ARG B 943 20.87 30.37 -46.01
N LYS B 944 21.23 30.13 -47.28
CA LYS B 944 20.50 30.76 -48.39
C LYS B 944 19.22 29.97 -48.74
N ASN B 945 19.12 28.71 -48.28
CA ASN B 945 17.98 27.91 -48.44
C ASN B 945 16.97 28.01 -47.28
N MET B 946 17.34 28.67 -46.20
CA MET B 946 16.56 28.70 -44.97
C MET B 946 15.27 29.46 -45.25
N TYR B 947 14.17 29.02 -44.62
CA TYR B 947 12.95 29.81 -44.54
C TYR B 947 13.26 31.22 -44.06
N LYS B 948 12.32 32.15 -44.35
CA LYS B 948 12.26 33.43 -43.69
C LYS B 948 10.89 33.58 -43.00
N GLU B 949 10.83 34.53 -42.09
CA GLU B 949 9.62 34.87 -41.32
C GLU B 949 8.46 35.01 -42.29
N GLY B 950 7.35 34.33 -41.97
CA GLY B 950 6.12 34.37 -42.71
C GLY B 950 6.03 33.42 -43.88
N ASP B 951 7.09 32.66 -44.20
CA ASP B 951 6.99 31.67 -45.21
C ASP B 951 6.04 30.56 -44.75
N LEU B 952 5.47 29.86 -45.72
CA LEU B 952 4.73 28.62 -45.48
C LEU B 952 5.69 27.44 -45.61
N THR B 953 5.44 26.44 -44.76
CA THR B 953 6.12 25.12 -44.95
C THR B 953 5.52 24.33 -46.12
N HIS B 954 6.13 23.18 -46.43
CA HIS B 954 5.61 22.27 -47.42
C HIS B 954 4.19 21.82 -47.10
N PHE B 955 3.83 21.90 -45.80
CA PHE B 955 2.49 21.54 -45.35
C PHE B 955 1.64 22.81 -45.08
N ASN B 956 2.11 23.96 -45.56
CA ASN B 956 1.35 25.18 -45.68
C ASN B 956 1.05 25.80 -44.33
N GLN B 957 1.88 25.54 -43.31
CA GLN B 957 1.78 26.24 -42.07
C GLN B 957 2.71 27.44 -42.08
N LYS B 958 2.16 28.60 -41.65
CA LYS B 958 2.95 29.82 -41.67
C LYS B 958 3.92 29.88 -40.49
N LEU B 959 5.17 30.30 -40.76
CA LEU B 959 6.25 30.39 -39.73
C LEU B 959 6.30 31.82 -39.16
N GLU B 960 5.65 31.97 -38.00
CA GLU B 960 5.58 33.23 -37.29
C GLU B 960 6.51 33.17 -36.10
N GLY B 961 7.08 34.31 -35.73
CA GLY B 961 8.04 34.35 -34.62
C GLY B 961 9.20 33.42 -34.89
N PHE B 962 9.77 33.58 -36.08
CA PHE B 962 10.80 32.71 -36.65
C PHE B 962 12.16 33.16 -36.15
N THR B 963 12.63 32.55 -35.07
CA THR B 963 13.82 33.02 -34.39
C THR B 963 15.07 32.32 -34.94
N LEU B 964 14.93 31.39 -35.89
CA LEU B 964 16.04 30.53 -36.31
C LEU B 964 17.20 31.37 -36.84
N PRO B 965 16.97 32.45 -37.62
CA PRO B 965 18.07 33.29 -38.09
C PRO B 965 18.91 33.91 -36.97
N ARG B 966 18.27 34.35 -35.89
CA ARG B 966 18.94 34.87 -34.74
C ARG B 966 19.75 33.74 -34.07
N CYS B 967 19.19 32.52 -33.97
CA CYS B 967 19.96 31.40 -33.32
C CYS B 967 21.22 31.10 -34.16
N TRP B 968 21.04 31.14 -35.47
CA TRP B 968 22.09 30.89 -36.48
C TRP B 968 23.19 31.95 -36.38
N ASP B 969 22.80 33.23 -36.47
CA ASP B 969 23.76 34.30 -36.42
C ASP B 969 24.48 34.30 -35.09
N GLU B 970 23.77 34.07 -33.97
CA GLU B 970 24.40 34.12 -32.67
C GLU B 970 25.42 32.99 -32.50
N CYS B 971 25.06 31.83 -33.02
CA CYS B 971 25.90 30.62 -32.88
C CYS B 971 27.15 30.79 -33.75
N ILE B 972 26.95 31.30 -34.97
CA ILE B 972 28.09 31.55 -35.89
C ILE B 972 29.12 32.42 -35.15
N ALA B 973 28.63 33.43 -34.42
CA ALA B 973 29.48 34.42 -33.74
C ALA B 973 30.15 33.84 -32.49
N SER B 974 29.36 33.23 -31.59
CA SER B 974 29.85 32.79 -30.31
C SER B 974 30.71 31.52 -30.51
N SER B 975 30.47 30.77 -31.58
CA SER B 975 31.30 29.59 -31.94
C SER B 975 32.58 29.97 -32.69
N GLN B 976 32.68 31.22 -33.13
CA GLN B 976 33.82 31.67 -33.95
C GLN B 976 34.02 30.73 -35.12
N TYR B 977 32.91 30.40 -35.77
CA TYR B 977 32.84 29.38 -36.76
C TYR B 977 33.83 29.62 -37.92
N LEU B 978 33.84 30.85 -38.48
CA LEU B 978 34.65 31.07 -39.70
C LEU B 978 36.13 30.94 -39.36
N ALA B 979 36.55 31.51 -38.23
CA ALA B 979 37.94 31.43 -37.75
C ALA B 979 38.36 29.96 -37.52
N ARG B 980 37.46 29.19 -36.92
CA ARG B 980 37.79 27.79 -36.61
C ARG B 980 37.78 26.94 -37.87
N LYS B 981 37.00 27.29 -38.88
CA LYS B 981 37.02 26.58 -40.12
C LYS B 981 38.45 26.61 -40.68
N ARG B 982 39.08 27.78 -40.58
CA ARG B 982 40.47 27.98 -41.08
C ARG B 982 41.45 27.14 -40.25
N GLU B 983 41.25 27.10 -38.94
CA GLU B 983 42.09 26.30 -38.05
C GLU B 983 41.93 24.81 -38.38
N VAL B 984 40.71 24.38 -38.72
CA VAL B 984 40.49 22.96 -39.09
C VAL B 984 41.28 22.66 -40.38
N GLU B 985 41.19 23.58 -41.35
CA GLU B 985 41.84 23.40 -42.65
C GLU B 985 43.35 23.28 -42.40
N LYS B 986 43.85 24.08 -41.48
CA LYS B 986 45.31 24.06 -41.21
C LYS B 986 45.70 22.74 -40.54
N PHE B 987 44.95 22.32 -39.53
CA PHE B 987 45.22 21.05 -38.88
C PHE B 987 45.26 19.94 -39.93
N ASN B 988 44.37 19.97 -40.91
CA ASN B 988 44.23 18.90 -41.84
C ASN B 988 45.45 18.89 -42.78
N ARG B 989 45.98 20.06 -43.12
CA ARG B 989 47.20 20.11 -43.95
C ARG B 989 48.38 19.53 -43.19
N GLU B 990 48.35 19.62 -41.86
CA GLU B 990 49.50 19.30 -41.02
C GLU B 990 49.46 17.87 -40.49
N ASN B 991 48.39 17.14 -40.75
CA ASN B 991 48.20 15.79 -40.17
C ASN B 991 47.64 14.85 -41.22
N CYS B 992 48.34 13.75 -41.47
CA CYS B 992 47.95 12.79 -42.43
C CYS B 992 46.93 11.78 -41.85
N TRP B 993 47.09 11.38 -40.60
CA TRP B 993 46.35 10.21 -40.06
C TRP B 993 45.33 10.59 -39.00
N LYS B 994 45.23 11.88 -38.70
CA LYS B 994 44.15 12.47 -37.89
C LYS B 994 43.55 13.62 -38.71
N LYS B 995 42.22 13.77 -38.67
CA LYS B 995 41.58 14.87 -39.43
C LYS B 995 40.49 15.47 -38.56
N ARG B 996 40.32 16.78 -38.71
CA ARG B 996 39.26 17.45 -38.01
C ARG B 996 38.15 17.81 -38.98
N GLY B 997 36.95 17.94 -38.42
CA GLY B 997 35.79 18.44 -39.16
C GLY B 997 34.96 19.37 -38.32
N LEU B 998 34.21 20.24 -38.99
CA LEU B 998 33.46 21.27 -38.30
C LEU B 998 32.18 21.52 -39.09
N CYS B 999 31.02 21.46 -38.40
CA CYS B 999 29.76 21.68 -39.10
C CYS B 999 28.75 22.37 -38.16
N ILE B 1000 27.93 23.25 -38.76
CA ILE B 1000 26.87 23.95 -38.07
C ILE B 1000 25.55 23.58 -38.74
N ILE B 1001 24.61 23.12 -37.89
CA ILE B 1001 23.33 22.59 -38.32
C ILE B 1001 22.20 23.32 -37.59
N PRO B 1002 21.13 23.73 -38.31
CA PRO B 1002 19.92 24.29 -37.71
C PRO B 1002 18.84 23.22 -37.49
N THR B 1003 17.75 23.59 -36.80
CA THR B 1003 16.60 22.77 -36.75
C THR B 1003 15.35 23.64 -36.52
N LYS B 1004 14.24 23.12 -37.00
CA LYS B 1004 12.90 23.57 -36.72
C LYS B 1004 12.11 22.32 -36.29
N PHE B 1005 11.41 22.42 -35.15
CA PHE B 1005 10.66 21.26 -34.61
C PHE B 1005 9.26 21.73 -34.18
N GLY B 1006 8.24 21.13 -34.78
CA GLY B 1006 6.83 21.46 -34.52
C GLY B 1006 6.38 20.93 -33.17
N ILE B 1007 5.73 21.80 -32.38
CA ILE B 1007 5.27 21.41 -31.06
C ILE B 1007 3.75 21.23 -31.07
N SER B 1008 3.34 20.03 -30.67
CA SER B 1008 2.00 19.57 -30.37
C SER B 1008 1.90 18.13 -30.89
N PHE B 1009 1.06 17.31 -30.23
CA PHE B 1009 0.67 16.01 -30.77
C PHE B 1009 0.02 16.15 -32.18
N THR B 1010 0.43 15.26 -33.10
CA THR B 1010 -0.05 15.23 -34.49
C THR B 1010 -1.52 14.81 -34.50
N LEU B 1011 -1.96 14.14 -33.43
CA LEU B 1011 -3.39 13.86 -33.18
C LEU B 1011 -3.98 14.96 -32.29
N PRO B 1012 -4.77 15.89 -32.86
CA PRO B 1012 -5.13 17.13 -32.17
C PRO B 1012 -5.76 16.97 -30.77
N PHE B 1013 -6.70 16.03 -30.56
CA PHE B 1013 -7.38 15.96 -29.26
C PHE B 1013 -6.42 15.54 -28.13
N LEU B 1014 -5.24 15.00 -28.41
CA LEU B 1014 -4.29 14.68 -27.34
C LEU B 1014 -3.70 15.95 -26.71
N ASN B 1015 -3.82 17.13 -27.35
CA ASN B 1015 -3.29 18.38 -26.81
C ASN B 1015 -4.29 18.94 -25.79
N GLN B 1016 -4.39 18.23 -24.66
CA GLN B 1016 -5.24 18.58 -23.58
C GLN B 1016 -4.55 18.15 -22.28
N GLY B 1017 -4.87 18.84 -21.20
CA GLY B 1017 -4.39 18.42 -19.88
C GLY B 1017 -5.24 18.97 -18.73
N GLY B 1018 -5.15 18.32 -17.57
CA GLY B 1018 -5.91 18.66 -16.41
C GLY B 1018 -5.08 18.71 -15.16
N ALA B 1019 -5.62 19.40 -14.17
CA ALA B 1019 -5.02 19.52 -12.84
C ALA B 1019 -6.13 19.52 -11.79
N LEU B 1020 -5.72 19.28 -10.56
CA LEU B 1020 -6.57 19.32 -9.40
C LEU B 1020 -5.76 19.93 -8.29
N VAL B 1021 -6.29 20.95 -7.64
CA VAL B 1021 -5.54 21.63 -6.55
C VAL B 1021 -6.42 21.65 -5.30
N HIS B 1022 -5.80 21.40 -4.15
CA HIS B 1022 -6.44 21.57 -2.85
C HIS B 1022 -5.62 22.56 -2.01
N VAL B 1023 -6.30 23.47 -1.32
CA VAL B 1023 -5.67 24.24 -0.29
C VAL B 1023 -6.21 23.75 1.06
N TYR B 1024 -5.35 23.18 1.88
CA TYR B 1024 -5.72 22.74 3.23
C TYR B 1024 -5.76 23.95 4.18
N THR B 1025 -6.40 23.71 5.32
CA THR B 1025 -6.73 24.84 6.22
C THR B 1025 -5.47 25.41 6.90
N ASP B 1026 -4.33 24.72 6.82
CA ASP B 1026 -3.01 25.32 7.26
C ASP B 1026 -2.44 26.22 6.16
N GLY B 1027 -3.12 26.33 5.02
CA GLY B 1027 -2.71 27.10 3.85
C GLY B 1027 -1.71 26.38 2.93
N SER B 1028 -1.33 25.14 3.27
CA SER B 1028 -0.51 24.37 2.38
C SER B 1028 -1.35 23.84 1.21
N VAL B 1029 -0.70 23.69 0.06
CA VAL B 1029 -1.35 23.41 -1.19
C VAL B 1029 -0.87 22.05 -1.71
N LEU B 1030 -1.82 21.18 -2.05
CA LEU B 1030 -1.53 19.88 -2.67
C LEU B 1030 -2.03 19.98 -4.10
N LEU B 1031 -1.08 19.83 -5.03
CA LEU B 1031 -1.28 19.96 -6.45
C LEU B 1031 -1.01 18.63 -7.15
N THR B 1032 -1.84 18.31 -8.13
CA THR B 1032 -1.57 17.18 -9.00
C THR B 1032 -2.02 17.56 -10.41
N HIS B 1033 -1.39 16.93 -11.41
CA HIS B 1033 -1.76 17.19 -12.79
C HIS B 1033 -1.54 15.89 -13.53
N GLY B 1034 -1.89 15.87 -14.81
CA GLY B 1034 -1.80 14.60 -15.56
C GLY B 1034 -0.39 14.21 -15.98
N GLY B 1035 0.55 15.16 -15.94
CA GLY B 1035 1.90 14.84 -16.33
C GLY B 1035 2.61 13.94 -15.35
N THR B 1036 3.55 13.15 -15.88
CA THR B 1036 4.37 12.27 -15.06
C THR B 1036 5.82 12.78 -15.05
N GLU B 1037 6.51 12.58 -13.94
CA GLU B 1037 7.91 12.95 -13.80
C GLU B 1037 8.83 11.77 -14.17
N MET B 1038 9.73 12.04 -15.15
CA MET B 1038 10.67 11.03 -15.67
C MET B 1038 12.10 11.58 -15.69
N GLY B 1039 12.32 12.69 -14.99
CA GLY B 1039 13.62 13.31 -14.82
C GLY B 1039 13.70 14.68 -15.50
N GLN B 1040 12.63 15.06 -16.21
CA GLN B 1040 12.58 16.29 -16.99
C GLN B 1040 12.24 17.53 -16.14
N GLY B 1041 11.98 17.34 -14.84
CA GLY B 1041 11.63 18.42 -13.90
C GLY B 1041 10.29 19.07 -14.19
N LEU B 1042 9.33 18.26 -14.64
CA LEU B 1042 7.99 18.74 -14.87
C LEU B 1042 7.33 19.16 -13.56
N HIS B 1043 7.42 18.36 -12.47
CA HIS B 1043 6.76 18.79 -11.22
C HIS B 1043 7.38 20.09 -10.72
N THR B 1044 8.72 20.19 -10.82
CA THR B 1044 9.43 21.41 -10.49
C THR B 1044 8.81 22.61 -11.22
N LYS B 1045 8.69 22.55 -12.56
CA LYS B 1045 8.11 23.59 -13.37
C LYS B 1045 6.64 23.87 -12.96
N MET B 1046 5.86 22.83 -12.64
CA MET B 1046 4.47 23.07 -12.28
C MET B 1046 4.34 23.74 -10.91
N VAL B 1047 5.22 23.45 -9.97
CA VAL B 1047 5.28 24.14 -8.69
C VAL B 1047 5.73 25.59 -8.93
N GLN B 1048 6.69 25.80 -9.83
CA GLN B 1048 7.11 27.21 -10.15
C GLN B 1048 5.88 27.97 -10.68
N VAL B 1049 5.13 27.35 -11.61
CA VAL B 1049 3.95 27.95 -12.24
C VAL B 1049 2.89 28.25 -11.20
N ALA B 1050 2.60 27.28 -10.32
CA ALA B 1050 1.54 27.44 -9.30
C ALA B 1050 1.92 28.57 -8.34
N SER B 1051 3.20 28.61 -7.94
CA SER B 1051 3.68 29.63 -6.98
C SER B 1051 3.50 31.03 -7.57
N ARG B 1052 3.84 31.19 -8.86
CA ARG B 1052 3.60 32.52 -9.50
C ARG B 1052 2.10 32.79 -9.53
N ALA B 1053 1.32 31.82 -10.01
CA ALA B 1053 -0.11 32.02 -10.21
C ALA B 1053 -0.80 32.41 -8.88
N LEU B 1054 -0.48 31.72 -7.80
CA LEU B 1054 -1.12 31.96 -6.47
C LEU B 1054 -0.48 33.11 -5.70
N LYS B 1055 0.74 33.52 -6.09
CA LYS B 1055 1.54 34.48 -5.35
C LYS B 1055 1.82 34.02 -3.92
N ILE B 1056 2.31 32.78 -3.80
CA ILE B 1056 2.81 32.24 -2.57
C ILE B 1056 4.11 31.53 -2.89
N PRO B 1057 4.98 31.30 -1.90
CA PRO B 1057 6.27 30.66 -2.15
C PRO B 1057 6.13 29.20 -2.56
N THR B 1058 7.11 28.70 -3.32
CA THR B 1058 7.07 27.30 -3.74
C THR B 1058 7.01 26.40 -2.54
N SER B 1059 7.57 26.82 -1.40
CA SER B 1059 7.66 25.97 -0.24
C SER B 1059 6.26 25.53 0.23
N LYS B 1060 5.25 26.30 -0.10
CA LYS B 1060 3.87 26.03 0.39
C LYS B 1060 3.10 25.07 -0.54
N ILE B 1061 3.72 24.64 -1.64
CA ILE B 1061 3.05 23.82 -2.65
C ILE B 1061 3.80 22.50 -2.78
N HIS B 1062 3.06 21.39 -2.90
CA HIS B 1062 3.67 20.06 -3.00
C HIS B 1062 2.94 19.27 -4.08
N ILE B 1063 3.71 18.53 -4.89
CA ILE B 1063 3.18 17.47 -5.77
C ILE B 1063 3.75 16.16 -5.27
N SER B 1064 2.85 15.18 -5.02
CA SER B 1064 3.23 13.90 -4.50
C SER B 1064 3.36 12.88 -5.65
N GLU B 1065 2.42 12.90 -6.57
CA GLU B 1065 2.30 11.85 -7.57
C GLU B 1065 1.30 12.22 -8.68
N THR B 1066 1.22 11.33 -9.68
CA THR B 1066 0.28 11.38 -10.75
C THR B 1066 -0.69 10.18 -10.59
N SER B 1067 -2.00 10.40 -10.62
CA SER B 1067 -2.91 9.29 -10.44
C SER B 1067 -4.18 9.49 -11.30
N THR B 1068 -4.67 8.40 -11.89
CA THR B 1068 -5.87 8.40 -12.72
C THR B 1068 -7.10 8.78 -11.87
N ASN B 1069 -7.05 8.62 -10.55
CA ASN B 1069 -8.23 8.93 -9.70
C ASN B 1069 -8.18 10.36 -9.15
N THR B 1070 -7.18 11.18 -9.53
CA THR B 1070 -7.21 12.64 -9.28
C THR B 1070 -7.40 13.44 -10.56
N VAL B 1071 -6.76 13.01 -11.67
CA VAL B 1071 -7.00 13.63 -12.95
C VAL B 1071 -7.20 12.55 -13.99
N PRO B 1072 -8.39 12.48 -14.59
CA PRO B 1072 -8.73 11.42 -15.54
C PRO B 1072 -8.38 11.77 -16.99
N ASN B 1073 -8.36 10.75 -17.85
CA ASN B 1073 -8.35 10.92 -19.30
C ASN B 1073 -7.12 11.73 -19.78
N THR B 1074 -5.97 11.54 -19.14
CA THR B 1074 -4.79 12.32 -19.47
C THR B 1074 -4.05 11.74 -20.68
N SER B 1075 -3.49 12.67 -21.47
CA SER B 1075 -2.62 12.30 -22.54
C SER B 1075 -1.30 11.82 -21.95
N PRO B 1076 -0.51 11.06 -22.71
CA PRO B 1076 0.81 10.63 -22.24
C PRO B 1076 1.69 11.86 -22.05
N THR B 1077 2.67 11.70 -21.17
CA THR B 1077 3.69 12.68 -21.01
C THR B 1077 4.61 12.47 -22.20
N ALA B 1078 4.42 13.28 -23.23
CA ALA B 1078 4.99 13.03 -24.56
C ALA B 1078 4.90 14.32 -25.37
N ALA B 1079 5.55 14.31 -26.53
CA ALA B 1079 5.43 15.36 -27.53
C ALA B 1079 5.97 16.70 -26.98
N SER B 1080 6.88 16.61 -26.00
CA SER B 1080 7.56 17.76 -25.40
C SER B 1080 6.60 18.76 -24.76
N ALA B 1081 5.30 18.46 -24.80
CA ALA B 1081 4.24 19.47 -24.58
C ALA B 1081 3.67 19.40 -23.17
N SER B 1082 4.21 18.57 -22.29
CA SER B 1082 3.53 18.31 -21.02
C SER B 1082 3.57 19.54 -20.08
N ALA B 1083 4.61 20.40 -20.15
CA ALA B 1083 4.62 21.59 -19.32
C ALA B 1083 3.68 22.62 -19.93
N ASP B 1084 3.59 22.68 -21.25
CA ASP B 1084 2.66 23.57 -21.88
C ASP B 1084 1.23 23.23 -21.43
N LEU B 1085 0.85 21.94 -21.53
CA LEU B 1085 -0.55 21.55 -21.29
C LEU B 1085 -0.88 21.62 -19.80
N ASN B 1086 -0.07 20.96 -18.97
CA ASN B 1086 -0.33 20.90 -17.57
C ASN B 1086 -0.08 22.26 -16.92
N GLY B 1087 0.85 23.05 -17.45
CA GLY B 1087 1.02 24.38 -16.89
C GLY B 1087 -0.22 25.25 -17.02
N GLN B 1088 -0.86 25.20 -18.19
CA GLN B 1088 -2.11 25.89 -18.39
C GLN B 1088 -3.19 25.37 -17.42
N GLY B 1089 -3.34 24.05 -17.33
CA GLY B 1089 -4.26 23.43 -16.35
C GLY B 1089 -4.05 23.91 -14.93
N VAL B 1090 -2.80 23.87 -14.49
CA VAL B 1090 -2.43 24.31 -13.16
C VAL B 1090 -2.80 25.78 -12.94
N TYR B 1091 -2.41 26.62 -13.91
CA TYR B 1091 -2.73 28.04 -13.91
C TYR B 1091 -4.24 28.27 -13.73
N GLU B 1092 -5.09 27.55 -14.48
CA GLU B 1092 -6.55 27.73 -14.42
C GLU B 1092 -7.10 27.27 -13.06
N ALA B 1093 -6.58 26.16 -12.52
CA ALA B 1093 -7.04 25.71 -11.21
C ALA B 1093 -6.70 26.76 -10.16
N CYS B 1094 -5.51 27.34 -10.26
CA CYS B 1094 -5.07 28.34 -9.34
C CYS B 1094 -5.92 29.61 -9.48
N GLN B 1095 -6.25 30.01 -10.72
CA GLN B 1095 -7.11 31.24 -10.93
C GLN B 1095 -8.44 31.03 -10.21
N THR B 1096 -8.97 29.79 -10.23
CA THR B 1096 -10.27 29.54 -9.62
C THR B 1096 -10.16 29.73 -8.10
N ILE B 1097 -9.09 29.21 -7.47
CA ILE B 1097 -8.86 29.37 -6.06
C ILE B 1097 -8.73 30.88 -5.76
N LEU B 1098 -7.99 31.62 -6.60
CA LEU B 1098 -7.77 33.04 -6.32
C LEU B 1098 -9.13 33.77 -6.35
N LYS B 1099 -9.98 33.43 -7.32
CA LYS B 1099 -11.29 34.11 -7.46
C LYS B 1099 -12.11 33.87 -6.17
N ARG B 1100 -12.03 32.67 -5.61
CA ARG B 1100 -12.73 32.37 -4.39
C ARG B 1100 -12.17 33.11 -3.17
N LEU B 1101 -10.86 33.38 -3.13
CA LEU B 1101 -10.25 34.08 -1.99
C LEU B 1101 -10.38 35.62 -2.11
N GLU B 1102 -10.79 36.13 -3.26
CA GLU B 1102 -10.76 37.57 -3.57
C GLU B 1102 -11.45 38.35 -2.46
N PRO B 1103 -12.70 38.02 -2.05
CA PRO B 1103 -13.38 38.80 -1.02
C PRO B 1103 -12.59 38.84 0.30
N PHE B 1104 -11.83 37.79 0.58
CA PHE B 1104 -11.16 37.68 1.86
C PHE B 1104 -9.87 38.50 1.84
N LYS B 1105 -9.22 38.58 0.66
CA LYS B 1105 -8.05 39.43 0.40
C LYS B 1105 -8.49 40.90 0.48
N LYS B 1106 -9.67 41.21 -0.07
CA LYS B 1106 -10.27 42.57 0.02
C LYS B 1106 -10.42 42.99 1.49
N LYS B 1107 -11.10 42.19 2.30
CA LYS B 1107 -11.29 42.47 3.71
C LYS B 1107 -9.96 42.60 4.46
N LYS B 1108 -8.94 41.79 4.15
CA LYS B 1108 -7.62 41.88 4.83
C LYS B 1108 -6.48 41.96 3.80
N PRO B 1109 -6.23 43.12 3.15
CA PRO B 1109 -5.30 43.16 2.02
C PRO B 1109 -3.86 42.83 2.42
N THR B 1110 -3.53 42.94 3.71
CA THR B 1110 -2.18 42.62 4.18
C THR B 1110 -2.13 41.22 4.84
N GLY B 1111 -3.13 40.91 5.70
CA GLY B 1111 -3.19 39.66 6.54
C GLY B 1111 -2.63 38.52 5.72
N PRO B 1112 -1.92 37.53 6.29
CA PRO B 1112 -1.19 36.58 5.44
C PRO B 1112 -2.15 35.64 4.68
N TRP B 1113 -1.54 34.87 3.78
CA TRP B 1113 -2.24 33.85 3.03
C TRP B 1113 -3.06 32.96 3.95
N GLU B 1114 -2.47 32.53 5.07
CA GLU B 1114 -3.04 31.58 6.02
C GLU B 1114 -4.36 32.11 6.58
N ALA B 1115 -4.48 33.44 6.74
CA ALA B 1115 -5.69 34.06 7.28
C ALA B 1115 -6.79 34.04 6.23
N TRP B 1116 -6.46 34.30 4.95
CA TRP B 1116 -7.41 34.29 3.90
C TRP B 1116 -8.01 32.89 3.74
N VAL B 1117 -7.13 31.90 3.81
CA VAL B 1117 -7.54 30.50 3.66
C VAL B 1117 -8.48 30.09 4.78
N MET B 1118 -8.11 30.38 6.01
CA MET B 1118 -8.88 29.94 7.15
C MET B 1118 -10.22 30.68 7.16
N ASP B 1119 -10.25 31.96 6.76
CA ASP B 1119 -11.49 32.74 6.65
C ASP B 1119 -12.40 32.14 5.58
N ALA B 1120 -11.83 31.72 4.43
CA ALA B 1120 -12.61 31.05 3.40
C ALA B 1120 -13.19 29.74 3.93
N TYR B 1121 -12.38 28.98 4.68
CA TYR B 1121 -12.84 27.69 5.22
C TYR B 1121 -14.04 27.93 6.17
N THR B 1122 -13.85 28.85 7.11
CA THR B 1122 -14.88 29.10 8.13
C THR B 1122 -16.07 29.84 7.51
N SER B 1123 -15.98 30.37 6.29
CA SER B 1123 -17.09 30.93 5.54
C SER B 1123 -17.73 29.89 4.63
N ALA B 1124 -17.24 28.66 4.72
CA ALA B 1124 -17.70 27.57 3.87
C ALA B 1124 -17.61 27.92 2.38
N VAL B 1125 -16.37 28.23 1.96
CA VAL B 1125 -16.01 28.40 0.57
C VAL B 1125 -15.12 27.22 0.19
N SER B 1126 -15.40 26.62 -0.97
CA SER B 1126 -14.60 25.46 -1.43
C SER B 1126 -13.14 25.86 -1.72
N LEU B 1127 -12.20 25.07 -1.18
CA LEU B 1127 -10.77 25.26 -1.42
C LEU B 1127 -10.21 24.13 -2.30
N SER B 1128 -11.03 23.60 -3.21
CA SER B 1128 -10.58 22.59 -4.20
C SER B 1128 -11.07 23.00 -5.58
N ALA B 1129 -10.23 22.83 -6.60
CA ALA B 1129 -10.63 23.19 -7.92
C ALA B 1129 -9.93 22.27 -8.92
N THR B 1130 -10.62 22.02 -10.03
CA THR B 1130 -10.01 21.42 -11.15
C THR B 1130 -9.56 22.54 -12.09
N GLY B 1131 -8.66 22.18 -12.99
CA GLY B 1131 -8.19 23.06 -14.09
C GLY B 1131 -8.04 22.25 -15.35
N PHE B 1132 -8.27 22.88 -16.50
CA PHE B 1132 -8.19 22.19 -17.78
C PHE B 1132 -7.68 23.13 -18.86
N TYR B 1133 -6.99 22.57 -19.86
CA TYR B 1133 -6.60 23.32 -21.01
C TYR B 1133 -6.63 22.44 -22.24
N LYS B 1134 -6.97 23.05 -23.39
CA LYS B 1134 -6.81 22.39 -24.69
C LYS B 1134 -6.10 23.37 -25.62
N THR B 1135 -5.17 22.85 -26.41
CA THR B 1135 -4.46 23.70 -27.32
C THR B 1135 -5.41 24.03 -28.46
N PRO B 1136 -5.65 25.32 -28.78
CA PRO B 1136 -6.65 25.68 -29.78
C PRO B 1136 -6.19 25.60 -31.24
N ASN B 1137 -7.17 25.50 -32.16
CA ASN B 1137 -6.95 25.79 -33.57
C ASN B 1137 -6.00 24.78 -34.26
N LEU B 1138 -5.91 23.52 -33.79
CA LEU B 1138 -5.04 22.56 -34.43
C LEU B 1138 -5.91 21.68 -35.31
N GLY B 1139 -5.33 21.21 -36.41
CA GLY B 1139 -5.93 20.12 -37.13
C GLY B 1139 -5.51 20.17 -38.59
N TYR B 1140 -4.56 19.28 -38.95
CA TYR B 1140 -4.02 19.18 -40.32
C TYR B 1140 -4.76 18.10 -41.08
N SER B 1141 -5.01 18.35 -42.37
CA SER B 1141 -5.58 17.37 -43.27
C SER B 1141 -4.55 16.97 -44.32
N PHE B 1142 -4.19 15.68 -44.39
CA PHE B 1142 -3.29 15.20 -45.48
C PHE B 1142 -3.98 15.32 -46.85
N GLU B 1143 -5.32 15.20 -46.83
CA GLU B 1143 -6.15 15.24 -48.07
C GLU B 1143 -6.06 16.62 -48.74
N THR B 1144 -6.16 17.72 -47.98
CA THR B 1144 -6.18 19.10 -48.52
C THR B 1144 -4.86 19.83 -48.33
N ASN B 1145 -3.91 19.21 -47.63
CA ASN B 1145 -2.67 19.89 -47.25
C ASN B 1145 -2.96 21.27 -46.65
N SER B 1146 -3.82 21.32 -45.62
CA SER B 1146 -4.18 22.58 -44.94
C SER B 1146 -4.57 22.26 -43.49
N GLY B 1147 -4.66 23.29 -42.66
CA GLY B 1147 -4.78 23.19 -41.24
C GLY B 1147 -3.43 23.14 -40.57
N ASN B 1148 -3.34 23.65 -39.36
CA ASN B 1148 -2.05 23.70 -38.67
C ASN B 1148 -1.87 22.46 -37.78
N PRO B 1149 -0.85 21.62 -38.02
CA PRO B 1149 -0.55 20.53 -37.07
C PRO B 1149 0.03 21.03 -35.74
N PHE B 1150 0.74 22.16 -35.77
CA PHE B 1150 1.53 22.61 -34.63
C PHE B 1150 1.02 23.94 -34.09
N HIS B 1151 1.22 24.12 -32.78
CA HIS B 1151 0.85 25.34 -32.09
C HIS B 1151 1.94 26.41 -32.30
N TYR B 1152 3.20 25.96 -32.38
CA TYR B 1152 4.35 26.82 -32.58
C TYR B 1152 5.51 25.87 -32.89
N PHE B 1153 6.65 26.44 -33.20
CA PHE B 1153 7.86 25.65 -33.51
C PHE B 1153 8.95 26.02 -32.52
N SER B 1154 9.77 25.02 -32.19
CA SER B 1154 11.08 25.22 -31.53
C SER B 1154 12.17 25.37 -32.60
N TYR B 1155 13.17 26.19 -32.26
CA TYR B 1155 14.30 26.50 -33.13
C TYR B 1155 15.61 26.38 -32.35
N GLY B 1156 16.66 25.96 -33.05
CA GLY B 1156 17.96 26.03 -32.44
C GLY B 1156 19.04 25.68 -33.46
N VAL B 1157 20.28 25.89 -33.10
CA VAL B 1157 21.42 25.66 -33.98
C VAL B 1157 22.57 25.12 -33.15
N ALA B 1158 23.33 24.19 -33.74
CA ALA B 1158 24.52 23.69 -33.08
C ALA B 1158 25.69 23.61 -34.06
N CYS B 1159 26.84 24.04 -33.57
CA CYS B 1159 28.12 23.93 -34.27
C CYS B 1159 28.98 22.92 -33.53
N SER B 1160 29.46 21.86 -34.21
CA SER B 1160 30.30 20.88 -33.61
C SER B 1160 31.60 20.67 -34.39
N GLU B 1161 32.66 20.42 -33.63
CA GLU B 1161 34.01 20.12 -34.12
C GLU B 1161 34.42 18.74 -33.59
N VAL B 1162 34.95 17.93 -34.48
CA VAL B 1162 35.47 16.59 -34.15
C VAL B 1162 36.91 16.42 -34.64
N GLU B 1163 37.62 15.45 -34.03
CA GLU B 1163 38.93 14.98 -34.55
C GLU B 1163 38.85 13.47 -34.70
N ILE B 1164 38.96 12.96 -35.92
CA ILE B 1164 38.92 11.53 -36.17
C ILE B 1164 40.33 10.94 -36.19
N ASP B 1165 40.41 9.70 -35.74
CA ASP B 1165 41.62 8.88 -35.95
C ASP B 1165 41.40 8.10 -37.23
N CYS B 1166 42.10 8.49 -38.31
CA CYS B 1166 41.85 7.89 -39.59
C CYS B 1166 42.30 6.42 -39.63
N LEU B 1167 43.15 5.97 -38.67
CA LEU B 1167 43.63 4.61 -38.68
C LEU B 1167 42.76 3.65 -37.86
N THR B 1168 41.90 4.16 -36.97
CA THR B 1168 41.10 3.27 -36.08
C THR B 1168 39.61 3.51 -36.14
N GLY B 1169 39.19 4.70 -36.62
CA GLY B 1169 37.77 5.10 -36.63
C GLY B 1169 37.27 5.72 -35.33
N ASP B 1170 38.09 5.75 -34.28
CA ASP B 1170 37.77 6.46 -33.06
C ASP B 1170 37.71 7.96 -33.37
N HIS B 1171 37.03 8.74 -32.53
CA HIS B 1171 37.13 10.19 -32.66
C HIS B 1171 36.91 10.88 -31.32
N LYS B 1172 37.32 12.15 -31.26
CA LYS B 1172 37.02 13.00 -30.16
C LYS B 1172 36.02 14.10 -30.61
N ASN B 1173 35.06 14.38 -29.71
CA ASN B 1173 34.17 15.52 -29.83
C ASN B 1173 34.83 16.72 -29.14
N LEU B 1174 35.44 17.61 -29.95
CA LEU B 1174 36.31 18.63 -29.37
C LEU B 1174 35.49 19.77 -28.76
N ARG B 1175 34.44 20.19 -29.46
CA ARG B 1175 33.70 21.35 -29.04
C ARG B 1175 32.34 21.40 -29.74
N THR B 1176 31.34 21.74 -28.93
CA THR B 1176 30.00 21.92 -29.41
C THR B 1176 29.43 23.22 -28.82
N ASP B 1177 28.82 24.05 -29.68
CA ASP B 1177 28.18 25.31 -29.29
C ASP B 1177 26.72 25.22 -29.75
N ILE B 1178 25.82 25.38 -28.80
CA ILE B 1178 24.38 25.32 -29.06
C ILE B 1178 23.74 26.67 -28.67
N VAL B 1179 22.87 27.16 -29.52
CA VAL B 1179 21.98 28.28 -29.17
C VAL B 1179 20.57 27.76 -29.43
N MET B 1180 19.76 27.76 -28.37
CA MET B 1180 18.42 27.16 -28.41
C MET B 1180 17.37 28.19 -28.00
N ASP B 1181 16.29 28.25 -28.77
CA ASP B 1181 15.13 29.06 -28.42
C ASP B 1181 14.17 28.23 -27.55
N VAL B 1182 14.12 28.52 -26.24
CA VAL B 1182 13.14 27.88 -25.33
C VAL B 1182 12.15 28.95 -24.83
N GLY B 1183 11.92 29.98 -25.66
CA GLY B 1183 11.08 31.08 -25.27
C GLY B 1183 11.64 31.73 -24.02
N SER B 1184 10.73 32.24 -23.19
CA SER B 1184 11.12 32.68 -21.90
C SER B 1184 11.13 31.41 -21.03
N SER B 1185 12.31 30.84 -20.81
CA SER B 1185 12.43 29.57 -20.04
C SER B 1185 11.64 29.63 -18.73
N LEU B 1186 10.91 28.56 -18.39
CA LEU B 1186 10.32 28.45 -17.05
C LEU B 1186 11.41 28.21 -16.01
N ASN B 1187 12.52 27.59 -16.45
CA ASN B 1187 13.52 27.17 -15.53
C ASN B 1187 14.78 26.90 -16.33
N PRO B 1188 15.71 27.87 -16.38
CA PRO B 1188 16.87 27.71 -17.27
C PRO B 1188 17.84 26.58 -16.91
N ALA B 1189 17.89 26.21 -15.62
CA ALA B 1189 18.71 25.09 -15.19
C ALA B 1189 18.15 23.80 -15.80
N ILE B 1190 16.83 23.62 -15.65
CA ILE B 1190 16.17 22.46 -16.21
C ILE B 1190 16.28 22.44 -17.74
N ASP B 1191 16.06 23.56 -18.41
CA ASP B 1191 16.04 23.67 -19.85
C ASP B 1191 17.45 23.46 -20.43
N ILE B 1192 18.48 23.98 -19.77
CA ILE B 1192 19.83 23.71 -20.25
C ILE B 1192 20.12 22.20 -20.09
N GLY B 1193 19.68 21.63 -18.96
CA GLY B 1193 19.78 20.19 -18.73
C GLY B 1193 19.09 19.37 -19.80
N GLN B 1194 17.91 19.81 -20.29
CA GLN B 1194 17.18 19.11 -21.36
C GLN B 1194 17.93 19.24 -22.68
N VAL B 1195 18.46 20.44 -22.95
CA VAL B 1195 19.24 20.60 -24.17
C VAL B 1195 20.46 19.65 -24.18
N GLU B 1196 21.21 19.62 -23.09
CA GLU B 1196 22.44 18.77 -23.01
C GLU B 1196 22.06 17.29 -23.10
N GLY B 1197 21.04 16.88 -22.33
CA GLY B 1197 20.61 15.49 -22.31
C GLY B 1197 20.06 15.01 -23.64
N ALA B 1198 19.23 15.83 -24.28
CA ALA B 1198 18.70 15.51 -25.61
C ALA B 1198 19.85 15.42 -26.61
N PHE B 1199 20.73 16.42 -26.58
CA PHE B 1199 21.89 16.46 -27.48
C PHE B 1199 22.71 15.19 -27.34
N VAL B 1200 23.00 14.79 -26.10
CA VAL B 1200 23.84 13.60 -25.92
C VAL B 1200 23.13 12.31 -26.37
N GLN B 1201 21.80 12.18 -26.22
CA GLN B 1201 21.10 11.04 -26.77
C GLN B 1201 21.15 11.05 -28.31
N GLY B 1202 21.13 12.23 -28.93
CA GLY B 1202 21.30 12.32 -30.36
C GLY B 1202 22.71 12.00 -30.82
N LEU B 1203 23.71 12.36 -30.02
CA LEU B 1203 25.11 11.98 -30.25
C LEU B 1203 25.20 10.45 -30.28
N GLY B 1204 24.54 9.81 -29.33
CA GLY B 1204 24.46 8.32 -29.37
C GLY B 1204 23.81 7.79 -30.64
N LEU B 1205 22.62 8.30 -30.98
CA LEU B 1205 21.85 7.88 -32.12
C LEU B 1205 22.71 7.93 -33.39
N PHE B 1206 23.44 9.03 -33.54
CA PHE B 1206 24.08 9.23 -34.83
C PHE B 1206 25.52 8.74 -34.87
N THR B 1207 26.14 8.39 -33.75
CA THR B 1207 27.56 8.03 -33.79
C THR B 1207 27.95 6.76 -33.01
N MET B 1208 27.12 6.23 -32.09
CA MET B 1208 27.67 5.17 -31.18
C MET B 1208 26.74 3.96 -31.08
N GLU B 1209 25.43 4.19 -31.03
CA GLU B 1209 24.42 3.19 -30.62
C GLU B 1209 23.95 2.40 -31.83
N GLU B 1210 24.11 1.07 -31.76
CA GLU B 1210 23.82 0.24 -32.88
C GLU B 1210 23.20 -1.06 -32.36
N LEU B 1211 22.07 -1.47 -32.96
CA LEU B 1211 21.42 -2.70 -32.59
C LEU B 1211 21.76 -3.74 -33.64
N HIS B 1212 22.10 -4.96 -33.21
CA HIS B 1212 22.42 -6.03 -34.14
C HIS B 1212 21.41 -7.17 -33.94
N TYR B 1213 20.94 -7.75 -35.06
CA TYR B 1213 19.96 -8.87 -35.07
C TYR B 1213 20.55 -10.05 -35.86
N SER B 1214 20.20 -11.26 -35.46
CA SER B 1214 20.54 -12.44 -36.26
C SER B 1214 19.76 -12.34 -37.57
N PRO B 1215 20.16 -13.13 -38.60
CA PRO B 1215 19.37 -13.18 -39.83
C PRO B 1215 17.91 -13.64 -39.60
N GLU B 1216 17.66 -14.34 -38.53
CA GLU B 1216 16.32 -14.81 -38.20
C GLU B 1216 15.61 -13.86 -37.20
N GLY B 1217 16.09 -12.62 -37.06
CA GLY B 1217 15.39 -11.57 -36.37
C GLY B 1217 15.48 -11.61 -34.85
N SER B 1218 16.47 -12.31 -34.31
CA SER B 1218 16.72 -12.30 -32.82
C SER B 1218 17.64 -11.12 -32.47
N LEU B 1219 17.19 -10.15 -31.67
CA LEU B 1219 18.06 -9.08 -31.18
C LEU B 1219 19.28 -9.69 -30.46
N HIS B 1220 20.49 -9.30 -30.85
CA HIS B 1220 21.75 -9.77 -30.18
C HIS B 1220 22.17 -8.80 -29.07
N THR B 1221 21.82 -7.52 -29.25
CA THR B 1221 22.27 -6.44 -28.45
C THR B 1221 21.31 -6.19 -27.28
N ARG B 1222 21.59 -6.75 -26.09
CA ARG B 1222 20.57 -6.78 -25.02
C ARG B 1222 21.07 -6.19 -23.69
N GLY B 1223 22.21 -5.52 -23.68
CA GLY B 1223 22.65 -4.90 -22.46
C GLY B 1223 23.82 -3.98 -22.76
N PRO B 1224 24.36 -3.30 -21.75
CA PRO B 1224 25.41 -2.28 -21.95
C PRO B 1224 26.75 -2.84 -22.42
N SER B 1225 27.00 -4.16 -22.30
CA SER B 1225 28.20 -4.76 -22.83
C SER B 1225 28.25 -4.58 -24.35
N THR B 1226 27.08 -4.69 -25.02
CA THR B 1226 27.01 -4.67 -26.48
C THR B 1226 26.32 -3.41 -27.01
N TYR B 1227 25.51 -2.73 -26.19
CA TYR B 1227 24.79 -1.52 -26.60
C TYR B 1227 25.46 -0.31 -25.93
N LYS B 1228 26.14 0.52 -26.73
CA LYS B 1228 27.06 1.51 -26.19
C LYS B 1228 26.43 2.90 -26.27
N ILE B 1229 25.82 3.32 -25.14
CA ILE B 1229 25.31 4.67 -25.04
C ILE B 1229 26.47 5.56 -24.68
N PRO B 1230 26.29 6.88 -24.85
CA PRO B 1230 27.36 7.81 -24.47
C PRO B 1230 27.79 7.64 -23.01
N ALA B 1231 29.10 7.71 -22.83
CA ALA B 1231 29.75 7.61 -21.54
C ALA B 1231 30.16 9.01 -21.09
N PHE B 1232 30.65 9.13 -19.85
CA PHE B 1232 31.16 10.41 -19.38
C PHE B 1232 32.23 10.96 -20.34
N GLY B 1233 33.01 10.05 -20.93
CA GLY B 1233 34.17 10.44 -21.76
C GLY B 1233 33.77 10.78 -23.19
N SER B 1234 32.48 10.63 -23.53
CA SER B 1234 31.95 10.74 -24.90
C SER B 1234 31.59 12.18 -25.27
N ILE B 1235 31.41 13.05 -24.27
CA ILE B 1235 30.76 14.33 -24.52
C ILE B 1235 31.79 15.34 -25.05
N PRO B 1236 31.27 16.39 -25.71
CA PRO B 1236 32.15 17.44 -26.26
C PRO B 1236 32.99 18.02 -25.12
N ILE B 1237 34.30 18.18 -25.39
CA ILE B 1237 35.25 18.60 -24.38
C ILE B 1237 34.97 20.03 -23.96
N GLU B 1238 34.75 20.89 -24.95
CA GLU B 1238 34.23 22.22 -24.74
C GLU B 1238 32.74 22.20 -25.14
N PHE B 1239 31.88 22.41 -24.16
CA PHE B 1239 30.47 22.19 -24.31
C PHE B 1239 29.78 23.47 -23.86
N ARG B 1240 29.25 24.18 -24.84
CA ARG B 1240 28.67 25.48 -24.67
C ARG B 1240 27.20 25.49 -25.07
N VAL B 1241 26.33 25.98 -24.16
CA VAL B 1241 24.90 26.07 -24.38
C VAL B 1241 24.42 27.47 -23.99
N SER B 1242 23.71 28.11 -24.91
CA SER B 1242 23.08 29.45 -24.69
C SER B 1242 21.58 29.33 -24.94
N LEU B 1243 20.77 29.86 -24.03
CA LEU B 1243 19.37 30.01 -24.27
C LEU B 1243 19.12 31.37 -24.92
N LEU B 1244 18.35 31.39 -26.02
CA LEU B 1244 18.10 32.64 -26.77
C LEU B 1244 17.44 33.66 -25.82
N ARG B 1245 17.95 34.89 -25.86
CA ARG B 1245 17.41 36.00 -25.07
C ARG B 1245 16.28 36.71 -25.84
N ASP B 1246 15.36 37.30 -25.07
CA ASP B 1246 14.35 38.26 -25.58
C ASP B 1246 13.54 37.60 -26.68
N CYS B 1247 12.87 36.49 -26.34
CA CYS B 1247 12.09 35.75 -27.31
C CYS B 1247 10.86 35.12 -26.65
N PRO B 1248 10.03 35.94 -25.95
CA PRO B 1248 8.81 35.40 -25.36
C PRO B 1248 7.91 34.74 -26.43
N ASN B 1249 7.29 33.63 -26.02
CA ASN B 1249 6.34 32.89 -26.81
C ASN B 1249 4.95 32.92 -26.15
N LYS B 1250 4.18 33.97 -26.40
CA LYS B 1250 3.03 34.36 -25.53
C LYS B 1250 1.96 33.25 -25.42
N ARG B 1251 1.79 32.50 -26.50
CA ARG B 1251 0.78 31.47 -26.60
C ARG B 1251 1.07 30.17 -25.80
N ALA B 1252 2.26 30.01 -25.19
CA ALA B 1252 2.45 28.91 -24.19
C ALA B 1252 2.66 29.52 -22.81
N ILE B 1253 2.58 28.68 -21.78
CA ILE B 1253 2.53 29.10 -20.41
C ILE B 1253 3.70 30.02 -20.04
N TYR B 1254 3.33 31.24 -19.60
CA TYR B 1254 4.25 32.26 -19.16
C TYR B 1254 5.36 32.51 -20.21
N ALA B 1255 4.98 32.37 -21.47
CA ALA B 1255 5.78 32.76 -22.66
C ALA B 1255 6.96 31.82 -22.88
N SER B 1256 6.85 30.60 -22.33
CA SER B 1256 7.88 29.56 -22.52
C SER B 1256 7.70 28.79 -23.83
N LYS B 1257 8.71 27.98 -24.17
CA LYS B 1257 8.55 26.96 -25.16
C LYS B 1257 8.97 25.61 -24.57
N ALA B 1258 8.39 24.57 -25.12
CA ALA B 1258 8.80 23.19 -24.89
C ALA B 1258 10.26 23.01 -25.32
N VAL B 1259 10.94 22.06 -24.65
CA VAL B 1259 12.40 21.87 -24.84
C VAL B 1259 12.79 20.40 -24.99
N GLY B 1260 11.95 19.43 -24.55
CA GLY B 1260 12.41 17.99 -24.40
C GLY B 1260 13.05 17.41 -25.65
N GLU B 1261 12.36 17.50 -26.81
CA GLU B 1261 12.78 16.78 -27.98
C GLU B 1261 13.58 17.61 -28.98
N PRO B 1262 13.25 18.91 -29.18
CA PRO B 1262 13.88 19.67 -30.28
C PRO B 1262 15.40 19.64 -30.34
N PRO B 1263 16.14 19.62 -29.22
CA PRO B 1263 17.59 19.69 -29.30
C PRO B 1263 18.26 18.41 -29.79
N LEU B 1264 17.53 17.30 -29.78
CA LEU B 1264 18.17 16.00 -30.02
C LEU B 1264 18.80 15.94 -31.41
N PHE B 1265 18.06 16.42 -32.41
CA PHE B 1265 18.56 16.39 -33.77
C PHE B 1265 19.84 17.21 -33.92
N LEU B 1266 20.07 18.21 -33.09
CA LEU B 1266 21.23 19.09 -33.29
C LEU B 1266 22.55 18.34 -33.13
N ALA B 1267 22.52 17.14 -32.52
CA ALA B 1267 23.72 16.27 -32.52
C ALA B 1267 24.12 15.77 -33.92
N SER B 1268 23.29 15.96 -34.95
CA SER B 1268 23.67 15.71 -36.32
C SER B 1268 24.84 16.58 -36.73
N SER B 1269 25.08 17.67 -36.01
CA SER B 1269 26.29 18.50 -36.24
C SER B 1269 27.56 17.68 -36.03
N ILE B 1270 27.56 16.72 -35.09
CA ILE B 1270 28.74 15.83 -34.92
C ILE B 1270 28.82 14.86 -36.10
N PHE B 1271 27.67 14.31 -36.51
CA PHE B 1271 27.64 13.36 -37.62
C PHE B 1271 28.27 14.06 -38.85
N PHE B 1272 27.84 15.30 -39.12
CA PHE B 1272 28.30 15.96 -40.35
C PHE B 1272 29.73 16.49 -40.21
N ALA B 1273 30.15 16.83 -39.00
CA ALA B 1273 31.56 17.14 -38.74
C ALA B 1273 32.40 15.89 -39.03
N ILE B 1274 31.93 14.70 -38.58
CA ILE B 1274 32.61 13.47 -38.94
C ILE B 1274 32.66 13.29 -40.45
N LYS B 1275 31.54 13.50 -41.14
CA LYS B 1275 31.55 13.34 -42.60
C LYS B 1275 32.61 14.27 -43.23
N ASP B 1276 32.64 15.53 -42.79
CA ASP B 1276 33.68 16.60 -43.24
C ASP B 1276 35.08 16.01 -43.03
N ALA B 1277 35.34 15.46 -41.82
CA ALA B 1277 36.68 14.89 -41.49
C ALA B 1277 37.04 13.68 -42.38
N ILE B 1278 36.06 12.80 -42.66
CA ILE B 1278 36.28 11.66 -43.53
C ILE B 1278 36.60 12.15 -44.95
N ARG B 1279 35.90 13.17 -45.40
CA ARG B 1279 36.18 13.75 -46.73
C ARG B 1279 37.65 14.19 -46.82
N ALA B 1280 38.15 14.84 -45.78
CA ALA B 1280 39.52 15.34 -45.75
C ALA B 1280 40.49 14.16 -45.77
N ALA B 1281 40.16 13.09 -45.01
CA ALA B 1281 41.00 11.83 -45.05
C ALA B 1281 41.01 11.26 -46.46
N ARG B 1282 39.86 11.20 -47.10
CA ARG B 1282 39.79 10.59 -48.42
C ARG B 1282 40.59 11.42 -49.44
N ALA B 1283 40.53 12.73 -49.30
CA ALA B 1283 41.27 13.67 -50.19
C ALA B 1283 42.79 13.52 -50.01
N GLN B 1284 43.22 13.17 -48.78
CA GLN B 1284 44.62 12.96 -48.42
C GLN B 1284 45.14 11.78 -49.24
N HIS B 1285 44.26 10.82 -49.59
CA HIS B 1285 44.62 9.66 -50.48
C HIS B 1285 44.02 9.80 -51.90
N GLY B 1286 43.93 11.04 -52.41
CA GLY B 1286 43.70 11.33 -53.83
C GLY B 1286 42.24 11.61 -54.21
N ASP B 1287 41.28 11.14 -53.40
CA ASP B 1287 39.81 11.08 -53.74
C ASP B 1287 39.39 12.35 -54.50
N ASN B 1288 38.34 12.23 -55.34
CA ASN B 1288 37.70 13.41 -55.95
C ASN B 1288 37.23 14.36 -54.83
N ALA B 1289 37.31 15.68 -55.07
CA ALA B 1289 36.92 16.72 -54.07
C ALA B 1289 35.39 16.76 -53.89
N LYS B 1290 34.66 16.34 -54.94
CA LYS B 1290 33.19 16.34 -54.97
C LYS B 1290 32.60 14.93 -54.95
N GLN B 1291 33.39 13.92 -54.56
CA GLN B 1291 32.94 12.55 -54.51
C GLN B 1291 31.91 12.41 -53.38
N LEU B 1292 30.75 11.85 -53.71
CA LEU B 1292 29.66 11.73 -52.72
C LEU B 1292 29.63 10.36 -52.03
N PHE B 1293 30.56 10.15 -51.13
CA PHE B 1293 30.71 8.82 -50.53
C PHE B 1293 29.57 8.58 -49.51
N GLN B 1294 29.34 7.30 -49.20
CA GLN B 1294 28.22 6.89 -48.34
C GLN B 1294 28.61 6.96 -46.86
N LEU B 1295 27.75 7.58 -46.04
CA LEU B 1295 27.89 7.43 -44.58
C LEU B 1295 26.51 7.21 -44.00
N ASP B 1296 26.16 5.93 -43.77
CA ASP B 1296 24.89 5.66 -43.07
C ASP B 1296 25.03 6.03 -41.59
N SER B 1297 23.88 6.10 -40.90
CA SER B 1297 23.80 6.35 -39.49
C SER B 1297 23.47 5.06 -38.78
N PRO B 1298 24.13 4.77 -37.64
CA PRO B 1298 25.10 5.60 -36.97
C PRO B 1298 26.51 5.56 -37.61
N ALA B 1299 27.21 6.69 -37.55
CA ALA B 1299 28.63 6.80 -38.04
C ALA B 1299 29.56 6.30 -36.92
N THR B 1300 29.63 4.97 -36.81
CA THR B 1300 30.38 4.24 -35.81
C THR B 1300 31.85 4.17 -36.24
N PRO B 1301 32.75 3.74 -35.34
CA PRO B 1301 34.14 3.50 -35.74
C PRO B 1301 34.26 2.62 -36.98
N GLU B 1302 33.45 1.54 -37.10
CA GLU B 1302 33.45 0.70 -38.25
C GLU B 1302 33.23 1.54 -39.52
N LYS B 1303 32.15 2.33 -39.53
CA LYS B 1303 31.81 3.05 -40.76
C LYS B 1303 32.83 4.17 -41.06
N ILE B 1304 33.32 4.85 -40.02
CA ILE B 1304 34.34 5.91 -40.18
C ILE B 1304 35.61 5.30 -40.76
N ARG B 1305 36.12 4.23 -40.11
CA ARG B 1305 37.38 3.65 -40.55
C ARG B 1305 37.25 3.13 -41.99
N ASN B 1306 36.14 2.47 -42.31
CA ASN B 1306 36.00 1.84 -43.61
C ASN B 1306 35.89 2.91 -44.73
N ALA B 1307 35.40 4.10 -44.37
CA ALA B 1307 35.26 5.22 -45.29
C ALA B 1307 36.57 5.95 -45.53
N CYS B 1308 37.54 5.83 -44.59
CA CYS B 1308 38.84 6.40 -44.72
C CYS B 1308 39.71 5.47 -45.58
N VAL B 1309 39.41 5.45 -46.88
CA VAL B 1309 40.04 4.52 -47.82
C VAL B 1309 41.51 4.90 -47.94
N ASP B 1310 42.37 3.88 -47.86
CA ASP B 1310 43.81 4.14 -47.90
C ASP B 1310 44.53 2.87 -48.38
N GLN B 1311 45.85 2.85 -48.25
CA GLN B 1311 46.63 1.65 -48.70
C GLN B 1311 46.23 0.41 -47.87
N PHE B 1312 45.78 0.60 -46.62
CA PHE B 1312 45.46 -0.50 -45.71
C PHE B 1312 44.12 -1.12 -46.10
N THR B 1313 43.08 -0.28 -46.24
CA THR B 1313 41.77 -0.76 -46.62
C THR B 1313 41.81 -1.41 -48.00
N THR B 1314 42.60 -0.79 -48.91
CA THR B 1314 42.73 -1.27 -50.30
C THR B 1314 43.33 -2.68 -50.32
N LEU B 1315 44.43 -2.88 -49.60
CA LEU B 1315 45.07 -4.22 -49.49
C LEU B 1315 44.09 -5.24 -48.89
N CYS B 1316 43.43 -4.88 -47.79
CA CYS B 1316 42.56 -5.79 -47.10
C CYS B 1316 41.35 -6.21 -47.95
N VAL B 1317 40.79 -5.28 -48.73
CA VAL B 1317 39.52 -5.55 -49.42
C VAL B 1317 39.79 -6.15 -50.80
N THR B 1318 40.76 -5.60 -51.53
CA THR B 1318 40.98 -5.90 -52.97
C THR B 1318 42.15 -6.85 -53.16
N GLY B 1319 43.07 -6.88 -52.20
CA GLY B 1319 44.27 -7.72 -52.29
C GLY B 1319 45.46 -7.04 -52.95
N VAL B 1320 45.40 -5.74 -53.30
CA VAL B 1320 46.52 -5.15 -54.10
C VAL B 1320 47.41 -4.21 -53.26
N1 URC C . -22.41 18.13 16.03
C2 URC C . -23.80 17.91 16.19
C6 URC C . -21.51 17.11 15.94
N3 URC C . -24.34 16.67 16.25
O11 URC C . -24.58 18.91 16.27
C4 URC C . -23.59 15.54 16.16
C5 URC C . -22.09 15.72 16.00
N9 URC C . -23.81 14.15 16.13
O13 URC C . -20.21 17.30 15.84
N7 URC C . -21.56 14.43 16.05
C8 URC C . -22.62 13.56 16.13
O24 URC C . -22.42 12.26 16.20
C BCT D . -23.22 12.39 23.83
O1 BCT D . -24.51 12.13 23.75
O2 BCT D . -22.69 12.50 24.95
O3 BCT D . -22.52 12.43 22.79
FE1 FES E . -15.76 -11.78 19.89
FE2 FES E . -14.38 -14.11 19.24
S1 FES E . -13.84 -12.01 18.68
S2 FES E . -16.35 -13.90 20.30
FE1 FES F . -23.76 -5.85 12.57
FE2 FES F . -22.47 -3.58 12.05
S1 FES F . -22.21 -4.84 13.85
S2 FES F . -23.91 -4.72 10.68
PA FAD G . -11.08 -24.75 30.15
O1A FAD G . -10.94 -23.28 30.01
O2A FAD G . -10.37 -25.59 29.17
O5B FAD G . -10.61 -25.15 31.67
C5B FAD G . -11.24 -24.53 32.80
C4B FAD G . -10.60 -24.94 34.14
O4B FAD G . -10.94 -26.28 34.42
C3B FAD G . -9.09 -24.96 34.02
O3B FAD G . -8.51 -24.57 35.31
C2B FAD G . -8.69 -26.37 33.71
O2B FAD G . -7.34 -26.73 34.19
C1B FAD G . -9.75 -27.10 34.45
N9A FAD G . -10.20 -28.39 33.98
C8A FAD G . -10.92 -28.66 32.86
N7A FAD G . -11.26 -29.93 32.86
C5A FAD G . -10.76 -30.47 34.00
C6A FAD G . -10.81 -31.82 34.58
N6A FAD G . -11.44 -32.81 33.93
N1A FAD G . -10.17 -31.99 35.78
C2A FAD G . -9.55 -30.95 36.35
N3A FAD G . -9.45 -29.68 35.92
C4A FAD G . -10.09 -29.44 34.73
N1 FAD G . -20.13 -20.08 32.90
C2 FAD G . -21.30 -20.15 33.57
O2 FAD G . -21.36 -20.80 34.68
N3 FAD G . -22.42 -19.59 33.11
C4 FAD G . -22.50 -18.88 31.96
O4 FAD G . -23.58 -18.37 31.61
C4X FAD G . -21.32 -18.78 31.18
N5 FAD G . -21.34 -18.11 30.00
C5X FAD G . -20.16 -17.92 29.38
C6 FAD G . -20.19 -17.16 28.23
C7 FAD G . -19.06 -16.96 27.49
C7M FAD G . -19.22 -16.09 26.21
C8 FAD G . -17.80 -17.55 27.96
C8M FAD G . -16.51 -17.43 27.23
C9 FAD G . -17.77 -18.31 29.11
C9A FAD G . -18.91 -18.52 29.84
N10 FAD G . -18.93 -19.32 31.03
C10 FAD G . -20.09 -19.38 31.75
C1' FAD G . -17.68 -19.91 31.55
C2' FAD G . -17.10 -21.09 30.72
O2' FAD G . -17.69 -21.19 29.39
C3' FAD G . -17.35 -22.42 31.39
O3' FAD G . -16.89 -22.41 32.79
C4' FAD G . -16.78 -23.61 30.66
O4' FAD G . -17.62 -24.66 31.16
C5' FAD G . -15.31 -23.92 30.92
O5' FAD G . -15.06 -25.16 30.24
P FAD G . -13.81 -25.34 29.29
O1P FAD G . -13.81 -26.76 28.83
O2P FAD G . -13.80 -24.24 28.25
O3P FAD G . -12.64 -25.02 30.37
PA NAI H . -15.34 -13.75 39.34
O1A NAI H . -15.26 -15.22 38.96
O2A NAI H . -14.42 -13.13 40.40
O5B NAI H . -16.82 -13.48 39.95
C5B NAI H . -17.14 -12.13 40.24
C4B NAI H . -18.38 -12.22 41.11
O4B NAI H . -18.09 -13.09 42.22
C3B NAI H . -18.86 -10.92 41.72
O3B NAI H . -19.62 -10.17 40.80
C2B NAI H . -19.67 -11.45 42.91
O2B NAI H . -20.93 -12.10 42.60
C1B NAI H . -18.81 -12.62 43.37
N9A NAI H . -17.84 -12.35 44.46
C8A NAI H . -16.49 -12.52 44.40
N7A NAI H . -15.91 -12.28 45.60
C5A NAI H . -16.92 -11.93 46.43
C6A NAI H . -17.05 -11.54 47.83
N6A NAI H . -15.91 -11.46 48.55
N1A NAI H . -18.30 -11.27 48.36
C2A NAI H . -19.42 -11.34 47.59
N3A NAI H . -19.36 -11.70 46.30
C4A NAI H . -18.19 -12.00 45.68
O3 NAI H . -15.42 -12.73 38.08
PN NAI H . -14.33 -12.72 36.88
O1N NAI H . -12.88 -12.91 37.33
O2N NAI H . -14.70 -11.44 36.21
O5D NAI H . -14.80 -13.89 35.82
C5D NAI H . -16.04 -13.71 35.19
C4D NAI H . -16.53 -15.11 35.02
O4D NAI H . -17.82 -15.08 34.52
C3D NAI H . -15.77 -16.03 34.00
O3D NAI H . -14.65 -16.67 34.55
C2D NAI H . -16.83 -17.09 33.65
O2D NAI H . -16.62 -18.31 34.41
C1D NAI H . -18.16 -16.41 34.03
N1N NAI H . -19.16 -16.30 32.94
C2N NAI H . -18.84 -15.59 31.80
C3N NAI H . -19.90 -15.07 30.98
C7N NAI H . -19.64 -14.27 29.74
O7N NAI H . -20.61 -13.69 29.15
N7N NAI H . -18.40 -14.18 29.36
C4N NAI H . -21.36 -15.28 31.29
C5N NAI H . -21.55 -16.05 32.52
C6N NAI H . -20.48 -16.51 33.27
FE1 FES I . 18.59 9.65 -15.23
FE2 FES I . 21.21 9.79 -14.76
S1 FES I . 20.09 8.08 -15.75
S2 FES I . 19.68 11.31 -14.15
FE1 FES J . 25.29 -3.35 -11.52
FE2 FES J . 24.39 -2.13 -13.81
S1 FES J . 23.15 -2.94 -12.05
S2 FES J . 26.53 -2.41 -13.05
N1 URC K . 3.11 12.51 -30.72
C2 URC K . 4.06 13.45 -31.17
C6 URC K . 3.40 11.57 -29.75
N3 URC K . 5.33 13.55 -30.67
O11 URC K . 3.75 14.27 -32.09
C4 URC K . 5.76 12.65 -29.73
C5 URC K . 4.78 11.65 -29.20
N9 URC K . 6.92 12.50 -28.95
O13 URC K . 2.57 10.69 -29.31
N7 URC K . 5.47 10.89 -28.26
C8 URC K . 6.70 11.42 -28.17
O24 URC K . 7.58 10.85 -27.40
C BCT L . 10.80 7.25 -33.33
O1 BCT L . 9.97 7.23 -32.37
O2 BCT L . 11.50 8.19 -33.69
O3 BCT L . 10.90 6.20 -34.04
PA FAD M . 35.86 -14.86 -12.19
O1A FAD M . 34.58 -14.57 -12.87
O2A FAD M . 35.93 -14.94 -10.71
O5B FAD M . 36.59 -16.17 -12.83
C5B FAD M . 36.83 -16.23 -14.24
C4B FAD M . 37.38 -17.56 -14.64
O4B FAD M . 38.77 -17.77 -14.22
C3B FAD M . 36.54 -18.66 -14.04
O3B FAD M . 36.39 -19.74 -15.01
C2B FAD M . 37.39 -19.14 -12.87
O2B FAD M . 37.19 -20.51 -12.51
C1B FAD M . 38.78 -18.95 -13.35
N9A FAD M . 39.83 -18.65 -12.41
C8A FAD M . 39.99 -17.52 -11.70
N7A FAD M . 41.15 -17.54 -11.03
C5A FAD M . 41.75 -18.71 -11.40
C6A FAD M . 43.03 -19.31 -11.11
N6A FAD M . 43.86 -18.65 -10.29
N1A FAD M . 43.34 -20.51 -11.71
C2A FAD M . 42.43 -21.10 -12.49
N3A FAD M . 41.22 -20.61 -12.83
C4A FAD M . 40.91 -19.39 -12.33
N1 FAD M . 37.81 -8.33 -20.04
C2 FAD M . 38.72 -7.79 -20.91
O2 FAD M . 39.60 -8.54 -21.38
N3 FAD M . 38.73 -6.48 -21.30
C4 FAD M . 37.77 -5.64 -20.87
O4 FAD M . 37.76 -4.44 -21.20
C4X FAD M . 36.77 -6.12 -19.92
N5 FAD M . 35.76 -5.30 -19.44
C5X FAD M . 34.77 -5.80 -18.67
C6 FAD M . 33.74 -4.93 -18.28
C7 FAD M . 32.73 -5.45 -17.45
C7M FAD M . 31.60 -4.51 -17.01
C8 FAD M . 32.73 -6.86 -17.02
C8M FAD M . 31.67 -7.44 -16.08
C9 FAD M . 33.76 -7.71 -17.43
C9A FAD M . 34.77 -7.20 -18.24
N10 FAD M . 35.86 -8.02 -18.65
C10 FAD M . 36.82 -7.52 -19.52
C1' FAD M . 35.94 -9.45 -18.32
C2' FAD M . 36.34 -9.69 -16.86
O2' FAD M . 36.11 -8.57 -16.04
C3' FAD M . 37.78 -10.09 -16.75
O3' FAD M . 38.02 -11.26 -17.61
C4' FAD M . 38.18 -10.40 -15.31
O4' FAD M . 39.60 -10.32 -15.34
C5' FAD M . 37.78 -11.77 -14.76
O5' FAD M . 38.35 -11.92 -13.43
P FAD M . 37.43 -12.38 -12.22
O1P FAD M . 38.39 -12.50 -11.02
O2P FAD M . 36.24 -11.52 -12.01
O3P FAD M . 36.99 -13.79 -12.76
PA NAI N . 33.18 -14.35 -26.87
O1A NAI N . 34.13 -14.61 -25.70
O2A NAI N . 32.73 -15.61 -27.56
O5B NAI N . 34.00 -13.47 -27.96
C5B NAI N . 33.29 -13.05 -29.15
C4B NAI N . 34.38 -12.59 -30.11
O4B NAI N . 35.37 -13.62 -30.42
C3B NAI N . 33.83 -12.16 -31.47
O3B NAI N . 33.29 -10.84 -31.44
C2B NAI N . 35.10 -12.27 -32.31
O2B NAI N . 36.01 -11.17 -32.10
C1B NAI N . 35.77 -13.51 -31.81
N9A NAI N . 35.45 -14.81 -32.45
C8A NAI N . 34.85 -15.90 -31.84
N7A NAI N . 34.86 -16.97 -32.67
C5A NAI N . 35.50 -16.58 -33.84
C6A NAI N . 35.85 -17.15 -35.13
N6A NAI N . 35.55 -18.44 -35.40
N1A NAI N . 36.48 -16.41 -36.07
C2A NAI N . 36.80 -15.11 -35.82
N3A NAI N . 36.52 -14.50 -34.69
C4A NAI N . 35.88 -15.16 -33.66
O3 NAI N . 32.02 -13.31 -26.52
PN NAI N . 30.83 -13.59 -25.44
O1N NAI N . 30.64 -15.10 -25.11
O2N NAI N . 29.61 -12.81 -25.84
O5D NAI N . 31.46 -12.89 -24.08
C5D NAI N . 31.74 -11.49 -24.07
C4D NAI N . 33.01 -11.37 -23.24
O4D NAI N . 33.39 -10.04 -23.43
C3D NAI N . 32.93 -11.58 -21.68
O3D NAI N . 33.11 -12.98 -21.28
C2D NAI N . 34.11 -10.70 -21.25
O2D NAI N . 35.30 -11.51 -21.05
C1D NAI N . 34.40 -9.74 -22.41
N1N NAI N . 34.39 -8.35 -22.03
C2N NAI N . 33.22 -7.78 -21.49
C3N NAI N . 33.04 -6.39 -21.46
C7N NAI N . 31.80 -5.63 -20.94
O7N NAI N . 31.71 -4.42 -21.25
N7N NAI N . 30.93 -6.29 -20.27
C4N NAI N . 34.10 -5.45 -22.03
C5N NAI N . 35.27 -6.19 -22.57
C6N NAI N . 35.38 -7.54 -22.56
#